data_5SCL
#
_entry.id   5SCL
#
_cell.length_a   206.875
_cell.length_b   112.269
_cell.length_c   187.907
_cell.angle_alpha   90.000
_cell.angle_beta   92.320
_cell.angle_gamma   90.000
#
_symmetry.space_group_name_H-M   'C 1 2 1'
#
loop_
_entity.id
_entity.type
_entity.pdbx_description
1 polymer 'Pyruvate kinase'
2 non-polymer 1,6-di-O-phosphono-beta-D-fructofuranose
3 non-polymer 'OXALATE ION'
4 non-polymer 'ALIZARIN RED'
5 non-polymer 'MAGNESIUM ION'
6 non-polymer 'POTASSIUM ION'
7 water water
#
_entity_poly.entity_id   1
_entity_poly.type   'polypeptide(L)'
_entity_poly.pdbx_seq_one_letter_code
;GSMEGPAGYLRRADVAQLTQELGTAFFQQQQLPAAMADTFLEHLCLLDIDSEPVAARSTSIIATIGPASRSVERLKEMIK
AGMNIARLNFSHGSHEYHAESIANVREAVESFAGSPLSYRPVAIALDTKGPGSGPGLSEQDVRDLRFGVEHGVDIVFASF
VRKASDVAAVRAALGPEGHGIKIISKIENHEGVKRFDEILEVSDGIMVARGDLGIEIPAEKVFLAQKMMIGRCNLAGKPV
VCATQMLESMITKPRPTRAETSDVANAVLDGADCIMLSGETAKGNFPVEAVKMQHAIAREAEAAVYHRQLFEELRRAAPL
SRDPTEVTAIGAVEAAFKCCAAAIIVLTTTGRSAQLLSRYRPRAAVIAVTRSAQAARQVHLCRGVFPLLYREPPEAIWAD
DVDRRVQFGIESGKLRGFLRVGDLVIVVTGWRPGSGYTNIMRVLSIS
;
_entity_poly.pdbx_strand_id   A,B,C,D,E,F,G,H
#
loop_
_chem_comp.id
_chem_comp.type
_chem_comp.name
_chem_comp.formula
AZN non-polymer 'ALIZARIN RED' 'C14 H8 O7 S'
FBP D-saccharide, beta linking 1,6-di-O-phosphono-beta-D-fructofuranose 'C6 H14 O12 P2'
K non-polymer 'POTASSIUM ION' 'K 1'
MG non-polymer 'MAGNESIUM ION' 'Mg 2'
OXL non-polymer 'OXALATE ION' 'C2 O4 -2'
#
# COMPACT_ATOMS: atom_id res chain seq x y z
N GLN A 28 18.78 19.89 15.46
CA GLN A 28 19.87 20.64 16.07
C GLN A 28 20.60 21.60 15.10
N GLN A 29 21.17 22.69 15.69
CA GLN A 29 21.92 23.83 15.15
C GLN A 29 23.26 23.41 14.52
N GLN A 30 23.96 24.39 13.91
CA GLN A 30 25.27 24.31 13.26
C GLN A 30 25.48 23.06 12.37
N GLN A 31 24.43 22.67 11.64
CA GLN A 31 24.42 21.51 10.73
C GLN A 31 24.93 20.24 11.40
N LEU A 32 24.63 20.07 12.70
CA LEU A 32 25.09 18.87 13.42
C LEU A 32 24.51 17.57 12.86
N PRO A 33 23.22 17.50 12.42
CA PRO A 33 22.75 16.26 11.75
C PRO A 33 23.59 15.94 10.51
N ALA A 34 23.91 16.96 9.69
CA ALA A 34 24.74 16.75 8.51
C ALA A 34 26.18 16.37 8.88
N ALA A 35 26.69 16.90 10.01
CA ALA A 35 28.03 16.64 10.50
C ALA A 35 28.22 15.20 10.99
N MET A 36 27.13 14.58 11.50
CA MET A 36 27.16 13.20 11.98
C MET A 36 26.95 12.15 10.87
N ALA A 37 26.72 12.56 9.61
CA ALA A 37 26.48 11.62 8.53
C ALA A 37 27.66 10.69 8.23
N ASP A 38 27.35 9.47 7.74
CA ASP A 38 28.36 8.45 7.45
C ASP A 38 29.06 8.59 6.12
N THR A 39 28.45 9.33 5.17
CA THR A 39 29.06 9.59 3.87
C THR A 39 28.92 11.09 3.52
N PHE A 40 29.73 11.56 2.59
CA PHE A 40 29.67 12.92 2.11
C PHE A 40 28.32 13.19 1.42
N LEU A 41 27.81 12.19 0.67
CA LEU A 41 26.53 12.30 -0.01
C LEU A 41 25.39 12.49 1.00
N GLU A 42 25.38 11.68 2.08
CA GLU A 42 24.39 11.77 3.17
CA GLU A 42 24.36 11.80 3.11
C GLU A 42 24.50 13.11 3.88
N HIS A 43 25.75 13.62 4.03
CA HIS A 43 26.05 14.89 4.66
C HIS A 43 25.37 15.99 3.86
N LEU A 44 25.50 15.99 2.54
CA LEU A 44 24.87 17.01 1.70
C LEU A 44 23.35 16.92 1.81
N CYS A 45 22.80 15.71 1.77
CA CYS A 45 21.35 15.47 1.88
C CYS A 45 20.77 15.99 3.20
N LEU A 46 21.57 16.04 4.27
CA LEU A 46 21.12 16.49 5.58
C LEU A 46 21.32 17.98 5.86
N LEU A 47 21.90 18.74 4.92
CA LEU A 47 22.08 20.18 5.11
C LEU A 47 20.71 20.85 5.22
N ASP A 48 20.55 21.72 6.23
CA ASP A 48 19.27 22.32 6.54
C ASP A 48 19.38 23.84 6.59
N ILE A 49 18.57 24.54 5.75
CA ILE A 49 18.53 26.00 5.76
C ILE A 49 18.04 26.57 7.12
N ASP A 50 17.33 25.76 7.92
CA ASP A 50 16.84 26.18 9.24
C ASP A 50 17.81 25.85 10.39
N SER A 51 18.94 25.21 10.10
CA SER A 51 19.94 24.89 11.12
C SER A 51 20.85 26.10 11.22
N GLU A 52 20.64 26.94 12.26
CA GLU A 52 21.40 28.18 12.40
C GLU A 52 22.84 28.00 12.86
N PRO A 53 23.76 28.81 12.28
CA PRO A 53 25.15 28.74 12.73
C PRO A 53 25.28 29.30 14.15
N VAL A 54 26.08 28.64 15.00
CA VAL A 54 26.26 29.10 16.38
C VAL A 54 27.70 29.53 16.64
N ALA A 55 28.67 28.82 16.04
CA ALA A 55 30.08 29.13 16.19
C ALA A 55 30.46 30.48 15.56
N ALA A 56 31.51 31.10 16.11
CA ALA A 56 32.03 32.37 15.60
C ALA A 56 32.61 32.13 14.19
N ARG A 57 32.57 33.16 13.33
CA ARG A 57 33.12 33.04 11.99
C ARG A 57 34.64 32.82 12.05
N SER A 58 35.09 31.70 11.47
CA SER A 58 36.48 31.23 11.42
C SER A 58 37.34 31.72 10.25
N THR A 59 36.75 32.00 9.07
CA THR A 59 37.51 32.41 7.89
C THR A 59 37.69 33.91 7.94
N SER A 60 38.93 34.42 7.91
CA SER A 60 39.17 35.85 7.98
C SER A 60 38.77 36.57 6.73
N ILE A 61 38.38 37.82 6.88
CA ILE A 61 38.03 38.66 5.75
C ILE A 61 39.11 39.68 5.56
N ILE A 62 39.66 39.76 4.36
CA ILE A 62 40.64 40.76 4.00
C ILE A 62 39.86 41.80 3.18
N ALA A 63 39.89 43.07 3.61
CA ALA A 63 39.19 44.12 2.89
C ALA A 63 40.21 45.10 2.37
N THR A 64 40.12 45.47 1.10
CA THR A 64 41.03 46.44 0.52
C THR A 64 40.61 47.85 0.92
N ILE A 65 41.52 48.63 1.51
CA ILE A 65 41.23 49.98 1.94
C ILE A 65 41.60 50.97 0.85
N GLY A 66 40.61 51.70 0.35
CA GLY A 66 40.81 52.67 -0.71
C GLY A 66 39.88 53.85 -0.58
N PRO A 67 39.65 54.61 -1.68
CA PRO A 67 38.77 55.78 -1.59
C PRO A 67 37.42 55.60 -0.91
N ALA A 68 36.75 54.45 -1.15
CA ALA A 68 35.43 54.15 -0.57
C ALA A 68 35.45 53.69 0.89
N SER A 69 36.63 53.34 1.42
CA SER A 69 36.70 52.76 2.76
C SER A 69 37.79 53.33 3.65
N ARG A 70 38.32 54.52 3.33
CA ARG A 70 39.44 55.16 4.06
C ARG A 70 39.14 55.91 5.35
N SER A 71 37.93 56.49 5.51
CA SER A 71 37.63 57.29 6.69
C SER A 71 37.60 56.49 7.97
N VAL A 72 37.96 57.10 9.10
CA VAL A 72 37.99 56.44 10.40
C VAL A 72 36.59 55.93 10.77
N GLU A 73 35.55 56.72 10.47
CA GLU A 73 34.18 56.33 10.78
C GLU A 73 33.75 55.12 9.97
N ARG A 74 34.14 55.07 8.68
CA ARG A 74 33.81 53.97 7.79
C ARG A 74 34.60 52.72 8.23
N LEU A 75 35.87 52.88 8.59
CA LEU A 75 36.71 51.81 9.07
C LEU A 75 36.20 51.19 10.36
N LYS A 76 35.58 51.98 11.25
CA LYS A 76 35.00 51.44 12.48
C LYS A 76 33.82 50.52 12.12
N GLU A 77 33.01 50.94 11.11
CA GLU A 77 31.87 50.18 10.59
CA GLU A 77 31.89 50.13 10.66
C GLU A 77 32.36 48.86 9.97
N MET A 78 33.49 48.91 9.24
CA MET A 78 34.05 47.73 8.60
CA MET A 78 34.05 47.73 8.59
C MET A 78 34.62 46.75 9.60
N ILE A 79 35.19 47.26 10.70
CA ILE A 79 35.71 46.40 11.76
C ILE A 79 34.52 45.71 12.44
N LYS A 80 33.44 46.43 12.69
CA LYS A 80 32.24 45.86 13.30
C LYS A 80 31.58 44.83 12.36
N ALA A 81 31.62 45.08 11.05
CA ALA A 81 31.06 44.18 10.06
C ALA A 81 31.86 42.86 9.96
N GLY A 82 33.15 42.87 10.32
CA GLY A 82 33.96 41.68 10.31
C GLY A 82 35.34 41.73 9.70
N MET A 83 35.80 42.89 9.20
CA MET A 83 37.13 42.97 8.59
C MET A 83 38.24 42.57 9.59
N ASN A 84 39.14 41.67 9.18
CA ASN A 84 40.23 41.19 10.06
C ASN A 84 41.60 41.67 9.56
N ILE A 85 41.74 41.88 8.24
CA ILE A 85 42.97 42.30 7.61
C ILE A 85 42.66 43.43 6.62
N ALA A 86 43.38 44.54 6.73
CA ALA A 86 43.22 45.70 5.85
C ALA A 86 44.29 45.61 4.79
N ARG A 87 43.90 45.52 3.52
CA ARG A 87 44.85 45.40 2.41
C ARG A 87 45.08 46.76 1.75
N LEU A 88 46.34 47.12 1.48
CA LEU A 88 46.66 48.35 0.78
C LEU A 88 47.27 47.98 -0.56
N ASN A 89 46.59 48.35 -1.63
CA ASN A 89 47.05 47.99 -2.96
C ASN A 89 48.04 49.02 -3.47
N PHE A 90 49.33 48.66 -3.45
CA PHE A 90 50.36 49.58 -3.90
C PHE A 90 50.44 49.71 -5.42
N SER A 91 49.49 49.14 -6.17
CA SER A 91 49.38 49.39 -7.60
C SER A 91 48.70 50.79 -7.82
N HIS A 92 48.03 51.34 -6.79
CA HIS A 92 47.33 52.61 -6.82
C HIS A 92 47.80 53.52 -5.68
N GLY A 93 47.37 54.78 -5.71
CA GLY A 93 47.72 55.76 -4.70
C GLY A 93 49.19 56.09 -4.64
N SER A 94 49.65 56.50 -3.46
CA SER A 94 51.02 56.89 -3.22
C SER A 94 51.41 56.48 -1.79
N HIS A 95 52.70 56.64 -1.42
CA HIS A 95 53.15 56.35 -0.07
C HIS A 95 52.42 57.23 0.95
N GLU A 96 52.20 58.50 0.62
CA GLU A 96 51.48 59.43 1.51
C GLU A 96 50.03 59.00 1.68
N TYR A 97 49.40 58.56 0.59
CA TYR A 97 48.01 58.12 0.60
C TYR A 97 47.84 56.87 1.48
N HIS A 98 48.70 55.86 1.27
CA HIS A 98 48.66 54.62 2.03
C HIS A 98 49.03 54.82 3.48
N ALA A 99 49.98 55.74 3.78
CA ALA A 99 50.34 56.04 5.18
C ALA A 99 49.14 56.62 5.92
N GLU A 100 48.35 57.46 5.24
CA GLU A 100 47.17 58.05 5.85
C GLU A 100 46.10 56.95 6.08
N SER A 101 45.96 56.01 5.12
CA SER A 101 45.04 54.89 5.26
C SER A 101 45.43 54.02 6.48
N ILE A 102 46.75 53.69 6.63
CA ILE A 102 47.28 52.93 7.76
C ILE A 102 46.96 53.62 9.07
N ALA A 103 47.18 54.95 9.14
CA ALA A 103 46.90 55.73 10.33
C ALA A 103 45.42 55.69 10.69
N ASN A 104 44.54 55.76 9.68
CA ASN A 104 43.10 55.71 9.89
C ASN A 104 42.66 54.34 10.37
N VAL A 105 43.26 53.26 9.84
CA VAL A 105 42.94 51.89 10.28
C VAL A 105 43.34 51.77 11.75
N ARG A 106 44.57 52.17 12.09
CA ARG A 106 45.04 52.10 13.47
C ARG A 106 44.18 52.92 14.43
N GLU A 107 43.74 54.10 13.99
CA GLU A 107 42.87 54.94 14.82
C GLU A 107 41.53 54.26 15.05
N ALA A 108 40.94 53.67 13.99
CA ALA A 108 39.67 52.97 14.10
C ALA A 108 39.80 51.72 15.01
N VAL A 109 40.90 50.96 14.88
CA VAL A 109 41.14 49.77 15.70
C VAL A 109 41.27 50.15 17.16
N GLU A 110 42.07 51.21 17.45
CA GLU A 110 42.30 51.63 18.83
C GLU A 110 41.10 52.28 19.49
N SER A 111 40.10 52.71 18.72
CA SER A 111 38.87 53.26 19.30
C SER A 111 38.07 52.21 20.10
N PHE A 112 38.38 50.91 19.95
CA PHE A 112 37.71 49.85 20.68
C PHE A 112 38.56 49.27 21.84
N ALA A 113 39.76 49.85 22.12
CA ALA A 113 40.68 49.40 23.18
C ALA A 113 40.15 49.57 24.62
N GLY A 114 39.08 50.36 24.77
CA GLY A 114 38.43 50.56 26.07
C GLY A 114 37.77 49.30 26.63
N SER A 115 37.53 48.30 25.76
CA SER A 115 36.94 47.01 26.14
C SER A 115 37.99 45.93 25.84
N PRO A 116 38.93 45.68 26.79
CA PRO A 116 40.03 44.73 26.51
C PRO A 116 39.64 43.26 26.24
N LEU A 117 38.56 42.77 26.88
CA LEU A 117 38.15 41.39 26.62
C LEU A 117 37.46 41.25 25.23
N SER A 118 37.00 42.38 24.60
CA SER A 118 36.32 42.28 23.31
C SER A 118 37.00 43.03 22.13
N TYR A 119 38.08 43.82 22.38
CA TYR A 119 38.80 44.55 21.33
C TYR A 119 39.29 43.59 20.22
N ARG A 120 39.31 44.03 18.96
CA ARG A 120 39.73 43.18 17.86
C ARG A 120 40.97 43.66 17.09
N PRO A 121 42.06 42.87 17.11
CA PRO A 121 43.24 43.27 16.33
C PRO A 121 42.96 43.19 14.82
N VAL A 122 43.55 44.09 14.01
CA VAL A 122 43.37 44.08 12.56
C VAL A 122 44.74 44.13 11.93
N ALA A 123 45.09 43.13 11.12
CA ALA A 123 46.39 43.12 10.47
C ALA A 123 46.44 44.12 9.33
N ILE A 124 47.64 44.58 8.96
CA ILE A 124 47.80 45.49 7.85
C ILE A 124 48.65 44.78 6.82
N ALA A 125 48.13 44.63 5.61
CA ALA A 125 48.82 43.91 4.56
C ALA A 125 49.13 44.85 3.41
N LEU A 126 50.33 44.74 2.88
CA LEU A 126 50.77 45.55 1.76
C LEU A 126 50.78 44.67 0.52
N ASP A 127 49.99 45.01 -0.50
CA ASP A 127 49.97 44.25 -1.74
C ASP A 127 50.85 44.98 -2.75
N THR A 128 51.96 44.36 -3.17
CA THR A 128 52.90 45.02 -4.08
C THR A 128 52.38 45.21 -5.49
N LYS A 129 52.93 46.21 -6.22
CA LYS A 129 52.56 46.50 -7.60
C LYS A 129 52.95 45.36 -8.54
N GLY A 130 54.09 44.74 -8.28
CA GLY A 130 54.55 43.62 -9.09
C GLY A 130 55.71 43.94 -10.00
N PRO A 131 56.23 42.91 -10.72
CA PRO A 131 57.38 43.10 -11.58
C PRO A 131 57.07 43.95 -12.82
N GLY A 132 55.85 43.88 -13.33
CA GLY A 132 55.55 44.59 -14.57
C GLY A 132 56.63 44.30 -15.58
N SER A 133 56.74 43.04 -16.02
CA SER A 133 57.84 42.63 -16.93
C SER A 133 59.13 42.47 -16.11
N GLY A 134 60.09 41.72 -16.63
CA GLY A 134 61.32 41.47 -15.87
C GLY A 134 61.06 40.54 -14.70
N PRO A 135 61.50 39.26 -14.77
CA PRO A 135 61.37 38.34 -13.64
C PRO A 135 62.28 38.84 -12.50
N GLY A 136 61.99 40.02 -11.98
CA GLY A 136 62.81 40.59 -10.91
C GLY A 136 61.99 41.45 -9.97
N LEU A 137 62.62 41.94 -8.91
CA LEU A 137 61.91 42.80 -7.94
C LEU A 137 62.02 44.24 -8.40
N SER A 138 60.92 44.78 -8.93
CA SER A 138 60.89 46.20 -9.35
C SER A 138 61.53 47.08 -8.28
N GLU A 139 62.21 48.15 -8.70
CA GLU A 139 62.76 49.10 -7.69
C GLU A 139 61.58 49.79 -7.03
N GLN A 140 60.43 49.90 -7.72
CA GLN A 140 59.28 50.45 -7.00
C GLN A 140 58.89 49.49 -5.89
N ASP A 141 58.94 48.16 -6.13
CA ASP A 141 58.62 47.18 -5.11
C ASP A 141 59.61 47.24 -3.96
N VAL A 142 60.89 47.50 -4.23
CA VAL A 142 61.89 47.64 -3.16
C VAL A 142 61.55 48.84 -2.28
N ARG A 143 61.16 49.96 -2.90
CA ARG A 143 60.78 51.15 -2.17
C ARG A 143 59.49 50.95 -1.38
N ASP A 144 58.51 50.25 -1.95
CA ASP A 144 57.23 49.98 -1.28
C ASP A 144 57.41 49.00 -0.11
N LEU A 145 58.25 47.98 -0.29
CA LEU A 145 58.54 47.01 0.77
C LEU A 145 59.24 47.70 1.94
N ARG A 146 60.16 48.64 1.62
CA ARG A 146 60.86 49.44 2.64
C ARG A 146 59.85 50.31 3.40
N PHE A 147 58.87 50.89 2.68
CA PHE A 147 57.80 51.68 3.27
C PHE A 147 57.01 50.82 4.27
N GLY A 148 56.71 49.58 3.90
CA GLY A 148 55.98 48.64 4.74
C GLY A 148 56.69 48.33 6.03
N VAL A 149 58.01 48.11 5.96
CA VAL A 149 58.83 47.87 7.14
C VAL A 149 58.79 49.10 8.06
N GLU A 150 59.00 50.29 7.49
CA GLU A 150 59.00 51.55 8.23
C GLU A 150 57.67 51.86 8.86
N HIS A 151 56.56 51.42 8.23
CA HIS A 151 55.23 51.66 8.78
C HIS A 151 54.65 50.48 9.59
N GLY A 152 55.47 49.47 9.84
CA GLY A 152 55.10 48.33 10.66
C GLY A 152 54.01 47.41 10.14
N VAL A 153 53.98 47.16 8.81
CA VAL A 153 52.97 46.26 8.25
C VAL A 153 53.19 44.84 8.73
N ASP A 154 52.12 44.05 8.78
CA ASP A 154 52.21 42.68 9.28
C ASP A 154 52.43 41.65 8.19
N ILE A 155 51.88 41.91 7.00
CA ILE A 155 51.91 40.96 5.90
C ILE A 155 52.25 41.66 4.59
N VAL A 156 52.90 40.93 3.69
CA VAL A 156 53.17 41.37 2.33
C VAL A 156 52.47 40.36 1.38
N PHE A 157 51.61 40.85 0.49
CA PHE A 157 50.99 40.02 -0.52
C PHE A 157 51.88 40.30 -1.73
N ALA A 158 52.82 39.41 -2.01
CA ALA A 158 53.77 39.62 -3.10
C ALA A 158 53.19 39.27 -4.45
N SER A 159 53.00 40.28 -5.32
CA SER A 159 52.45 40.08 -6.64
C SER A 159 53.33 39.31 -7.60
N PHE A 160 52.69 38.55 -8.49
CA PHE A 160 53.29 37.77 -9.55
C PHE A 160 54.52 36.96 -9.15
N VAL A 161 54.40 36.14 -8.09
CA VAL A 161 55.50 35.26 -7.69
C VAL A 161 55.52 34.10 -8.67
N ARG A 162 56.64 33.87 -9.37
CA ARG A 162 56.71 32.76 -10.32
C ARG A 162 57.76 31.70 -9.97
N LYS A 163 58.59 31.94 -8.95
CA LYS A 163 59.61 30.99 -8.51
C LYS A 163 60.07 31.30 -7.10
N ALA A 164 60.80 30.37 -6.46
CA ALA A 164 61.29 30.55 -5.10
C ALA A 164 62.20 31.77 -4.97
N SER A 165 63.01 32.06 -6.00
CA SER A 165 63.93 33.20 -5.95
C SER A 165 63.20 34.55 -5.86
N ASP A 166 61.93 34.63 -6.32
CA ASP A 166 61.12 35.84 -6.19
C ASP A 166 60.79 36.10 -4.72
N VAL A 167 60.52 35.03 -3.96
CA VAL A 167 60.22 35.13 -2.53
C VAL A 167 61.47 35.55 -1.76
N ALA A 168 62.64 34.99 -2.14
CA ALA A 168 63.92 35.33 -1.52
C ALA A 168 64.22 36.83 -1.77
N ALA A 169 63.92 37.33 -2.98
CA ALA A 169 64.14 38.74 -3.29
C ALA A 169 63.27 39.64 -2.41
N VAL A 170 62.00 39.25 -2.17
CA VAL A 170 61.11 40.02 -1.30
C VAL A 170 61.61 40.01 0.13
N ARG A 171 62.04 38.84 0.60
CA ARG A 171 62.56 38.69 1.95
C ARG A 171 63.82 39.56 2.17
N ALA A 172 64.73 39.58 1.18
CA ALA A 172 65.93 40.39 1.24
C ALA A 172 65.56 41.89 1.26
N ALA A 173 64.59 42.31 0.44
CA ALA A 173 64.15 43.71 0.39
C ALA A 173 63.46 44.18 1.69
N LEU A 174 62.96 43.24 2.51
CA LEU A 174 62.37 43.60 3.80
C LEU A 174 63.45 43.89 4.88
N GLY A 175 64.68 43.45 4.63
CA GLY A 175 65.83 43.67 5.49
C GLY A 175 65.77 43.00 6.83
N PRO A 176 66.71 43.38 7.72
CA PRO A 176 66.74 42.79 9.06
C PRO A 176 65.60 43.25 9.96
N GLU A 177 65.09 44.48 9.76
CA GLU A 177 64.00 45.00 10.59
C GLU A 177 62.60 44.41 10.26
N GLY A 178 62.49 43.80 9.06
CA GLY A 178 61.25 43.20 8.59
C GLY A 178 61.31 41.69 8.55
N HIS A 179 62.02 41.09 9.50
CA HIS A 179 62.17 39.64 9.61
C HIS A 179 60.83 38.96 9.96
N GLY A 180 60.04 39.62 10.80
CA GLY A 180 58.77 39.12 11.32
C GLY A 180 57.57 39.26 10.40
N ILE A 181 57.73 39.97 9.28
CA ILE A 181 56.62 40.17 8.33
C ILE A 181 56.34 38.87 7.55
N LYS A 182 55.05 38.48 7.44
CA LYS A 182 54.67 37.28 6.71
C LYS A 182 54.64 37.57 5.23
N ILE A 183 55.18 36.66 4.41
CA ILE A 183 55.14 36.83 2.95
C ILE A 183 54.14 35.83 2.37
N ILE A 184 53.06 36.34 1.82
CA ILE A 184 52.03 35.55 1.18
C ILE A 184 52.24 35.72 -0.31
N SER A 185 52.66 34.66 -0.99
CA SER A 185 52.94 34.73 -2.42
C SER A 185 51.68 34.65 -3.27
N LYS A 186 51.47 35.66 -4.13
CA LYS A 186 50.33 35.68 -5.04
C LYS A 186 50.66 34.87 -6.29
N ILE A 187 49.88 33.81 -6.57
CA ILE A 187 50.07 32.99 -7.75
C ILE A 187 49.13 33.53 -8.81
N GLU A 188 49.69 34.15 -9.87
CA GLU A 188 48.87 34.84 -10.87
C GLU A 188 49.10 34.42 -12.29
N ASN A 189 49.94 33.42 -12.55
CA ASN A 189 50.21 33.00 -13.94
C ASN A 189 50.57 31.52 -14.04
N HIS A 190 50.73 31.00 -15.26
CA HIS A 190 51.05 29.60 -15.48
C HIS A 190 52.32 29.16 -14.76
N GLU A 191 53.38 29.98 -14.80
CA GLU A 191 54.65 29.62 -14.15
C GLU A 191 54.51 29.44 -12.65
N GLY A 192 53.79 30.36 -12.01
CA GLY A 192 53.54 30.26 -10.58
C GLY A 192 52.79 29.00 -10.20
N VAL A 193 51.83 28.58 -11.04
CA VAL A 193 51.06 27.36 -10.80
C VAL A 193 51.95 26.15 -10.97
N LYS A 194 52.76 26.12 -12.03
CA LYS A 194 53.66 24.99 -12.28
C LYS A 194 54.78 24.86 -11.25
N ARG A 195 55.29 25.99 -10.75
CA ARG A 195 56.33 26.00 -9.74
C ARG A 195 55.78 26.20 -8.33
N PHE A 196 54.48 25.87 -8.10
CA PHE A 196 53.78 26.04 -6.84
C PHE A 196 54.51 25.44 -5.63
N ASP A 197 54.95 24.18 -5.72
CA ASP A 197 55.60 23.51 -4.60
C ASP A 197 56.83 24.25 -4.10
N GLU A 198 57.70 24.70 -5.01
CA GLU A 198 58.90 25.43 -4.61
C GLU A 198 58.57 26.80 -4.01
N ILE A 199 57.48 27.43 -4.49
CA ILE A 199 57.04 28.72 -3.98
C ILE A 199 56.44 28.53 -2.58
N LEU A 200 55.57 27.53 -2.40
CA LEU A 200 54.94 27.28 -1.11
C LEU A 200 55.97 26.92 -0.03
N GLU A 201 57.00 26.14 -0.42
CA GLU A 201 58.09 25.73 0.45
CA GLU A 201 58.05 25.74 0.50
C GLU A 201 58.74 26.93 1.18
N VAL A 202 59.00 28.02 0.44
CA VAL A 202 59.66 29.19 0.99
C VAL A 202 58.73 30.36 1.38
N SER A 203 57.42 30.24 1.12
CA SER A 203 56.49 31.30 1.49
C SER A 203 55.82 30.99 2.82
N ASP A 204 55.27 32.01 3.47
CA ASP A 204 54.47 31.81 4.67
C ASP A 204 53.04 31.34 4.33
N GLY A 205 52.59 31.62 3.12
CA GLY A 205 51.26 31.30 2.62
C GLY A 205 51.10 31.70 1.18
N ILE A 206 49.89 31.47 0.64
CA ILE A 206 49.61 31.72 -0.77
C ILE A 206 48.32 32.50 -0.95
N MET A 207 48.26 33.29 -2.02
CA MET A 207 47.04 33.94 -2.41
C MET A 207 46.73 33.45 -3.83
N VAL A 208 45.52 32.95 -4.04
CA VAL A 208 45.07 32.53 -5.36
C VAL A 208 44.54 33.84 -5.96
N ALA A 209 45.38 34.53 -6.75
CA ALA A 209 45.04 35.82 -7.35
C ALA A 209 44.34 35.56 -8.67
N ARG A 210 43.02 35.31 -8.60
CA ARG A 210 42.20 34.88 -9.73
C ARG A 210 42.03 35.90 -10.85
N GLY A 211 42.18 37.19 -10.57
CA GLY A 211 42.08 38.23 -11.60
C GLY A 211 43.10 38.05 -12.70
N ASP A 212 44.38 38.12 -12.35
CA ASP A 212 45.44 37.90 -13.31
C ASP A 212 45.49 36.47 -13.79
N LEU A 213 45.25 35.51 -12.88
CA LEU A 213 45.26 34.09 -13.24
C LEU A 213 44.26 33.76 -14.34
N GLY A 214 43.08 34.37 -14.28
CA GLY A 214 42.03 34.19 -15.28
C GLY A 214 42.31 34.78 -16.65
N ILE A 215 43.34 35.63 -16.74
CA ILE A 215 43.81 36.23 -17.99
C ILE A 215 45.04 35.46 -18.49
N GLU A 216 45.92 35.02 -17.55
CA GLU A 216 47.14 34.28 -17.85
C GLU A 216 46.91 32.84 -18.28
N ILE A 217 45.90 32.19 -17.71
CA ILE A 217 45.51 30.82 -18.09
C ILE A 217 44.04 30.86 -18.55
N PRO A 218 43.53 29.83 -19.27
CA PRO A 218 42.10 29.87 -19.68
C PRO A 218 41.19 30.05 -18.47
N ALA A 219 40.19 30.94 -18.56
CA ALA A 219 39.29 31.23 -17.43
C ALA A 219 38.64 29.98 -16.84
N GLU A 220 38.29 29.02 -17.69
CA GLU A 220 37.66 27.77 -17.28
C GLU A 220 38.60 26.81 -16.52
N LYS A 221 39.89 27.13 -16.39
CA LYS A 221 40.83 26.31 -15.64
C LYS A 221 41.18 26.92 -14.25
N VAL A 222 40.77 28.17 -13.98
CA VAL A 222 41.10 28.81 -12.72
C VAL A 222 40.62 28.03 -11.49
N PHE A 223 39.40 27.48 -11.54
CA PHE A 223 38.88 26.71 -10.41
C PHE A 223 39.78 25.50 -10.07
N LEU A 224 40.45 24.90 -11.08
CA LEU A 224 41.33 23.76 -10.84
C LEU A 224 42.57 24.25 -10.09
N ALA A 225 43.13 25.39 -10.49
CA ALA A 225 44.29 25.98 -9.85
C ALA A 225 43.93 26.37 -8.41
N GLN A 226 42.74 26.95 -8.20
CA GLN A 226 42.29 27.35 -6.86
C GLN A 226 42.18 26.12 -5.95
N LYS A 227 41.48 25.07 -6.39
CA LYS A 227 41.28 23.88 -5.58
C LYS A 227 42.58 23.15 -5.29
N MET A 228 43.49 23.08 -6.28
CA MET A 228 44.79 22.44 -6.10
C MET A 228 45.62 23.20 -5.07
N MET A 229 45.71 24.54 -5.20
CA MET A 229 46.50 25.35 -4.28
C MET A 229 45.93 25.35 -2.88
N ILE A 230 44.60 25.38 -2.73
CA ILE A 230 43.98 25.32 -1.41
C ILE A 230 44.29 23.98 -0.74
N GLY A 231 44.14 22.88 -1.49
CA GLY A 231 44.45 21.54 -1.00
C GLY A 231 45.89 21.41 -0.53
N ARG A 232 46.84 21.85 -1.36
CA ARG A 232 48.25 21.80 -1.01
C ARG A 232 48.63 22.65 0.18
N CYS A 233 48.02 23.84 0.32
CA CYS A 233 48.26 24.68 1.48
C CYS A 233 47.70 24.04 2.73
N ASN A 234 46.51 23.42 2.62
CA ASN A 234 45.90 22.72 3.75
C ASN A 234 46.81 21.55 4.19
N LEU A 235 47.38 20.85 3.22
CA LEU A 235 48.29 19.74 3.47
CA LEU A 235 48.29 19.74 3.47
C LEU A 235 49.56 20.25 4.18
N ALA A 236 50.10 21.38 3.73
CA ALA A 236 51.29 21.97 4.30
C ALA A 236 51.05 22.72 5.62
N GLY A 237 49.80 22.96 5.98
CA GLY A 237 49.45 23.72 7.18
C GLY A 237 49.81 25.18 7.02
N LYS A 238 49.70 25.74 5.81
CA LYS A 238 50.03 27.13 5.55
C LYS A 238 48.82 27.92 5.07
N PRO A 239 48.69 29.19 5.48
CA PRO A 239 47.51 29.96 5.05
C PRO A 239 47.31 30.10 3.53
N VAL A 240 46.06 30.03 3.11
CA VAL A 240 45.72 30.25 1.69
C VAL A 240 44.56 31.25 1.61
N VAL A 241 44.70 32.26 0.77
CA VAL A 241 43.70 33.31 0.60
C VAL A 241 43.03 33.12 -0.75
N CYS A 242 41.68 33.19 -0.79
CA CYS A 242 40.99 33.17 -2.07
C CYS A 242 40.66 34.62 -2.37
N ALA A 243 41.04 35.09 -3.56
CA ALA A 243 40.87 36.50 -3.90
C ALA A 243 40.28 36.77 -5.26
N THR A 244 39.67 37.98 -5.43
CA THR A 244 39.20 38.66 -6.64
C THR A 244 37.85 38.23 -7.19
N GLN A 245 36.97 39.23 -7.35
CA GLN A 245 35.62 39.14 -7.92
C GLN A 245 34.69 38.22 -7.16
N MET A 246 34.95 38.02 -5.86
CA MET A 246 34.10 37.16 -5.06
C MET A 246 32.71 37.72 -4.94
N LEU A 247 32.58 39.05 -4.75
CA LEU A 247 31.27 39.72 -4.67
C LEU A 247 31.27 40.94 -5.61
N GLU A 248 31.87 40.80 -6.80
CA GLU A 248 32.06 41.87 -7.77
C GLU A 248 30.86 42.78 -8.00
N SER A 249 29.68 42.23 -8.26
CA SER A 249 28.48 43.02 -8.53
C SER A 249 28.14 43.98 -7.36
N MET A 250 28.61 43.68 -6.14
CA MET A 250 28.38 44.57 -5.00
C MET A 250 29.16 45.90 -5.08
N ILE A 251 30.01 46.08 -6.10
CA ILE A 251 30.68 47.35 -6.34
C ILE A 251 29.57 48.43 -6.66
N THR A 252 28.51 48.04 -7.39
CA THR A 252 27.44 48.94 -7.72
C THR A 252 26.08 48.55 -7.11
N LYS A 253 25.85 47.24 -6.78
CA LYS A 253 24.56 46.80 -6.26
C LYS A 253 24.59 46.40 -4.80
N PRO A 254 23.50 46.62 -4.03
CA PRO A 254 23.54 46.29 -2.58
C PRO A 254 23.49 44.81 -2.24
N ARG A 255 23.17 43.94 -3.20
CA ARG A 255 23.08 42.51 -2.98
C ARG A 255 23.88 41.82 -4.07
N PRO A 256 24.56 40.71 -3.73
CA PRO A 256 25.33 39.98 -4.76
C PRO A 256 24.46 39.04 -5.61
N THR A 257 25.05 38.53 -6.69
CA THR A 257 24.38 37.54 -7.52
C THR A 257 24.45 36.16 -6.82
N ARG A 258 23.69 35.19 -7.33
CA ARG A 258 23.68 33.84 -6.80
C ARG A 258 25.04 33.16 -7.03
N ALA A 259 25.75 33.48 -8.11
CA ALA A 259 27.07 32.92 -8.38
C ALA A 259 28.11 33.43 -7.37
N GLU A 260 27.97 34.69 -6.94
CA GLU A 260 28.87 35.31 -5.99
C GLU A 260 28.77 34.73 -4.61
N THR A 261 27.54 34.51 -4.09
CA THR A 261 27.40 33.90 -2.76
C THR A 261 27.94 32.45 -2.81
N SER A 262 27.65 31.74 -3.90
CA SER A 262 28.10 30.39 -4.11
C SER A 262 29.65 30.33 -4.15
N ASP A 263 30.30 31.26 -4.84
CA ASP A 263 31.75 31.35 -4.91
C ASP A 263 32.37 31.54 -3.52
N VAL A 264 31.80 32.44 -2.68
CA VAL A 264 32.32 32.65 -1.34
C VAL A 264 32.18 31.38 -0.51
N ALA A 265 31.00 30.75 -0.55
CA ALA A 265 30.75 29.54 0.20
C ALA A 265 31.67 28.41 -0.24
N ASN A 266 31.89 28.28 -1.55
CA ASN A 266 32.73 27.22 -2.07
C ASN A 266 34.20 27.44 -1.76
N ALA A 267 34.66 28.70 -1.64
CA ALA A 267 36.05 28.97 -1.26
C ALA A 267 36.27 28.48 0.17
N VAL A 268 35.31 28.71 1.08
CA VAL A 268 35.39 28.27 2.47
C VAL A 268 35.31 26.74 2.50
N LEU A 269 34.38 26.14 1.75
CA LEU A 269 34.25 24.69 1.69
C LEU A 269 35.49 24.05 1.05
N ASP A 270 36.17 24.72 0.12
CA ASP A 270 37.43 24.24 -0.49
C ASP A 270 38.54 24.14 0.56
N GLY A 271 38.51 25.01 1.58
CA GLY A 271 39.49 25.04 2.65
C GLY A 271 40.26 26.33 2.77
N ALA A 272 39.79 27.43 2.15
CA ALA A 272 40.50 28.72 2.24
C ALA A 272 40.54 29.23 3.66
N ASP A 273 41.69 29.74 4.08
CA ASP A 273 41.82 30.34 5.41
C ASP A 273 41.23 31.75 5.42
N CYS A 274 41.40 32.49 4.31
CA CYS A 274 40.93 33.86 4.18
C CYS A 274 40.18 34.07 2.88
N ILE A 275 39.25 35.00 2.91
CA ILE A 275 38.53 35.44 1.72
C ILE A 275 38.77 36.96 1.58
N MET A 276 38.86 37.44 0.35
CA MET A 276 39.21 38.82 0.10
C MET A 276 38.18 39.62 -0.69
N LEU A 277 38.15 40.93 -0.42
CA LEU A 277 37.35 41.90 -1.14
C LEU A 277 38.34 42.93 -1.71
N SER A 278 38.27 43.19 -3.03
CA SER A 278 39.14 44.17 -3.68
C SER A 278 38.32 45.43 -4.00
N GLY A 279 37.84 45.60 -5.25
CA GLY A 279 37.03 46.73 -5.67
C GLY A 279 35.78 46.91 -4.83
N GLU A 280 35.22 45.80 -4.31
CA GLU A 280 34.03 45.81 -3.46
C GLU A 280 34.20 46.72 -2.27
N THR A 281 35.42 46.83 -1.72
CA THR A 281 35.66 47.70 -0.56
C THR A 281 36.54 48.90 -0.91
N ALA A 282 37.44 48.75 -1.88
CA ALA A 282 38.35 49.84 -2.25
C ALA A 282 37.65 50.98 -2.99
N LYS A 283 36.71 50.68 -3.89
CA LYS A 283 36.07 51.71 -4.67
C LYS A 283 34.56 51.60 -4.86
N GLY A 284 33.92 50.60 -4.27
CA GLY A 284 32.51 50.39 -4.46
C GLY A 284 31.58 51.22 -3.59
N ASN A 285 30.28 51.14 -3.89
CA ASN A 285 29.23 51.86 -3.16
C ASN A 285 28.80 51.19 -1.86
N PHE A 286 29.08 49.89 -1.69
CA PHE A 286 28.64 49.17 -0.49
C PHE A 286 29.81 48.44 0.22
N PRO A 287 30.91 49.15 0.64
CA PRO A 287 32.03 48.43 1.28
C PRO A 287 31.66 47.67 2.55
N VAL A 288 30.85 48.28 3.41
CA VAL A 288 30.44 47.65 4.66
C VAL A 288 29.53 46.46 4.37
N GLU A 289 28.63 46.61 3.42
CA GLU A 289 27.69 45.55 3.07
C GLU A 289 28.44 44.35 2.49
N ALA A 290 29.51 44.58 1.73
CA ALA A 290 30.30 43.51 1.14
C ALA A 290 30.99 42.69 2.25
N VAL A 291 31.48 43.36 3.30
CA VAL A 291 32.09 42.69 4.44
C VAL A 291 31.03 41.88 5.19
N LYS A 292 29.85 42.49 5.42
CA LYS A 292 28.76 41.81 6.11
C LYS A 292 28.30 40.56 5.36
N MET A 293 28.25 40.63 4.01
CA MET A 293 27.83 39.51 3.19
C MET A 293 28.86 38.38 3.29
N GLN A 294 30.16 38.69 3.21
CA GLN A 294 31.19 37.67 3.35
C GLN A 294 31.15 37.04 4.72
N HIS A 295 30.86 37.84 5.77
CA HIS A 295 30.74 37.33 7.11
C HIS A 295 29.59 36.32 7.21
N ALA A 296 28.41 36.69 6.69
CA ALA A 296 27.22 35.86 6.75
C ALA A 296 27.41 34.54 5.99
N ILE A 297 28.01 34.59 4.78
CA ILE A 297 28.24 33.39 4.00
C ILE A 297 29.27 32.48 4.65
N ALA A 298 30.39 33.04 5.13
CA ALA A 298 31.44 32.23 5.75
C ALA A 298 30.94 31.49 6.96
N ARG A 299 30.10 32.11 7.80
CA ARG A 299 29.55 31.43 8.98
C ARG A 299 28.69 30.25 8.57
N GLU A 300 27.86 30.41 7.52
CA GLU A 300 27.01 29.33 7.05
C GLU A 300 27.86 28.22 6.45
N ALA A 301 28.89 28.57 5.67
CA ALA A 301 29.74 27.59 5.00
C ALA A 301 30.60 26.83 5.98
N GLU A 302 31.05 27.45 7.06
CA GLU A 302 31.86 26.77 8.06
C GLU A 302 31.10 25.67 8.80
N ALA A 303 29.81 25.90 9.10
CA ALA A 303 28.99 24.87 9.74
C ALA A 303 28.70 23.71 8.77
N ALA A 304 28.68 23.97 7.47
CA ALA A 304 28.44 22.96 6.43
C ALA A 304 29.68 22.15 6.07
N VAL A 305 30.85 22.43 6.67
CA VAL A 305 32.06 21.66 6.41
C VAL A 305 31.85 20.23 6.97
N TYR A 306 32.21 19.21 6.20
CA TYR A 306 32.05 17.83 6.64
C TYR A 306 33.31 17.43 7.42
N HIS A 307 33.39 17.85 8.70
CA HIS A 307 34.54 17.58 9.57
C HIS A 307 34.90 16.12 9.73
N ARG A 308 33.92 15.22 9.70
CA ARG A 308 34.21 13.79 9.85
C ARG A 308 35.22 13.28 8.80
N GLN A 309 35.02 13.65 7.52
CA GLN A 309 35.95 13.27 6.49
C GLN A 309 37.20 14.16 6.52
N LEU A 310 36.99 15.46 6.71
CA LEU A 310 38.08 16.43 6.73
C LEU A 310 39.16 16.13 7.77
N PHE A 311 38.77 15.92 9.03
CA PHE A 311 39.72 15.62 10.09
C PHE A 311 40.40 14.32 9.83
N GLU A 312 39.67 13.26 9.39
CA GLU A 312 40.25 11.96 9.08
CA GLU A 312 40.31 11.99 9.11
C GLU A 312 41.33 12.09 8.01
N GLU A 313 41.04 12.84 6.95
CA GLU A 313 41.99 13.04 5.85
C GLU A 313 43.19 13.89 6.26
N LEU A 314 42.97 14.97 7.06
CA LEU A 314 44.08 15.81 7.52
C LEU A 314 44.98 15.03 8.46
N ARG A 315 44.38 14.25 9.34
CA ARG A 315 45.12 13.42 10.25
C ARG A 315 45.93 12.35 9.49
N ARG A 316 45.33 11.64 8.51
CA ARG A 316 46.01 10.61 7.72
C ARG A 316 47.15 11.18 6.90
N ALA A 317 46.94 12.37 6.30
CA ALA A 317 47.92 12.98 5.42
C ALA A 317 49.06 13.67 6.14
N ALA A 318 48.82 14.19 7.36
CA ALA A 318 49.85 14.90 8.13
C ALA A 318 50.92 13.92 8.51
N PRO A 319 52.20 14.26 8.26
CA PRO A 319 53.26 13.31 8.53
C PRO A 319 53.48 13.06 10.00
N LEU A 320 54.09 11.92 10.33
CA LEU A 320 54.48 11.60 11.70
C LEU A 320 55.54 12.63 12.12
N SER A 321 55.53 12.99 13.40
CA SER A 321 56.43 14.04 13.83
C SER A 321 56.94 13.80 15.20
N ARG A 322 58.17 14.21 15.46
CA ARG A 322 58.78 14.16 16.79
CA ARG A 322 58.72 14.14 16.81
C ARG A 322 58.86 15.56 17.41
N ASP A 323 58.15 16.56 16.83
CA ASP A 323 58.13 17.92 17.34
C ASP A 323 56.99 17.96 18.36
N PRO A 324 57.31 18.25 19.64
CA PRO A 324 56.26 18.28 20.68
C PRO A 324 55.10 19.21 20.42
N THR A 325 55.31 20.35 19.74
CA THR A 325 54.20 21.28 19.45
C THR A 325 53.22 20.60 18.47
N GLU A 326 53.76 19.94 17.45
CA GLU A 326 52.99 19.21 16.46
C GLU A 326 52.23 18.01 17.11
N VAL A 327 52.90 17.25 17.96
CA VAL A 327 52.29 16.13 18.67
C VAL A 327 51.19 16.60 19.65
N THR A 328 51.40 17.71 20.35
CA THR A 328 50.42 18.25 21.27
C THR A 328 49.21 18.75 20.52
N ALA A 329 49.43 19.42 19.37
CA ALA A 329 48.34 19.94 18.53
C ALA A 329 47.36 18.84 18.05
N ILE A 330 47.87 17.68 17.54
CA ILE A 330 47.01 16.59 17.10
C ILE A 330 46.26 15.98 18.30
N GLY A 331 46.92 15.84 19.44
CA GLY A 331 46.27 15.30 20.63
C GLY A 331 45.17 16.23 21.13
N ALA A 332 45.40 17.55 21.06
CA ALA A 332 44.44 18.55 21.51
C ALA A 332 43.21 18.59 20.61
N VAL A 333 43.40 18.50 19.29
CA VAL A 333 42.27 18.55 18.35
C VAL A 333 41.44 17.25 18.47
N GLU A 334 42.10 16.10 18.65
CA GLU A 334 41.43 14.83 18.87
C GLU A 334 40.59 14.89 20.14
N ALA A 335 41.17 15.42 21.24
CA ALA A 335 40.50 15.59 22.52
C ALA A 335 39.30 16.54 22.39
N ALA A 336 39.46 17.64 21.65
CA ALA A 336 38.38 18.61 21.43
C ALA A 336 37.19 17.96 20.72
N PHE A 337 37.44 17.14 19.68
CA PHE A 337 36.36 16.44 18.97
C PHE A 337 35.67 15.40 19.87
N LYS A 338 36.42 14.71 20.71
CA LYS A 338 35.88 13.70 21.62
C LYS A 338 34.84 14.26 22.60
N CYS A 339 35.04 15.49 23.11
CA CYS A 339 34.11 16.07 24.06
C CYS A 339 33.29 17.23 23.51
N CYS A 340 33.36 17.52 22.21
CA CYS A 340 32.69 18.68 21.61
C CYS A 340 33.09 19.96 22.34
N ALA A 341 34.41 20.12 22.61
CA ALA A 341 34.95 21.27 23.33
C ALA A 341 34.54 22.55 22.66
N ALA A 342 34.13 23.55 23.46
CA ALA A 342 33.71 24.84 22.92
C ALA A 342 34.91 25.57 22.31
N ALA A 343 36.12 25.38 22.89
CA ALA A 343 37.31 26.08 22.44
C ALA A 343 38.58 25.32 22.83
N ILE A 344 39.68 25.66 22.17
CA ILE A 344 41.01 25.23 22.49
C ILE A 344 41.73 26.54 22.81
N ILE A 345 42.11 26.75 24.07
CA ILE A 345 42.81 27.96 24.47
C ILE A 345 44.28 27.67 24.39
N VAL A 346 45.03 28.42 23.59
CA VAL A 346 46.46 28.17 23.43
C VAL A 346 47.28 29.41 23.73
N LEU A 347 48.40 29.25 24.42
CA LEU A 347 49.30 30.38 24.70
C LEU A 347 50.33 30.34 23.59
N THR A 348 50.55 31.46 22.94
CA THR A 348 51.51 31.51 21.84
C THR A 348 52.29 32.84 21.81
N THR A 349 53.57 32.78 21.45
CA THR A 349 54.40 33.97 21.35
C THR A 349 54.42 34.44 19.90
N THR A 350 54.68 33.52 18.96
CA THR A 350 54.77 33.81 17.52
C THR A 350 53.49 33.45 16.74
N GLY A 351 52.57 32.73 17.34
CA GLY A 351 51.36 32.27 16.66
C GLY A 351 51.49 30.83 16.17
N ARG A 352 52.71 30.26 16.17
CA ARG A 352 52.97 28.92 15.67
C ARG A 352 52.12 27.81 16.31
N SER A 353 51.99 27.76 17.65
CA SER A 353 51.18 26.74 18.30
C SER A 353 49.71 26.82 17.86
N ALA A 354 49.20 28.05 17.63
CA ALA A 354 47.83 28.23 17.17
C ALA A 354 47.70 27.75 15.70
N GLN A 355 48.72 28.01 14.87
CA GLN A 355 48.75 27.58 13.49
C GLN A 355 48.74 26.04 13.40
N LEU A 356 49.50 25.35 14.25
CA LEU A 356 49.54 23.88 14.25
C LEU A 356 48.21 23.27 14.73
N LEU A 357 47.44 23.98 15.53
CA LEU A 357 46.11 23.52 15.93
C LEU A 357 45.15 23.72 14.73
N SER A 358 45.23 24.90 14.10
CA SER A 358 44.42 25.33 12.96
CA SER A 358 44.39 25.30 12.97
C SER A 358 44.52 24.39 11.75
N ARG A 359 45.69 23.79 11.53
CA ARG A 359 45.89 22.90 10.38
C ARG A 359 45.02 21.63 10.42
N TYR A 360 44.54 21.21 11.60
CA TYR A 360 43.66 20.05 11.74
C TYR A 360 42.17 20.43 11.66
N ARG A 361 41.88 21.71 11.39
CA ARG A 361 40.53 22.23 11.25
C ARG A 361 39.56 21.78 12.35
N PRO A 362 39.88 22.05 13.63
CA PRO A 362 38.91 21.70 14.69
C PRO A 362 37.61 22.50 14.53
N ARG A 363 36.50 21.92 14.98
CA ARG A 363 35.25 22.65 15.03
C ARG A 363 35.35 23.65 16.24
N ALA A 364 36.13 23.31 17.31
CA ALA A 364 36.37 24.17 18.45
C ALA A 364 37.19 25.39 18.03
N ALA A 365 36.81 26.58 18.51
CA ALA A 365 37.53 27.82 18.20
C ALA A 365 38.90 27.75 18.85
N VAL A 366 39.95 28.20 18.15
CA VAL A 366 41.27 28.24 18.75
C VAL A 366 41.49 29.66 19.27
N ILE A 367 41.32 29.85 20.59
CA ILE A 367 41.52 31.16 21.21
C ILE A 367 43.00 31.30 21.54
N ALA A 368 43.72 32.14 20.78
CA ALA A 368 45.15 32.29 20.98
C ALA A 368 45.48 33.48 21.88
N VAL A 369 45.98 33.21 23.10
CA VAL A 369 46.36 34.26 24.05
C VAL A 369 47.83 34.64 23.81
N THR A 370 48.10 35.89 23.41
CA THR A 370 49.46 36.33 23.12
C THR A 370 49.73 37.72 23.65
N ARG A 371 50.98 37.98 24.01
CA ARG A 371 51.42 39.31 24.40
C ARG A 371 51.93 40.09 23.19
N SER A 372 52.26 39.40 22.07
CA SER A 372 52.76 40.03 20.88
C SER A 372 51.62 40.62 20.05
N ALA A 373 51.59 41.94 19.89
CA ALA A 373 50.57 42.61 19.07
C ALA A 373 50.70 42.19 17.60
N GLN A 374 51.94 42.00 17.09
CA GLN A 374 52.14 41.59 15.72
C GLN A 374 51.62 40.16 15.49
N ALA A 375 51.90 39.22 16.41
CA ALA A 375 51.39 37.85 16.31
C ALA A 375 49.87 37.85 16.36
N ALA A 376 49.27 38.68 17.21
CA ALA A 376 47.81 38.76 17.31
C ALA A 376 47.19 39.18 15.97
N ARG A 377 47.84 40.09 15.26
CA ARG A 377 47.34 40.55 13.96
C ARG A 377 47.58 39.48 12.89
N GLN A 378 48.76 38.87 12.87
CA GLN A 378 49.11 37.89 11.85
C GLN A 378 48.34 36.58 11.93
N VAL A 379 47.97 36.19 13.12
CA VAL A 379 47.25 34.95 13.37
C VAL A 379 45.85 34.92 12.67
N HIS A 380 45.38 36.06 12.14
CA HIS A 380 44.17 36.15 11.33
C HIS A 380 44.35 35.38 10.00
N LEU A 381 45.58 35.10 9.57
CA LEU A 381 45.83 34.33 8.37
C LEU A 381 45.42 32.85 8.54
N CYS A 382 45.32 32.34 9.78
CA CYS A 382 44.99 30.96 10.08
C CYS A 382 43.54 30.80 10.43
N ARG A 383 42.81 29.98 9.68
CA ARG A 383 41.40 29.76 9.94
C ARG A 383 41.11 29.24 11.34
N GLY A 384 40.10 29.80 11.98
CA GLY A 384 39.66 29.36 13.29
C GLY A 384 40.50 29.83 14.46
N VAL A 385 41.41 30.76 14.23
CA VAL A 385 42.24 31.31 15.29
C VAL A 385 41.72 32.69 15.67
N PHE A 386 41.32 32.85 16.93
CA PHE A 386 40.77 34.08 17.49
C PHE A 386 41.83 34.66 18.41
N PRO A 387 42.55 35.70 17.94
CA PRO A 387 43.63 36.27 18.75
C PRO A 387 43.16 37.17 19.87
N LEU A 388 43.74 36.99 21.07
CA LEU A 388 43.45 37.82 22.22
C LEU A 388 44.76 38.41 22.65
N LEU A 389 44.89 39.74 22.55
CA LEU A 389 46.12 40.41 22.97
C LEU A 389 46.08 40.62 24.48
N TYR A 390 46.98 39.97 25.20
CA TYR A 390 47.06 40.00 26.67
C TYR A 390 47.77 41.27 27.17
N ARG A 391 47.02 42.18 27.79
CA ARG A 391 47.60 43.44 28.30
C ARG A 391 47.32 43.59 29.80
N GLU A 392 47.50 42.49 30.54
CA GLU A 392 47.28 42.52 31.97
CA GLU A 392 47.28 42.49 31.99
C GLU A 392 48.62 42.44 32.69
N PRO A 393 48.75 43.06 33.89
CA PRO A 393 50.04 43.04 34.59
C PRO A 393 50.56 41.64 34.87
N PRO A 394 51.88 41.45 34.81
CA PRO A 394 52.41 40.10 34.98
C PRO A 394 52.28 39.53 36.38
N GLU A 395 52.33 38.21 36.47
CA GLU A 395 52.37 37.52 37.74
C GLU A 395 53.87 37.20 37.98
N ALA A 396 54.30 37.21 39.24
CA ALA A 396 55.70 36.99 39.60
C ALA A 396 56.14 35.56 39.31
N ILE A 397 55.32 34.57 39.66
CA ILE A 397 55.66 33.17 39.41
C ILE A 397 55.19 32.82 38.01
N TRP A 398 56.12 32.38 37.12
CA TRP A 398 55.78 32.03 35.73
C TRP A 398 54.55 31.12 35.62
N ALA A 399 54.47 30.08 36.45
CA ALA A 399 53.31 29.19 36.44
C ALA A 399 51.99 29.95 36.70
N ASP A 400 52.01 30.90 37.64
CA ASP A 400 50.85 31.75 37.95
C ASP A 400 50.53 32.68 36.79
N ASP A 401 51.57 33.17 36.10
CA ASP A 401 51.39 34.06 34.97
C ASP A 401 50.70 33.34 33.81
N VAL A 402 51.04 32.04 33.60
CA VAL A 402 50.47 31.18 32.59
C VAL A 402 48.99 30.97 32.92
N ASP A 403 48.67 30.67 34.19
CA ASP A 403 47.29 30.43 34.64
CA ASP A 403 47.29 30.44 34.63
C ASP A 403 46.39 31.65 34.43
N ARG A 404 46.92 32.90 34.67
CA ARG A 404 46.06 34.08 34.44
C ARG A 404 45.83 34.29 32.94
N ARG A 405 46.83 33.98 32.10
CA ARG A 405 46.62 34.06 30.66
C ARG A 405 45.52 33.05 30.21
N VAL A 406 45.41 31.87 30.84
CA VAL A 406 44.40 30.88 30.51
C VAL A 406 43.03 31.37 30.98
N GLN A 407 42.95 31.87 32.23
CA GLN A 407 41.70 32.44 32.77
C GLN A 407 41.28 33.68 31.96
N PHE A 408 42.23 34.39 31.34
CA PHE A 408 41.92 35.54 30.51
C PHE A 408 41.24 35.07 29.21
N GLY A 409 41.74 33.97 28.63
CA GLY A 409 41.17 33.35 27.43
C GLY A 409 39.77 32.85 27.72
N ILE A 410 39.54 32.32 28.94
CA ILE A 410 38.24 31.85 29.40
C ILE A 410 37.25 33.01 29.67
N GLU A 411 37.74 34.12 30.29
CA GLU A 411 36.89 35.28 30.55
C GLU A 411 36.52 35.99 29.26
N SER A 412 37.47 36.19 28.35
CA SER A 412 37.16 36.79 27.04
C SER A 412 36.26 35.85 26.23
N GLY A 413 36.45 34.54 26.38
CA GLY A 413 35.64 33.51 25.73
C GLY A 413 34.20 33.60 26.19
N LYS A 414 33.98 33.75 27.49
CA LYS A 414 32.65 33.87 28.09
C LYS A 414 31.98 35.19 27.66
N LEU A 415 32.73 36.30 27.70
CA LEU A 415 32.24 37.62 27.33
C LEU A 415 31.83 37.67 25.87
N ARG A 416 32.57 36.99 24.99
CA ARG A 416 32.28 37.02 23.56
C ARG A 416 31.27 35.98 23.08
N GLY A 417 30.81 35.11 23.96
CA GLY A 417 29.83 34.10 23.59
C GLY A 417 30.39 32.74 23.18
N PHE A 418 31.72 32.61 23.14
CA PHE A 418 32.37 31.34 22.79
C PHE A 418 32.11 30.27 23.84
N LEU A 419 32.16 30.65 25.12
CA LEU A 419 32.06 29.70 26.23
C LEU A 419 30.93 30.02 27.19
N ARG A 420 30.48 28.99 27.91
CA ARG A 420 29.48 29.07 28.96
C ARG A 420 29.95 28.17 30.10
N VAL A 421 29.44 28.40 31.31
CA VAL A 421 29.74 27.57 32.47
C VAL A 421 29.26 26.14 32.19
N GLY A 422 30.10 25.17 32.46
CA GLY A 422 29.78 23.77 32.16
C GLY A 422 30.41 23.27 30.88
N ASP A 423 30.93 24.17 30.03
CA ASP A 423 31.62 23.76 28.80
C ASP A 423 32.96 23.09 29.12
N LEU A 424 33.45 22.29 28.18
CA LEU A 424 34.78 21.71 28.30
C LEU A 424 35.68 22.47 27.34
N VAL A 425 36.89 22.79 27.77
CA VAL A 425 37.89 23.42 26.93
C VAL A 425 39.18 22.62 26.98
N ILE A 426 39.95 22.71 25.91
CA ILE A 426 41.26 22.10 25.86
C ILE A 426 42.23 23.27 26.02
N VAL A 427 43.19 23.16 26.93
CA VAL A 427 44.16 24.25 27.15
C VAL A 427 45.53 23.74 26.71
N VAL A 428 46.20 24.48 25.83
CA VAL A 428 47.49 24.09 25.30
C VAL A 428 48.55 25.08 25.75
N THR A 429 49.53 24.61 26.53
CA THR A 429 50.63 25.42 27.07
C THR A 429 52.01 24.70 26.88
N GLY A 430 53.08 25.34 27.36
CA GLY A 430 54.45 24.84 27.31
C GLY A 430 55.04 24.62 28.69
N TRP A 431 56.21 23.98 28.72
CA TRP A 431 56.85 23.65 29.99
C TRP A 431 57.82 24.73 30.53
N ARG A 432 58.17 25.71 29.69
CA ARG A 432 59.07 26.77 30.07
C ARG A 432 58.83 28.04 29.18
N PRO A 433 59.19 29.26 29.64
CA PRO A 433 58.92 30.47 28.84
C PRO A 433 59.63 30.50 27.48
N GLY A 434 59.17 31.35 26.59
CA GLY A 434 59.75 31.46 25.26
C GLY A 434 59.06 30.56 24.25
N SER A 435 59.16 30.94 22.99
CA SER A 435 58.60 30.24 21.85
CA SER A 435 58.55 30.19 21.89
C SER A 435 59.25 28.86 21.66
N GLY A 436 58.49 27.90 21.13
CA GLY A 436 58.99 26.59 20.78
C GLY A 436 58.88 25.47 21.77
N TYR A 437 58.27 25.72 22.94
CA TYR A 437 58.19 24.70 24.00
C TYR A 437 56.80 24.19 24.34
N THR A 438 55.80 24.38 23.45
CA THR A 438 54.45 23.84 23.71
C THR A 438 54.53 22.30 23.77
N ASN A 439 53.98 21.71 24.82
CA ASN A 439 54.04 20.26 25.00
C ASN A 439 52.93 19.75 25.95
N ILE A 440 52.00 20.60 26.39
CA ILE A 440 50.98 20.20 27.35
C ILE A 440 49.58 20.46 26.86
N MET A 441 48.70 19.48 27.06
CA MET A 441 47.29 19.63 26.76
CA MET A 441 47.28 19.54 26.72
C MET A 441 46.50 19.26 28.01
N ARG A 442 45.54 20.10 28.38
CA ARG A 442 44.76 19.90 29.60
C ARG A 442 43.30 19.97 29.25
N VAL A 443 42.47 19.16 29.91
CA VAL A 443 41.02 19.21 29.74
C VAL A 443 40.49 19.97 30.96
N LEU A 444 39.86 21.11 30.72
CA LEU A 444 39.36 21.97 31.79
C LEU A 444 37.84 22.19 31.67
N SER A 445 37.13 22.09 32.80
CA SER A 445 35.69 22.34 32.83
CA SER A 445 35.69 22.34 32.83
C SER A 445 35.48 23.81 33.21
N ILE A 446 34.68 24.53 32.44
CA ILE A 446 34.44 25.95 32.67
C ILE A 446 33.57 26.21 33.88
N SER A 447 34.17 26.99 34.82
CA SER A 447 33.66 27.51 36.09
C SER A 447 33.15 26.39 37.01
N ARG B 12 54.20 7.31 1.80
CA ARG B 12 55.62 7.64 1.76
C ARG B 12 55.94 9.02 2.38
N ALA B 13 55.26 10.10 1.93
CA ALA B 13 55.49 11.45 2.46
C ALA B 13 54.96 11.64 3.89
N ASP B 14 53.97 10.82 4.29
CA ASP B 14 53.43 10.85 5.66
C ASP B 14 54.41 10.22 6.68
N VAL B 15 55.41 9.44 6.22
CA VAL B 15 56.42 8.84 7.10
C VAL B 15 57.86 9.23 6.69
N ALA B 16 58.05 10.09 5.65
CA ALA B 16 59.36 10.43 5.12
C ALA B 16 60.32 11.09 6.12
N GLN B 17 59.94 12.20 6.78
CA GLN B 17 60.82 12.84 7.73
C GLN B 17 61.14 11.91 8.90
N LEU B 18 60.18 11.13 9.37
CA LEU B 18 60.41 10.20 10.47
C LEU B 18 61.26 9.02 10.05
N THR B 19 61.22 8.62 8.77
CA THR B 19 62.07 7.55 8.25
C THR B 19 63.52 8.06 8.15
N GLN B 20 63.70 9.35 7.80
CA GLN B 20 65.03 9.95 7.75
C GLN B 20 65.61 10.04 9.17
N GLU B 21 64.77 10.40 10.15
CA GLU B 21 65.15 10.53 11.56
C GLU B 21 65.38 9.22 12.28
N LEU B 22 64.40 8.30 12.25
CA LEU B 22 64.51 7.01 12.95
C LEU B 22 65.24 5.94 12.15
N GLY B 23 65.36 6.11 10.84
CA GLY B 23 66.02 5.14 9.99
C GLY B 23 65.10 4.13 9.38
N THR B 24 65.53 3.52 8.27
CA THR B 24 64.75 2.49 7.59
C THR B 24 64.67 1.23 8.41
N ALA B 25 65.70 0.88 9.21
CA ALA B 25 65.66 -0.34 10.03
C ALA B 25 64.55 -0.27 11.06
N PHE B 26 64.30 0.92 11.62
CA PHE B 26 63.22 1.09 12.60
C PHE B 26 61.87 0.75 11.96
N PHE B 27 61.67 1.24 10.73
CA PHE B 27 60.40 1.04 10.02
C PHE B 27 60.29 -0.35 9.36
N GLN B 28 61.32 -1.22 9.44
CA GLN B 28 61.21 -2.58 8.95
C GLN B 28 60.83 -3.56 10.09
N GLN B 29 61.11 -3.20 11.36
CA GLN B 29 60.77 -4.04 12.51
C GLN B 29 59.30 -3.85 12.91
N GLN B 30 58.82 -4.68 13.87
CA GLN B 30 57.50 -4.73 14.48
C GLN B 30 56.34 -4.58 13.49
N GLN B 31 56.46 -5.19 12.29
CA GLN B 31 55.46 -5.16 11.23
C GLN B 31 55.01 -3.74 10.90
N LEU B 32 55.91 -2.75 11.03
CA LEU B 32 55.56 -1.37 10.72
C LEU B 32 55.17 -1.20 9.25
N PRO B 33 55.80 -1.86 8.23
CA PRO B 33 55.28 -1.72 6.86
C PRO B 33 53.83 -2.20 6.77
N ALA B 34 53.50 -3.32 7.42
CA ALA B 34 52.12 -3.82 7.41
C ALA B 34 51.16 -2.86 8.16
N ALA B 35 51.67 -2.21 9.21
CA ALA B 35 50.92 -1.27 10.05
C ALA B 35 50.56 0.02 9.28
N MET B 36 51.41 0.46 8.35
CA MET B 36 51.17 1.66 7.56
C MET B 36 50.31 1.40 6.31
N ALA B 37 49.86 0.16 6.06
CA ALA B 37 49.07 -0.14 4.86
C ALA B 37 47.73 0.57 4.83
N ASP B 38 47.22 0.86 3.62
CA ASP B 38 45.96 1.57 3.41
C ASP B 38 44.71 0.70 3.51
N THR B 39 44.86 -0.61 3.35
CA THR B 39 43.74 -1.55 3.48
C THR B 39 44.17 -2.75 4.36
N PHE B 40 43.19 -3.47 4.89
CA PHE B 40 43.44 -4.68 5.67
C PHE B 40 44.08 -5.76 4.78
N LEU B 41 43.68 -5.84 3.49
CA LEU B 41 44.23 -6.77 2.54
C LEU B 41 45.71 -6.50 2.33
N GLU B 42 46.07 -5.22 2.11
CA GLU B 42 47.47 -4.79 1.92
CA GLU B 42 47.47 -4.85 1.91
C GLU B 42 48.28 -5.06 3.19
N HIS B 43 47.64 -4.89 4.37
CA HIS B 43 48.24 -5.13 5.67
C HIS B 43 48.66 -6.59 5.76
N LEU B 44 47.76 -7.53 5.40
CA LEU B 44 48.09 -8.95 5.41
C LEU B 44 49.21 -9.26 4.46
N CYS B 45 49.16 -8.68 3.23
CA CYS B 45 50.19 -8.90 2.20
C CYS B 45 51.57 -8.45 2.65
N LEU B 46 51.64 -7.44 3.54
CA LEU B 46 52.89 -6.91 4.00
C LEU B 46 53.45 -7.55 5.28
N LEU B 47 52.73 -8.53 5.87
CA LEU B 47 53.24 -9.24 7.06
C LEU B 47 54.52 -9.97 6.69
N ASP B 48 55.55 -9.87 7.51
CA ASP B 48 56.87 -10.39 7.18
C ASP B 48 57.42 -11.21 8.34
N ILE B 49 57.77 -12.46 8.08
CA ILE B 49 58.38 -13.32 9.10
C ILE B 49 59.77 -12.77 9.56
N ASP B 50 60.42 -11.91 8.75
CA ASP B 50 61.69 -11.31 9.11
C ASP B 50 61.57 -9.97 9.82
N SER B 51 60.35 -9.47 10.04
CA SER B 51 60.12 -8.24 10.76
C SER B 51 60.01 -8.61 12.23
N GLU B 52 61.11 -8.41 12.98
CA GLU B 52 61.15 -8.83 14.37
C GLU B 52 60.34 -7.96 15.33
N PRO B 53 59.66 -8.59 16.31
CA PRO B 53 58.95 -7.79 17.33
C PRO B 53 59.97 -7.05 18.23
N VAL B 54 59.69 -5.81 18.59
CA VAL B 54 60.58 -4.99 19.41
C VAL B 54 59.91 -4.68 20.78
N ALA B 55 58.63 -4.38 20.77
CA ALA B 55 57.90 -4.02 21.98
C ALA B 55 57.78 -5.17 22.97
N ALA B 56 57.63 -4.83 24.26
CA ALA B 56 57.40 -5.76 25.36
C ALA B 56 56.02 -6.39 25.13
N ARG B 57 55.84 -7.66 25.57
CA ARG B 57 54.59 -8.34 25.39
C ARG B 57 53.51 -7.65 26.18
N SER B 58 52.43 -7.31 25.51
CA SER B 58 51.37 -6.59 26.15
C SER B 58 50.16 -7.44 26.59
N THR B 59 49.95 -8.62 26.03
CA THR B 59 48.84 -9.48 26.43
C THR B 59 49.31 -10.28 27.61
N SER B 60 48.55 -10.27 28.70
CA SER B 60 48.92 -10.98 29.92
C SER B 60 48.67 -12.45 29.80
N ILE B 61 49.53 -13.25 30.47
CA ILE B 61 49.40 -14.67 30.48
C ILE B 61 48.89 -15.07 31.84
N ILE B 62 47.80 -15.82 31.87
CA ILE B 62 47.26 -16.38 33.08
C ILE B 62 47.70 -17.83 33.11
N ALA B 63 48.38 -18.25 34.17
CA ALA B 63 48.83 -19.64 34.27
C ALA B 63 48.15 -20.28 35.46
N THR B 64 47.56 -21.47 35.25
CA THR B 64 46.93 -22.19 36.35
C THR B 64 47.99 -22.89 37.20
N ILE B 65 47.97 -22.63 38.51
CA ILE B 65 48.95 -23.19 39.43
C ILE B 65 48.41 -24.48 40.03
N GLY B 66 49.11 -25.57 39.77
CA GLY B 66 48.70 -26.87 40.28
C GLY B 66 49.88 -27.77 40.58
N PRO B 67 49.68 -29.10 40.61
CA PRO B 67 50.81 -30.01 40.91
C PRO B 67 52.09 -29.79 40.14
N ALA B 68 52.00 -29.48 38.85
CA ALA B 68 53.17 -29.29 38.00
C ALA B 68 53.85 -27.94 38.14
N SER B 69 53.19 -26.96 38.77
CA SER B 69 53.73 -25.59 38.81
C SER B 69 53.71 -24.93 40.18
N ARG B 70 53.63 -25.72 41.24
CA ARG B 70 53.47 -25.27 42.61
C ARG B 70 54.69 -24.88 43.40
N SER B 71 55.87 -25.48 43.12
CA SER B 71 57.05 -25.19 43.90
C SER B 71 57.54 -23.74 43.72
N VAL B 72 58.18 -23.16 44.75
CA VAL B 72 58.68 -21.79 44.71
C VAL B 72 59.71 -21.62 43.59
N GLU B 73 60.58 -22.62 43.42
CA GLU B 73 61.63 -22.62 42.40
C GLU B 73 61.00 -22.60 40.99
N ARG B 74 59.95 -23.41 40.78
CA ARG B 74 59.25 -23.52 39.50
C ARG B 74 58.48 -22.23 39.24
N LEU B 75 57.83 -21.66 40.28
CA LEU B 75 57.12 -20.40 40.17
C LEU B 75 58.01 -19.23 39.82
N LYS B 76 59.27 -19.22 40.29
CA LYS B 76 60.21 -18.16 39.91
C LYS B 76 60.51 -18.26 38.42
N GLU B 77 60.63 -19.51 37.88
CA GLU B 77 60.87 -19.80 36.47
CA GLU B 77 60.89 -19.71 36.47
C GLU B 77 59.67 -19.32 35.64
N MET B 78 58.45 -19.56 36.15
CA MET B 78 57.24 -19.16 35.43
CA MET B 78 57.24 -19.17 35.44
C MET B 78 57.06 -17.65 35.40
N ILE B 79 57.49 -16.94 36.47
CA ILE B 79 57.44 -15.50 36.52
C ILE B 79 58.43 -14.94 35.50
N LYS B 80 59.63 -15.53 35.44
CA LYS B 80 60.65 -15.10 34.47
C LYS B 80 60.20 -15.41 33.02
N ALA B 81 59.47 -16.52 32.81
CA ALA B 81 58.98 -16.90 31.47
C ALA B 81 57.86 -15.94 30.99
N GLY B 82 57.16 -15.27 31.92
CA GLY B 82 56.14 -14.31 31.57
C GLY B 82 54.80 -14.38 32.26
N MET B 83 54.59 -15.28 33.21
CA MET B 83 53.31 -15.37 33.92
C MET B 83 52.97 -14.05 34.63
N ASN B 84 51.75 -13.53 34.42
CA ASN B 84 51.31 -12.27 35.04
C ASN B 84 50.23 -12.49 36.07
N ILE B 85 49.41 -13.56 35.89
CA ILE B 85 48.30 -13.88 36.77
C ILE B 85 48.35 -15.37 37.08
N ALA B 86 48.28 -15.73 38.36
CA ALA B 86 48.29 -17.12 38.81
C ALA B 86 46.86 -17.51 39.09
N ARG B 87 46.34 -18.52 38.40
CA ARG B 87 44.96 -18.95 38.56
C ARG B 87 44.91 -20.18 39.46
N LEU B 88 43.94 -20.20 40.40
CA LEU B 88 43.75 -21.35 41.29
C LEU B 88 42.38 -21.91 41.00
N ASN B 89 42.34 -23.14 40.50
CA ASN B 89 41.08 -23.75 40.10
C ASN B 89 40.45 -24.44 41.29
N PHE B 90 39.40 -23.81 41.86
CA PHE B 90 38.71 -24.37 43.02
C PHE B 90 37.79 -25.54 42.66
N SER B 91 37.82 -26.03 41.41
CA SER B 91 37.14 -27.27 41.05
C SER B 91 37.99 -28.47 41.54
N HIS B 92 39.29 -28.26 41.86
CA HIS B 92 40.25 -29.25 42.31
C HIS B 92 40.93 -28.82 43.62
N GLY B 93 41.65 -29.75 44.25
CA GLY B 93 42.35 -29.49 45.50
C GLY B 93 41.45 -29.20 46.69
N SER B 94 41.96 -28.43 47.62
CA SER B 94 41.27 -28.04 48.84
C SER B 94 41.70 -26.61 49.24
N HIS B 95 41.08 -26.04 50.28
CA HIS B 95 41.48 -24.73 50.78
C HIS B 95 42.94 -24.76 51.27
N GLU B 96 43.35 -25.84 51.92
CA GLU B 96 44.71 -25.99 52.41
C GLU B 96 45.70 -26.06 51.25
N TYR B 97 45.34 -26.81 50.20
CA TYR B 97 46.17 -26.96 49.00
C TYR B 97 46.37 -25.62 48.31
N HIS B 98 45.27 -24.89 48.07
CA HIS B 98 45.31 -23.60 47.40
C HIS B 98 46.00 -22.53 48.21
N ALA B 99 45.83 -22.56 49.57
CA ALA B 99 46.52 -21.61 50.43
C ALA B 99 48.04 -21.80 50.34
N GLU B 100 48.50 -23.04 50.25
CA GLU B 100 49.92 -23.31 50.12
C GLU B 100 50.42 -22.83 48.73
N SER B 101 49.61 -23.02 47.67
CA SER B 101 49.96 -22.54 46.32
C SER B 101 50.10 -21.00 46.33
N ILE B 102 49.12 -20.27 46.95
CA ILE B 102 49.13 -18.83 47.09
C ILE B 102 50.39 -18.36 47.81
N ALA B 103 50.74 -19.03 48.92
CA ALA B 103 51.95 -18.70 49.71
C ALA B 103 53.21 -18.88 48.87
N ASN B 104 53.27 -19.95 48.05
CA ASN B 104 54.43 -20.20 47.19
C ASN B 104 54.53 -19.15 46.09
N VAL B 105 53.38 -18.73 45.51
CA VAL B 105 53.37 -17.68 44.48
C VAL B 105 53.89 -16.39 45.12
N ARG B 106 53.35 -16.00 46.28
CA ARG B 106 53.80 -14.79 46.96
C ARG B 106 55.28 -14.84 47.34
N GLU B 107 55.77 -15.99 47.75
CA GLU B 107 57.19 -16.13 48.08
C GLU B 107 58.04 -15.95 46.82
N ALA B 108 57.64 -16.56 45.70
CA ALA B 108 58.36 -16.43 44.43
C ALA B 108 58.32 -14.96 43.92
N VAL B 109 57.15 -14.29 44.02
CA VAL B 109 57.02 -12.89 43.63
C VAL B 109 57.90 -11.98 44.46
N GLU B 110 57.90 -12.16 45.79
CA GLU B 110 58.69 -11.33 46.68
C GLU B 110 60.18 -11.56 46.58
N SER B 111 60.62 -12.69 45.99
CA SER B 111 62.06 -12.92 45.80
C SER B 111 62.69 -11.90 44.82
N PHE B 112 61.88 -11.18 44.03
CA PHE B 112 62.37 -10.16 43.10
C PHE B 112 62.10 -8.72 43.61
N ALA B 113 61.52 -8.57 44.83
CA ALA B 113 61.11 -7.30 45.45
C ALA B 113 62.20 -6.36 45.87
N GLY B 114 63.45 -6.74 45.68
CA GLY B 114 64.55 -5.86 46.04
C GLY B 114 64.67 -4.60 45.20
N SER B 115 63.98 -4.53 44.03
CA SER B 115 64.14 -3.41 43.12
C SER B 115 62.95 -3.24 42.17
N PRO B 116 62.66 -2.02 41.67
CA PRO B 116 61.59 -1.87 40.67
C PRO B 116 61.96 -2.45 39.30
N LEU B 117 63.26 -2.68 39.05
CA LEU B 117 63.80 -3.25 37.82
C LEU B 117 63.55 -4.75 37.75
N SER B 118 63.57 -5.43 38.89
CA SER B 118 63.34 -6.87 38.95
C SER B 118 61.91 -7.23 39.38
N TYR B 119 61.24 -6.37 40.16
CA TYR B 119 59.92 -6.70 40.69
C TYR B 119 58.85 -6.87 39.65
N ARG B 120 58.13 -7.96 39.73
CA ARG B 120 57.03 -8.23 38.80
C ARG B 120 55.81 -8.53 39.64
N PRO B 121 54.84 -7.60 39.77
CA PRO B 121 53.62 -7.98 40.49
C PRO B 121 52.90 -9.12 39.73
N VAL B 122 52.33 -10.09 40.47
CA VAL B 122 51.59 -11.20 39.88
C VAL B 122 50.24 -11.25 40.56
N ALA B 123 49.14 -11.12 39.81
CA ALA B 123 47.81 -11.16 40.40
C ALA B 123 47.45 -12.59 40.77
N ILE B 124 46.57 -12.76 41.75
CA ILE B 124 46.11 -14.08 42.17
C ILE B 124 44.64 -14.15 41.89
N ALA B 125 44.25 -15.12 41.09
CA ALA B 125 42.86 -15.26 40.66
C ALA B 125 42.29 -16.55 41.16
N LEU B 126 41.07 -16.50 41.64
CA LEU B 126 40.39 -17.67 42.15
C LEU B 126 39.33 -18.04 41.15
N ASP B 127 39.39 -19.25 40.59
CA ASP B 127 38.39 -19.71 39.64
C ASP B 127 37.42 -20.60 40.40
N THR B 128 36.15 -20.20 40.52
CA THR B 128 35.17 -20.97 41.29
C THR B 128 34.77 -22.30 40.67
N LYS B 129 34.28 -23.23 41.50
CA LYS B 129 33.81 -24.54 41.02
C LYS B 129 32.55 -24.42 40.15
N GLY B 130 31.67 -23.49 40.52
CA GLY B 130 30.46 -23.24 39.75
C GLY B 130 29.19 -23.75 40.38
N PRO B 131 28.05 -23.47 39.71
CA PRO B 131 26.74 -23.83 40.27
C PRO B 131 26.28 -25.28 40.13
N GLY B 132 26.96 -26.07 39.30
CA GLY B 132 26.58 -27.45 39.05
C GLY B 132 25.18 -27.54 38.44
N SER B 133 24.35 -28.43 38.98
CA SER B 133 22.96 -28.56 38.50
C SER B 133 22.01 -27.47 39.07
N GLY B 134 22.46 -26.76 40.11
CA GLY B 134 21.69 -25.71 40.78
C GLY B 134 21.50 -24.46 39.95
N PRO B 135 20.49 -23.65 40.30
CA PRO B 135 20.20 -22.44 39.49
C PRO B 135 20.97 -21.17 39.83
N GLY B 136 21.82 -21.22 40.86
CA GLY B 136 22.56 -20.04 41.28
C GLY B 136 23.80 -20.35 42.08
N LEU B 137 24.21 -19.42 42.96
CA LEU B 137 25.42 -19.56 43.78
C LEU B 137 25.38 -20.74 44.74
N SER B 138 26.30 -21.68 44.58
CA SER B 138 26.38 -22.87 45.42
C SER B 138 26.98 -22.56 46.80
N GLU B 139 26.76 -23.45 47.79
CA GLU B 139 27.30 -23.25 49.13
C GLU B 139 28.80 -23.39 49.17
N GLN B 140 29.37 -24.25 48.31
CA GLN B 140 30.83 -24.39 48.24
C GLN B 140 31.45 -23.11 47.65
N ASP B 141 30.77 -22.48 46.68
CA ASP B 141 31.24 -21.23 46.10
C ASP B 141 31.25 -20.13 47.14
N VAL B 142 30.26 -20.09 48.04
CA VAL B 142 30.24 -19.08 49.11
C VAL B 142 31.44 -19.25 50.03
N ARG B 143 31.76 -20.51 50.38
CA ARG B 143 32.91 -20.79 51.22
C ARG B 143 34.23 -20.46 50.53
N ASP B 144 34.35 -20.78 49.21
CA ASP B 144 35.56 -20.52 48.44
C ASP B 144 35.78 -19.02 48.22
N LEU B 145 34.69 -18.28 47.97
CA LEU B 145 34.77 -16.83 47.80
C LEU B 145 35.21 -16.17 49.12
N ARG B 146 34.71 -16.69 50.26
CA ARG B 146 35.14 -16.16 51.57
C ARG B 146 36.62 -16.44 51.78
N PHE B 147 37.09 -17.64 51.37
CA PHE B 147 38.50 -18.02 51.44
C PHE B 147 39.35 -17.01 50.65
N GLY B 148 38.87 -16.63 49.45
CA GLY B 148 39.54 -15.67 48.59
C GLY B 148 39.70 -14.32 49.22
N VAL B 149 38.64 -13.83 49.86
CA VAL B 149 38.67 -12.55 50.57
C VAL B 149 39.70 -12.63 51.72
N GLU B 150 39.64 -13.70 52.51
CA GLU B 150 40.56 -13.91 53.64
C GLU B 150 42.01 -14.06 53.22
N HIS B 151 42.25 -14.60 52.01
CA HIS B 151 43.62 -14.75 51.51
C HIS B 151 44.08 -13.62 50.58
N GLY B 152 43.27 -12.57 50.46
CA GLY B 152 43.57 -11.38 49.65
C GLY B 152 43.73 -11.58 48.17
N VAL B 153 42.87 -12.40 47.55
CA VAL B 153 42.93 -12.62 46.10
C VAL B 153 42.56 -11.32 45.37
N ASP B 154 43.08 -11.15 44.15
CA ASP B 154 42.84 -9.94 43.38
C ASP B 154 41.65 -10.07 42.45
N ILE B 155 41.42 -11.28 41.93
CA ILE B 155 40.40 -11.51 40.91
C ILE B 155 39.62 -12.79 41.20
N VAL B 156 38.36 -12.81 40.78
CA VAL B 156 37.52 -14.00 40.84
C VAL B 156 37.10 -14.31 39.39
N PHE B 157 37.37 -15.53 38.91
CA PHE B 157 36.90 -15.97 37.61
C PHE B 157 35.64 -16.75 37.99
N ALA B 158 34.47 -16.12 37.86
CA ALA B 158 33.21 -16.74 38.27
C ALA B 158 32.69 -17.71 37.24
N SER B 159 32.67 -19.02 37.57
CA SER B 159 32.21 -20.05 36.65
C SER B 159 30.72 -20.00 36.35
N PHE B 160 30.37 -20.39 35.12
CA PHE B 160 29.01 -20.51 34.60
C PHE B 160 28.09 -19.33 34.93
N VAL B 161 28.50 -18.10 34.58
CA VAL B 161 27.66 -16.93 34.80
C VAL B 161 26.61 -16.93 33.68
N ARG B 162 25.33 -16.97 34.04
CA ARG B 162 24.22 -17.04 33.07
C ARG B 162 23.36 -15.81 33.02
N LYS B 163 23.49 -14.91 34.02
CA LYS B 163 22.69 -13.69 34.09
C LYS B 163 23.33 -12.68 35.05
N ALA B 164 22.87 -11.43 35.02
CA ALA B 164 23.40 -10.39 35.88
C ALA B 164 23.25 -10.74 37.38
N SER B 165 22.16 -11.42 37.77
CA SER B 165 21.96 -11.77 39.17
C SER B 165 23.01 -12.75 39.71
N ASP B 166 23.68 -13.51 38.83
CA ASP B 166 24.74 -14.44 39.23
C ASP B 166 25.96 -13.65 39.68
N VAL B 167 26.28 -12.55 38.98
CA VAL B 167 27.45 -11.75 39.34
C VAL B 167 27.10 -10.95 40.63
N ALA B 168 25.83 -10.50 40.82
CA ALA B 168 25.40 -9.82 42.06
C ALA B 168 25.54 -10.78 43.25
N ALA B 169 25.22 -12.07 43.04
CA ALA B 169 25.37 -13.06 44.10
C ALA B 169 26.84 -13.24 44.48
N VAL B 170 27.76 -13.24 43.49
CA VAL B 170 29.20 -13.36 43.75
C VAL B 170 29.69 -12.13 44.51
N ARG B 171 29.25 -10.95 44.08
CA ARG B 171 29.61 -9.69 44.71
CA ARG B 171 29.63 -9.69 44.73
C ARG B 171 29.17 -9.67 46.19
N ALA B 172 27.94 -10.12 46.47
CA ALA B 172 27.41 -10.18 47.83
C ALA B 172 28.20 -11.20 48.66
N ALA B 173 28.56 -12.36 48.09
CA ALA B 173 29.34 -13.36 48.81
C ALA B 173 30.77 -12.91 49.13
N LEU B 174 31.30 -11.91 48.42
CA LEU B 174 32.62 -11.37 48.72
C LEU B 174 32.58 -10.40 49.95
N GLY B 175 31.39 -9.92 50.31
CA GLY B 175 31.18 -9.07 51.46
C GLY B 175 31.75 -7.67 51.31
N PRO B 176 31.72 -6.92 52.43
CA PRO B 176 32.25 -5.56 52.40
C PRO B 176 33.76 -5.52 52.28
N GLU B 177 34.48 -6.54 52.80
CA GLU B 177 35.95 -6.54 52.72
C GLU B 177 36.53 -6.96 51.36
N GLY B 178 35.69 -7.44 50.45
CA GLY B 178 36.13 -7.83 49.12
C GLY B 178 35.65 -6.90 48.03
N HIS B 179 35.39 -5.63 48.39
CA HIS B 179 34.90 -4.64 47.43
C HIS B 179 35.89 -4.34 46.29
N GLY B 180 37.18 -4.46 46.57
CA GLY B 180 38.24 -4.21 45.61
C GLY B 180 38.53 -5.34 44.63
N ILE B 181 38.01 -6.57 44.90
CA ILE B 181 38.22 -7.73 44.04
C ILE B 181 37.51 -7.61 42.69
N LYS B 182 38.23 -7.89 41.58
CA LYS B 182 37.62 -7.82 40.25
C LYS B 182 36.87 -9.11 39.95
N ILE B 183 35.67 -9.00 39.39
CA ILE B 183 34.88 -10.17 39.04
C ILE B 183 34.89 -10.33 37.52
N ILE B 184 35.51 -11.39 37.05
CA ILE B 184 35.57 -11.70 35.62
C ILE B 184 34.57 -12.84 35.40
N SER B 185 33.48 -12.56 34.70
CA SER B 185 32.44 -13.56 34.47
C SER B 185 32.82 -14.55 33.36
N LYS B 186 32.81 -15.85 33.67
CA LYS B 186 33.08 -16.88 32.68
C LYS B 186 31.81 -17.21 31.92
N ILE B 187 31.82 -17.05 30.58
CA ILE B 187 30.66 -17.36 29.74
C ILE B 187 30.88 -18.77 29.21
N GLU B 188 30.08 -19.73 29.67
CA GLU B 188 30.30 -21.14 29.34
C GLU B 188 29.12 -21.87 28.74
N ASN B 189 28.00 -21.19 28.47
CA ASN B 189 26.82 -21.86 27.90
C ASN B 189 25.97 -20.94 27.02
N HIS B 190 24.92 -21.46 26.40
CA HIS B 190 24.06 -20.68 25.53
C HIS B 190 23.43 -19.49 26.24
N GLU B 191 22.95 -19.69 27.47
CA GLU B 191 22.32 -18.59 28.23
C GLU B 191 23.27 -17.43 28.48
N GLY B 192 24.50 -17.72 28.87
CA GLY B 192 25.50 -16.69 29.10
C GLY B 192 25.80 -15.91 27.83
N VAL B 193 25.81 -16.59 26.67
CA VAL B 193 26.06 -15.92 25.40
C VAL B 193 24.88 -15.01 25.04
N LYS B 194 23.67 -15.51 25.20
CA LYS B 194 22.46 -14.73 24.90
C LYS B 194 22.25 -13.54 25.82
N ARG B 195 22.60 -13.70 27.10
CA ARG B 195 22.47 -12.60 28.06
C ARG B 195 23.79 -11.86 28.29
N PHE B 196 24.72 -11.92 27.32
CA PHE B 196 26.05 -11.33 27.41
C PHE B 196 26.05 -9.84 27.81
N ASP B 197 25.23 -9.01 27.16
CA ASP B 197 25.22 -7.57 27.45
C ASP B 197 24.91 -7.24 28.91
N GLU B 198 23.89 -7.90 29.49
CA GLU B 198 23.53 -7.68 30.89
C GLU B 198 24.63 -8.18 31.84
N ILE B 199 25.32 -9.26 31.47
CA ILE B 199 26.41 -9.80 32.28
C ILE B 199 27.62 -8.85 32.21
N LEU B 200 28.00 -8.41 31.01
CA LEU B 200 29.14 -7.52 30.83
C LEU B 200 28.93 -6.18 31.58
N GLU B 201 27.69 -5.66 31.57
CA GLU B 201 27.36 -4.41 32.24
C GLU B 201 27.70 -4.41 33.72
N VAL B 202 27.47 -5.53 34.41
CA VAL B 202 27.74 -5.62 35.85
C VAL B 202 29.06 -6.32 36.21
N SER B 203 29.80 -6.85 35.23
CA SER B 203 31.06 -7.52 35.51
C SER B 203 32.22 -6.57 35.27
N ASP B 204 33.38 -6.90 35.84
CA ASP B 204 34.60 -6.12 35.56
C ASP B 204 35.26 -6.56 34.20
N GLY B 205 34.95 -7.77 33.76
CA GLY B 205 35.47 -8.35 32.54
C GLY B 205 34.86 -9.71 32.28
N ILE B 206 35.30 -10.35 31.20
CA ILE B 206 34.73 -11.61 30.77
C ILE B 206 35.81 -12.63 30.46
N MET B 207 35.50 -13.90 30.64
CA MET B 207 36.37 -14.96 30.21
C MET B 207 35.55 -15.78 29.21
N VAL B 208 36.11 -16.03 28.03
CA VAL B 208 35.49 -16.91 27.05
C VAL B 208 35.98 -18.30 27.46
N ALA B 209 35.15 -19.05 28.21
CA ALA B 209 35.51 -20.37 28.72
C ALA B 209 35.11 -21.37 27.67
N ARG B 210 36.02 -21.60 26.71
CA ARG B 210 35.76 -22.45 25.55
C ARG B 210 35.56 -23.95 25.81
N GLY B 211 36.09 -24.47 26.91
CA GLY B 211 35.93 -25.87 27.26
C GLY B 211 34.47 -26.26 27.42
N ASP B 212 33.79 -25.63 28.39
CA ASP B 212 32.38 -25.87 28.60
C ASP B 212 31.55 -25.35 27.46
N LEU B 213 31.90 -24.18 26.93
CA LEU B 213 31.17 -23.59 25.81
C LEU B 213 31.09 -24.53 24.61
N GLY B 214 32.20 -25.23 24.30
CA GLY B 214 32.29 -26.19 23.21
C GLY B 214 31.46 -27.46 23.38
N ILE B 215 30.98 -27.69 24.60
CA ILE B 215 30.12 -28.83 24.94
C ILE B 215 28.65 -28.33 25.01
N GLU B 216 28.44 -27.11 25.53
CA GLU B 216 27.12 -26.50 25.69
C GLU B 216 26.49 -26.05 24.39
N ILE B 217 27.32 -25.54 23.45
CA ILE B 217 26.87 -25.13 22.11
C ILE B 217 27.64 -25.97 21.08
N PRO B 218 27.20 -26.04 19.80
CA PRO B 218 28.00 -26.82 18.81
C PRO B 218 29.44 -26.32 18.73
N ALA B 219 30.40 -27.23 18.71
CA ALA B 219 31.81 -26.92 18.68
C ALA B 219 32.21 -25.96 17.57
N GLU B 220 31.57 -26.07 16.41
CA GLU B 220 31.85 -25.22 15.25
C GLU B 220 31.34 -23.79 15.41
N LYS B 221 30.60 -23.47 16.48
CA LYS B 221 30.11 -22.12 16.72
C LYS B 221 30.92 -21.38 17.79
N VAL B 222 31.83 -22.06 18.52
CA VAL B 222 32.59 -21.41 19.58
C VAL B 222 33.37 -20.19 19.09
N PHE B 223 34.00 -20.27 17.91
CA PHE B 223 34.77 -19.14 17.38
C PHE B 223 33.89 -17.89 17.20
N LEU B 224 32.59 -18.06 16.88
CA LEU B 224 31.67 -16.93 16.71
C LEU B 224 31.44 -16.28 18.05
N ALA B 225 31.24 -17.09 19.11
CA ALA B 225 30.99 -16.61 20.46
C ALA B 225 32.24 -15.87 20.95
N GLN B 226 33.44 -16.47 20.72
CA GLN B 226 34.69 -15.86 21.11
C GLN B 226 34.87 -14.47 20.46
N LYS B 227 34.74 -14.40 19.14
CA LYS B 227 34.92 -13.14 18.40
C LYS B 227 33.90 -12.08 18.78
N MET B 228 32.63 -12.49 18.98
CA MET B 228 31.56 -11.56 19.40
C MET B 228 31.86 -10.98 20.81
N MET B 229 32.22 -11.85 21.77
CA MET B 229 32.50 -11.42 23.12
C MET B 229 33.74 -10.56 23.21
N ILE B 230 34.80 -10.90 22.46
CA ILE B 230 36.00 -10.09 22.44
C ILE B 230 35.72 -8.70 21.87
N GLY B 231 34.99 -8.64 20.76
CA GLY B 231 34.59 -7.39 20.13
C GLY B 231 33.79 -6.50 21.06
N ARG B 232 32.78 -7.09 21.76
CA ARG B 232 31.95 -6.31 22.69
C ARG B 232 32.72 -5.83 23.89
N CYS B 233 33.65 -6.63 24.41
CA CYS B 233 34.49 -6.20 25.53
C CYS B 233 35.42 -5.09 25.10
N ASN B 234 35.98 -5.18 23.88
CA ASN B 234 36.84 -4.14 23.31
C ASN B 234 36.04 -2.83 23.16
N LEU B 235 34.80 -2.93 22.71
CA LEU B 235 33.91 -1.79 22.55
C LEU B 235 33.62 -1.16 23.93
N ALA B 236 33.36 -1.98 24.96
CA ALA B 236 33.08 -1.53 26.31
C ALA B 236 34.31 -1.08 27.10
N GLY B 237 35.51 -1.39 26.60
CA GLY B 237 36.74 -1.09 27.31
C GLY B 237 36.91 -1.95 28.54
N LYS B 238 36.41 -3.19 28.52
CA LYS B 238 36.55 -4.11 29.66
C LYS B 238 37.42 -5.32 29.32
N PRO B 239 38.23 -5.80 30.26
CA PRO B 239 39.09 -6.96 29.96
C PRO B 239 38.37 -8.22 29.48
N VAL B 240 38.97 -8.92 28.53
CA VAL B 240 38.43 -10.18 28.05
C VAL B 240 39.58 -11.20 28.00
N VAL B 241 39.35 -12.38 28.55
CA VAL B 241 40.32 -13.46 28.61
C VAL B 241 39.92 -14.54 27.62
N CYS B 242 40.88 -15.04 26.84
CA CYS B 242 40.60 -16.20 25.99
C CYS B 242 41.16 -17.39 26.72
N ALA B 243 40.36 -18.43 26.91
CA ALA B 243 40.80 -19.57 27.71
C ALA B 243 40.50 -20.92 27.07
N THR B 244 41.26 -21.96 27.52
CA THR B 244 41.09 -23.40 27.34
C THR B 244 41.58 -24.00 26.03
N GLN B 245 42.47 -24.98 26.16
CA GLN B 245 43.05 -25.77 25.07
C GLN B 245 43.84 -24.95 24.07
N MET B 246 44.36 -23.80 24.48
CA MET B 246 45.15 -22.96 23.60
C MET B 246 46.41 -23.67 23.14
N LEU B 247 47.11 -24.36 24.06
CA LEU B 247 48.32 -25.12 23.75
C LEU B 247 48.19 -26.53 24.34
N GLU B 248 46.99 -27.12 24.27
CA GLU B 248 46.66 -28.42 24.86
C GLU B 248 47.72 -29.52 24.67
N SER B 249 48.21 -29.73 23.46
CA SER B 249 49.21 -30.79 23.20
C SER B 249 50.49 -30.61 24.02
N MET B 250 50.79 -29.37 24.47
CA MET B 250 51.96 -29.11 25.32
C MET B 250 51.83 -29.71 26.75
N ILE B 251 50.67 -30.32 27.09
CA ILE B 251 50.53 -31.05 28.35
C ILE B 251 51.51 -32.25 28.33
N THR B 252 51.68 -32.90 27.16
CA THR B 252 52.60 -34.03 27.05
C THR B 252 53.76 -33.75 26.10
N LYS B 253 53.59 -32.85 25.11
CA LYS B 253 54.65 -32.58 24.13
C LYS B 253 55.42 -31.28 24.36
N PRO B 254 56.72 -31.22 24.04
CA PRO B 254 57.47 -29.98 24.26
C PRO B 254 57.15 -28.86 23.27
N ARG B 255 56.48 -29.16 22.14
CA ARG B 255 56.15 -28.18 21.10
C ARG B 255 54.67 -28.30 20.74
N PRO B 256 54.00 -27.18 20.46
CA PRO B 256 52.57 -27.26 20.13
C PRO B 256 52.31 -27.62 18.64
N THR B 257 51.04 -27.91 18.33
CA THR B 257 50.64 -28.17 16.97
C THR B 257 50.51 -26.82 16.22
N ARG B 258 50.36 -26.88 14.89
CA ARG B 258 50.19 -25.68 14.09
C ARG B 258 48.87 -25.00 14.38
N ALA B 259 47.83 -25.75 14.75
CA ALA B 259 46.55 -25.17 15.10
C ALA B 259 46.63 -24.41 16.43
N GLU B 260 47.44 -24.89 17.35
CA GLU B 260 47.61 -24.26 18.67
C GLU B 260 48.33 -22.94 18.61
N THR B 261 49.42 -22.83 17.82
CA THR B 261 50.10 -21.53 17.72
C THR B 261 49.17 -20.51 17.01
N SER B 262 48.45 -20.99 15.99
CA SER B 262 47.50 -20.20 15.25
C SER B 262 46.38 -19.70 16.18
N ASP B 263 45.85 -20.57 17.05
CA ASP B 263 44.81 -20.22 18.00
C ASP B 263 45.26 -19.11 18.96
N VAL B 264 46.49 -19.18 19.50
CA VAL B 264 47.01 -18.16 20.38
C VAL B 264 47.14 -16.84 19.62
N ALA B 265 47.69 -16.88 18.41
CA ALA B 265 47.89 -15.68 17.63
C ALA B 265 46.56 -15.02 17.28
N ASN B 266 45.57 -15.82 16.92
CA ASN B 266 44.27 -15.34 16.54
C ASN B 266 43.51 -14.79 17.72
N ALA B 267 43.71 -15.32 18.95
CA ALA B 267 43.05 -14.76 20.13
C ALA B 267 43.56 -13.35 20.38
N VAL B 268 44.88 -13.12 20.24
CA VAL B 268 45.48 -11.80 20.40
C VAL B 268 44.99 -10.87 19.27
N LEU B 269 44.98 -11.37 18.02
CA LEU B 269 44.51 -10.58 16.88
C LEU B 269 43.02 -10.26 17.03
N ASP B 270 42.22 -11.14 17.65
CA ASP B 270 40.79 -10.89 17.89
C ASP B 270 40.61 -9.71 18.84
N GLY B 271 41.56 -9.49 19.75
CA GLY B 271 41.52 -8.41 20.71
C GLY B 271 41.52 -8.85 22.16
N ALA B 272 41.89 -10.11 22.45
CA ALA B 272 41.91 -10.58 23.85
C ALA B 272 42.91 -9.82 24.68
N ASP B 273 42.56 -9.43 25.91
CA ASP B 273 43.50 -8.75 26.81
C ASP B 273 44.43 -9.77 27.44
N CYS B 274 43.89 -10.97 27.76
CA CYS B 274 44.64 -12.04 28.40
C CYS B 274 44.48 -13.36 27.67
N ILE B 275 45.50 -14.18 27.75
CA ILE B 275 45.43 -15.55 27.24
C ILE B 275 45.74 -16.48 28.45
N MET B 276 45.12 -17.65 28.47
CA MET B 276 45.23 -18.54 29.61
C MET B 276 45.79 -19.91 29.30
N LEU B 277 46.44 -20.52 30.29
CA LEU B 277 46.94 -21.88 30.28
C LEU B 277 46.27 -22.60 31.46
N SER B 278 45.63 -23.74 31.18
CA SER B 278 44.97 -24.51 32.19
CA SER B 278 44.97 -24.50 32.23
C SER B 278 45.81 -25.77 32.50
N GLY B 279 45.47 -26.93 31.91
CA GLY B 279 46.21 -28.17 32.09
C GLY B 279 47.67 -28.05 31.72
N GLU B 280 47.96 -27.20 30.74
CA GLU B 280 49.33 -26.96 30.24
C GLU B 280 50.26 -26.55 31.37
N THR B 281 49.73 -25.83 32.39
CA THR B 281 50.59 -25.44 33.51
C THR B 281 50.23 -26.12 34.80
N ALA B 282 48.95 -26.46 34.98
CA ALA B 282 48.50 -27.10 36.21
C ALA B 282 49.00 -28.52 36.37
N LYS B 283 48.99 -29.30 35.28
CA LYS B 283 49.35 -30.71 35.37
C LYS B 283 50.29 -31.23 34.31
N GLY B 284 50.67 -30.39 33.35
CA GLY B 284 51.50 -30.88 32.24
C GLY B 284 52.97 -31.05 32.52
N ASN B 285 53.70 -31.65 31.58
CA ASN B 285 55.14 -31.88 31.68
C ASN B 285 55.97 -30.67 31.35
N PHE B 286 55.39 -29.65 30.68
CA PHE B 286 56.18 -28.48 30.29
C PHE B 286 55.50 -27.15 30.68
N PRO B 287 55.25 -26.90 31.98
CA PRO B 287 54.58 -25.66 32.37
C PRO B 287 55.33 -24.39 31.97
N VAL B 288 56.65 -24.35 32.18
CA VAL B 288 57.44 -23.19 31.86
C VAL B 288 57.49 -22.98 30.35
N GLU B 289 57.65 -24.07 29.59
CA GLU B 289 57.69 -23.99 28.12
C GLU B 289 56.35 -23.51 27.55
N ALA B 290 55.22 -23.89 28.16
CA ALA B 290 53.92 -23.42 27.70
C ALA B 290 53.80 -21.88 27.89
N VAL B 291 54.33 -21.34 29.00
CA VAL B 291 54.34 -19.90 29.26
C VAL B 291 55.24 -19.22 28.25
N LYS B 292 56.45 -19.78 28.02
CA LYS B 292 57.38 -19.22 27.04
C LYS B 292 56.80 -19.19 25.62
N MET B 293 56.07 -20.24 25.22
CA MET B 293 55.46 -20.31 23.91
C MET B 293 54.38 -19.26 23.77
N GLN B 294 53.51 -19.08 24.78
CA GLN B 294 52.48 -18.05 24.74
C GLN B 294 53.09 -16.68 24.69
N HIS B 295 54.20 -16.46 25.42
CA HIS B 295 54.92 -15.20 25.41
C HIS B 295 55.42 -14.89 23.99
N ALA B 296 56.09 -15.87 23.34
CA ALA B 296 56.64 -15.69 22.00
C ALA B 296 55.57 -15.40 20.95
N ILE B 297 54.45 -16.15 20.99
CA ILE B 297 53.38 -15.94 20.02
C ILE B 297 52.68 -14.61 20.23
N ALA B 298 52.38 -14.23 21.50
CA ALA B 298 51.70 -12.97 21.77
C ALA B 298 52.49 -11.77 21.27
N ARG B 299 53.82 -11.75 21.46
CA ARG B 299 54.64 -10.62 20.97
C ARG B 299 54.60 -10.54 19.41
N GLU B 300 54.58 -11.69 18.72
CA GLU B 300 54.50 -11.68 17.26
C GLU B 300 53.13 -11.18 16.83
N ALA B 301 52.07 -11.65 17.48
CA ALA B 301 50.70 -11.30 17.12
C ALA B 301 50.35 -9.88 17.43
N GLU B 302 50.91 -9.31 18.49
CA GLU B 302 50.65 -7.92 18.83
C GLU B 302 51.20 -6.96 17.78
N ALA B 303 52.39 -7.25 17.23
CA ALA B 303 52.95 -6.41 16.20
C ALA B 303 52.12 -6.49 14.91
N ALA B 304 51.46 -7.65 14.64
CA ALA B 304 50.66 -7.88 13.44
C ALA B 304 49.26 -7.27 13.53
N VAL B 305 48.88 -6.66 14.67
CA VAL B 305 47.55 -6.04 14.79
C VAL B 305 47.50 -4.83 13.81
N TYR B 306 46.39 -4.67 13.09
CA TYR B 306 46.24 -3.58 12.13
C TYR B 306 45.71 -2.35 12.87
N HIS B 307 46.59 -1.64 13.59
CA HIS B 307 46.22 -0.49 14.42
C HIS B 307 45.53 0.62 13.67
N ARG B 308 45.86 0.84 12.39
CA ARG B 308 45.25 1.91 11.61
C ARG B 308 43.74 1.77 11.56
N GLN B 309 43.22 0.57 11.25
CA GLN B 309 41.78 0.35 11.23
C GLN B 309 41.24 0.25 12.64
N LEU B 310 41.95 -0.46 13.53
CA LEU B 310 41.51 -0.63 14.91
C LEU B 310 41.27 0.70 15.64
N PHE B 311 42.23 1.63 15.62
CA PHE B 311 42.10 2.93 16.29
C PHE B 311 40.97 3.75 15.66
N GLU B 312 40.86 3.75 14.34
CA GLU B 312 39.80 4.45 13.61
C GLU B 312 38.43 3.92 14.01
N GLU B 313 38.29 2.60 14.11
CA GLU B 313 37.03 1.96 14.49
C GLU B 313 36.69 2.16 15.96
N LEU B 314 37.69 2.13 16.86
CA LEU B 314 37.47 2.40 18.28
C LEU B 314 37.01 3.87 18.42
N ARG B 315 37.59 4.82 17.61
CA ARG B 315 37.19 6.24 17.61
C ARG B 315 35.77 6.47 17.10
N ARG B 316 35.41 5.77 16.01
CA ARG B 316 34.08 5.88 15.39
C ARG B 316 32.99 5.23 16.27
N ALA B 317 33.30 4.10 16.93
CA ALA B 317 32.30 3.40 17.73
C ALA B 317 32.12 3.95 19.11
N ALA B 318 33.18 4.51 19.70
CA ALA B 318 33.10 5.01 21.08
C ALA B 318 32.26 6.28 21.07
N PRO B 319 31.32 6.39 22.01
CA PRO B 319 30.51 7.61 22.06
C PRO B 319 31.32 8.80 22.58
N LEU B 320 30.89 10.01 22.26
CA LEU B 320 31.54 11.22 22.77
C LEU B 320 31.48 11.22 24.30
N SER B 321 32.47 11.85 24.91
CA SER B 321 32.55 11.81 26.37
C SER B 321 32.88 13.11 26.97
N ARG B 322 32.27 13.40 28.09
CA ARG B 322 32.59 14.58 28.87
C ARG B 322 33.41 14.22 30.13
N ASP B 323 33.95 12.98 30.21
CA ASP B 323 34.79 12.54 31.31
C ASP B 323 36.23 12.90 30.95
N PRO B 324 36.86 13.79 31.72
CA PRO B 324 38.23 14.20 31.40
C PRO B 324 39.26 13.07 31.29
N THR B 325 39.11 11.97 32.05
CA THR B 325 40.04 10.85 31.96
C THR B 325 39.92 10.21 30.57
N GLU B 326 38.69 10.04 30.09
CA GLU B 326 38.40 9.48 28.79
C GLU B 326 38.93 10.39 27.66
N VAL B 327 38.69 11.71 27.77
CA VAL B 327 39.14 12.68 26.79
C VAL B 327 40.68 12.74 26.75
N THR B 328 41.33 12.69 27.91
CA THR B 328 42.80 12.74 27.97
C THR B 328 43.38 11.46 27.40
N ALA B 329 42.77 10.30 27.66
CA ALA B 329 43.23 9.01 27.18
C ALA B 329 43.26 8.94 25.64
N ILE B 330 42.20 9.41 24.95
CA ILE B 330 42.22 9.40 23.49
C ILE B 330 43.23 10.42 22.93
N GLY B 331 43.38 11.58 23.58
CA GLY B 331 44.37 12.55 23.14
C GLY B 331 45.78 12.01 23.31
N ALA B 332 46.04 11.29 24.43
CA ALA B 332 47.36 10.69 24.68
C ALA B 332 47.70 9.58 23.68
N VAL B 333 46.71 8.75 23.32
CA VAL B 333 46.93 7.67 22.37
C VAL B 333 47.16 8.24 20.96
N GLU B 334 46.40 9.27 20.59
CA GLU B 334 46.58 9.95 19.30
CA GLU B 334 46.58 9.95 19.30
C GLU B 334 47.98 10.57 19.23
N ALA B 335 48.43 11.22 20.31
CA ALA B 335 49.75 11.83 20.38
C ALA B 335 50.85 10.75 20.30
N ALA B 336 50.67 9.61 20.98
CA ALA B 336 51.61 8.52 20.95
C ALA B 336 51.79 7.97 19.51
N PHE B 337 50.67 7.79 18.77
CA PHE B 337 50.73 7.31 17.38
C PHE B 337 51.42 8.31 16.47
N LYS B 338 51.18 9.62 16.67
CA LYS B 338 51.76 10.70 15.87
C LYS B 338 53.27 10.71 15.90
N CYS B 339 53.89 10.40 17.05
CA CYS B 339 55.35 10.46 17.17
C CYS B 339 56.02 9.13 17.33
N CYS B 340 55.27 8.01 17.23
CA CYS B 340 55.80 6.66 17.47
C CYS B 340 56.38 6.59 18.88
N ALA B 341 55.62 7.10 19.87
CA ALA B 341 56.08 7.16 21.26
C ALA B 341 56.45 5.77 21.77
N ALA B 342 57.51 5.72 22.55
CA ALA B 342 57.97 4.45 23.10
C ALA B 342 57.02 4.00 24.22
N ALA B 343 56.53 4.95 25.04
CA ALA B 343 55.65 4.60 26.16
C ALA B 343 54.69 5.75 26.51
N ILE B 344 53.64 5.44 27.29
CA ILE B 344 52.71 6.38 27.85
C ILE B 344 52.82 6.14 29.37
N ILE B 345 53.39 7.09 30.13
CA ILE B 345 53.54 6.92 31.57
C ILE B 345 52.33 7.54 32.22
N VAL B 346 51.58 6.76 33.00
CA VAL B 346 50.36 7.26 33.63
C VAL B 346 50.38 7.03 35.14
N LEU B 347 49.90 8.02 35.89
CA LEU B 347 49.80 7.89 37.35
C LEU B 347 48.39 7.44 37.61
N THR B 348 48.25 6.36 38.39
CA THR B 348 46.93 5.84 38.67
C THR B 348 46.81 5.31 40.10
N THR B 349 45.64 5.49 40.71
CA THR B 349 45.40 5.00 42.07
C THR B 349 44.69 3.62 41.99
N THR B 350 43.65 3.53 41.17
CA THR B 350 42.84 2.32 41.01
C THR B 350 43.15 1.54 39.74
N GLY B 351 43.91 2.10 38.82
CA GLY B 351 44.22 1.48 37.53
C GLY B 351 43.32 2.01 36.42
N ARG B 352 42.25 2.75 36.75
CA ARG B 352 41.28 3.24 35.76
C ARG B 352 41.89 4.07 34.63
N SER B 353 42.79 5.03 34.93
CA SER B 353 43.40 5.84 33.87
C SER B 353 44.22 4.97 32.90
N ALA B 354 44.89 3.94 33.42
CA ALA B 354 45.66 3.03 32.59
C ALA B 354 44.69 2.17 31.72
N GLN B 355 43.54 1.76 32.28
CA GLN B 355 42.52 1.01 31.56
C GLN B 355 41.94 1.83 30.41
N LEU B 356 41.70 3.13 30.62
CA LEU B 356 41.15 3.98 29.55
C LEU B 356 42.15 4.23 28.44
N LEU B 357 43.45 4.18 28.75
CA LEU B 357 44.49 4.30 27.71
C LEU B 357 44.50 2.97 26.92
N SER B 358 44.49 1.85 27.63
CA SER B 358 44.51 0.50 27.11
C SER B 358 43.33 0.21 26.14
N ARG B 359 42.13 0.78 26.35
CA ARG B 359 40.98 0.50 25.47
C ARG B 359 41.20 1.04 24.04
N TYR B 360 42.09 2.06 23.86
CA TYR B 360 42.37 2.56 22.50
C TYR B 360 43.49 1.78 21.81
N ARG B 361 44.01 0.73 22.45
CA ARG B 361 45.02 -0.15 21.95
C ARG B 361 46.24 0.58 21.38
N PRO B 362 46.91 1.43 22.18
CA PRO B 362 48.13 2.07 21.65
C PRO B 362 49.21 1.02 21.39
N ARG B 363 50.05 1.32 20.45
CA ARG B 363 51.23 0.50 20.19
C ARG B 363 52.26 0.79 21.32
N ALA B 364 52.27 2.03 21.90
CA ALA B 364 53.13 2.40 23.01
C ALA B 364 52.76 1.64 24.28
N ALA B 365 53.77 1.20 25.06
CA ALA B 365 53.55 0.53 26.34
C ALA B 365 52.95 1.53 27.34
N VAL B 366 51.95 1.11 28.13
CA VAL B 366 51.35 1.98 29.13
C VAL B 366 51.99 1.64 30.45
N ILE B 367 52.94 2.46 30.89
CA ILE B 367 53.63 2.23 32.16
C ILE B 367 52.82 2.89 33.27
N ALA B 368 52.14 2.07 34.10
CA ALA B 368 51.25 2.59 35.13
C ALA B 368 51.94 2.68 36.48
N VAL B 369 52.21 3.89 36.97
CA VAL B 369 52.86 4.11 38.26
C VAL B 369 51.79 4.23 39.34
N THR B 370 51.82 3.34 40.33
CA THR B 370 50.82 3.33 41.38
C THR B 370 51.42 3.01 42.72
N ARG B 371 50.78 3.50 43.79
CA ARG B 371 51.18 3.15 45.16
C ARG B 371 50.39 1.90 45.64
N SER B 372 49.26 1.59 45.00
CA SER B 372 48.41 0.47 45.37
C SER B 372 48.97 -0.85 44.82
N ALA B 373 49.40 -1.76 45.70
CA ALA B 373 49.89 -3.09 45.30
C ALA B 373 48.76 -3.90 44.65
N GLN B 374 47.52 -3.76 45.11
CA GLN B 374 46.39 -4.49 44.51
C GLN B 374 46.11 -3.99 43.10
N ALA B 375 46.14 -2.66 42.89
CA ALA B 375 45.93 -2.10 41.55
C ALA B 375 47.06 -2.55 40.62
N ALA B 376 48.30 -2.57 41.10
CA ALA B 376 49.44 -3.01 40.30
C ALA B 376 49.24 -4.48 39.83
N ARG B 377 48.67 -5.35 40.67
CA ARG B 377 48.39 -6.74 40.29
C ARG B 377 47.21 -6.83 39.33
N GLN B 378 46.13 -6.08 39.62
CA GLN B 378 44.93 -6.14 38.79
C GLN B 378 45.08 -5.54 37.38
N VAL B 379 45.91 -4.48 37.17
CA VAL B 379 46.08 -3.88 35.83
C VAL B 379 46.56 -4.87 34.79
N HIS B 380 47.13 -6.02 35.21
CA HIS B 380 47.51 -7.08 34.28
C HIS B 380 46.31 -7.56 33.43
N LEU B 381 45.07 -7.31 33.88
CA LEU B 381 43.88 -7.66 33.12
C LEU B 381 43.75 -6.80 31.83
N CYS B 382 44.40 -5.64 31.77
CA CYS B 382 44.32 -4.68 30.66
C CYS B 382 45.51 -4.79 29.77
N ARG B 383 45.27 -5.08 28.48
CA ARG B 383 46.36 -5.24 27.53
C ARG B 383 47.26 -4.01 27.44
N GLY B 384 48.56 -4.24 27.48
CA GLY B 384 49.53 -3.18 27.31
C GLY B 384 49.83 -2.34 28.51
N VAL B 385 49.38 -2.76 29.69
CA VAL B 385 49.65 -2.06 30.93
C VAL B 385 50.77 -2.73 31.72
N PHE B 386 51.86 -2.00 31.98
CA PHE B 386 53.03 -2.47 32.72
C PHE B 386 53.05 -1.77 34.09
N PRO B 387 52.62 -2.48 35.14
CA PRO B 387 52.54 -1.85 36.47
C PRO B 387 53.86 -1.62 37.18
N LEU B 388 54.08 -0.41 37.72
CA LEU B 388 55.24 -0.09 38.55
C LEU B 388 54.74 0.29 39.92
N LEU B 389 55.12 -0.46 40.93
CA LEU B 389 54.71 -0.16 42.29
C LEU B 389 55.68 0.85 42.90
N TYR B 390 55.18 2.03 43.25
CA TYR B 390 55.97 3.08 43.86
C TYR B 390 55.88 2.95 45.37
N ARG B 391 57.03 2.82 46.06
CA ARG B 391 57.00 2.64 47.51
C ARG B 391 57.58 3.82 48.32
N GLU B 392 58.11 4.86 47.64
CA GLU B 392 58.63 6.04 48.34
C GLU B 392 57.57 6.81 49.11
N PRO B 393 57.97 7.40 50.27
CA PRO B 393 57.01 8.18 51.06
C PRO B 393 56.65 9.50 50.37
N PRO B 394 55.42 9.97 50.57
CA PRO B 394 54.99 11.21 49.89
C PRO B 394 55.83 12.44 50.18
N GLU B 395 56.07 13.26 49.15
CA GLU B 395 56.74 14.54 49.28
C GLU B 395 55.77 15.50 49.95
N ALA B 396 56.32 16.58 50.58
CA ALA B 396 55.51 17.59 51.24
C ALA B 396 54.66 18.33 50.19
N ILE B 397 55.28 18.67 49.05
CA ILE B 397 54.56 19.36 47.99
C ILE B 397 54.01 18.32 47.01
N TRP B 398 52.67 18.29 46.86
CA TRP B 398 51.99 17.34 45.98
C TRP B 398 52.55 17.34 44.53
N ALA B 399 52.78 18.52 43.95
CA ALA B 399 53.31 18.61 42.59
C ALA B 399 54.67 17.93 42.47
N ASP B 400 55.49 17.99 43.53
CA ASP B 400 56.81 17.37 43.54
C ASP B 400 56.68 15.86 43.65
N ASP B 401 55.70 15.37 44.41
CA ASP B 401 55.45 13.95 44.58
C ASP B 401 55.02 13.31 43.20
N VAL B 402 54.19 14.04 42.44
CA VAL B 402 53.73 13.68 41.11
C VAL B 402 54.96 13.61 40.20
N ASP B 403 55.77 14.70 40.15
CA ASP B 403 56.99 14.75 39.34
C ASP B 403 57.95 13.60 39.69
N ARG B 404 58.08 13.25 40.99
CA ARG B 404 58.95 12.14 41.36
C ARG B 404 58.43 10.82 40.83
N ARG B 405 57.11 10.62 40.83
CA ARG B 405 56.53 9.38 40.34
C ARG B 405 56.73 9.29 38.82
N VAL B 406 56.61 10.42 38.09
CA VAL B 406 56.82 10.46 36.65
C VAL B 406 58.28 10.11 36.36
N GLN B 407 59.21 10.73 37.10
CA GLN B 407 60.64 10.46 36.94
C GLN B 407 61.00 9.03 37.29
N PHE B 408 60.33 8.43 38.29
CA PHE B 408 60.51 7.02 38.66
C PHE B 408 60.10 6.12 37.46
N GLY B 409 59.00 6.50 36.78
CA GLY B 409 58.50 5.78 35.62
C GLY B 409 59.50 5.85 34.49
N ILE B 410 60.09 7.05 34.27
CA ILE B 410 61.09 7.28 33.22
C ILE B 410 62.37 6.54 33.52
N GLU B 411 62.87 6.62 34.73
CA GLU B 411 64.11 5.94 35.11
C GLU B 411 63.98 4.44 35.02
N SER B 412 62.93 3.90 35.61
CA SER B 412 62.67 2.47 35.53
C SER B 412 62.43 2.03 34.06
N GLY B 413 61.83 2.91 33.25
CA GLY B 413 61.58 2.68 31.84
C GLY B 413 62.88 2.60 31.06
N LYS B 414 63.81 3.54 31.34
CA LYS B 414 65.11 3.59 30.72
C LYS B 414 65.93 2.38 31.12
N LEU B 415 66.02 2.05 32.42
CA LEU B 415 66.81 0.91 32.90
C LEU B 415 66.25 -0.46 32.46
N ARG B 416 65.01 -0.51 31.97
CA ARG B 416 64.44 -1.74 31.49
C ARG B 416 64.34 -1.82 29.94
N GLY B 417 64.94 -0.85 29.24
CA GLY B 417 64.89 -0.85 27.79
C GLY B 417 63.60 -0.39 27.17
N PHE B 418 62.56 -0.12 27.98
CA PHE B 418 61.31 0.43 27.45
C PHE B 418 61.56 1.81 26.80
N LEU B 419 62.48 2.57 27.35
CA LEU B 419 62.80 3.90 26.90
C LEU B 419 64.27 4.00 26.60
N ARG B 420 64.55 4.86 25.63
CA ARG B 420 65.89 5.17 25.19
C ARG B 420 66.02 6.69 25.14
N VAL B 421 67.24 7.21 25.29
CA VAL B 421 67.50 8.63 25.14
C VAL B 421 67.12 9.06 23.71
N GLY B 422 66.37 10.14 23.59
CA GLY B 422 65.88 10.59 22.30
C GLY B 422 64.44 10.18 22.01
N ASP B 423 63.89 9.24 22.80
CA ASP B 423 62.52 8.81 22.65
C ASP B 423 61.56 9.91 23.10
N LEU B 424 60.34 9.85 22.58
CA LEU B 424 59.29 10.73 23.03
C LEU B 424 58.39 9.85 23.88
N VAL B 425 58.03 10.41 25.04
CA VAL B 425 57.14 9.76 25.98
C VAL B 425 55.90 10.65 26.19
N ILE B 426 54.71 10.04 26.34
CA ILE B 426 53.50 10.78 26.67
C ILE B 426 53.28 10.56 28.16
N VAL B 427 53.09 11.63 28.93
CA VAL B 427 52.87 11.52 30.39
C VAL B 427 51.47 11.95 30.74
N VAL B 428 50.71 11.08 31.42
CA VAL B 428 49.32 11.33 31.78
C VAL B 428 49.16 11.45 33.30
N THR B 429 48.72 12.63 33.76
CA THR B 429 48.56 12.94 35.20
C THR B 429 47.20 13.69 35.42
N GLY B 430 46.90 14.03 36.68
CA GLY B 430 45.71 14.77 37.06
C GLY B 430 46.03 16.12 37.68
N TRP B 431 44.98 16.92 37.92
CA TRP B 431 45.12 18.28 38.45
C TRP B 431 45.04 18.37 40.00
N ARG B 432 44.57 17.30 40.66
CA ARG B 432 44.48 17.25 42.11
C ARG B 432 44.66 15.82 42.62
N PRO B 433 44.98 15.59 43.93
CA PRO B 433 45.15 14.21 44.40
C PRO B 433 43.84 13.40 44.38
N GLY B 434 43.96 12.09 44.52
CA GLY B 434 42.83 11.19 44.53
C GLY B 434 42.44 10.70 43.15
N SER B 435 41.78 9.57 43.09
CA SER B 435 41.29 8.93 41.89
C SER B 435 40.22 9.76 41.17
N GLY B 436 40.19 9.70 39.84
CA GLY B 436 39.15 10.36 39.04
C GLY B 436 39.46 11.71 38.45
N TYR B 437 40.67 12.25 38.67
CA TYR B 437 40.99 13.60 38.19
C TYR B 437 42.04 13.69 37.10
N THR B 438 42.32 12.58 36.38
CA THR B 438 43.26 12.63 35.26
C THR B 438 42.73 13.58 34.19
N ASN B 439 43.55 14.53 33.75
CA ASN B 439 43.11 15.50 32.75
C ASN B 439 44.28 16.14 32.00
N ILE B 440 45.53 15.71 32.24
CA ILE B 440 46.70 16.33 31.62
C ILE B 440 47.49 15.32 30.82
N MET B 441 47.93 15.73 29.64
CA MET B 441 48.79 14.94 28.80
CA MET B 441 48.76 14.97 28.72
C MET B 441 49.99 15.84 28.43
N ARG B 442 51.20 15.30 28.62
CA ARG B 442 52.43 16.05 28.31
C ARG B 442 53.30 15.25 27.36
N VAL B 443 53.98 15.95 26.46
CA VAL B 443 54.90 15.30 25.52
C VAL B 443 56.29 15.60 26.06
N LEU B 444 57.03 14.56 26.43
CA LEU B 444 58.35 14.73 27.00
C LEU B 444 59.44 14.05 26.16
N SER B 445 60.59 14.72 25.97
CA SER B 445 61.71 14.10 25.25
C SER B 445 62.66 13.47 26.27
N ILE B 446 63.02 12.18 26.06
CA ILE B 446 63.87 11.48 27.00
C ILE B 446 65.33 11.90 26.86
N SER B 447 65.92 12.37 27.95
CA SER B 447 67.31 12.78 27.95
C SER B 447 68.11 11.89 28.93
N GLU C 21 48.70 -1.33 -25.59
CA GLU C 21 48.32 -0.66 -24.36
C GLU C 21 47.81 0.80 -24.61
N LEU C 22 47.49 1.56 -23.54
CA LEU C 22 46.94 2.90 -23.68
C LEU C 22 47.99 4.02 -23.72
N GLY C 23 49.14 3.79 -23.09
CA GLY C 23 50.22 4.79 -23.08
C GLY C 23 50.19 5.71 -21.87
N THR C 24 51.35 6.34 -21.58
CA THR C 24 51.47 7.26 -20.44
C THR C 24 50.70 8.57 -20.67
N ALA C 25 50.60 9.01 -21.93
CA ALA C 25 49.87 10.23 -22.27
C ALA C 25 48.39 10.10 -21.93
N PHE C 26 47.81 8.89 -22.09
CA PHE C 26 46.41 8.62 -21.76
C PHE C 26 46.18 8.89 -20.27
N PHE C 27 47.09 8.41 -19.41
CA PHE C 27 46.95 8.55 -17.97
C PHE C 27 47.31 9.94 -17.42
N GLN C 28 47.79 10.87 -18.28
CA GLN C 28 48.06 12.23 -17.84
C GLN C 28 46.87 13.18 -18.16
N GLN C 29 46.04 12.83 -19.16
CA GLN C 29 44.87 13.60 -19.56
C GLN C 29 43.68 13.33 -18.62
N GLN C 30 42.58 14.11 -18.80
CA GLN C 30 41.30 14.06 -18.08
C GLN C 30 41.42 13.85 -16.55
N GLN C 31 42.40 14.52 -15.94
CA GLN C 31 42.67 14.47 -14.49
C GLN C 31 42.76 13.04 -13.96
N LEU C 32 43.27 12.10 -14.78
CA LEU C 32 43.39 10.72 -14.34
C LEU C 32 44.34 10.57 -13.12
N PRO C 33 45.47 11.30 -12.99
CA PRO C 33 46.25 11.21 -11.73
C PRO C 33 45.40 11.60 -10.52
N ALA C 34 44.59 12.68 -10.61
CA ALA C 34 43.71 13.11 -9.52
C ALA C 34 42.59 12.10 -9.26
N ALA C 35 42.12 11.43 -10.31
CA ALA C 35 41.06 10.43 -10.25
C ALA C 35 41.50 9.17 -9.52
N MET C 36 42.79 8.81 -9.63
CA MET C 36 43.34 7.62 -8.98
C MET C 36 43.74 7.84 -7.51
N ALA C 37 43.60 9.08 -6.98
CA ALA C 37 44.01 9.38 -5.60
C ALA C 37 43.24 8.60 -4.56
N ASP C 38 43.89 8.33 -3.41
CA ASP C 38 43.32 7.55 -2.32
C ASP C 38 42.41 8.34 -1.38
N THR C 39 42.53 9.68 -1.36
CA THR C 39 41.69 10.54 -0.55
C THR C 39 41.21 11.73 -1.39
N PHE C 40 40.14 12.38 -0.94
CA PHE C 40 39.61 13.56 -1.60
C PHE C 40 40.65 14.71 -1.52
N LEU C 41 41.37 14.83 -0.41
CA LEU C 41 42.39 15.85 -0.23
C LEU C 41 43.52 15.65 -1.24
N GLU C 42 44.01 14.40 -1.40
CA GLU C 42 45.05 14.06 -2.40
CA GLU C 42 45.06 14.13 -2.39
C GLU C 42 44.53 14.33 -3.82
N HIS C 43 43.23 14.06 -4.05
CA HIS C 43 42.57 14.27 -5.33
C HIS C 43 42.66 15.74 -5.70
N LEU C 44 42.31 16.66 -4.76
CA LEU C 44 42.40 18.09 -4.99
C LEU C 44 43.83 18.51 -5.27
N CYS C 45 44.79 18.00 -4.48
CA CYS C 45 46.22 18.31 -4.65
C CYS C 45 46.77 17.91 -6.03
N LEU C 46 46.18 16.87 -6.64
CA LEU C 46 46.62 16.36 -7.93
C LEU C 46 45.94 16.98 -9.14
N LEU C 47 44.97 17.90 -8.96
CA LEU C 47 44.33 18.58 -10.08
C LEU C 47 45.37 19.39 -10.86
N ASP C 48 45.36 19.29 -12.19
CA ASP C 48 46.38 19.88 -13.03
C ASP C 48 45.76 20.71 -14.14
N ILE C 49 46.11 21.99 -14.22
CA ILE C 49 45.62 22.88 -15.27
C ILE C 49 46.11 22.43 -16.67
N ASP C 50 47.18 21.63 -16.75
CA ASP C 50 47.69 21.12 -18.01
C ASP C 50 47.10 19.76 -18.41
N SER C 51 46.25 19.16 -17.57
CA SER C 51 45.64 17.88 -17.87
C SER C 51 44.38 18.18 -18.67
N GLU C 52 44.44 18.03 -20.00
CA GLU C 52 43.32 18.38 -20.86
C GLU C 52 42.13 17.42 -20.83
N PRO C 53 40.89 17.98 -20.87
CA PRO C 53 39.72 17.12 -20.93
C PRO C 53 39.64 16.41 -22.30
N VAL C 54 39.27 15.11 -22.28
CA VAL C 54 39.17 14.36 -23.52
C VAL C 54 37.74 13.92 -23.80
N ALA C 55 37.03 13.51 -22.75
CA ALA C 55 35.65 13.08 -22.88
C ALA C 55 34.71 14.19 -23.34
N ALA C 56 33.61 13.79 -23.98
CA ALA C 56 32.60 14.73 -24.41
C ALA C 56 31.93 15.35 -23.14
N ARG C 57 31.44 16.58 -23.26
CA ARG C 57 30.78 17.27 -22.15
C ARG C 57 29.51 16.54 -21.81
N SER C 58 29.36 16.16 -20.55
CA SER C 58 28.24 15.35 -20.13
C SER C 58 27.11 16.13 -19.41
N THR C 59 27.39 17.33 -18.84
CA THR C 59 26.34 18.12 -18.18
C THR C 59 25.62 18.93 -19.25
N SER C 60 24.30 18.76 -19.39
CA SER C 60 23.55 19.47 -20.41
C SER C 60 23.43 20.93 -20.15
N ILE C 61 23.36 21.70 -21.20
CA ILE C 61 23.18 23.14 -21.10
C ILE C 61 21.77 23.48 -21.53
N ILE C 62 21.03 24.15 -20.65
CA ILE C 62 19.71 24.63 -20.95
C ILE C 62 19.89 26.12 -21.28
N ALA C 63 19.46 26.53 -22.47
CA ALA C 63 19.56 27.94 -22.85
C ALA C 63 18.18 28.51 -23.03
N THR C 64 17.90 29.65 -22.41
CA THR C 64 16.60 30.28 -22.57
C THR C 64 16.55 31.00 -23.93
N ILE C 65 15.59 30.62 -24.79
CA ILE C 65 15.42 31.24 -26.10
C ILE C 65 14.47 32.44 -26.02
N GLY C 66 14.98 33.64 -26.27
CA GLY C 66 14.21 34.88 -26.22
C GLY C 66 14.64 35.84 -27.31
N PRO C 67 14.39 37.15 -27.14
CA PRO C 67 14.75 38.12 -28.19
C PRO C 67 16.18 38.04 -28.74
N ALA C 68 17.17 37.82 -27.85
CA ALA C 68 18.57 37.72 -28.25
C ALA C 68 18.98 36.41 -28.89
N SER C 69 18.12 35.38 -28.85
CA SER C 69 18.53 34.05 -29.33
C SER C 69 17.51 33.32 -30.17
N ARG C 70 16.56 34.03 -30.72
CA ARG C 70 15.42 33.50 -31.46
C ARG C 70 15.57 33.15 -32.93
N SER C 71 16.45 33.85 -33.66
CA SER C 71 16.60 33.64 -35.10
C SER C 71 17.16 32.26 -35.41
N VAL C 72 16.78 31.69 -36.56
CA VAL C 72 17.25 30.36 -36.97
C VAL C 72 18.77 30.34 -37.09
N GLU C 73 19.38 31.42 -37.60
CA GLU C 73 20.82 31.48 -37.75
C GLU C 73 21.52 31.52 -36.40
N ARG C 74 20.96 32.25 -35.44
CA ARG C 74 21.52 32.36 -34.10
C ARG C 74 21.36 31.00 -33.36
N LEU C 75 20.21 30.34 -33.54
CA LEU C 75 19.93 29.05 -32.97
C LEU C 75 20.85 27.96 -33.48
N LYS C 76 21.26 28.04 -34.75
CA LYS C 76 22.23 27.09 -35.30
C LYS C 76 23.58 27.26 -34.59
N GLU C 77 23.97 28.51 -34.33
CA GLU C 77 25.21 28.81 -33.62
C GLU C 77 25.15 28.34 -32.17
N MET C 78 23.97 28.46 -31.53
CA MET C 78 23.82 28.00 -30.15
CA MET C 78 23.82 28.00 -30.16
C MET C 78 23.84 26.47 -30.05
N ILE C 79 23.33 25.78 -31.08
CA ILE C 79 23.36 24.33 -31.11
C ILE C 79 24.84 23.90 -31.27
N LYS C 80 25.58 24.56 -32.17
CA LYS C 80 27.00 24.27 -32.38
C LYS C 80 27.84 24.59 -31.14
N ALA C 81 27.45 25.62 -30.37
CA ALA C 81 28.15 25.97 -29.16
C ALA C 81 27.92 24.96 -28.03
N GLY C 82 26.82 24.21 -28.08
CA GLY C 82 26.52 23.19 -27.08
C GLY C 82 25.14 23.15 -26.44
N MET C 83 24.19 24.02 -26.84
CA MET C 83 22.84 24.01 -26.26
C MET C 83 22.16 22.64 -26.48
N ASN C 84 21.64 22.04 -25.39
CA ASN C 84 20.96 20.73 -25.47
C ASN C 84 19.45 20.85 -25.25
N ILE C 85 19.03 21.83 -24.44
CA ILE C 85 17.64 22.07 -24.12
C ILE C 85 17.33 23.55 -24.31
N ALA C 86 16.26 23.84 -25.04
CA ALA C 86 15.81 25.22 -25.29
C ALA C 86 14.70 25.51 -24.29
N ARG C 87 14.90 26.50 -23.43
CA ARG C 87 13.89 26.87 -22.44
C ARG C 87 13.05 28.05 -22.94
N LEU C 88 11.73 27.97 -22.78
CA LEU C 88 10.83 29.06 -23.16
C LEU C 88 10.16 29.56 -21.91
N ASN C 89 10.46 30.82 -21.54
CA ASN C 89 9.94 31.37 -20.30
C ASN C 89 8.58 31.95 -20.50
N PHE C 90 7.56 31.25 -20.03
CA PHE C 90 6.18 31.72 -20.19
C PHE C 90 5.81 32.85 -19.22
N SER C 91 6.77 33.39 -18.48
CA SER C 91 6.55 34.62 -17.71
C SER C 91 6.59 35.84 -18.67
N HIS C 92 7.11 35.69 -19.89
CA HIS C 92 7.26 36.71 -20.90
C HIS C 92 6.66 36.25 -22.24
N GLY C 93 6.50 37.18 -23.17
CA GLY C 93 6.03 36.92 -24.52
C GLY C 93 4.58 36.49 -24.55
N SER C 94 4.23 35.73 -25.57
CA SER C 94 2.87 35.23 -25.77
C SER C 94 2.95 33.81 -26.36
N HIS C 95 1.79 33.13 -26.53
CA HIS C 95 1.73 31.83 -27.17
C HIS C 95 2.25 31.92 -28.60
N GLU C 96 1.87 32.98 -29.34
CA GLU C 96 2.30 33.18 -30.73
C GLU C 96 3.82 33.38 -30.79
N TYR C 97 4.38 34.16 -29.83
CA TYR C 97 5.80 34.43 -29.76
C TYR C 97 6.59 33.14 -29.51
N HIS C 98 6.18 32.37 -28.49
CA HIS C 98 6.83 31.12 -28.13
C HIS C 98 6.66 30.05 -29.20
N ALA C 99 5.51 30.01 -29.90
CA ALA C 99 5.33 29.04 -30.99
C ALA C 99 6.31 29.33 -32.10
N GLU C 100 6.58 30.63 -32.39
CA GLU C 100 7.54 31.02 -33.43
CA GLU C 100 7.55 30.97 -33.44
C GLU C 100 8.95 30.56 -32.98
N SER C 101 9.29 30.78 -31.70
CA SER C 101 10.57 30.38 -31.16
C SER C 101 10.75 28.84 -31.29
N ILE C 102 9.73 28.04 -30.92
CA ILE C 102 9.73 26.57 -31.05
C ILE C 102 9.98 26.16 -32.49
N ALA C 103 9.26 26.79 -33.44
CA ALA C 103 9.42 26.50 -34.87
C ALA C 103 10.86 26.79 -35.33
N ASN C 104 11.45 27.90 -34.87
CA ASN C 104 12.81 28.28 -35.22
C ASN C 104 13.81 27.30 -34.66
N VAL C 105 13.59 26.80 -33.41
CA VAL C 105 14.48 25.80 -32.82
C VAL C 105 14.42 24.55 -33.66
N ARG C 106 13.21 24.06 -33.97
CA ARG C 106 13.05 22.84 -34.78
C ARG C 106 13.67 22.99 -36.18
N GLU C 107 13.54 24.18 -36.78
CA GLU C 107 14.13 24.44 -38.08
C GLU C 107 15.65 24.40 -37.99
N ALA C 108 16.24 25.04 -36.93
CA ALA C 108 17.69 25.03 -36.73
C ALA C 108 18.21 23.61 -36.45
N VAL C 109 17.47 22.81 -35.66
CA VAL C 109 17.87 21.44 -35.36
C VAL C 109 17.86 20.59 -36.64
N GLU C 110 16.79 20.73 -37.45
CA GLU C 110 16.70 19.93 -38.67
C GLU C 110 17.65 20.34 -39.78
N SER C 111 18.25 21.54 -39.68
CA SER C 111 19.24 21.97 -40.67
C SER C 111 20.53 21.12 -40.64
N PHE C 112 20.73 20.32 -39.59
CA PHE C 112 21.86 19.44 -39.46
C PHE C 112 21.48 17.98 -39.72
N ALA C 113 20.23 17.68 -40.13
CA ALA C 113 19.81 16.29 -40.36
C ALA C 113 20.56 15.57 -41.50
N GLY C 114 21.17 16.33 -42.41
CA GLY C 114 21.93 15.74 -43.51
C GLY C 114 23.27 15.12 -43.11
N SER C 115 23.83 15.62 -42.01
CA SER C 115 25.14 15.20 -41.51
C SER C 115 25.10 14.49 -40.16
N PRO C 116 25.40 13.17 -40.12
CA PRO C 116 25.37 12.43 -38.84
C PRO C 116 26.35 12.91 -37.76
N LEU C 117 27.39 13.65 -38.14
CA LEU C 117 28.39 14.17 -37.22
C LEU C 117 27.93 15.48 -36.51
N SER C 118 27.00 16.22 -37.13
CA SER C 118 26.50 17.46 -36.53
CA SER C 118 26.50 17.48 -36.57
C SER C 118 25.06 17.38 -36.03
N TYR C 119 24.25 16.39 -36.52
CA TYR C 119 22.86 16.28 -36.05
C TYR C 119 22.75 16.00 -34.55
N ARG C 120 22.12 16.93 -33.82
CA ARG C 120 21.89 16.78 -32.38
C ARG C 120 20.45 17.10 -31.99
N PRO C 121 19.75 16.17 -31.33
CA PRO C 121 18.40 16.48 -30.82
C PRO C 121 18.49 17.56 -29.74
N VAL C 122 17.47 18.41 -29.68
CA VAL C 122 17.42 19.48 -28.71
C VAL C 122 16.04 19.40 -28.07
N ALA C 123 15.98 19.25 -26.75
CA ALA C 123 14.69 19.20 -26.06
C ALA C 123 14.08 20.58 -25.98
N ILE C 124 12.75 20.65 -25.88
CA ILE C 124 12.06 21.92 -25.70
C ILE C 124 11.39 21.92 -24.34
N ALA C 125 11.70 22.90 -23.51
CA ALA C 125 11.18 22.97 -22.16
C ALA C 125 10.35 24.22 -21.98
N LEU C 126 9.20 24.08 -21.32
CA LEU C 126 8.30 25.18 -21.08
C LEU C 126 8.41 25.53 -19.61
N ASP C 127 8.82 26.77 -19.30
CA ASP C 127 8.93 27.20 -17.91
C ASP C 127 7.67 28.02 -17.60
N THR C 128 6.83 27.54 -16.67
CA THR C 128 5.57 28.22 -16.36
C THR C 128 5.74 29.56 -15.62
N LYS C 129 4.75 30.45 -15.73
CA LYS C 129 4.75 31.75 -15.06
C LYS C 129 4.65 31.58 -13.56
N GLY C 130 3.88 30.61 -13.10
CA GLY C 130 3.75 30.36 -11.67
C GLY C 130 2.43 30.79 -11.06
N PRO C 131 2.20 30.38 -9.81
CA PRO C 131 0.93 30.70 -9.13
C PRO C 131 0.73 32.18 -8.86
N PRO C 135 -1.51 30.20 -4.46
CA PRO C 135 -2.44 29.27 -3.79
C PRO C 135 -2.41 27.87 -4.38
N GLY C 136 -2.25 27.79 -5.69
CA GLY C 136 -2.20 26.53 -6.45
C GLY C 136 -1.96 26.80 -7.93
N LEU C 137 -2.37 25.87 -8.82
CA LEU C 137 -2.16 26.06 -10.27
C LEU C 137 -3.01 27.21 -10.82
N SER C 138 -2.39 28.22 -11.42
CA SER C 138 -3.11 29.36 -11.98
C SER C 138 -3.79 29.05 -13.30
N GLU C 139 -4.76 29.89 -13.69
CA GLU C 139 -5.53 29.76 -14.91
C GLU C 139 -4.63 29.88 -16.13
N GLN C 140 -3.68 30.82 -16.09
CA GLN C 140 -2.73 31.02 -17.19
C GLN C 140 -1.81 29.82 -17.33
N ASP C 141 -1.39 29.22 -16.21
CA ASP C 141 -0.55 28.02 -16.25
C ASP C 141 -1.28 26.87 -16.89
N VAL C 142 -2.60 26.72 -16.66
CA VAL C 142 -3.38 25.65 -17.31
C VAL C 142 -3.37 25.85 -18.81
N ARG C 143 -3.54 27.11 -19.27
CA ARG C 143 -3.54 27.41 -20.68
C ARG C 143 -2.17 27.24 -21.30
N ASP C 144 -1.11 27.61 -20.59
CA ASP C 144 0.28 27.45 -21.08
C ASP C 144 0.71 25.98 -21.11
N LEU C 145 0.31 25.17 -20.11
CA LEU C 145 0.57 23.75 -20.10
C LEU C 145 -0.14 23.07 -21.28
N ARG C 146 -1.38 23.52 -21.60
CA ARG C 146 -2.15 23.01 -22.71
C ARG C 146 -1.44 23.34 -24.02
N PHE C 147 -0.86 24.56 -24.12
CA PHE C 147 -0.09 24.99 -25.29
C PHE C 147 1.12 24.06 -25.48
N GLY C 148 1.78 23.72 -24.38
CA GLY C 148 2.93 22.83 -24.39
C GLY C 148 2.61 21.46 -24.92
N VAL C 149 1.47 20.89 -24.51
CA VAL C 149 1.01 19.59 -24.98
C VAL C 149 0.75 19.67 -26.48
N GLU C 150 0.03 20.72 -26.91
CA GLU C 150 -0.30 20.90 -28.32
C GLU C 150 0.91 21.12 -29.21
N HIS C 151 1.95 21.73 -28.67
CA HIS C 151 3.17 21.98 -29.42
C HIS C 151 4.25 20.91 -29.26
N GLY C 152 3.93 19.85 -28.53
CA GLY C 152 4.84 18.71 -28.33
C GLY C 152 6.08 19.00 -27.53
N VAL C 153 5.98 19.82 -26.46
CA VAL C 153 7.15 20.10 -25.61
C VAL C 153 7.58 18.81 -24.88
N ASP C 154 8.84 18.74 -24.53
CA ASP C 154 9.40 17.55 -23.89
C ASP C 154 9.40 17.65 -22.38
N ILE C 155 9.60 18.87 -21.85
CA ILE C 155 9.75 19.10 -20.43
C ILE C 155 8.95 20.32 -19.96
N VAL C 156 8.51 20.30 -18.70
CA VAL C 156 7.85 21.41 -18.05
C VAL C 156 8.69 21.75 -16.83
N PHE C 157 9.14 23.01 -16.73
CA PHE C 157 9.84 23.48 -15.54
C PHE C 157 8.71 24.17 -14.77
N ALA C 158 8.14 23.48 -13.76
CA ALA C 158 6.99 24.01 -13.02
C ALA C 158 7.41 25.00 -11.95
N SER C 159 7.05 26.27 -12.13
CA SER C 159 7.42 27.32 -11.17
C SER C 159 6.75 27.21 -9.82
N PHE C 160 7.47 27.64 -8.78
CA PHE C 160 7.02 27.71 -7.40
C PHE C 160 6.28 26.47 -6.90
N VAL C 161 6.89 25.26 -7.05
CA VAL C 161 6.27 24.04 -6.52
C VAL C 161 6.53 24.05 -5.03
N ARG C 162 5.46 23.98 -4.21
CA ARG C 162 5.59 24.06 -2.75
C ARG C 162 5.18 22.79 -2.04
N LYS C 163 4.48 21.87 -2.73
CA LYS C 163 4.02 20.61 -2.16
C LYS C 163 3.71 19.58 -3.24
N ALA C 164 3.54 18.32 -2.87
CA ALA C 164 3.23 17.25 -3.82
C ALA C 164 1.96 17.52 -4.61
N SER C 165 0.93 18.12 -3.99
CA SER C 165 -0.32 18.40 -4.70
C SER C 165 -0.16 19.39 -5.85
N ASP C 166 0.86 20.26 -5.82
CA ASP C 166 1.18 21.17 -6.91
C ASP C 166 1.64 20.37 -8.14
N VAL C 167 2.42 19.30 -7.91
CA VAL C 167 2.92 18.46 -8.99
C VAL C 167 1.77 17.68 -9.59
N ALA C 168 0.86 17.16 -8.74
CA ALA C 168 -0.31 16.43 -9.18
C ALA C 168 -1.20 17.34 -10.03
N ALA C 169 -1.33 18.62 -9.67
CA ALA C 169 -2.11 19.56 -10.47
C ALA C 169 -1.50 19.76 -11.85
N VAL C 170 -0.15 19.90 -11.93
CA VAL C 170 0.54 20.05 -13.22
C VAL C 170 0.38 18.76 -14.06
N ARG C 171 0.56 17.62 -13.45
CA ARG C 171 0.42 16.31 -14.10
C ARG C 171 -0.98 16.14 -14.69
N ALA C 172 -2.02 16.50 -13.91
CA ALA C 172 -3.41 16.45 -14.36
C ALA C 172 -3.66 17.43 -15.51
N ALA C 173 -3.09 18.66 -15.43
CA ALA C 173 -3.25 19.68 -16.50
C ALA C 173 -2.53 19.28 -17.80
N LEU C 174 -1.60 18.32 -17.75
CA LEU C 174 -0.90 17.85 -18.94
CA LEU C 174 -0.91 17.87 -18.95
C LEU C 174 -1.79 16.94 -19.80
N GLY C 175 -3.12 17.15 -19.69
CA GLY C 175 -4.24 16.51 -20.41
C GLY C 175 -4.05 15.06 -20.66
N PRO C 176 -4.85 14.51 -21.58
CA PRO C 176 -4.71 13.08 -21.94
C PRO C 176 -3.47 12.80 -22.83
N GLU C 177 -3.06 13.78 -23.67
CA GLU C 177 -1.94 13.59 -24.60
C GLU C 177 -0.55 13.87 -24.04
N GLY C 178 -0.41 14.40 -22.82
CA GLY C 178 0.91 14.79 -22.33
C GLY C 178 1.49 14.07 -21.13
N HIS C 179 1.11 12.81 -20.89
CA HIS C 179 1.65 12.09 -19.73
C HIS C 179 3.14 11.74 -19.87
N GLY C 180 3.70 11.80 -21.08
CA GLY C 180 5.12 11.54 -21.28
C GLY C 180 6.03 12.74 -21.03
N ILE C 181 5.43 13.94 -20.91
CA ILE C 181 6.21 15.14 -20.66
C ILE C 181 6.83 15.06 -19.27
N LYS C 182 8.12 15.39 -19.15
CA LYS C 182 8.81 15.33 -17.86
C LYS C 182 8.48 16.57 -17.05
N ILE C 183 8.19 16.42 -15.76
CA ILE C 183 7.90 17.54 -14.91
C ILE C 183 9.06 17.76 -13.99
N ILE C 184 9.76 18.86 -14.17
CA ILE C 184 10.89 19.25 -13.33
C ILE C 184 10.36 20.35 -12.38
N SER C 185 10.26 20.05 -11.11
CA SER C 185 9.71 21.00 -10.13
C SER C 185 10.74 22.04 -9.73
N LYS C 186 10.39 23.31 -9.85
CA LYS C 186 11.28 24.40 -9.47
C LYS C 186 11.07 24.69 -8.00
N ILE C 187 12.13 24.58 -7.20
CA ILE C 187 12.06 24.86 -5.77
C ILE C 187 12.54 26.29 -5.61
N GLU C 188 11.61 27.20 -5.25
CA GLU C 188 11.91 28.63 -5.20
C GLU C 188 11.62 29.31 -3.89
N ASN C 189 11.20 28.58 -2.85
CA ASN C 189 10.86 29.23 -1.58
C ASN C 189 11.09 28.30 -0.39
N HIS C 190 10.93 28.81 0.84
CA HIS C 190 11.11 28.05 2.05
C HIS C 190 10.24 26.79 2.09
N GLU C 191 8.95 26.89 1.71
CA GLU C 191 8.05 25.74 1.74
C GLU C 191 8.50 24.62 0.82
N GLY C 192 8.94 24.96 -0.38
CA GLY C 192 9.45 23.98 -1.33
C GLY C 192 10.67 23.26 -0.80
N VAL C 193 11.56 23.99 -0.11
CA VAL C 193 12.76 23.39 0.47
C VAL C 193 12.37 22.45 1.61
N LYS C 194 11.46 22.88 2.48
CA LYS C 194 11.00 22.06 3.60
C LYS C 194 10.20 20.82 3.19
N ARG C 195 9.42 20.93 2.13
CA ARG C 195 8.65 19.80 1.64
C ARG C 195 9.34 19.11 0.44
N PHE C 196 10.67 19.27 0.29
CA PHE C 196 11.46 18.73 -0.80
C PHE C 196 11.24 17.24 -1.06
N ASP C 197 11.31 16.39 -0.02
CA ASP C 197 11.16 14.94 -0.21
C ASP C 197 9.85 14.54 -0.86
N GLU C 198 8.72 15.13 -0.41
CA GLU C 198 7.42 14.80 -0.99
C GLU C 198 7.31 15.33 -2.43
N ILE C 199 7.98 16.45 -2.74
CA ILE C 199 7.97 17.00 -4.08
C ILE C 199 8.81 16.13 -5.00
N LEU C 200 10.02 15.75 -4.56
CA LEU C 200 10.92 14.93 -5.38
C LEU C 200 10.30 13.56 -5.66
N GLU C 201 9.59 13.00 -4.68
CA GLU C 201 8.96 11.68 -4.84
C GLU C 201 7.99 11.63 -6.04
N VAL C 202 7.24 12.71 -6.28
CA VAL C 202 6.27 12.73 -7.38
C VAL C 202 6.73 13.49 -8.63
N SER C 203 7.93 14.11 -8.59
CA SER C 203 8.43 14.84 -9.75
C SER C 203 9.39 13.97 -10.54
N ASP C 204 9.63 14.33 -11.80
CA ASP C 204 10.64 13.63 -12.60
C ASP C 204 12.05 14.16 -12.27
N GLY C 205 12.15 15.38 -11.75
CA GLY C 205 13.39 16.03 -11.43
C GLY C 205 13.15 17.37 -10.76
N ILE C 206 14.24 18.07 -10.46
CA ILE C 206 14.16 19.32 -9.72
C ILE C 206 15.00 20.41 -10.37
N MET C 207 14.57 21.66 -10.22
CA MET C 207 15.37 22.79 -10.63
C MET C 207 15.60 23.62 -9.37
N VAL C 208 16.85 23.93 -9.06
CA VAL C 208 17.20 24.79 -7.95
C VAL C 208 17.08 26.20 -8.55
N ALA C 209 15.92 26.84 -8.39
CA ALA C 209 15.63 28.15 -8.96
C ALA C 209 16.16 29.23 -7.99
N ARG C 210 17.47 29.50 -8.07
CA ARG C 210 18.19 30.35 -7.14
C ARG C 210 17.75 31.80 -7.11
N GLY C 211 17.19 32.32 -8.18
CA GLY C 211 16.71 33.70 -8.26
C GLY C 211 15.66 33.99 -7.21
N ASP C 212 14.51 33.33 -7.29
CA ASP C 212 13.47 33.49 -6.31
C ASP C 212 13.89 32.96 -4.96
N LEU C 213 14.62 31.82 -4.91
CA LEU C 213 15.06 31.24 -3.66
C LEU C 213 15.91 32.24 -2.84
N GLY C 214 16.78 32.98 -3.52
CA GLY C 214 17.64 33.98 -2.89
C GLY C 214 16.92 35.22 -2.36
N ILE C 215 15.64 35.39 -2.73
CA ILE C 215 14.75 36.46 -2.26
C ILE C 215 13.83 35.90 -1.16
N GLU C 216 13.38 34.63 -1.31
CA GLU C 216 12.48 33.96 -0.37
C GLU C 216 13.16 33.52 0.93
N ILE C 217 14.43 33.13 0.85
CA ILE C 217 15.23 32.74 2.01
C ILE C 217 16.49 33.65 2.03
N PRO C 218 17.22 33.77 3.15
CA PRO C 218 18.45 34.59 3.14
C PRO C 218 19.42 34.15 2.04
N ALA C 219 19.98 35.11 1.31
CA ALA C 219 20.87 34.85 0.20
C ALA C 219 22.05 33.92 0.57
N GLU C 220 22.55 34.06 1.80
CA GLU C 220 23.69 33.28 2.26
C GLU C 220 23.33 31.82 2.56
N LYS C 221 22.06 31.44 2.50
CA LYS C 221 21.65 30.05 2.74
C LYS C 221 21.36 29.31 1.41
N VAL C 222 21.30 30.00 0.26
CA VAL C 222 20.97 29.36 -0.99
C VAL C 222 21.92 28.21 -1.34
N PHE C 223 23.24 28.38 -1.14
CA PHE C 223 24.20 27.31 -1.44
C PHE C 223 23.90 26.01 -0.64
N LEU C 224 23.34 26.11 0.57
CA LEU C 224 22.98 24.96 1.39
C LEU C 224 21.81 24.24 0.75
N ALA C 225 20.79 25.01 0.27
CA ALA C 225 19.62 24.44 -0.39
C ALA C 225 20.07 23.78 -1.69
N GLN C 226 20.97 24.42 -2.44
CA GLN C 226 21.46 23.86 -3.71
C GLN C 226 22.17 22.50 -3.46
N LYS C 227 23.12 22.46 -2.53
CA LYS C 227 23.88 21.27 -2.26
C LYS C 227 23.01 20.15 -1.72
N MET C 228 22.02 20.49 -0.87
CA MET C 228 21.11 19.49 -0.30
C MET C 228 20.23 18.88 -1.40
N MET C 229 19.64 19.71 -2.25
CA MET C 229 18.77 19.25 -3.33
C MET C 229 19.53 18.44 -4.37
N ILE C 230 20.76 18.87 -4.72
CA ILE C 230 21.57 18.11 -5.67
C ILE C 230 21.91 16.74 -5.11
N GLY C 231 22.32 16.69 -3.84
CA GLY C 231 22.63 15.44 -3.17
C GLY C 231 21.45 14.47 -3.14
N ARG C 232 20.24 14.98 -2.78
CA ARG C 232 19.07 14.15 -2.70
C ARG C 232 18.60 13.64 -4.05
N CYS C 233 18.72 14.48 -5.11
CA CYS C 233 18.38 14.06 -6.46
C CYS C 233 19.36 13.01 -6.94
N ASN C 234 20.64 13.17 -6.64
CA ASN C 234 21.67 12.19 -7.00
C ASN C 234 21.37 10.85 -6.32
N LEU C 235 20.95 10.89 -5.05
CA LEU C 235 20.60 9.71 -4.28
C LEU C 235 19.37 9.03 -4.89
N ALA C 236 18.36 9.81 -5.28
CA ALA C 236 17.14 9.31 -5.90
C ALA C 236 17.31 8.90 -7.36
N GLY C 237 18.41 9.26 -8.01
CA GLY C 237 18.61 8.99 -9.43
C GLY C 237 17.71 9.82 -10.33
N LYS C 238 17.42 11.06 -9.91
CA LYS C 238 16.55 11.94 -10.68
C LYS C 238 17.28 13.20 -11.12
N PRO C 239 16.99 13.71 -12.32
CA PRO C 239 17.69 14.92 -12.80
C PRO C 239 17.56 16.17 -11.93
N VAL C 240 18.64 16.92 -11.80
CA VAL C 240 18.63 18.15 -11.04
C VAL C 240 19.29 19.23 -11.88
N VAL C 241 18.64 20.39 -11.98
CA VAL C 241 19.14 21.51 -12.78
C VAL C 241 19.61 22.60 -11.84
N CYS C 242 20.81 23.17 -12.08
CA CYS C 242 21.23 24.34 -11.33
C CYS C 242 20.93 25.53 -12.21
N ALA C 243 20.21 26.52 -11.66
CA ALA C 243 19.79 27.65 -12.49
C ALA C 243 19.99 29.02 -11.84
N THR C 244 20.07 30.07 -12.70
CA THR C 244 20.02 31.51 -12.42
C THR C 244 21.31 32.17 -11.97
N GLN C 245 21.71 33.19 -12.74
CA GLN C 245 22.87 34.05 -12.51
C GLN C 245 24.20 33.34 -12.54
N MET C 246 24.27 32.20 -13.23
CA MET C 246 25.50 31.44 -13.32
C MET C 246 26.59 32.22 -14.02
N LEU C 247 26.25 32.91 -15.14
CA LEU C 247 27.21 33.75 -15.86
C LEU C 247 26.56 35.14 -16.09
N GLU C 248 25.85 35.66 -15.10
CA GLU C 248 25.11 36.92 -15.16
C GLU C 248 25.82 38.08 -15.85
N SER C 249 27.07 38.38 -15.49
CA SER C 249 27.82 39.46 -16.09
C SER C 249 27.96 39.34 -17.61
N MET C 250 27.83 38.12 -18.17
CA MET C 250 27.89 37.92 -19.61
C MET C 250 26.65 38.46 -20.36
N ILE C 251 25.64 38.98 -19.63
CA ILE C 251 24.51 39.65 -20.27
C ILE C 251 25.04 40.92 -20.99
N THR C 252 26.03 41.62 -20.40
CA THR C 252 26.60 42.81 -21.00
C THR C 252 28.08 42.68 -21.37
N LYS C 253 28.84 41.74 -20.76
CA LYS C 253 30.27 41.61 -21.00
C LYS C 253 30.65 40.33 -21.74
N PRO C 254 31.69 40.34 -22.59
CA PRO C 254 32.04 39.12 -23.34
C PRO C 254 32.68 38.01 -22.52
N ARG C 255 33.15 38.29 -21.31
CA ARG C 255 33.80 37.30 -20.45
C ARG C 255 33.19 37.36 -19.05
N PRO C 256 33.07 36.20 -18.37
CA PRO C 256 32.50 36.20 -17.03
C PRO C 256 33.49 36.59 -15.92
N THR C 257 32.97 36.80 -14.71
CA THR C 257 33.79 37.08 -13.56
C THR C 257 34.38 35.73 -13.02
N ARG C 258 35.33 35.82 -12.09
CA ARG C 258 35.94 34.65 -11.48
C ARG C 258 34.92 33.88 -10.62
N ALA C 259 33.96 34.57 -10.03
CA ALA C 259 32.91 33.93 -9.23
C ALA C 259 31.97 33.12 -10.11
N GLU C 260 31.70 33.61 -11.31
CA GLU C 260 30.81 32.97 -12.26
C GLU C 260 31.36 31.68 -12.81
N THR C 261 32.64 31.65 -13.21
CA THR C 261 33.22 30.39 -13.70
C THR C 261 33.27 29.36 -12.56
N SER C 262 33.62 29.84 -11.36
CA SER C 262 33.67 29.01 -10.17
C SER C 262 32.28 28.42 -9.87
N ASP C 263 31.22 29.23 -9.96
CA ASP C 263 29.85 28.79 -9.72
C ASP C 263 29.44 27.69 -10.70
N VAL C 264 29.76 27.83 -12.00
CA VAL C 264 29.42 26.81 -12.98
C VAL C 264 30.16 25.51 -12.66
N ALA C 265 31.47 25.62 -12.37
CA ALA C 265 32.28 24.44 -12.07
C ALA C 265 31.79 23.74 -10.83
N ASN C 266 31.42 24.52 -9.79
CA ASN C 266 30.96 23.95 -8.54
C ASN C 266 29.60 23.32 -8.66
N ALA C 267 28.73 23.80 -9.55
CA ALA C 267 27.43 23.17 -9.76
C ALA C 267 27.63 21.76 -10.34
N VAL C 268 28.57 21.62 -11.29
CA VAL C 268 28.91 20.33 -11.89
C VAL C 268 29.57 19.43 -10.83
N LEU C 269 30.52 19.97 -10.08
CA LEU C 269 31.17 19.21 -9.00
C LEU C 269 30.18 18.80 -7.88
N ASP C 270 29.14 19.62 -7.59
CA ASP C 270 28.08 19.30 -6.63
C ASP C 270 27.28 18.08 -7.08
N GLY C 271 27.15 17.89 -8.40
CA GLY C 271 26.40 16.78 -8.97
C GLY C 271 25.24 17.16 -9.85
N ALA C 272 25.16 18.42 -10.31
CA ALA C 272 24.05 18.86 -11.18
C ALA C 272 24.05 18.11 -12.51
N ASP C 273 22.89 17.68 -12.98
CA ASP C 273 22.78 17.03 -14.27
C ASP C 273 22.79 18.07 -15.39
N CYS C 274 22.16 19.23 -15.14
CA CYS C 274 22.03 20.32 -16.10
C CYS C 274 22.42 21.64 -15.50
N ILE C 275 22.95 22.52 -16.32
CA ILE C 275 23.23 23.91 -15.93
C ILE C 275 22.41 24.80 -16.88
N MET C 276 21.95 25.95 -16.41
CA MET C 276 21.07 26.80 -17.17
C MET C 276 21.58 28.22 -17.37
N LEU C 277 21.13 28.83 -18.48
CA LEU C 277 21.37 30.22 -18.83
C LEU C 277 20.01 30.84 -19.01
N SER C 278 19.75 31.96 -18.33
CA SER C 278 18.48 32.67 -18.41
C SER C 278 18.66 33.97 -19.22
N GLY C 279 18.87 35.11 -18.56
CA GLY C 279 19.09 36.41 -19.20
C GLY C 279 20.29 36.40 -20.13
N GLU C 280 21.32 35.59 -19.78
CA GLU C 280 22.53 35.43 -20.59
C GLU C 280 22.22 35.06 -22.02
N THR C 281 21.18 34.26 -22.26
CA THR C 281 20.83 33.86 -23.63
C THR C 281 19.51 34.46 -24.09
N ALA C 282 18.59 34.75 -23.17
CA ALA C 282 17.28 35.29 -23.55
C ALA C 282 17.34 36.75 -23.98
N LYS C 283 18.15 37.57 -23.30
CA LYS C 283 18.19 39.00 -23.61
C LYS C 283 19.58 39.64 -23.63
N GLY C 284 20.64 38.88 -23.42
CA GLY C 284 21.98 39.44 -23.39
C GLY C 284 22.64 39.68 -24.73
N ASN C 285 23.78 40.38 -24.69
CA ASN C 285 24.55 40.71 -25.88
C ASN C 285 25.47 39.58 -26.37
N PHE C 286 25.67 38.52 -25.53
CA PHE C 286 26.58 37.43 -25.88
C PHE C 286 25.96 36.05 -25.65
N PRO C 287 24.80 35.72 -26.27
CA PRO C 287 24.17 34.40 -26.01
C PRO C 287 25.01 33.19 -26.39
N VAL C 288 25.65 33.22 -27.55
CA VAL C 288 26.47 32.11 -28.02
C VAL C 288 27.72 31.95 -27.15
N GLU C 289 28.34 33.06 -26.78
CA GLU C 289 29.52 33.07 -25.94
C GLU C 289 29.20 32.50 -24.55
N ALA C 290 28.01 32.78 -24.01
CA ALA C 290 27.60 32.25 -22.71
C ALA C 290 27.47 30.70 -22.77
N VAL C 291 26.95 30.16 -23.89
CA VAL C 291 26.82 28.72 -24.08
C VAL C 291 28.23 28.11 -24.19
N LYS C 292 29.12 28.74 -24.97
CA LYS C 292 30.48 28.28 -25.14
C LYS C 292 31.23 28.25 -23.81
N MET C 293 31.02 29.27 -22.97
CA MET C 293 31.68 29.33 -21.68
C MET C 293 31.19 28.20 -20.76
N GLN C 294 29.88 27.96 -20.71
CA GLN C 294 29.35 26.84 -19.91
C GLN C 294 29.84 25.50 -20.41
N HIS C 295 29.97 25.36 -21.73
CA HIS C 295 30.50 24.15 -22.32
C HIS C 295 31.95 23.91 -21.86
N ALA C 296 32.80 24.95 -21.95
CA ALA C 296 34.21 24.86 -21.60
C ALA C 296 34.41 24.53 -20.12
N ILE C 297 33.65 25.20 -19.24
CA ILE C 297 33.78 24.96 -17.81
C ILE C 297 33.29 23.57 -17.42
N ALA C 298 32.11 23.14 -17.93
CA ALA C 298 31.56 21.83 -17.60
C ALA C 298 32.51 20.71 -17.99
N ARG C 299 33.16 20.78 -19.17
CA ARG C 299 34.13 19.75 -19.57
C ARG C 299 35.28 19.66 -18.59
N GLU C 300 35.82 20.82 -18.15
CA GLU C 300 36.90 20.84 -17.18
C GLU C 300 36.42 20.26 -15.83
N ALA C 301 35.24 20.68 -15.36
CA ALA C 301 34.72 20.24 -14.06
C ALA C 301 34.36 18.77 -14.04
N GLU C 302 33.88 18.21 -15.14
CA GLU C 302 33.55 16.80 -15.20
C GLU C 302 34.77 15.89 -15.04
N ALA C 303 35.90 16.27 -15.62
CA ALA C 303 37.13 15.49 -15.46
C ALA C 303 37.64 15.58 -14.02
N ALA C 304 37.36 16.69 -13.31
CA ALA C 304 37.79 16.90 -11.93
C ALA C 304 36.88 16.22 -10.89
N VAL C 305 35.81 15.55 -11.30
CA VAL C 305 34.93 14.85 -10.36
C VAL C 305 35.73 13.69 -9.73
N TYR C 306 35.63 13.48 -8.41
CA TYR C 306 36.33 12.40 -7.74
C TYR C 306 35.47 11.13 -7.75
N HIS C 307 35.45 10.45 -8.90
CA HIS C 307 34.63 9.26 -9.12
C HIS C 307 34.86 8.14 -8.12
N ARG C 308 36.08 7.96 -7.63
CA ARG C 308 36.38 6.88 -6.69
C ARG C 308 35.49 6.94 -5.44
N GLN C 309 35.36 8.12 -4.83
CA GLN C 309 34.49 8.28 -3.68
C GLN C 309 33.03 8.31 -4.12
N LEU C 310 32.73 9.05 -5.20
CA LEU C 310 31.37 9.20 -5.72
C LEU C 310 30.68 7.87 -5.99
N PHE C 311 31.32 6.99 -6.76
CA PHE C 311 30.75 5.69 -7.08
C PHE C 311 30.57 4.84 -5.85
N GLU C 312 31.55 4.84 -4.95
CA GLU C 312 31.50 4.10 -3.68
C GLU C 312 30.29 4.55 -2.85
N GLU C 313 30.09 5.87 -2.75
CA GLU C 313 29.00 6.42 -1.97
C GLU C 313 27.64 6.18 -2.61
N LEU C 314 27.54 6.28 -3.95
CA LEU C 314 26.28 6.01 -4.65
C LEU C 314 25.91 4.54 -4.47
N ARG C 315 26.90 3.66 -4.56
CA ARG C 315 26.73 2.24 -4.35
C ARG C 315 26.28 1.93 -2.91
N ARG C 316 26.95 2.49 -1.90
CA ARG C 316 26.62 2.27 -0.48
C ARG C 316 25.23 2.83 -0.10
N ALA C 317 24.86 3.98 -0.69
CA ALA C 317 23.58 4.60 -0.37
C ALA C 317 22.39 3.99 -1.10
N ALA C 318 22.63 3.46 -2.30
CA ALA C 318 21.55 2.88 -3.08
C ALA C 318 21.08 1.59 -2.43
N PRO C 319 19.76 1.42 -2.30
CA PRO C 319 19.25 0.19 -1.69
C PRO C 319 19.41 -1.01 -2.63
N LEU C 320 19.32 -2.22 -2.07
CA LEU C 320 19.31 -3.44 -2.87
C LEU C 320 18.09 -3.43 -3.79
N SER C 321 18.20 -4.09 -4.93
CA SER C 321 17.12 -4.06 -5.89
C SER C 321 16.92 -5.38 -6.56
N ARG C 322 15.67 -5.72 -6.82
CA ARG C 322 15.37 -6.91 -7.61
C ARG C 322 14.89 -6.52 -9.03
N ASP C 323 15.10 -5.27 -9.45
CA ASP C 323 14.74 -4.78 -10.78
C ASP C 323 15.95 -5.03 -11.68
N PRO C 324 15.79 -5.90 -12.68
CA PRO C 324 16.92 -6.23 -13.56
C PRO C 324 17.59 -5.04 -14.24
N THR C 325 16.84 -3.96 -14.55
CA THR C 325 17.43 -2.78 -15.18
C THR C 325 18.41 -2.13 -14.22
N GLU C 326 17.99 -1.99 -12.94
CA GLU C 326 18.84 -1.39 -11.91
CA GLU C 326 18.85 -1.39 -11.94
C GLU C 326 20.08 -2.26 -11.64
N VAL C 327 19.91 -3.59 -11.55
CA VAL C 327 21.00 -4.51 -11.31
C VAL C 327 22.00 -4.50 -12.49
N THR C 328 21.50 -4.47 -13.74
CA THR C 328 22.33 -4.42 -14.93
C THR C 328 23.11 -3.12 -14.99
N ALA C 329 22.46 -2.01 -14.67
CA ALA C 329 23.08 -0.69 -14.69
C ALA C 329 24.31 -0.61 -13.78
N ILE C 330 24.22 -1.08 -12.52
CA ILE C 330 25.37 -1.03 -11.62
C ILE C 330 26.49 -1.97 -12.07
N GLY C 331 26.15 -3.16 -12.58
CA GLY C 331 27.13 -4.08 -13.14
C GLY C 331 27.85 -3.46 -14.34
N ALA C 332 27.12 -2.76 -15.22
CA ALA C 332 27.68 -2.11 -16.40
C ALA C 332 28.59 -0.96 -16.06
N VAL C 333 28.23 -0.16 -15.04
CA VAL C 333 29.06 0.96 -14.62
C VAL C 333 30.35 0.45 -13.95
N GLU C 334 30.24 -0.60 -13.14
CA GLU C 334 31.39 -1.24 -12.50
CA GLU C 334 31.39 -1.24 -12.50
C GLU C 334 32.34 -1.79 -13.58
N ALA C 335 31.79 -2.47 -14.61
CA ALA C 335 32.56 -3.02 -15.70
C ALA C 335 33.23 -1.89 -16.51
N ALA C 336 32.53 -0.77 -16.74
CA ALA C 336 33.09 0.37 -17.45
C ALA C 336 34.30 0.95 -16.73
N PHE C 337 34.22 1.12 -15.39
CA PHE C 337 35.32 1.62 -14.58
C PHE C 337 36.54 0.64 -14.62
N LYS C 338 36.28 -0.68 -14.57
CA LYS C 338 37.32 -1.68 -14.59
C LYS C 338 38.19 -1.61 -15.83
N CYS C 339 37.62 -1.30 -17.01
CA CYS C 339 38.41 -1.27 -18.25
C CYS C 339 38.60 0.10 -18.83
N CYS C 340 38.15 1.18 -18.13
CA CYS C 340 38.18 2.55 -18.68
C CYS C 340 37.45 2.59 -20.03
N ALA C 341 36.25 1.96 -20.10
CA ALA C 341 35.46 1.87 -21.32
C ALA C 341 35.22 3.23 -21.91
N ALA C 342 35.34 3.36 -23.23
CA ALA C 342 35.13 4.64 -23.89
C ALA C 342 33.64 5.07 -23.85
N ALA C 343 32.75 4.08 -23.84
CA ALA C 343 31.32 4.32 -23.82
C ALA C 343 30.57 3.10 -23.25
N ILE C 344 29.30 3.33 -22.85
CA ILE C 344 28.33 2.34 -22.47
C ILE C 344 27.22 2.57 -23.47
N ILE C 345 27.01 1.65 -24.39
CA ILE C 345 25.98 1.77 -25.39
C ILE C 345 24.73 1.08 -24.88
N VAL C 346 23.63 1.82 -24.76
CA VAL C 346 22.40 1.26 -24.22
C VAL C 346 21.21 1.42 -25.15
N LEU C 347 20.42 0.35 -25.29
CA LEU C 347 19.20 0.36 -26.09
C LEU C 347 18.05 0.74 -25.14
N THR C 348 17.38 1.85 -25.46
CA THR C 348 16.33 2.36 -24.60
C THR C 348 15.22 2.95 -25.43
N THR C 349 13.96 2.69 -25.08
CA THR C 349 12.84 3.27 -25.82
C THR C 349 12.26 4.47 -25.07
N THR C 350 12.17 4.37 -23.75
CA THR C 350 11.69 5.46 -22.91
C THR C 350 12.87 6.30 -22.33
N GLY C 351 14.09 5.78 -22.38
CA GLY C 351 15.24 6.46 -21.79
C GLY C 351 15.55 6.00 -20.38
N ARG C 352 14.70 5.17 -19.78
CA ARG C 352 14.89 4.71 -18.40
C ARG C 352 16.20 3.92 -18.17
N SER C 353 16.57 3.00 -19.06
CA SER C 353 17.84 2.25 -18.91
C SER C 353 19.04 3.20 -18.92
N ALA C 354 18.98 4.27 -19.73
CA ALA C 354 20.08 5.25 -19.79
C ALA C 354 20.12 6.06 -18.50
N GLN C 355 18.94 6.40 -17.96
CA GLN C 355 18.83 7.14 -16.70
C GLN C 355 19.42 6.33 -15.52
N LEU C 356 19.14 5.02 -15.48
CA LEU C 356 19.66 4.16 -14.40
C LEU C 356 21.19 3.98 -14.51
N LEU C 357 21.76 4.08 -15.72
CA LEU C 357 23.21 4.03 -15.87
C LEU C 357 23.79 5.38 -15.36
N SER C 358 23.17 6.49 -15.77
CA SER C 358 23.54 7.85 -15.42
C SER C 358 23.57 8.11 -13.89
N ARG C 359 22.68 7.47 -13.12
CA ARG C 359 22.64 7.67 -11.67
C ARG C 359 23.92 7.18 -10.96
N TYR C 360 24.66 6.25 -11.58
CA TYR C 360 25.93 5.79 -10.99
C TYR C 360 27.13 6.61 -11.42
N ARG C 361 26.91 7.68 -12.17
CA ARG C 361 27.92 8.62 -12.62
C ARG C 361 29.17 7.95 -13.24
N PRO C 362 29.00 7.16 -14.30
CA PRO C 362 30.17 6.58 -14.96
C PRO C 362 31.01 7.67 -15.61
N ARG C 363 32.31 7.44 -15.71
CA ARG C 363 33.19 8.31 -16.47
C ARG C 363 32.92 8.07 -17.99
N ALA C 364 32.55 6.84 -18.37
CA ALA C 364 32.22 6.49 -19.74
C ALA C 364 30.93 7.17 -20.20
N ALA C 365 30.90 7.65 -21.43
CA ALA C 365 29.72 8.28 -22.00
C ALA C 365 28.63 7.21 -22.17
N VAL C 366 27.38 7.58 -21.87
CA VAL C 366 26.29 6.65 -22.04
C VAL C 366 25.65 7.00 -23.39
N ILE C 367 25.92 6.21 -24.42
CA ILE C 367 25.37 6.44 -25.75
C ILE C 367 24.03 5.73 -25.81
N ALA C 368 22.93 6.50 -25.78
CA ALA C 368 21.58 5.90 -25.75
C ALA C 368 20.98 5.82 -27.14
N VAL C 369 20.84 4.60 -27.67
CA VAL C 369 20.29 4.39 -28.99
C VAL C 369 18.79 4.15 -28.86
N THR C 370 18.00 5.04 -29.49
CA THR C 370 16.55 4.94 -29.37
C THR C 370 15.80 5.21 -30.66
N ARG C 371 14.64 4.58 -30.84
CA ARG C 371 13.72 4.90 -31.94
C ARG C 371 12.79 6.09 -31.53
N SER C 372 12.75 6.48 -30.23
CA SER C 372 11.93 7.60 -29.82
C SER C 372 12.60 8.94 -29.93
N ALA C 373 12.04 9.82 -30.79
CA ALA C 373 12.54 11.18 -30.90
C ALA C 373 12.33 11.92 -29.56
N GLN C 374 11.17 11.67 -28.90
CA GLN C 374 10.91 12.33 -27.62
C GLN C 374 11.92 11.88 -26.56
N ALA C 375 12.16 10.56 -26.44
CA ALA C 375 13.13 10.05 -25.46
C ALA C 375 14.52 10.58 -25.75
N ALA C 376 14.89 10.68 -27.02
CA ALA C 376 16.19 11.22 -27.41
C ALA C 376 16.37 12.68 -26.92
N ARG C 377 15.30 13.48 -26.95
CA ARG C 377 15.36 14.85 -26.46
C ARG C 377 15.39 14.88 -24.94
N GLN C 378 14.56 14.05 -24.29
CA GLN C 378 14.44 14.04 -22.85
C GLN C 378 15.65 13.51 -22.10
N VAL C 379 16.38 12.52 -22.63
CA VAL C 379 17.57 12.00 -21.91
C VAL C 379 18.67 13.04 -21.75
N HIS C 380 18.54 14.24 -22.34
CA HIS C 380 19.47 15.34 -22.08
C HIS C 380 19.37 15.77 -20.61
N LEU C 381 18.27 15.45 -19.91
CA LEU C 381 18.13 15.76 -18.49
C LEU C 381 19.10 14.94 -17.61
N CYS C 382 19.59 13.79 -18.11
CA CYS C 382 20.48 12.91 -17.37
C CYS C 382 21.91 13.12 -17.75
N ARG C 383 22.76 13.44 -16.77
CA ARG C 383 24.18 13.66 -17.02
C ARG C 383 24.87 12.48 -17.68
N GLY C 384 25.63 12.77 -18.73
CA GLY C 384 26.41 11.78 -19.42
C GLY C 384 25.67 10.93 -20.41
N VAL C 385 24.43 11.31 -20.76
CA VAL C 385 23.67 10.54 -21.73
C VAL C 385 23.70 11.26 -23.09
N PHE C 386 24.21 10.57 -24.12
CA PHE C 386 24.34 11.08 -25.50
C PHE C 386 23.33 10.35 -26.36
N PRO C 387 22.20 11.02 -26.66
CA PRO C 387 21.15 10.34 -27.45
C PRO C 387 21.42 10.18 -28.92
N LEU C 388 21.07 8.99 -29.47
CA LEU C 388 21.20 8.71 -30.89
C LEU C 388 19.86 8.25 -31.36
N LEU C 389 19.17 9.07 -32.15
CA LEU C 389 17.90 8.70 -32.73
C LEU C 389 18.17 7.73 -33.90
N TYR C 390 17.50 6.58 -33.89
CA TYR C 390 17.62 5.51 -34.85
C TYR C 390 16.32 5.43 -35.61
N ARG C 391 16.38 5.58 -36.91
CA ARG C 391 15.17 5.59 -37.75
C ARG C 391 15.10 4.48 -38.78
N GLU C 392 16.00 3.51 -38.74
CA GLU C 392 15.98 2.40 -39.67
C GLU C 392 14.73 1.55 -39.50
N PRO C 393 14.22 0.94 -40.58
CA PRO C 393 13.04 0.08 -40.43
C PRO C 393 13.37 -1.20 -39.66
N PRO C 394 12.42 -1.71 -38.85
CA PRO C 394 12.71 -2.89 -38.02
C PRO C 394 13.06 -4.14 -38.80
N GLU C 395 14.03 -4.92 -38.29
CA GLU C 395 14.38 -6.20 -38.91
C GLU C 395 13.32 -7.21 -38.47
N ALA C 396 13.08 -8.23 -39.29
CA ALA C 396 12.13 -9.31 -38.98
C ALA C 396 12.68 -10.14 -37.82
N ILE C 397 14.02 -10.39 -37.79
CA ILE C 397 14.63 -11.11 -36.68
C ILE C 397 15.08 -10.10 -35.61
N TRP C 398 14.48 -10.20 -34.44
CA TRP C 398 14.74 -9.24 -33.37
C TRP C 398 16.20 -9.16 -32.96
N ALA C 399 16.90 -10.27 -32.84
CA ALA C 399 18.32 -10.26 -32.49
C ALA C 399 19.15 -9.47 -33.53
N ASP C 400 18.76 -9.51 -34.83
CA ASP C 400 19.43 -8.74 -35.85
C ASP C 400 19.14 -7.24 -35.69
N ASP C 401 17.91 -6.85 -35.29
CA ASP C 401 17.55 -5.46 -35.05
C ASP C 401 18.37 -4.88 -33.89
N VAL C 402 18.58 -5.65 -32.84
CA VAL C 402 19.40 -5.25 -31.72
C VAL C 402 20.86 -5.06 -32.16
N ASP C 403 21.41 -6.06 -32.90
CA ASP C 403 22.78 -5.95 -33.41
C ASP C 403 22.97 -4.74 -34.30
N ARG C 404 22.02 -4.46 -35.19
CA ARG C 404 22.07 -3.27 -36.05
C ARG C 404 22.13 -1.96 -35.21
N ARG C 405 21.34 -1.89 -34.11
CA ARG C 405 21.32 -0.73 -33.22
C ARG C 405 22.59 -0.57 -32.43
N VAL C 406 23.16 -1.68 -32.00
CA VAL C 406 24.43 -1.67 -31.32
C VAL C 406 25.55 -1.16 -32.25
N GLN C 407 25.58 -1.70 -33.50
CA GLN C 407 26.57 -1.22 -34.47
C GLN C 407 26.37 0.23 -34.85
N PHE C 408 25.12 0.71 -34.84
CA PHE C 408 24.87 2.13 -35.12
C PHE C 408 25.52 3.01 -34.03
N GLY C 409 25.44 2.59 -32.77
CA GLY C 409 26.05 3.32 -31.65
C GLY C 409 27.56 3.28 -31.73
N ILE C 410 28.14 2.11 -32.09
CA ILE C 410 29.59 2.02 -32.27
C ILE C 410 30.06 2.92 -33.44
N GLU C 411 29.35 2.87 -34.60
CA GLU C 411 29.76 3.65 -35.77
C GLU C 411 29.56 5.16 -35.57
N SER C 412 28.52 5.59 -34.86
CA SER C 412 28.36 7.02 -34.53
C SER C 412 29.48 7.44 -33.59
N GLY C 413 29.82 6.58 -32.63
CA GLY C 413 30.89 6.78 -31.67
C GLY C 413 32.25 6.90 -32.32
N LYS C 414 32.52 6.12 -33.37
CA LYS C 414 33.78 6.23 -34.12
C LYS C 414 33.79 7.55 -34.90
N LEU C 415 32.66 7.85 -35.55
CA LEU C 415 32.47 9.06 -36.33
C LEU C 415 32.66 10.34 -35.49
N ARG C 416 32.12 10.36 -34.26
CA ARG C 416 32.19 11.53 -33.39
C ARG C 416 33.43 11.64 -32.53
N GLY C 417 34.31 10.65 -32.57
CA GLY C 417 35.53 10.68 -31.78
C GLY C 417 35.46 9.99 -30.42
N PHE C 418 34.29 9.47 -30.04
CA PHE C 418 34.13 8.75 -28.77
C PHE C 418 34.97 7.42 -28.81
N LEU C 419 35.04 6.76 -29.98
CA LEU C 419 35.67 5.43 -30.07
C LEU C 419 36.70 5.23 -31.18
N ARG C 420 37.58 4.26 -30.98
CA ARG C 420 38.58 3.85 -31.96
C ARG C 420 38.62 2.31 -31.95
N VAL C 421 39.14 1.71 -33.02
CA VAL C 421 39.33 0.27 -33.10
C VAL C 421 40.28 -0.17 -31.99
N GLY C 422 39.93 -1.22 -31.28
CA GLY C 422 40.70 -1.68 -30.14
C GLY C 422 40.12 -1.23 -28.80
N ASP C 423 39.20 -0.25 -28.80
CA ASP C 423 38.57 0.20 -27.57
C ASP C 423 37.62 -0.88 -27.02
N LEU C 424 37.33 -0.83 -25.72
CA LEU C 424 36.35 -1.73 -25.13
C LEU C 424 35.10 -0.88 -24.83
N VAL C 425 33.90 -1.42 -25.14
CA VAL C 425 32.64 -0.75 -24.79
C VAL C 425 31.78 -1.71 -24.00
N ILE C 426 30.89 -1.17 -23.15
CA ILE C 426 29.92 -1.97 -22.44
C ILE C 426 28.62 -1.79 -23.19
N VAL C 427 27.90 -2.87 -23.44
CA VAL C 427 26.65 -2.80 -24.17
C VAL C 427 25.56 -3.25 -23.27
N VAL C 428 24.53 -2.45 -23.09
CA VAL C 428 23.38 -2.81 -22.25
C VAL C 428 22.12 -2.98 -23.08
N THR C 429 21.54 -4.17 -23.06
CA THR C 429 20.33 -4.51 -23.82
C THR C 429 19.37 -5.32 -22.88
N GLY C 430 18.24 -5.75 -23.40
CA GLY C 430 17.28 -6.60 -22.70
C GLY C 430 17.14 -7.92 -23.45
N TRP C 431 16.42 -8.87 -22.87
CA TRP C 431 16.25 -10.23 -23.42
C TRP C 431 15.08 -10.38 -24.40
N ARG C 432 14.26 -9.33 -24.54
CA ARG C 432 13.10 -9.34 -25.38
C ARG C 432 12.73 -7.89 -25.75
N PRO C 433 11.94 -7.70 -26.81
CA PRO C 433 11.55 -6.33 -27.20
C PRO C 433 10.61 -5.67 -26.21
N GLY C 434 10.51 -4.37 -26.31
CA GLY C 434 9.64 -3.59 -25.45
C GLY C 434 10.41 -3.09 -24.27
N SER C 435 9.93 -1.99 -23.74
CA SER C 435 10.49 -1.32 -22.61
C SER C 435 10.35 -2.17 -21.33
N GLY C 436 11.29 -2.01 -20.40
CA GLY C 436 11.24 -2.68 -19.10
C GLY C 436 11.93 -4.02 -18.92
N TYR C 437 12.64 -4.52 -19.93
CA TYR C 437 13.29 -5.85 -19.87
C TYR C 437 14.78 -5.84 -19.91
N THR C 438 15.44 -4.67 -19.66
CA THR C 438 16.89 -4.60 -19.69
C THR C 438 17.46 -5.55 -18.64
N ASN C 439 18.36 -6.45 -19.06
CA ASN C 439 18.93 -7.40 -18.11
C ASN C 439 20.28 -7.93 -18.57
N ILE C 440 20.83 -7.43 -19.70
CA ILE C 440 22.07 -7.93 -20.25
C ILE C 440 23.09 -6.85 -20.33
N MET C 441 24.33 -7.21 -20.03
CA MET C 441 25.48 -6.35 -20.12
C MET C 441 26.56 -7.18 -20.88
N ARG C 442 27.12 -6.62 -21.94
CA ARG C 442 28.16 -7.31 -22.73
C ARG C 442 29.41 -6.45 -22.82
N VAL C 443 30.57 -7.08 -22.85
CA VAL C 443 31.83 -6.36 -23.03
C VAL C 443 32.21 -6.61 -24.49
N LEU C 444 32.28 -5.56 -25.29
CA LEU C 444 32.59 -5.69 -26.70
C LEU C 444 33.89 -4.98 -27.07
N SER C 445 34.70 -5.61 -27.90
CA SER C 445 35.93 -5.02 -28.39
C SER C 445 35.61 -4.35 -29.74
N ILE C 446 35.96 -3.08 -29.92
CA ILE C 446 35.66 -2.36 -31.13
C ILE C 446 36.54 -2.82 -32.27
N SER C 447 35.93 -3.29 -33.35
CA SER C 447 36.66 -3.74 -34.52
C SER C 447 36.34 -2.90 -35.76
N GLY D 23 11.48 -11.04 3.66
CA GLY D 23 11.08 -11.45 4.99
C GLY D 23 12.13 -11.17 6.05
N THR D 24 11.70 -11.02 7.31
CA THR D 24 12.61 -10.74 8.42
C THR D 24 13.51 -11.94 8.75
N ALA D 25 12.98 -13.16 8.57
CA ALA D 25 13.72 -14.39 8.84
C ALA D 25 14.93 -14.49 7.94
N PHE D 26 14.82 -14.05 6.66
CA PHE D 26 15.93 -14.07 5.70
C PHE D 26 17.07 -13.21 6.22
N PHE D 27 16.76 -12.02 6.74
CA PHE D 27 17.78 -11.10 7.23
C PHE D 27 18.34 -11.43 8.63
N GLN D 28 17.82 -12.47 9.29
CA GLN D 28 18.38 -12.90 10.58
C GLN D 28 19.37 -14.08 10.41
N GLN D 29 19.24 -14.86 9.31
CA GLN D 29 20.13 -15.97 9.00
C GLN D 29 21.43 -15.47 8.35
N GLN D 30 22.40 -16.40 8.15
CA GLN D 30 23.72 -16.23 7.53
C GLN D 30 24.47 -14.96 7.94
N GLN D 31 24.40 -14.61 9.23
CA GLN D 31 25.05 -13.45 9.83
C GLN D 31 24.78 -12.16 9.06
N LEU D 32 23.58 -12.02 8.47
CA LEU D 32 23.25 -10.82 7.71
C LEU D 32 23.26 -9.55 8.58
N PRO D 33 22.81 -9.54 9.86
CA PRO D 33 22.98 -8.34 10.69
C PRO D 33 24.45 -7.95 10.81
N ALA D 34 25.36 -8.94 11.04
CA ALA D 34 26.79 -8.66 11.12
C ALA D 34 27.38 -8.21 9.77
N ALA D 35 26.81 -8.71 8.66
CA ALA D 35 27.25 -8.39 7.30
C ALA D 35 26.93 -6.95 6.91
N MET D 36 25.84 -6.40 7.47
CA MET D 36 25.41 -5.03 7.19
C MET D 36 26.11 -3.98 8.05
N ALA D 37 26.98 -4.38 8.99
CA ALA D 37 27.64 -3.45 9.88
C ALA D 37 28.55 -2.46 9.18
N ASP D 38 28.69 -1.25 9.75
CA ASP D 38 29.49 -0.16 9.19
C ASP D 38 30.98 -0.25 9.49
N THR D 39 31.36 -1.01 10.51
CA THR D 39 32.76 -1.22 10.84
C THR D 39 33.03 -2.72 11.08
N PHE D 40 34.28 -3.14 10.98
CA PHE D 40 34.68 -4.51 11.27
C PHE D 40 34.44 -4.83 12.75
N LEU D 41 34.66 -3.86 13.65
CA LEU D 41 34.43 -4.02 15.07
C LEU D 41 32.94 -4.28 15.35
N GLU D 42 32.04 -3.49 14.73
CA GLU D 42 30.61 -3.70 14.92
C GLU D 42 30.14 -5.01 14.25
N HIS D 43 30.83 -5.43 13.17
CA HIS D 43 30.56 -6.69 12.49
C HIS D 43 30.81 -7.84 13.49
N LEU D 44 31.94 -7.82 14.19
CA LEU D 44 32.26 -8.84 15.17
C LEU D 44 31.23 -8.82 16.29
N CYS D 45 30.86 -7.63 16.80
CA CYS D 45 29.88 -7.49 17.89
C CYS D 45 28.53 -8.06 17.52
N LEU D 46 28.18 -8.08 16.24
CA LEU D 46 26.88 -8.56 15.77
C LEU D 46 26.83 -10.05 15.42
N LEU D 47 27.97 -10.77 15.49
CA LEU D 47 27.98 -12.20 15.18
C LEU D 47 27.08 -12.93 16.17
N ASP D 48 26.24 -13.82 15.65
CA ASP D 48 25.25 -14.50 16.45
C ASP D 48 25.36 -16.03 16.28
N ILE D 49 25.56 -16.76 17.39
CA ILE D 49 25.61 -18.21 17.32
C ILE D 49 24.25 -18.83 16.88
N ASP D 50 23.15 -18.08 17.01
CA ASP D 50 21.84 -18.55 16.58
C ASP D 50 21.50 -18.19 15.12
N SER D 51 22.38 -17.47 14.42
CA SER D 51 22.15 -17.10 13.02
C SER D 51 22.68 -18.25 12.19
N GLU D 52 21.78 -19.11 11.70
CA GLU D 52 22.19 -20.31 10.97
C GLU D 52 22.69 -20.06 9.55
N PRO D 53 23.77 -20.79 9.16
CA PRO D 53 24.27 -20.65 7.79
C PRO D 53 23.25 -21.22 6.79
N VAL D 54 23.06 -20.53 5.66
CA VAL D 54 22.10 -20.93 4.63
C VAL D 54 22.83 -21.33 3.34
N ALA D 55 23.84 -20.56 2.97
CA ALA D 55 24.61 -20.82 1.77
C ALA D 55 25.36 -22.16 1.81
N ALA D 56 25.62 -22.73 0.64
CA ALA D 56 26.38 -23.96 0.52
C ALA D 56 27.84 -23.66 0.93
N ARG D 57 28.54 -24.66 1.46
CA ARG D 57 29.93 -24.49 1.88
C ARG D 57 30.79 -24.23 0.68
N SER D 58 31.54 -23.15 0.70
CA SER D 58 32.31 -22.72 -0.44
C SER D 58 33.82 -23.03 -0.37
N THR D 59 34.39 -23.24 0.83
CA THR D 59 35.81 -23.60 0.94
C THR D 59 35.97 -25.10 0.68
N SER D 60 36.78 -25.52 -0.30
CA SER D 60 36.96 -26.93 -0.61
CA SER D 60 36.96 -26.93 -0.63
C SER D 60 37.74 -27.68 0.44
N ILE D 61 37.46 -28.96 0.57
CA ILE D 61 38.13 -29.80 1.54
C ILE D 61 39.00 -30.77 0.76
N ILE D 62 40.31 -30.78 1.05
CA ILE D 62 41.23 -31.73 0.48
C ILE D 62 41.43 -32.80 1.55
N ALA D 63 41.14 -34.07 1.26
CA ALA D 63 41.31 -35.15 2.21
C ALA D 63 42.43 -36.03 1.66
N THR D 64 43.49 -36.28 2.46
CA THR D 64 44.56 -37.16 2.01
C THR D 64 44.08 -38.63 2.07
N ILE D 65 44.39 -39.39 1.03
CA ILE D 65 44.01 -40.77 0.92
C ILE D 65 45.11 -41.64 1.50
N GLY D 66 44.70 -42.65 2.27
CA GLY D 66 45.59 -43.60 2.91
C GLY D 66 44.81 -44.81 3.35
N PRO D 67 45.47 -45.68 4.15
CA PRO D 67 44.79 -46.89 4.68
C PRO D 67 43.39 -46.68 5.30
N ALA D 68 43.17 -45.55 5.96
CA ALA D 68 41.88 -45.26 6.61
C ALA D 68 40.80 -44.79 5.65
N SER D 69 41.14 -44.46 4.40
CA SER D 69 40.18 -43.86 3.48
C SER D 69 40.30 -44.38 2.06
N ARG D 70 40.75 -45.61 1.89
CA ARG D 70 40.97 -46.17 0.55
C ARG D 70 39.85 -47.07 0.07
N SER D 71 39.07 -47.61 0.99
CA SER D 71 37.95 -48.48 0.64
C SER D 71 36.94 -47.66 -0.20
N VAL D 72 36.45 -48.23 -1.32
CA VAL D 72 35.43 -47.58 -2.17
C VAL D 72 34.21 -47.14 -1.35
N GLU D 73 33.79 -47.96 -0.43
CA GLU D 73 32.63 -47.66 0.41
CA GLU D 73 32.63 -47.66 0.42
C GLU D 73 32.90 -46.52 1.39
N ARG D 74 34.12 -46.42 1.88
CA ARG D 74 34.50 -45.35 2.77
C ARG D 74 34.62 -44.05 1.96
N LEU D 75 35.19 -44.12 0.74
CA LEU D 75 35.31 -42.99 -0.17
C LEU D 75 33.92 -42.43 -0.55
N LYS D 76 32.89 -43.28 -0.70
CA LYS D 76 31.55 -42.80 -0.99
C LYS D 76 31.03 -41.97 0.17
N GLU D 77 31.31 -42.41 1.42
CA GLU D 77 30.91 -41.69 2.62
C GLU D 77 31.66 -40.37 2.75
N MET D 78 32.93 -40.35 2.36
CA MET D 78 33.73 -39.11 2.42
CA MET D 78 33.74 -39.12 2.41
C MET D 78 33.26 -38.11 1.37
N ILE D 79 32.81 -38.59 0.20
CA ILE D 79 32.29 -37.71 -0.84
C ILE D 79 30.98 -37.09 -0.32
N LYS D 80 30.11 -37.90 0.30
CA LYS D 80 28.87 -37.40 0.87
C LYS D 80 29.12 -36.42 2.04
N ALA D 81 30.20 -36.63 2.82
CA ALA D 81 30.57 -35.72 3.94
C ALA D 81 31.09 -34.37 3.46
N GLY D 82 31.59 -34.31 2.22
CA GLY D 82 32.08 -33.07 1.66
C GLY D 82 33.45 -33.05 1.03
N MET D 83 34.17 -34.20 0.93
CA MET D 83 35.51 -34.21 0.30
C MET D 83 35.41 -33.73 -1.16
N ASN D 84 36.27 -32.79 -1.56
CA ASN D 84 36.25 -32.27 -2.93
C ASN D 84 37.49 -32.67 -3.71
N ILE D 85 38.62 -32.86 -3.02
CA ILE D 85 39.90 -33.21 -3.62
C ILE D 85 40.52 -34.33 -2.83
N ALA D 86 40.96 -35.38 -3.52
CA ALA D 86 41.63 -36.53 -2.91
C ALA D 86 43.13 -36.32 -3.14
N ARG D 87 43.89 -36.17 -2.05
CA ARG D 87 45.32 -35.99 -2.15
C ARG D 87 46.06 -37.34 -1.99
N LEU D 88 46.95 -37.63 -2.94
CA LEU D 88 47.82 -38.79 -2.96
C LEU D 88 49.19 -38.30 -2.53
N ASN D 89 49.70 -38.80 -1.41
CA ASN D 89 50.99 -38.35 -0.92
C ASN D 89 52.05 -39.28 -1.42
N PHE D 90 52.82 -38.85 -2.42
CA PHE D 90 53.88 -39.68 -3.00
C PHE D 90 55.11 -39.82 -2.10
N SER D 91 55.07 -39.26 -0.87
CA SER D 91 56.11 -39.49 0.13
C SER D 91 55.94 -40.93 0.72
N HIS D 92 54.74 -41.55 0.57
CA HIS D 92 54.37 -42.89 1.04
C HIS D 92 53.88 -43.75 -0.11
N GLY D 93 54.10 -45.04 -0.03
CA GLY D 93 53.64 -45.99 -1.02
C GLY D 93 54.31 -45.98 -2.38
N SER D 94 54.05 -47.05 -3.12
CA SER D 94 54.54 -47.24 -4.48
C SER D 94 53.55 -46.66 -5.54
N HIS D 95 53.92 -46.71 -6.81
CA HIS D 95 53.08 -46.33 -7.93
C HIS D 95 51.87 -47.27 -8.00
N GLU D 96 52.07 -48.56 -7.72
CA GLU D 96 50.96 -49.53 -7.73
C GLU D 96 49.94 -49.18 -6.64
N TYR D 97 50.42 -48.70 -5.48
CA TYR D 97 49.55 -48.30 -4.37
C TYR D 97 48.68 -47.10 -4.84
N HIS D 98 49.31 -46.07 -5.33
CA HIS D 98 48.61 -44.86 -5.73
C HIS D 98 47.68 -45.08 -6.91
N ALA D 99 48.04 -46.00 -7.83
CA ALA D 99 47.16 -46.36 -8.95
C ALA D 99 45.88 -47.00 -8.42
N GLU D 100 46.00 -47.86 -7.39
CA GLU D 100 44.84 -48.47 -6.74
C GLU D 100 43.99 -47.39 -6.01
N SER D 101 44.64 -46.40 -5.36
CA SER D 101 43.94 -45.28 -4.69
C SER D 101 43.09 -44.50 -5.75
N ILE D 102 43.71 -44.18 -6.87
CA ILE D 102 43.08 -43.46 -7.97
C ILE D 102 41.86 -44.21 -8.46
N ALA D 103 42.03 -45.54 -8.69
CA ALA D 103 40.94 -46.39 -9.15
C ALA D 103 39.79 -46.41 -8.17
N ASN D 104 40.08 -46.47 -6.86
CA ASN D 104 39.03 -46.51 -5.85
C ASN D 104 38.29 -45.19 -5.76
N VAL D 105 39.02 -44.08 -5.88
CA VAL D 105 38.40 -42.77 -5.86
C VAL D 105 37.47 -42.63 -7.07
N ARG D 106 37.98 -42.97 -8.26
CA ARG D 106 37.16 -42.89 -9.47
C ARG D 106 35.95 -43.79 -9.42
N GLU D 107 36.09 -44.99 -8.82
CA GLU D 107 34.96 -45.90 -8.68
C GLU D 107 33.92 -45.30 -7.76
N ALA D 108 34.35 -44.73 -6.63
CA ALA D 108 33.42 -44.11 -5.68
C ALA D 108 32.72 -42.88 -6.30
N VAL D 109 33.47 -42.04 -7.02
CA VAL D 109 32.92 -40.86 -7.69
C VAL D 109 31.91 -41.24 -8.75
N GLU D 110 32.25 -42.24 -9.59
CA GLU D 110 31.34 -42.66 -10.65
C GLU D 110 30.12 -43.41 -10.16
N SER D 111 30.10 -43.89 -8.91
CA SER D 111 28.93 -44.55 -8.37
C SER D 111 27.73 -43.59 -8.23
N PHE D 112 27.97 -42.28 -8.30
CA PHE D 112 26.91 -41.27 -8.22
C PHE D 112 26.58 -40.65 -9.59
N ALA D 113 27.24 -41.10 -10.69
CA ALA D 113 27.02 -40.57 -12.04
C ALA D 113 25.62 -40.81 -12.61
N GLY D 114 24.88 -41.77 -12.04
CA GLY D 114 23.52 -42.09 -12.46
C GLY D 114 22.54 -40.96 -12.21
N SER D 115 22.90 -40.01 -11.32
CA SER D 115 22.08 -38.83 -11.03
C SER D 115 22.89 -37.60 -11.46
N PRO D 116 22.85 -37.23 -12.75
CA PRO D 116 23.69 -36.12 -13.23
C PRO D 116 23.47 -34.77 -12.56
N LEU D 117 22.26 -34.56 -12.04
CA LEU D 117 21.96 -33.31 -11.35
C LEU D 117 22.58 -33.26 -9.93
N SER D 118 22.97 -34.41 -9.34
CA SER D 118 23.54 -34.43 -7.99
CA SER D 118 23.54 -34.43 -7.99
C SER D 118 25.03 -34.84 -7.99
N TYR D 119 25.53 -35.42 -9.09
CA TYR D 119 26.91 -35.88 -9.22
C TYR D 119 27.95 -34.85 -8.77
N ARG D 120 28.88 -35.29 -7.93
CA ARG D 120 29.94 -34.43 -7.45
C ARG D 120 31.32 -34.85 -7.94
N PRO D 121 31.94 -34.04 -8.80
CA PRO D 121 33.31 -34.35 -9.26
C PRO D 121 34.30 -34.24 -8.09
N VAL D 122 35.36 -35.07 -8.10
CA VAL D 122 36.37 -35.03 -7.07
C VAL D 122 37.72 -34.98 -7.78
N ALA D 123 38.53 -33.95 -7.51
CA ALA D 123 39.82 -33.82 -8.14
C ALA D 123 40.79 -34.80 -7.52
N ILE D 124 41.84 -35.16 -8.27
CA ILE D 124 42.89 -36.03 -7.76
C ILE D 124 44.17 -35.23 -7.81
N ALA D 125 44.79 -35.06 -6.66
CA ALA D 125 46.00 -34.28 -6.54
C ALA D 125 47.15 -35.16 -6.13
N LEU D 126 48.29 -34.96 -6.78
CA LEU D 126 49.48 -35.74 -6.50
C LEU D 126 50.42 -34.81 -5.70
N ASP D 127 50.78 -35.20 -4.48
CA ASP D 127 51.67 -34.40 -3.65
C ASP D 127 53.04 -35.06 -3.79
N THR D 128 54.02 -34.36 -4.33
CA THR D 128 55.34 -34.95 -4.58
C THR D 128 56.14 -35.21 -3.32
N LYS D 129 57.10 -36.15 -3.41
CA LYS D 129 57.98 -36.48 -2.31
C LYS D 129 58.86 -35.26 -2.00
N GLY D 130 59.40 -34.60 -3.01
CA GLY D 130 60.21 -33.41 -2.81
C GLY D 130 61.67 -33.55 -3.18
N PRO D 131 62.41 -32.44 -3.03
CA PRO D 131 63.81 -32.43 -3.44
C PRO D 131 64.80 -33.15 -2.53
N GLY D 132 64.45 -33.30 -1.26
CA GLY D 132 65.33 -33.90 -0.26
C GLY D 132 66.55 -33.02 -0.04
N SER D 133 67.75 -33.63 -0.07
CA SER D 133 69.00 -32.89 0.07
C SER D 133 69.42 -32.14 -1.21
N GLY D 134 68.83 -32.49 -2.36
CA GLY D 134 69.16 -31.89 -3.64
C GLY D 134 68.69 -30.47 -3.81
N PRO D 135 69.26 -29.77 -4.78
CA PRO D 135 68.94 -28.36 -5.03
C PRO D 135 67.76 -28.09 -5.93
N GLY D 136 67.21 -29.14 -6.54
CA GLY D 136 66.09 -29.00 -7.47
C GLY D 136 65.27 -30.25 -7.62
N LEU D 137 64.72 -30.48 -8.83
CA LEU D 137 63.85 -31.63 -9.08
C LEU D 137 64.55 -32.97 -9.03
N SER D 138 64.15 -33.82 -8.10
CA SER D 138 64.73 -35.14 -7.94
C SER D 138 64.31 -36.10 -9.06
N GLU D 139 65.06 -37.20 -9.23
CA GLU D 139 64.72 -38.18 -10.27
C GLU D 139 63.48 -38.97 -9.92
N GLN D 140 63.19 -39.19 -8.63
CA GLN D 140 61.96 -39.85 -8.21
C GLN D 140 60.75 -38.93 -8.52
N ASP D 141 60.91 -37.61 -8.34
CA ASP D 141 59.84 -36.67 -8.66
C ASP D 141 59.54 -36.69 -10.15
N VAL D 142 60.57 -36.83 -11.01
CA VAL D 142 60.34 -36.93 -12.47
C VAL D 142 59.52 -38.16 -12.80
N ARG D 143 59.83 -39.30 -12.15
CA ARG D 143 59.08 -40.53 -12.36
C ARG D 143 57.66 -40.44 -11.84
N ASP D 144 57.46 -39.81 -10.67
CA ASP D 144 56.13 -39.65 -10.08
C ASP D 144 55.27 -38.67 -10.87
N LEU D 145 55.86 -37.58 -11.35
CA LEU D 145 55.14 -36.62 -12.19
C LEU D 145 54.69 -37.29 -13.50
N ARG D 146 55.56 -38.13 -14.10
CA ARG D 146 55.15 -38.80 -15.33
CA ARG D 146 55.21 -38.86 -15.32
C ARG D 146 54.05 -39.82 -15.04
N PHE D 147 54.06 -40.46 -13.84
CA PHE D 147 53.00 -41.37 -13.42
C PHE D 147 51.68 -40.59 -13.36
N GLY D 148 51.70 -39.39 -12.81
CA GLY D 148 50.54 -38.54 -12.67
C GLY D 148 49.91 -38.18 -14.00
N VAL D 149 50.76 -37.84 -14.99
CA VAL D 149 50.28 -37.53 -16.33
C VAL D 149 49.62 -38.79 -16.94
N GLU D 150 50.30 -39.96 -16.83
CA GLU D 150 49.79 -41.22 -17.35
C GLU D 150 48.49 -41.63 -16.72
N HIS D 151 48.26 -41.28 -15.43
CA HIS D 151 47.03 -41.65 -14.74
C HIS D 151 45.98 -40.55 -14.69
N GLY D 152 46.22 -39.44 -15.39
CA GLY D 152 45.27 -38.34 -15.49
C GLY D 152 45.00 -37.56 -14.23
N VAL D 153 46.03 -37.25 -13.43
CA VAL D 153 45.81 -36.45 -12.21
C VAL D 153 45.49 -35.01 -12.60
N ASP D 154 44.74 -34.31 -11.74
CA ASP D 154 44.30 -32.95 -12.07
C ASP D 154 45.25 -31.88 -11.54
N ILE D 155 45.85 -32.14 -10.39
CA ILE D 155 46.67 -31.16 -9.71
C ILE D 155 47.95 -31.79 -9.20
N VAL D 156 49.02 -31.00 -9.12
CA VAL D 156 50.25 -31.40 -8.52
C VAL D 156 50.50 -30.43 -7.32
N PHE D 157 50.70 -30.96 -6.12
CA PHE D 157 51.06 -30.16 -4.97
C PHE D 157 52.57 -30.37 -4.94
N ALA D 158 53.34 -29.40 -5.44
CA ALA D 158 54.79 -29.55 -5.55
C ALA D 158 55.49 -29.23 -4.25
N SER D 159 56.09 -30.25 -3.63
CA SER D 159 56.81 -30.12 -2.36
C SER D 159 58.08 -29.27 -2.39
N PHE D 160 58.30 -28.48 -1.33
CA PHE D 160 59.47 -27.62 -1.10
C PHE D 160 59.87 -26.72 -2.28
N VAL D 161 58.93 -25.95 -2.81
CA VAL D 161 59.24 -25.03 -3.91
C VAL D 161 59.98 -23.83 -3.28
N ARG D 162 61.22 -23.58 -3.74
CA ARG D 162 62.06 -22.51 -3.19
C ARG D 162 62.28 -21.33 -4.14
N LYS D 163 61.97 -21.51 -5.46
CA LYS D 163 62.18 -20.49 -6.47
C LYS D 163 61.35 -20.78 -7.73
N ALA D 164 61.24 -19.82 -8.65
CA ALA D 164 60.46 -19.97 -9.87
C ALA D 164 60.98 -21.10 -10.73
N SER D 165 62.31 -21.32 -10.76
CA SER D 165 62.88 -22.40 -11.58
C SER D 165 62.42 -23.81 -11.13
N ASP D 166 62.03 -23.97 -9.85
CA ASP D 166 61.50 -25.24 -9.32
C ASP D 166 60.15 -25.53 -9.98
N VAL D 167 59.33 -24.49 -10.19
CA VAL D 167 58.02 -24.64 -10.82
C VAL D 167 58.20 -24.99 -12.29
N ALA D 168 59.16 -24.34 -12.95
CA ALA D 168 59.46 -24.60 -14.37
C ALA D 168 59.95 -26.04 -14.53
N ALA D 169 60.75 -26.55 -13.58
CA ALA D 169 61.22 -27.94 -13.64
C ALA D 169 60.05 -28.92 -13.52
N VAL D 170 59.06 -28.63 -12.66
CA VAL D 170 57.88 -29.47 -12.51
C VAL D 170 57.07 -29.44 -13.81
N ARG D 171 56.87 -28.26 -14.36
CA ARG D 171 56.11 -28.09 -15.59
C ARG D 171 56.78 -28.86 -16.76
N ALA D 172 58.12 -28.80 -16.86
CA ALA D 172 58.85 -29.50 -17.90
C ALA D 172 58.70 -31.01 -17.71
N ALA D 173 58.77 -31.49 -16.45
CA ALA D 173 58.62 -32.93 -16.18
C ALA D 173 57.21 -33.45 -16.46
N LEU D 174 56.19 -32.59 -16.50
CA LEU D 174 54.84 -33.01 -16.85
C LEU D 174 54.68 -33.22 -18.38
N GLY D 175 55.59 -32.64 -19.17
CA GLY D 175 55.63 -32.81 -20.61
C GLY D 175 54.49 -32.14 -21.33
N PRO D 176 54.37 -32.41 -22.64
CA PRO D 176 53.29 -31.79 -23.41
C PRO D 176 51.92 -32.36 -23.09
N GLU D 177 51.83 -33.62 -22.67
CA GLU D 177 50.53 -34.23 -22.34
C GLU D 177 49.94 -33.77 -20.98
N GLY D 178 50.74 -33.11 -20.16
CA GLY D 178 50.26 -32.63 -18.85
C GLY D 178 50.14 -31.13 -18.79
N HIS D 179 49.90 -30.46 -19.94
CA HIS D 179 49.79 -29.00 -20.00
CA HIS D 179 49.79 -28.99 -20.01
C HIS D 179 48.62 -28.46 -19.18
N GLY D 180 47.54 -29.24 -19.11
CA GLY D 180 46.35 -28.86 -18.37
C GLY D 180 46.38 -29.12 -16.87
N ILE D 181 47.43 -29.77 -16.34
CA ILE D 181 47.53 -30.06 -14.90
C ILE D 181 47.91 -28.78 -14.12
N LYS D 182 47.20 -28.50 -13.02
CA LYS D 182 47.49 -27.30 -12.21
C LYS D 182 48.64 -27.56 -11.28
N ILE D 183 49.57 -26.62 -11.17
CA ILE D 183 50.70 -26.76 -10.26
C ILE D 183 50.50 -25.82 -9.08
N ILE D 184 50.29 -26.41 -7.89
CA ILE D 184 50.12 -25.66 -6.64
C ILE D 184 51.44 -25.81 -5.92
N SER D 185 52.19 -24.72 -5.76
CA SER D 185 53.48 -24.76 -5.10
C SER D 185 53.37 -24.76 -3.59
N LYS D 186 53.99 -25.75 -2.93
CA LYS D 186 53.98 -25.82 -1.48
C LYS D 186 55.13 -24.97 -0.95
N ILE D 187 54.81 -24.00 -0.08
CA ILE D 187 55.82 -23.14 0.53
C ILE D 187 56.09 -23.75 1.90
N GLU D 188 57.29 -24.31 2.08
CA GLU D 188 57.61 -25.02 3.31
C GLU D 188 58.86 -24.57 4.03
N ASN D 189 59.53 -23.51 3.58
CA ASN D 189 60.77 -23.06 4.24
C ASN D 189 60.99 -21.56 4.08
N HIS D 190 62.03 -21.01 4.72
CA HIS D 190 62.31 -19.59 4.66
C HIS D 190 62.51 -19.07 3.23
N GLU D 191 63.26 -19.79 2.40
CA GLU D 191 63.50 -19.37 1.01
C GLU D 191 62.23 -19.24 0.22
N GLY D 192 61.31 -20.21 0.33
CA GLY D 192 60.03 -20.16 -0.33
C GLY D 192 59.20 -18.96 0.10
N VAL D 193 59.25 -18.61 1.39
CA VAL D 193 58.52 -17.43 1.90
C VAL D 193 59.14 -16.15 1.36
N LYS D 194 60.47 -16.07 1.36
CA LYS D 194 61.17 -14.88 0.82
C LYS D 194 61.03 -14.69 -0.70
N ARG D 195 61.00 -15.79 -1.43
CA ARG D 195 60.84 -15.75 -2.88
C ARG D 195 59.41 -16.00 -3.31
N PHE D 196 58.43 -15.78 -2.40
CA PHE D 196 57.00 -16.00 -2.64
C PHE D 196 56.47 -15.37 -3.91
N ASP D 197 56.77 -14.08 -4.14
CA ASP D 197 56.24 -13.38 -5.31
C ASP D 197 56.61 -14.03 -6.65
N GLU D 198 57.89 -14.41 -6.81
CA GLU D 198 58.36 -15.05 -8.03
C GLU D 198 57.75 -16.44 -8.19
N ILE D 199 57.51 -17.15 -7.07
CA ILE D 199 56.91 -18.47 -7.11
C ILE D 199 55.44 -18.35 -7.48
N LEU D 200 54.71 -17.43 -6.84
CA LEU D 200 53.28 -17.25 -7.13
C LEU D 200 53.04 -16.83 -8.60
N GLU D 201 53.93 -15.99 -9.14
CA GLU D 201 53.82 -15.53 -10.53
C GLU D 201 53.77 -16.67 -11.53
N VAL D 202 54.57 -17.73 -11.33
CA VAL D 202 54.59 -18.86 -12.26
C VAL D 202 53.77 -20.07 -11.83
N SER D 203 53.18 -20.05 -10.64
CA SER D 203 52.37 -21.18 -10.14
C SER D 203 50.90 -20.92 -10.42
N ASP D 204 50.11 -21.97 -10.42
CA ASP D 204 48.67 -21.84 -10.52
C ASP D 204 48.05 -21.47 -9.14
N GLY D 205 48.75 -21.77 -8.06
CA GLY D 205 48.31 -21.51 -6.70
C GLY D 205 49.37 -21.91 -5.69
N ILE D 206 49.03 -21.79 -4.41
CA ILE D 206 49.98 -22.04 -3.35
C ILE D 206 49.38 -22.91 -2.25
N MET D 207 50.23 -23.69 -1.58
CA MET D 207 49.83 -24.40 -0.39
C MET D 207 50.72 -23.91 0.74
N VAL D 208 50.13 -23.48 1.85
CA VAL D 208 50.86 -23.08 3.04
C VAL D 208 51.07 -24.41 3.77
N ALA D 209 52.23 -25.05 3.57
CA ALA D 209 52.56 -26.35 4.13
C ALA D 209 53.15 -26.14 5.53
N ARG D 210 52.28 -25.95 6.54
CA ARG D 210 52.63 -25.56 7.90
C ARG D 210 53.46 -26.57 8.69
N GLY D 211 53.39 -27.85 8.33
CA GLY D 211 54.19 -28.87 8.99
C GLY D 211 55.68 -28.59 8.89
N ASP D 212 56.19 -28.58 7.65
CA ASP D 212 57.59 -28.27 7.41
C ASP D 212 57.90 -26.84 7.74
N LEU D 213 57.01 -25.91 7.41
CA LEU D 213 57.22 -24.49 7.67
C LEU D 213 57.46 -24.22 9.16
N GLY D 214 56.72 -24.90 10.03
CA GLY D 214 56.86 -24.76 11.48
C GLY D 214 58.14 -25.34 12.08
N ILE D 215 58.91 -26.09 11.27
CA ILE D 215 60.21 -26.67 11.62
C ILE D 215 61.30 -25.82 10.98
N GLU D 216 61.07 -25.29 9.75
CA GLU D 216 62.02 -24.48 9.00
C GLU D 216 62.14 -23.06 9.52
N ILE D 217 61.05 -22.49 10.03
CA ILE D 217 61.03 -21.15 10.63
C ILE D 217 60.50 -21.29 12.06
N PRO D 218 60.70 -20.30 12.96
CA PRO D 218 60.14 -20.41 14.33
C PRO D 218 58.61 -20.65 14.28
N ALA D 219 58.12 -21.58 15.06
CA ALA D 219 56.72 -21.95 15.11
C ALA D 219 55.79 -20.76 15.33
N GLU D 220 56.21 -19.81 16.15
CA GLU D 220 55.44 -18.61 16.46
C GLU D 220 55.31 -17.62 15.30
N LYS D 221 56.02 -17.82 14.19
CA LYS D 221 55.95 -16.97 13.01
C LYS D 221 55.09 -17.60 11.89
N VAL D 222 54.68 -18.89 11.99
CA VAL D 222 53.92 -19.53 10.92
C VAL D 222 52.63 -18.77 10.58
N PHE D 223 51.90 -18.28 11.59
CA PHE D 223 50.66 -17.55 11.33
C PHE D 223 50.89 -16.30 10.46
N LEU D 224 52.05 -15.63 10.57
CA LEU D 224 52.37 -14.48 9.75
C LEU D 224 52.58 -14.92 8.30
N ALA D 225 53.29 -16.03 8.08
CA ALA D 225 53.53 -16.54 6.75
C ALA D 225 52.20 -16.98 6.12
N GLN D 226 51.34 -17.65 6.91
CA GLN D 226 50.04 -18.09 6.43
C GLN D 226 49.19 -16.89 5.97
N LYS D 227 49.05 -15.87 6.82
CA LYS D 227 48.25 -14.71 6.53
C LYS D 227 48.76 -13.93 5.37
N MET D 228 50.10 -13.79 5.26
CA MET D 228 50.74 -13.07 4.16
C MET D 228 50.47 -13.78 2.82
N MET D 229 50.68 -15.09 2.78
CA MET D 229 50.49 -15.87 1.56
C MET D 229 49.03 -15.93 1.15
N ILE D 230 48.10 -16.04 2.10
CA ILE D 230 46.67 -16.04 1.78
C ILE D 230 46.27 -14.69 1.19
N GLY D 231 46.71 -13.59 1.83
CA GLY D 231 46.43 -12.25 1.33
C GLY D 231 46.96 -12.01 -0.07
N ARG D 232 48.21 -12.39 -0.34
CA ARG D 232 48.81 -12.23 -1.66
C ARG D 232 48.15 -13.08 -2.73
N CYS D 233 47.73 -14.31 -2.39
CA CYS D 233 47.00 -15.16 -3.33
C CYS D 233 45.66 -14.59 -3.64
N ASN D 234 44.97 -14.05 -2.62
CA ASN D 234 43.67 -13.41 -2.79
C ASN D 234 43.81 -12.21 -3.72
N LEU D 235 44.88 -11.43 -3.56
CA LEU D 235 45.15 -10.26 -4.38
C LEU D 235 45.40 -10.70 -5.83
N ALA D 236 46.17 -11.78 -6.02
CA ALA D 236 46.49 -12.30 -7.34
C ALA D 236 45.35 -13.10 -7.98
N GLY D 237 44.31 -13.44 -7.21
CA GLY D 237 43.21 -14.25 -7.71
C GLY D 237 43.63 -15.69 -7.97
N LYS D 238 44.56 -16.20 -7.15
CA LYS D 238 45.05 -17.57 -7.33
C LYS D 238 44.73 -18.44 -6.11
N PRO D 239 44.36 -19.71 -6.30
CA PRO D 239 44.01 -20.57 -5.15
C PRO D 239 45.10 -20.70 -4.09
N VAL D 240 44.67 -20.72 -2.81
CA VAL D 240 45.58 -20.91 -1.70
C VAL D 240 44.99 -21.97 -0.79
N VAL D 241 45.81 -22.95 -0.43
CA VAL D 241 45.39 -24.07 0.43
C VAL D 241 46.02 -23.90 1.80
N CYS D 242 45.23 -24.01 2.88
CA CYS D 242 45.81 -24.02 4.22
C CYS D 242 45.92 -25.48 4.60
N ALA D 243 47.12 -25.92 5.00
CA ALA D 243 47.34 -27.32 5.28
C ALA D 243 48.05 -27.59 6.60
N THR D 244 47.85 -28.84 7.13
CA THR D 244 48.54 -29.54 8.21
C THR D 244 48.13 -29.19 9.63
N GLN D 245 47.78 -30.26 10.38
CA GLN D 245 47.39 -30.25 11.80
C GLN D 245 46.17 -29.42 12.11
N MET D 246 45.29 -29.23 11.10
CA MET D 246 44.10 -28.43 11.32
C MET D 246 43.17 -29.05 12.33
N LEU D 247 42.99 -30.38 12.26
CA LEU D 247 42.15 -31.13 13.22
C LEU D 247 42.97 -32.34 13.72
N GLU D 248 44.27 -32.15 13.98
CA GLU D 248 45.20 -33.21 14.37
C GLU D 248 44.67 -34.22 15.43
N SER D 249 44.13 -33.73 16.54
CA SER D 249 43.63 -34.58 17.60
C SER D 249 42.54 -35.55 17.10
N MET D 250 41.83 -35.22 15.99
CA MET D 250 40.82 -36.13 15.43
C MET D 250 41.41 -37.40 14.77
N ILE D 251 42.74 -37.53 14.70
CA ILE D 251 43.36 -38.76 14.27
C ILE D 251 42.97 -39.92 15.27
N THR D 252 42.90 -39.60 16.56
CA THR D 252 42.54 -40.58 17.58
C THR D 252 41.28 -40.22 18.36
N LYS D 253 40.85 -38.96 18.43
CA LYS D 253 39.67 -38.57 19.20
C LYS D 253 38.48 -38.18 18.34
N PRO D 254 37.25 -38.45 18.79
CA PRO D 254 36.08 -38.16 17.95
C PRO D 254 35.72 -36.69 17.78
N ARG D 255 36.25 -35.82 18.62
CA ARG D 255 35.96 -34.40 18.59
C ARG D 255 37.29 -33.64 18.64
N PRO D 256 37.37 -32.50 17.94
CA PRO D 256 38.61 -31.72 17.98
C PRO D 256 38.74 -30.81 19.21
N THR D 257 39.93 -30.26 19.44
CA THR D 257 40.15 -29.32 20.51
C THR D 257 39.60 -27.93 20.10
N ARG D 258 39.51 -26.99 21.05
CA ARG D 258 39.04 -25.64 20.80
C ARG D 258 39.99 -24.87 19.91
N ALA D 259 41.29 -25.17 19.96
CA ALA D 259 42.28 -24.53 19.09
C ALA D 259 42.11 -25.00 17.65
N GLU D 260 41.72 -26.26 17.43
CA GLU D 260 41.55 -26.84 16.12
C GLU D 260 40.37 -26.29 15.40
N THR D 261 39.22 -26.15 16.07
CA THR D 261 38.05 -25.55 15.38
C THR D 261 38.34 -24.08 15.05
N SER D 262 38.99 -23.38 15.97
CA SER D 262 39.39 -21.99 15.79
C SER D 262 40.34 -21.87 14.59
N ASP D 263 41.33 -22.76 14.47
CA ASP D 263 42.29 -22.76 13.37
C ASP D 263 41.58 -22.91 12.01
N VAL D 264 40.61 -23.84 11.91
CA VAL D 264 39.88 -24.05 10.67
C VAL D 264 39.07 -22.78 10.33
N ALA D 265 38.37 -22.22 11.32
CA ALA D 265 37.55 -21.05 11.10
C ALA D 265 38.40 -19.86 10.68
N ASN D 266 39.55 -19.68 11.32
CA ASN D 266 40.44 -18.58 11.01
C ASN D 266 41.11 -18.73 9.66
N ALA D 267 41.35 -19.97 9.18
CA ALA D 267 41.92 -20.16 7.83
C ALA D 267 40.91 -19.69 6.78
N VAL D 268 39.61 -20.00 6.99
CA VAL D 268 38.54 -19.56 6.10
C VAL D 268 38.38 -18.04 6.19
N LEU D 269 38.39 -17.49 7.40
CA LEU D 269 38.28 -16.04 7.58
C LEU D 269 39.50 -15.32 6.99
N ASP D 270 40.69 -15.93 7.03
CA ASP D 270 41.91 -15.36 6.42
C ASP D 270 41.76 -15.23 4.89
N GLY D 271 40.98 -16.12 4.28
CA GLY D 271 40.76 -16.12 2.84
C GLY D 271 41.22 -17.37 2.11
N ALA D 272 41.46 -18.49 2.83
CA ALA D 272 41.90 -19.72 2.16
C ALA D 272 40.83 -20.23 1.22
N ASP D 273 41.22 -20.68 0.03
CA ASP D 273 40.27 -21.28 -0.90
C ASP D 273 39.98 -22.72 -0.49
N CYS D 274 41.01 -23.44 0.00
CA CYS D 274 40.91 -24.83 0.41
C CYS D 274 41.46 -25.04 1.79
N ILE D 275 40.93 -26.05 2.47
CA ILE D 275 41.45 -26.50 3.75
C ILE D 275 41.78 -28.00 3.59
N MET D 276 42.81 -28.47 4.26
CA MET D 276 43.30 -29.83 4.06
C MET D 276 43.34 -30.66 5.34
N LEU D 277 43.17 -31.98 5.15
CA LEU D 277 43.27 -33.02 6.15
C LEU D 277 44.36 -33.99 5.66
N SER D 278 45.34 -34.27 6.51
CA SER D 278 46.44 -35.17 6.18
C SER D 278 46.24 -36.50 6.97
N GLY D 279 46.88 -36.67 8.14
CA GLY D 279 46.72 -37.86 8.97
C GLY D 279 45.29 -38.12 9.36
N GLU D 280 44.49 -37.04 9.55
CA GLU D 280 43.08 -37.10 9.95
C GLU D 280 42.28 -37.97 9.00
N THR D 281 42.58 -37.92 7.67
CA THR D 281 41.86 -38.78 6.71
C THR D 281 42.74 -39.94 6.23
N ALA D 282 44.08 -39.77 6.21
CA ALA D 282 44.94 -40.83 5.69
C ALA D 282 45.04 -42.03 6.60
N LYS D 283 45.21 -41.82 7.90
CA LYS D 283 45.45 -42.92 8.82
C LYS D 283 44.66 -42.88 10.11
N GLY D 284 43.85 -41.86 10.34
CA GLY D 284 43.12 -41.73 11.60
C GLY D 284 41.92 -42.64 11.74
N ASN D 285 41.26 -42.57 12.90
CA ASN D 285 40.03 -43.34 13.20
C ASN D 285 38.75 -42.61 12.77
N PHE D 286 38.84 -41.33 12.44
CA PHE D 286 37.66 -40.53 12.14
C PHE D 286 37.76 -39.81 10.79
N PRO D 287 38.06 -40.50 9.67
CA PRO D 287 38.18 -39.78 8.39
C PRO D 287 36.90 -39.07 7.98
N VAL D 288 35.76 -39.74 8.08
CA VAL D 288 34.51 -39.16 7.67
C VAL D 288 34.13 -38.02 8.60
N GLU D 289 34.32 -38.21 9.91
CA GLU D 289 33.97 -37.17 10.87
C GLU D 289 34.89 -35.97 10.75
N ALA D 290 36.17 -36.17 10.37
CA ALA D 290 37.09 -35.04 10.22
C ALA D 290 36.63 -34.17 9.03
N VAL D 291 36.14 -34.80 7.95
CA VAL D 291 35.60 -34.11 6.77
C VAL D 291 34.33 -33.37 7.19
N LYS D 292 33.43 -34.05 7.93
CA LYS D 292 32.19 -33.43 8.40
C LYS D 292 32.47 -32.22 9.28
N MET D 293 33.48 -32.30 10.15
CA MET D 293 33.83 -31.20 11.05
C MET D 293 34.33 -30.00 10.25
N GLN D 294 35.22 -30.22 9.26
CA GLN D 294 35.72 -29.14 8.42
C GLN D 294 34.58 -28.51 7.62
N HIS D 295 33.63 -29.34 7.15
CA HIS D 295 32.48 -28.86 6.43
C HIS D 295 31.64 -27.92 7.33
N ALA D 296 31.35 -28.34 8.55
CA ALA D 296 30.53 -27.58 9.50
C ALA D 296 31.18 -26.27 9.88
N ILE D 297 32.49 -26.28 10.16
CA ILE D 297 33.19 -25.06 10.55
C ILE D 297 33.27 -24.08 9.40
N ALA D 298 33.63 -24.57 8.20
CA ALA D 298 33.73 -23.72 7.02
C ALA D 298 32.43 -23.00 6.70
N ARG D 299 31.28 -23.67 6.78
CA ARG D 299 29.99 -23.04 6.55
C ARG D 299 29.74 -21.91 7.54
N GLU D 300 30.05 -22.12 8.83
CA GLU D 300 29.88 -21.08 9.84
C GLU D 300 30.80 -19.90 9.57
N ALA D 301 32.09 -20.18 9.25
CA ALA D 301 33.08 -19.15 9.04
C ALA D 301 32.82 -18.34 7.77
N GLU D 302 32.28 -18.96 6.73
CA GLU D 302 31.98 -18.25 5.48
C GLU D 302 30.88 -17.20 5.67
N ALA D 303 29.86 -17.50 6.49
CA ALA D 303 28.80 -16.52 6.76
C ALA D 303 29.34 -15.37 7.60
N ALA D 304 30.37 -15.60 8.42
CA ALA D 304 30.97 -14.59 9.27
C ALA D 304 31.98 -13.71 8.53
N VAL D 305 32.26 -13.95 7.24
CA VAL D 305 33.16 -13.10 6.47
C VAL D 305 32.51 -11.72 6.31
N TYR D 306 33.29 -10.66 6.52
CA TYR D 306 32.78 -9.29 6.41
C TYR D 306 32.89 -8.83 4.93
N HIS D 307 31.95 -9.28 4.07
CA HIS D 307 31.99 -9.00 2.64
C HIS D 307 32.03 -7.52 2.28
N ARG D 308 31.42 -6.65 3.10
CA ARG D 308 31.41 -5.21 2.83
C ARG D 308 32.83 -4.66 2.67
N GLN D 309 33.73 -4.98 3.62
CA GLN D 309 35.10 -4.55 3.52
C GLN D 309 35.88 -5.38 2.47
N LEU D 310 35.66 -6.70 2.47
CA LEU D 310 36.36 -7.59 1.57
C LEU D 310 36.17 -7.27 0.09
N PHE D 311 34.92 -7.09 -0.37
CA PHE D 311 34.67 -6.76 -1.78
C PHE D 311 35.25 -5.44 -2.13
N GLU D 312 35.11 -4.43 -1.24
CA GLU D 312 35.64 -3.08 -1.44
C GLU D 312 37.16 -3.13 -1.66
N GLU D 313 37.86 -3.89 -0.78
CA GLU D 313 39.30 -4.01 -0.84
C GLU D 313 39.78 -4.80 -2.05
N LEU D 314 39.06 -5.88 -2.44
CA LEU D 314 39.44 -6.65 -3.62
C LEU D 314 39.29 -5.79 -4.87
N ARG D 315 38.18 -5.03 -4.97
CA ARG D 315 37.95 -4.08 -6.09
C ARG D 315 39.06 -3.00 -6.13
N ARG D 316 39.37 -2.37 -4.99
CA ARG D 316 40.37 -1.31 -4.94
C ARG D 316 41.75 -1.81 -5.30
N ALA D 317 42.10 -3.02 -4.88
CA ALA D 317 43.43 -3.56 -5.10
C ALA D 317 43.62 -4.15 -6.48
N ALA D 318 42.55 -4.68 -7.07
CA ALA D 318 42.64 -5.30 -8.40
C ALA D 318 42.94 -4.25 -9.43
N PRO D 319 43.92 -4.52 -10.31
CA PRO D 319 44.27 -3.50 -11.33
C PRO D 319 43.20 -3.40 -12.42
N LEU D 320 43.20 -2.29 -13.17
CA LEU D 320 42.29 -2.15 -14.31
C LEU D 320 42.61 -3.24 -15.34
N SER D 321 41.61 -3.67 -16.11
CA SER D 321 41.84 -4.75 -17.05
C SER D 321 41.18 -4.50 -18.38
N ARG D 322 41.81 -4.92 -19.46
CA ARG D 322 41.22 -4.89 -20.78
C ARG D 322 40.81 -6.32 -21.28
N ASP D 323 40.75 -7.29 -20.35
CA ASP D 323 40.34 -8.65 -20.66
C ASP D 323 38.84 -8.75 -20.41
N PRO D 324 38.05 -9.04 -21.45
CA PRO D 324 36.58 -9.13 -21.28
C PRO D 324 36.09 -10.11 -20.23
N THR D 325 36.81 -11.23 -20.00
CA THR D 325 36.40 -12.18 -18.98
C THR D 325 36.51 -11.52 -17.59
N GLU D 326 37.61 -10.81 -17.36
CA GLU D 326 37.86 -10.11 -16.12
C GLU D 326 36.83 -8.97 -15.89
N VAL D 327 36.55 -8.20 -16.95
CA VAL D 327 35.58 -7.11 -16.88
C VAL D 327 34.15 -7.63 -16.63
N THR D 328 33.77 -8.75 -17.28
CA THR D 328 32.47 -9.36 -17.08
C THR D 328 32.35 -9.92 -15.66
N ALA D 329 33.42 -10.54 -15.14
CA ALA D 329 33.43 -11.11 -13.80
C ALA D 329 33.14 -10.06 -12.71
N ILE D 330 33.81 -8.89 -12.75
CA ILE D 330 33.55 -7.87 -11.75
C ILE D 330 32.14 -7.26 -11.89
N GLY D 331 31.65 -7.10 -13.11
CA GLY D 331 30.30 -6.61 -13.33
C GLY D 331 29.27 -7.60 -12.81
N ALA D 332 29.51 -8.91 -13.00
CA ALA D 332 28.60 -9.97 -12.54
C ALA D 332 28.58 -10.07 -11.02
N VAL D 333 29.74 -9.90 -10.36
CA VAL D 333 29.80 -9.97 -8.90
C VAL D 333 29.11 -8.76 -8.29
N GLU D 334 29.32 -7.57 -8.87
CA GLU D 334 28.66 -6.35 -8.43
CA GLU D 334 28.66 -6.35 -8.43
C GLU D 334 27.14 -6.48 -8.59
N ALA D 335 26.67 -7.03 -9.74
CA ALA D 335 25.26 -7.25 -10.00
C ALA D 335 24.69 -8.29 -8.98
N ALA D 336 25.44 -9.36 -8.68
CA ALA D 336 25.01 -10.36 -7.71
C ALA D 336 24.78 -9.74 -6.33
N PHE D 337 25.70 -8.87 -5.87
CA PHE D 337 25.56 -8.22 -4.57
C PHE D 337 24.35 -7.28 -4.56
N LYS D 338 24.12 -6.57 -5.64
CA LYS D 338 23.01 -5.62 -5.75
C LYS D 338 21.63 -6.24 -5.54
N CYS D 339 21.43 -7.49 -6.03
CA CYS D 339 20.14 -8.16 -5.93
C CYS D 339 20.12 -9.34 -5.00
N CYS D 340 21.21 -9.60 -4.23
CA CYS D 340 21.32 -10.77 -3.37
C CYS D 340 21.06 -12.03 -4.16
N ALA D 341 21.71 -12.13 -5.35
CA ALA D 341 21.53 -13.28 -6.23
C ALA D 341 21.87 -14.59 -5.49
N ALA D 342 21.04 -15.63 -5.64
CA ALA D 342 21.29 -16.93 -5.04
C ALA D 342 22.52 -17.58 -5.67
N ALA D 343 22.76 -17.33 -6.98
CA ALA D 343 23.89 -17.96 -7.67
C ALA D 343 24.33 -17.14 -8.88
N ILE D 344 25.54 -17.42 -9.35
CA ILE D 344 26.08 -16.91 -10.59
C ILE D 344 26.33 -18.19 -11.37
N ILE D 345 25.59 -18.43 -12.46
CA ILE D 345 25.77 -19.63 -13.27
C ILE D 345 26.71 -19.25 -14.39
N VAL D 346 27.85 -19.93 -14.51
CA VAL D 346 28.84 -19.60 -15.53
C VAL D 346 29.19 -20.80 -16.40
N LEU D 347 29.30 -20.59 -17.72
CA LEU D 347 29.71 -21.65 -18.62
C LEU D 347 31.21 -21.53 -18.76
N THR D 348 31.93 -22.62 -18.57
CA THR D 348 33.39 -22.56 -18.62
C THR D 348 33.99 -23.82 -19.25
N THR D 349 35.05 -23.65 -20.06
CA THR D 349 35.73 -24.78 -20.69
C THR D 349 36.93 -25.19 -19.85
N THR D 350 37.74 -24.23 -19.40
CA THR D 350 38.93 -24.47 -18.62
C THR D 350 38.77 -24.18 -17.11
N GLY D 351 37.66 -23.56 -16.71
CA GLY D 351 37.44 -23.13 -15.34
C GLY D 351 37.82 -21.68 -15.10
N ARG D 352 38.52 -21.04 -16.06
CA ARG D 352 39.01 -19.68 -15.88
C ARG D 352 37.92 -18.64 -15.60
N SER D 353 36.79 -18.69 -16.30
CA SER D 353 35.68 -17.73 -16.04
C SER D 353 35.15 -17.87 -14.61
N ALA D 354 35.11 -19.11 -14.09
CA ALA D 354 34.63 -19.35 -12.73
C ALA D 354 35.66 -18.82 -11.72
N GLN D 355 36.96 -19.00 -12.00
CA GLN D 355 38.03 -18.50 -11.17
C GLN D 355 38.01 -16.97 -11.07
N LEU D 356 37.77 -16.28 -12.20
CA LEU D 356 37.72 -14.82 -12.19
C LEU D 356 36.50 -14.29 -11.43
N LEU D 357 35.42 -15.06 -11.35
CA LEU D 357 34.26 -14.67 -10.54
C LEU D 357 34.64 -14.85 -9.05
N SER D 358 35.22 -16.00 -8.73
CA SER D 358 35.65 -16.44 -7.40
C SER D 358 36.64 -15.46 -6.74
N ARG D 359 37.52 -14.81 -7.52
CA ARG D 359 38.50 -13.88 -6.93
C ARG D 359 37.84 -12.67 -6.27
N TYR D 360 36.61 -12.31 -6.66
CA TYR D 360 35.90 -11.18 -6.05
C TYR D 360 35.07 -11.60 -4.84
N ARG D 361 35.14 -12.88 -4.43
CA ARG D 361 34.48 -13.44 -3.28
C ARG D 361 33.00 -13.08 -3.17
N PRO D 362 32.19 -13.42 -4.20
CA PRO D 362 30.76 -13.16 -4.08
C PRO D 362 30.17 -14.02 -2.96
N ARG D 363 29.08 -13.52 -2.34
CA ARG D 363 28.31 -14.29 -1.39
C ARG D 363 27.49 -15.33 -2.23
N ALA D 364 27.07 -15.00 -3.49
CA ALA D 364 26.37 -15.92 -4.39
C ALA D 364 27.27 -17.11 -4.79
N ALA D 365 26.72 -18.33 -4.82
CA ALA D 365 27.46 -19.51 -5.23
C ALA D 365 27.78 -19.40 -6.70
N VAL D 366 28.98 -19.80 -7.12
CA VAL D 366 29.33 -19.77 -8.54
C VAL D 366 29.14 -21.17 -9.07
N ILE D 367 28.03 -21.42 -9.76
CA ILE D 367 27.75 -22.73 -10.34
C ILE D 367 28.40 -22.80 -11.72
N ALA D 368 29.49 -23.58 -11.84
CA ALA D 368 30.23 -23.65 -13.10
C ALA D 368 29.81 -24.87 -13.94
N VAL D 369 29.16 -24.62 -15.09
CA VAL D 369 28.72 -25.69 -15.96
C VAL D 369 29.78 -25.96 -17.01
N THR D 370 30.28 -27.18 -17.08
CA THR D 370 31.33 -27.50 -18.04
C THR D 370 31.16 -28.90 -18.61
N ARG D 371 31.68 -29.12 -19.81
CA ARG D 371 31.73 -30.45 -20.40
C ARG D 371 33.07 -31.11 -20.11
N SER D 372 34.09 -30.34 -19.69
CA SER D 372 35.40 -30.84 -19.41
C SER D 372 35.41 -31.45 -18.02
N ALA D 373 35.58 -32.78 -17.92
CA ALA D 373 35.65 -33.45 -16.62
C ALA D 373 36.84 -32.96 -15.84
N GLN D 374 37.98 -32.68 -16.51
CA GLN D 374 39.17 -32.16 -15.80
C GLN D 374 38.92 -30.75 -15.20
N ALA D 375 38.29 -29.87 -15.96
CA ALA D 375 37.99 -28.54 -15.46
C ALA D 375 37.00 -28.62 -14.31
N ALA D 376 36.02 -29.51 -14.38
CA ALA D 376 35.05 -29.66 -13.30
C ALA D 376 35.78 -30.08 -11.98
N ARG D 377 36.79 -30.95 -12.08
CA ARG D 377 37.54 -31.35 -10.92
C ARG D 377 38.44 -30.21 -10.41
N GLN D 378 39.13 -29.54 -11.31
CA GLN D 378 40.05 -28.47 -10.93
C GLN D 378 39.41 -27.21 -10.33
N VAL D 379 38.17 -26.86 -10.71
CA VAL D 379 37.58 -25.63 -10.17
C VAL D 379 37.34 -25.70 -8.68
N HIS D 380 37.45 -26.92 -8.08
CA HIS D 380 37.35 -27.07 -6.63
C HIS D 380 38.46 -26.27 -5.94
N LEU D 381 39.57 -25.93 -6.62
CA LEU D 381 40.62 -25.13 -6.03
C LEU D 381 40.15 -23.68 -5.72
N CYS D 382 39.08 -23.21 -6.35
CA CYS D 382 38.58 -21.85 -6.23
C CYS D 382 37.43 -21.78 -5.30
N ARG D 383 37.52 -20.97 -4.26
CA ARG D 383 36.44 -20.83 -3.31
C ARG D 383 35.12 -20.39 -3.91
N GLY D 384 34.06 -21.11 -3.54
CA GLY D 384 32.73 -20.76 -3.96
C GLY D 384 32.35 -21.23 -5.34
N VAL D 385 33.16 -22.14 -5.92
CA VAL D 385 32.84 -22.66 -7.25
C VAL D 385 32.28 -24.09 -7.11
N PHE D 386 31.06 -24.29 -7.60
CA PHE D 386 30.36 -25.57 -7.55
C PHE D 386 30.30 -26.12 -8.99
N PRO D 387 31.19 -27.05 -9.32
CA PRO D 387 31.22 -27.58 -10.70
C PRO D 387 30.11 -28.57 -11.01
N LEU D 388 29.52 -28.41 -12.21
CA LEU D 388 28.52 -29.32 -12.72
C LEU D 388 29.04 -29.86 -14.03
N LEU D 389 29.22 -31.17 -14.11
CA LEU D 389 29.70 -31.78 -15.34
C LEU D 389 28.52 -32.08 -16.24
N TYR D 390 28.47 -31.45 -17.41
CA TYR D 390 27.41 -31.67 -18.39
C TYR D 390 27.85 -32.77 -19.36
N ARG D 391 27.03 -33.81 -19.51
CA ARG D 391 27.44 -34.94 -20.36
C ARG D 391 26.66 -35.08 -21.66
N GLU D 392 25.59 -34.30 -21.85
CA GLU D 392 24.82 -34.34 -23.10
C GLU D 392 25.63 -33.93 -24.32
N PRO D 393 25.40 -34.61 -25.46
CA PRO D 393 26.14 -34.23 -26.69
C PRO D 393 25.68 -32.84 -27.19
N PRO D 394 26.61 -32.10 -27.83
CA PRO D 394 26.27 -30.76 -28.33
C PRO D 394 25.06 -30.65 -29.24
N GLU D 395 24.23 -29.61 -29.04
CA GLU D 395 23.10 -29.31 -29.93
C GLU D 395 23.71 -28.79 -31.25
N ALA D 396 22.97 -28.92 -32.35
CA ALA D 396 23.43 -28.41 -33.64
C ALA D 396 23.47 -26.87 -33.58
N ILE D 397 22.49 -26.24 -32.92
CA ILE D 397 22.46 -24.80 -32.78
C ILE D 397 23.16 -24.39 -31.49
N TRP D 398 24.29 -23.66 -31.63
CA TRP D 398 25.13 -23.26 -30.51
C TRP D 398 24.37 -22.48 -29.44
N ALA D 399 23.53 -21.51 -29.83
CA ALA D 399 22.74 -20.78 -28.85
C ALA D 399 21.82 -21.71 -28.02
N ASP D 400 21.27 -22.76 -28.64
CA ASP D 400 20.42 -23.72 -27.92
C ASP D 400 21.25 -24.58 -26.98
N ASP D 401 22.47 -24.94 -27.39
CA ASP D 401 23.37 -25.73 -26.58
C ASP D 401 23.75 -24.94 -25.30
N VAL D 402 23.98 -23.61 -25.45
CA VAL D 402 24.30 -22.71 -24.36
C VAL D 402 23.09 -22.68 -23.41
N ASP D 403 21.89 -22.42 -23.95
CA ASP D 403 20.67 -22.41 -23.14
C ASP D 403 20.44 -23.72 -22.38
N ARG D 404 20.63 -24.88 -23.03
CA ARG D 404 20.44 -26.15 -22.35
C ARG D 404 21.37 -26.31 -21.16
N ARG D 405 22.60 -25.83 -21.29
CA ARG D 405 23.58 -25.88 -20.22
C ARG D 405 23.18 -24.96 -19.05
N VAL D 406 22.65 -23.77 -19.35
CA VAL D 406 22.18 -22.83 -18.34
C VAL D 406 21.00 -23.46 -17.61
N GLN D 407 20.05 -24.07 -18.35
CA GLN D 407 18.92 -24.76 -17.73
C GLN D 407 19.36 -25.96 -16.87
N PHE D 408 20.40 -26.67 -17.27
CA PHE D 408 20.96 -27.74 -16.48
C PHE D 408 21.50 -27.20 -15.14
N GLY D 409 22.14 -26.01 -15.19
CA GLY D 409 22.66 -25.35 -14.01
C GLY D 409 21.55 -24.95 -13.09
N ILE D 410 20.43 -24.45 -13.65
CA ILE D 410 19.27 -24.06 -12.85
C ILE D 410 18.59 -25.30 -12.22
N GLU D 411 18.39 -26.36 -12.99
CA GLU D 411 17.77 -27.59 -12.49
C GLU D 411 18.62 -28.25 -11.41
N SER D 412 19.95 -28.31 -11.61
CA SER D 412 20.84 -28.87 -10.59
C SER D 412 20.82 -27.99 -9.34
N GLY D 413 20.82 -26.68 -9.53
CA GLY D 413 20.76 -25.72 -8.44
C GLY D 413 19.51 -25.88 -7.60
N LYS D 414 18.34 -26.08 -8.25
CA LYS D 414 17.06 -26.28 -7.58
C LYS D 414 17.07 -27.59 -6.78
N LEU D 415 17.54 -28.68 -7.39
CA LEU D 415 17.60 -29.99 -6.75
C LEU D 415 18.53 -29.98 -5.55
N ARG D 416 19.64 -29.25 -5.62
CA ARG D 416 20.60 -29.20 -4.52
C ARG D 416 20.31 -28.17 -3.44
N GLY D 417 19.27 -27.37 -3.59
CA GLY D 417 18.90 -26.38 -2.59
C GLY D 417 19.48 -24.99 -2.77
N PHE D 418 20.32 -24.79 -3.80
CA PHE D 418 20.92 -23.48 -4.08
C PHE D 418 19.87 -22.48 -4.52
N LEU D 419 18.91 -22.93 -5.32
CA LEU D 419 17.93 -22.05 -5.94
C LEU D 419 16.53 -22.45 -5.64
N ARG D 420 15.64 -21.48 -5.71
CA ARG D 420 14.19 -21.66 -5.57
C ARG D 420 13.53 -20.74 -6.59
N VAL D 421 12.27 -21.05 -6.93
CA VAL D 421 11.48 -20.20 -7.82
C VAL D 421 11.35 -18.80 -7.23
N GLY D 422 11.59 -17.78 -8.04
CA GLY D 422 11.57 -16.40 -7.58
C GLY D 422 12.95 -15.84 -7.28
N ASP D 423 13.98 -16.70 -7.22
CA ASP D 423 15.34 -16.22 -6.98
C ASP D 423 15.87 -15.47 -8.22
N LEU D 424 16.83 -14.58 -8.00
CA LEU D 424 17.53 -13.92 -9.08
C LEU D 424 18.87 -14.61 -9.21
N VAL D 425 19.30 -14.82 -10.43
CA VAL D 425 20.54 -15.49 -10.74
C VAL D 425 21.27 -14.65 -11.82
N ILE D 426 22.60 -14.59 -11.76
CA ILE D 426 23.40 -13.91 -12.77
C ILE D 426 23.93 -15.01 -13.67
N VAL D 427 23.80 -14.86 -15.00
CA VAL D 427 24.27 -15.90 -15.92
C VAL D 427 25.43 -15.32 -16.72
N VAL D 428 26.58 -16.00 -16.72
CA VAL D 428 27.78 -15.54 -17.38
C VAL D 428 28.14 -16.45 -18.50
N THR D 429 28.13 -15.93 -19.75
CA THR D 429 28.43 -16.71 -20.95
C THR D 429 29.38 -15.89 -21.89
N GLY D 430 29.68 -16.42 -23.08
CA GLY D 430 30.52 -15.80 -24.09
C GLY D 430 29.85 -15.69 -25.45
N TRP D 431 30.50 -15.01 -26.38
CA TRP D 431 29.92 -14.69 -27.67
C TRP D 431 30.20 -15.72 -28.77
N ARG D 432 31.14 -16.64 -28.54
CA ARG D 432 31.45 -17.69 -29.50
C ARG D 432 31.92 -18.95 -28.77
N PRO D 433 31.86 -20.15 -29.38
CA PRO D 433 32.38 -21.35 -28.69
C PRO D 433 33.90 -21.28 -28.43
N GLY D 434 34.39 -22.15 -27.57
CA GLY D 434 35.79 -22.19 -27.20
C GLY D 434 36.11 -21.29 -26.01
N SER D 435 37.16 -21.63 -25.31
CA SER D 435 37.67 -20.92 -24.14
CA SER D 435 37.61 -20.89 -24.13
C SER D 435 38.15 -19.53 -24.50
N GLY D 436 38.06 -18.60 -23.55
CA GLY D 436 38.61 -17.27 -23.68
C GLY D 436 37.68 -16.18 -24.12
N TYR D 437 36.40 -16.48 -24.41
CA TYR D 437 35.47 -15.48 -24.96
C TYR D 437 34.29 -15.11 -24.10
N THR D 438 34.35 -15.34 -22.77
CA THR D 438 33.31 -14.85 -21.86
C THR D 438 33.24 -13.31 -21.93
N ASN D 439 32.04 -12.80 -22.11
CA ASN D 439 31.85 -11.36 -22.22
C ASN D 439 30.40 -10.92 -21.92
N ILE D 440 29.51 -11.82 -21.52
CA ILE D 440 28.11 -11.48 -21.32
C ILE D 440 27.68 -11.81 -19.88
N MET D 441 26.90 -10.92 -19.30
CA MET D 441 26.35 -11.10 -17.98
C MET D 441 24.82 -10.81 -18.12
N ARG D 442 23.98 -11.71 -17.62
CA ARG D 442 22.54 -11.54 -17.71
C ARG D 442 21.82 -11.79 -16.35
N VAL D 443 20.87 -10.93 -15.99
CA VAL D 443 20.08 -11.06 -14.74
C VAL D 443 18.85 -11.90 -15.07
N LEU D 444 18.71 -13.06 -14.46
CA LEU D 444 17.66 -14.02 -14.75
C LEU D 444 16.78 -14.32 -13.54
N SER D 445 15.46 -14.38 -13.72
CA SER D 445 14.56 -14.72 -12.64
C SER D 445 14.25 -16.23 -12.73
N ILE D 446 14.40 -16.96 -11.62
CA ILE D 446 14.14 -18.40 -11.61
C ILE D 446 12.66 -18.71 -11.64
N SER D 447 12.23 -19.49 -12.63
CA SER D 447 10.82 -19.88 -12.76
C SER D 447 10.69 -21.41 -12.66
N ALA E 25 -19.37 -28.53 -3.13
CA ALA E 25 -19.39 -28.81 -4.56
C ALA E 25 -20.81 -28.66 -5.14
N PHE E 26 -21.84 -28.99 -4.35
CA PHE E 26 -23.24 -28.84 -4.79
C PHE E 26 -23.53 -27.36 -5.06
N PHE E 27 -23.07 -26.48 -4.16
CA PHE E 27 -23.32 -25.06 -4.29
C PHE E 27 -22.39 -24.34 -5.28
N GLN E 28 -21.44 -25.04 -5.92
CA GLN E 28 -20.61 -24.44 -6.95
C GLN E 28 -21.15 -24.76 -8.38
N GLN E 29 -21.91 -25.86 -8.53
CA GLN E 29 -22.53 -26.27 -9.78
C GLN E 29 -23.83 -25.47 -10.05
N GLN E 30 -24.40 -25.64 -11.27
CA GLN E 30 -25.63 -25.04 -11.79
C GLN E 30 -25.81 -23.55 -11.46
N GLN E 31 -24.71 -22.76 -11.52
CA GLN E 31 -24.66 -21.33 -11.25
C GLN E 31 -25.32 -20.95 -9.93
N LEU E 32 -25.20 -21.82 -8.92
CA LEU E 32 -25.82 -21.54 -7.62
C LEU E 32 -25.24 -20.28 -6.93
N PRO E 33 -23.91 -19.97 -7.01
CA PRO E 33 -23.44 -18.68 -6.47
C PRO E 33 -24.14 -17.50 -7.18
N ALA E 34 -24.30 -17.54 -8.51
CA ALA E 34 -25.00 -16.48 -9.23
C ALA E 34 -26.49 -16.42 -8.87
N ALA E 35 -27.10 -17.59 -8.59
CA ALA E 35 -28.51 -17.71 -8.21
C ALA E 35 -28.80 -17.10 -6.83
N MET E 36 -27.82 -17.14 -5.92
CA MET E 36 -27.97 -16.58 -4.57
C MET E 36 -27.67 -15.08 -4.48
N ALA E 37 -27.28 -14.41 -5.59
CA ALA E 37 -26.95 -13.00 -5.57
C ALA E 37 -28.12 -12.09 -5.19
N ASP E 38 -27.81 -10.93 -4.58
CA ASP E 38 -28.82 -9.99 -4.10
C ASP E 38 -29.36 -9.03 -5.17
N THR E 39 -28.62 -8.86 -6.27
CA THR E 39 -29.06 -8.03 -7.38
C THR E 39 -28.83 -8.75 -8.70
N PHE E 40 -29.50 -8.31 -9.77
CA PHE E 40 -29.33 -8.86 -11.09
C PHE E 40 -27.91 -8.58 -11.60
N LEU E 41 -27.34 -7.42 -11.28
CA LEU E 41 -26.01 -7.05 -11.67
C LEU E 41 -24.99 -7.98 -11.03
N GLU E 42 -25.12 -8.25 -9.72
CA GLU E 42 -24.26 -9.17 -8.97
CA GLU E 42 -24.22 -9.17 -9.03
C GLU E 42 -24.40 -10.60 -9.52
N HIS E 43 -25.64 -10.97 -9.95
CA HIS E 43 -25.96 -12.28 -10.50
C HIS E 43 -25.14 -12.46 -11.77
N LEU E 44 -25.13 -11.44 -12.68
CA LEU E 44 -24.35 -11.52 -13.92
C LEU E 44 -22.86 -11.65 -13.59
N CYS E 45 -22.35 -10.85 -12.63
CA CYS E 45 -20.95 -10.86 -12.22
C CYS E 45 -20.49 -12.22 -11.71
N LEU E 46 -21.43 -13.01 -11.15
CA LEU E 46 -21.11 -14.31 -10.56
C LEU E 46 -21.28 -15.48 -11.51
N LEU E 47 -21.73 -15.27 -12.75
CA LEU E 47 -21.85 -16.37 -13.72
C LEU E 47 -20.46 -16.96 -14.00
N ASP E 48 -20.37 -18.28 -14.02
CA ASP E 48 -19.09 -18.97 -14.10
C ASP E 48 -19.13 -20.01 -15.19
N ILE E 49 -18.20 -19.91 -16.16
CA ILE E 49 -18.09 -20.89 -17.23
C ILE E 49 -17.69 -22.30 -16.71
N ASP E 50 -17.10 -22.37 -15.51
CA ASP E 50 -16.72 -23.64 -14.88
C ASP E 50 -17.81 -24.23 -13.98
N SER E 51 -18.95 -23.56 -13.83
CA SER E 51 -20.06 -24.06 -13.03
C SER E 51 -20.90 -24.92 -13.96
N GLU E 52 -20.76 -26.25 -13.87
CA GLU E 52 -21.46 -27.16 -14.77
C GLU E 52 -22.96 -27.33 -14.51
N PRO E 53 -23.75 -27.40 -15.59
CA PRO E 53 -25.20 -27.62 -15.40
C PRO E 53 -25.47 -29.05 -14.91
N VAL E 54 -26.38 -29.20 -13.95
CA VAL E 54 -26.68 -30.54 -13.41
C VAL E 54 -28.12 -30.95 -13.72
N ALA E 55 -29.05 -30.01 -13.66
CA ALA E 55 -30.45 -30.28 -13.95
C ALA E 55 -30.70 -30.70 -15.41
N ALA E 56 -31.78 -31.48 -15.61
CA ALA E 56 -32.18 -31.90 -16.95
C ALA E 56 -32.63 -30.65 -17.76
N ARG E 57 -32.44 -30.68 -19.09
CA ARG E 57 -32.83 -29.57 -19.94
C ARG E 57 -34.34 -29.42 -19.91
N SER E 58 -34.83 -28.23 -19.55
CA SER E 58 -36.23 -27.98 -19.35
C SER E 58 -36.94 -27.27 -20.52
N THR E 59 -36.22 -26.57 -21.41
CA THR E 59 -36.82 -25.91 -22.55
C THR E 59 -36.93 -26.94 -23.66
N SER E 60 -38.14 -27.21 -24.17
CA SER E 60 -38.30 -28.21 -25.22
C SER E 60 -37.74 -27.76 -26.54
N ILE E 61 -37.32 -28.74 -27.36
CA ILE E 61 -36.81 -28.48 -28.67
C ILE E 61 -37.84 -28.97 -29.68
N ILE E 62 -38.25 -28.09 -30.58
CA ILE E 62 -39.13 -28.45 -31.67
C ILE E 62 -38.24 -28.57 -32.91
N ALA E 63 -38.25 -29.71 -33.58
CA ALA E 63 -37.46 -29.92 -34.79
C ALA E 63 -38.36 -30.14 -35.95
N THR E 64 -38.13 -29.44 -37.06
CA THR E 64 -38.94 -29.62 -38.26
C THR E 64 -38.48 -30.87 -39.01
N ILE E 65 -39.42 -31.78 -39.29
CA ILE E 65 -39.12 -33.02 -39.98
C ILE E 65 -39.32 -32.85 -41.49
N GLY E 66 -38.23 -32.96 -42.26
CA GLY E 66 -38.23 -32.81 -43.70
C GLY E 66 -37.25 -33.75 -44.37
N PRO E 67 -36.86 -33.47 -45.62
CA PRO E 67 -35.93 -34.37 -46.34
C PRO E 67 -34.68 -34.81 -45.60
N ALA E 68 -34.05 -33.88 -44.85
CA ALA E 68 -32.82 -34.17 -44.11
C ALA E 68 -33.03 -34.91 -42.81
N SER E 69 -34.26 -35.02 -42.32
CA SER E 69 -34.50 -35.63 -41.00
C SER E 69 -35.58 -36.69 -40.92
N ARG E 70 -36.07 -37.14 -42.06
CA ARG E 70 -37.19 -38.05 -42.25
C ARG E 70 -37.04 -39.53 -41.95
N SER E 71 -35.85 -40.10 -42.16
CA SER E 71 -35.67 -41.53 -41.97
C SER E 71 -35.81 -41.96 -40.52
N VAL E 72 -36.26 -43.20 -40.28
CA VAL E 72 -36.45 -43.73 -38.94
C VAL E 72 -35.12 -43.73 -38.16
N GLU E 73 -34.03 -44.09 -38.83
CA GLU E 73 -32.71 -44.14 -38.20
C GLU E 73 -32.25 -42.73 -37.76
N ARG E 74 -32.51 -41.72 -38.63
CA ARG E 74 -32.14 -40.35 -38.35
C ARG E 74 -33.01 -39.80 -37.21
N LEU E 75 -34.30 -40.11 -37.24
CA LEU E 75 -35.24 -39.71 -36.20
C LEU E 75 -34.88 -40.30 -34.83
N LYS E 76 -34.34 -41.52 -34.78
CA LYS E 76 -33.91 -42.11 -33.51
C LYS E 76 -32.75 -41.29 -32.94
N GLU E 77 -31.83 -40.84 -33.81
CA GLU E 77 -30.69 -40.02 -33.42
C GLU E 77 -31.14 -38.64 -32.94
N MET E 78 -32.19 -38.08 -33.58
CA MET E 78 -32.72 -36.78 -33.17
CA MET E 78 -32.73 -36.78 -33.19
C MET E 78 -33.46 -36.86 -31.84
N ILE E 79 -34.11 -37.99 -31.56
CA ILE E 79 -34.78 -38.20 -30.28
C ILE E 79 -33.70 -38.29 -29.20
N LYS E 80 -32.61 -39.01 -29.47
CA LYS E 80 -31.52 -39.14 -28.51
C LYS E 80 -30.81 -37.79 -28.28
N ALA E 81 -30.72 -36.96 -29.34
CA ALA E 81 -30.09 -35.65 -29.25
C ALA E 81 -30.94 -34.66 -28.41
N GLY E 82 -32.25 -34.88 -28.33
CA GLY E 82 -33.12 -34.05 -27.51
C GLY E 82 -34.43 -33.58 -28.08
N MET E 83 -34.77 -33.94 -29.33
CA MET E 83 -36.03 -33.50 -29.94
C MET E 83 -37.26 -33.94 -29.09
N ASN E 84 -38.14 -32.99 -28.75
CA ASN E 84 -39.34 -33.28 -27.95
C ASN E 84 -40.62 -33.18 -28.79
N ILE E 85 -40.62 -32.31 -29.82
CA ILE E 85 -41.75 -32.07 -30.68
C ILE E 85 -41.28 -32.12 -32.13
N ALA E 86 -41.98 -32.88 -32.97
CA ALA E 86 -41.67 -32.98 -34.40
C ALA E 86 -42.64 -32.06 -35.13
N ARG E 87 -42.13 -31.07 -35.87
CA ARG E 87 -42.98 -30.13 -36.59
C ARG E 87 -43.07 -30.52 -38.07
N LEU E 88 -44.27 -30.44 -38.66
CA LEU E 88 -44.47 -30.76 -40.07
C LEU E 88 -44.98 -29.51 -40.74
N ASN E 89 -44.18 -28.97 -41.67
CA ASN E 89 -44.52 -27.72 -42.32
C ASN E 89 -45.41 -27.97 -43.53
N PHE E 90 -46.70 -27.67 -43.38
CA PHE E 90 -47.65 -27.89 -44.46
C PHE E 90 -47.55 -26.83 -45.58
N SER E 91 -46.56 -25.94 -45.53
CA SER E 91 -46.27 -25.04 -46.65
C SER E 91 -45.50 -25.82 -47.75
N HIS E 92 -44.93 -27.00 -47.43
CA HIS E 92 -44.16 -27.84 -48.31
C HIS E 92 -44.72 -29.28 -48.30
N GLY E 93 -44.27 -30.09 -49.26
CA GLY E 93 -44.67 -31.48 -49.36
C GLY E 93 -46.12 -31.67 -49.71
N SER E 94 -46.66 -32.78 -49.28
CA SER E 94 -48.03 -33.17 -49.55
C SER E 94 -48.57 -33.95 -48.33
N HIS E 95 -49.87 -34.29 -48.36
CA HIS E 95 -50.47 -35.10 -47.29
C HIS E 95 -49.78 -36.47 -47.22
N GLU E 96 -49.46 -37.06 -48.37
CA GLU E 96 -48.79 -38.36 -48.42
C GLU E 96 -47.39 -38.27 -47.84
N TYR E 97 -46.68 -37.20 -48.18
CA TYR E 97 -45.32 -36.96 -47.67
C TYR E 97 -45.30 -36.81 -46.15
N HIS E 98 -46.19 -35.95 -45.61
CA HIS E 98 -46.28 -35.71 -44.18
C HIS E 98 -46.79 -36.92 -43.42
N ALA E 99 -47.72 -37.71 -44.00
CA ALA E 99 -48.19 -38.93 -43.35
C ALA E 99 -47.05 -39.92 -43.18
N GLU E 100 -46.17 -40.02 -44.18
CA GLU E 100 -45.03 -40.93 -44.09
C GLU E 100 -44.05 -40.43 -43.02
N SER E 101 -43.84 -39.09 -42.94
CA SER E 101 -42.97 -38.50 -41.90
C SER E 101 -43.54 -38.81 -40.50
N ILE E 102 -44.86 -38.63 -40.29
CA ILE E 102 -45.54 -38.93 -39.03
C ILE E 102 -45.34 -40.39 -38.64
N ALA E 103 -45.52 -41.32 -39.60
CA ALA E 103 -45.33 -42.75 -39.38
C ALA E 103 -43.89 -43.06 -38.95
N ASN E 104 -42.91 -42.40 -39.59
CA ASN E 104 -41.50 -42.59 -39.26
C ASN E 104 -41.17 -42.06 -37.87
N VAL E 105 -41.77 -40.92 -37.48
CA VAL E 105 -41.57 -40.38 -36.13
C VAL E 105 -42.12 -41.36 -35.11
N ARG E 106 -43.35 -41.83 -35.32
CA ARG E 106 -43.96 -42.79 -34.41
C ARG E 106 -43.18 -44.10 -34.32
N GLU E 107 -42.62 -44.56 -35.44
CA GLU E 107 -41.81 -45.78 -35.43
C GLU E 107 -40.53 -45.56 -34.63
N ALA E 108 -39.87 -44.41 -34.81
CA ALA E 108 -38.65 -44.09 -34.07
C ALA E 108 -38.94 -43.95 -32.57
N VAL E 109 -40.06 -43.29 -32.21
CA VAL E 109 -40.46 -43.12 -30.81
C VAL E 109 -40.72 -44.47 -30.15
N GLU E 110 -41.48 -45.34 -30.84
CA GLU E 110 -41.83 -46.64 -30.29
C GLU E 110 -40.67 -47.63 -30.23
N SER E 111 -39.56 -47.36 -30.94
CA SER E 111 -38.38 -48.22 -30.85
C SER E 111 -37.72 -48.18 -29.44
N PHE E 112 -38.08 -47.21 -28.61
CA PHE E 112 -37.56 -47.09 -27.25
C PHE E 112 -38.61 -47.52 -26.20
N ALA E 113 -39.81 -47.99 -26.62
CA ALA E 113 -40.88 -48.40 -25.70
C ALA E 113 -40.56 -49.64 -24.85
N GLY E 114 -39.53 -50.39 -25.23
CA GLY E 114 -39.06 -51.56 -24.49
C GLY E 114 -38.55 -51.24 -23.10
N SER E 115 -38.16 -49.97 -22.87
CA SER E 115 -37.68 -49.47 -21.59
C SER E 115 -38.70 -48.41 -21.11
N PRO E 116 -39.82 -48.83 -20.47
CA PRO E 116 -40.87 -47.86 -20.08
C PRO E 116 -40.45 -46.78 -19.07
N LEU E 117 -39.45 -47.08 -18.22
CA LEU E 117 -38.97 -46.10 -17.25
C LEU E 117 -38.07 -45.01 -17.89
N SER E 118 -37.65 -45.19 -19.18
CA SER E 118 -36.83 -44.19 -19.87
C SER E 118 -37.40 -43.73 -21.25
N TYR E 119 -38.54 -44.29 -21.69
CA TYR E 119 -39.22 -43.95 -22.95
C TYR E 119 -39.57 -42.46 -22.97
N ARG E 120 -39.35 -41.78 -24.11
CA ARG E 120 -39.66 -40.37 -24.21
C ARG E 120 -40.78 -40.09 -25.21
N PRO E 121 -41.93 -39.57 -24.74
CA PRO E 121 -42.99 -39.19 -25.68
C PRO E 121 -42.55 -38.03 -26.58
N VAL E 122 -42.98 -38.01 -27.85
CA VAL E 122 -42.64 -36.93 -28.79
C VAL E 122 -43.94 -36.41 -29.39
N ALA E 123 -44.23 -35.11 -29.21
CA ALA E 123 -45.45 -34.54 -29.76
C ALA E 123 -45.32 -34.36 -31.26
N ILE E 124 -46.45 -34.34 -31.97
CA ILE E 124 -46.45 -34.09 -33.41
C ILE E 124 -47.24 -32.81 -33.65
N ALA E 125 -46.60 -31.84 -34.28
CA ALA E 125 -47.21 -30.54 -34.51
C ALA E 125 -47.36 -30.28 -35.99
N LEU E 126 -48.50 -29.74 -36.38
CA LEU E 126 -48.78 -29.43 -37.77
C LEU E 126 -48.70 -27.91 -37.93
N ASP E 127 -47.83 -27.42 -38.79
CA ASP E 127 -47.71 -26.00 -39.03
C ASP E 127 -48.47 -25.69 -40.32
N THR E 128 -49.54 -24.91 -40.25
CA THR E 128 -50.35 -24.62 -41.44
C THR E 128 -49.67 -23.72 -42.46
N LYS E 129 -50.11 -23.80 -43.73
CA LYS E 129 -49.58 -22.98 -44.82
C LYS E 129 -49.95 -21.50 -44.61
N GLY E 130 -51.14 -21.25 -44.09
CA GLY E 130 -51.59 -19.88 -43.82
C GLY E 130 -52.61 -19.33 -44.79
N PRO E 131 -53.15 -18.15 -44.47
CA PRO E 131 -54.14 -17.51 -45.36
C PRO E 131 -53.56 -17.07 -46.69
N GLY E 136 -58.65 -14.59 -44.03
CA GLY E 136 -59.10 -15.60 -43.07
C GLY E 136 -58.65 -17.00 -43.43
N LEU E 137 -59.27 -18.02 -42.81
CA LEU E 137 -58.91 -19.43 -43.02
C LEU E 137 -59.07 -19.90 -44.48
N SER E 138 -57.98 -20.34 -45.09
CA SER E 138 -57.97 -20.81 -46.47
C SER E 138 -58.57 -22.22 -46.61
N GLU E 139 -58.95 -22.61 -47.84
CA GLU E 139 -59.53 -23.92 -48.09
C GLU E 139 -58.49 -25.05 -47.93
N GLN E 140 -57.21 -24.78 -48.27
CA GLN E 140 -56.13 -25.74 -48.09
C GLN E 140 -55.89 -25.97 -46.59
N ASP E 141 -55.99 -24.90 -45.77
CA ASP E 141 -55.83 -25.02 -44.34
C ASP E 141 -56.92 -25.88 -43.74
N VAL E 142 -58.16 -25.80 -44.24
CA VAL E 142 -59.25 -26.64 -43.74
C VAL E 142 -58.94 -28.12 -44.03
N ARG E 143 -58.44 -28.40 -45.23
CA ARG E 143 -58.08 -29.77 -45.60
C ARG E 143 -56.90 -30.29 -44.80
N ASP E 144 -55.89 -29.45 -44.55
CA ASP E 144 -54.70 -29.82 -43.77
C ASP E 144 -55.04 -30.03 -42.29
N LEU E 145 -55.91 -29.17 -41.74
CA LEU E 145 -56.35 -29.32 -40.35
C LEU E 145 -57.13 -30.62 -40.18
N ARG E 146 -57.97 -30.97 -41.19
CA ARG E 146 -58.71 -32.23 -41.17
C ARG E 146 -57.75 -33.42 -41.21
N PHE E 147 -56.68 -33.31 -42.01
CA PHE E 147 -55.63 -34.33 -42.11
C PHE E 147 -54.99 -34.53 -40.72
N GLY E 148 -54.71 -33.43 -40.01
CA GLY E 148 -54.12 -33.47 -38.69
C GLY E 148 -54.98 -34.19 -37.67
N VAL E 149 -56.30 -33.95 -37.70
CA VAL E 149 -57.24 -34.63 -36.81
C VAL E 149 -57.22 -36.12 -37.12
N GLU E 150 -57.31 -36.49 -38.42
CA GLU E 150 -57.31 -37.88 -38.86
C GLU E 150 -56.02 -38.61 -38.51
N HIS E 151 -54.90 -37.89 -38.49
CA HIS E 151 -53.61 -38.50 -38.17
C HIS E 151 -53.21 -38.35 -36.70
N GLY E 152 -54.11 -37.84 -35.86
CA GLY E 152 -53.88 -37.70 -34.43
C GLY E 152 -52.77 -36.76 -33.99
N VAL E 153 -52.63 -35.60 -34.67
CA VAL E 153 -51.61 -34.64 -34.28
C VAL E 153 -51.95 -34.05 -32.91
N ASP E 154 -50.93 -33.62 -32.19
CA ASP E 154 -51.12 -33.08 -30.84
C ASP E 154 -51.29 -31.58 -30.82
N ILE E 155 -50.59 -30.89 -31.73
CA ILE E 155 -50.56 -29.44 -31.74
C ILE E 155 -50.72 -28.90 -33.15
N VAL E 156 -51.31 -27.71 -33.27
CA VAL E 156 -51.40 -26.98 -34.52
C VAL E 156 -50.66 -25.65 -34.32
N PHE E 157 -49.68 -25.35 -35.17
CA PHE E 157 -49.00 -24.07 -35.16
C PHE E 157 -49.75 -23.31 -36.25
N ALA E 158 -50.70 -22.46 -35.87
CA ALA E 158 -51.53 -21.75 -36.83
C ALA E 158 -50.83 -20.54 -37.42
N SER E 159 -50.52 -20.58 -38.72
CA SER E 159 -49.83 -19.48 -39.38
C SER E 159 -50.64 -18.20 -39.53
N PHE E 160 -49.94 -17.07 -39.47
CA PHE E 160 -50.45 -15.74 -39.66
C PHE E 160 -51.75 -15.43 -38.91
N VAL E 161 -51.77 -15.70 -37.59
CA VAL E 161 -52.95 -15.37 -36.79
C VAL E 161 -52.95 -13.83 -36.59
N ARG E 162 -54.00 -13.15 -37.03
CA ARG E 162 -54.10 -11.71 -36.93
C ARG E 162 -55.16 -11.22 -35.96
N LYS E 163 -56.07 -12.10 -35.51
CA LYS E 163 -57.16 -11.73 -34.60
C LYS E 163 -57.75 -12.98 -33.93
N ALA E 164 -58.57 -12.79 -32.89
CA ALA E 164 -59.17 -13.91 -32.18
C ALA E 164 -60.04 -14.78 -33.09
N SER E 165 -60.74 -14.17 -34.09
CA SER E 165 -61.59 -14.94 -34.98
C SER E 165 -60.82 -15.93 -35.85
N ASP E 166 -59.52 -15.70 -36.09
CA ASP E 166 -58.66 -16.63 -36.83
C ASP E 166 -58.46 -17.91 -36.00
N VAL E 167 -58.33 -17.79 -34.68
CA VAL E 167 -58.17 -18.92 -33.78
C VAL E 167 -59.47 -19.72 -33.74
N ALA E 168 -60.61 -19.02 -33.66
CA ALA E 168 -61.92 -19.65 -33.64
C ALA E 168 -62.16 -20.43 -34.92
N ALA E 169 -61.71 -19.88 -36.08
CA ALA E 169 -61.84 -20.57 -37.35
C ALA E 169 -61.03 -21.86 -37.36
N VAL E 170 -59.82 -21.86 -36.79
CA VAL E 170 -58.98 -23.06 -36.72
C VAL E 170 -59.62 -24.11 -35.82
N ARG E 171 -60.13 -23.66 -34.68
CA ARG E 171 -60.81 -24.56 -33.74
C ARG E 171 -62.05 -25.22 -34.40
N ALA E 172 -62.85 -24.43 -35.15
CA ALA E 172 -64.02 -24.95 -35.86
C ALA E 172 -63.60 -25.96 -36.93
N ALA E 173 -62.52 -25.67 -37.68
CA ALA E 173 -62.00 -26.58 -38.71
C ALA E 173 -61.45 -27.89 -38.15
N LEU E 174 -61.08 -27.93 -36.87
CA LEU E 174 -60.62 -29.17 -36.24
C LEU E 174 -61.80 -30.12 -35.88
N GLY E 175 -63.01 -29.56 -35.83
CA GLY E 175 -64.23 -30.32 -35.55
C GLY E 175 -64.34 -30.83 -34.14
N PRO E 176 -65.36 -31.64 -33.89
CA PRO E 176 -65.55 -32.20 -32.53
C PRO E 176 -64.49 -33.24 -32.16
N GLU E 177 -63.93 -33.96 -33.15
CA GLU E 177 -62.91 -34.97 -32.87
C GLU E 177 -61.51 -34.41 -32.55
N GLY E 178 -61.28 -33.13 -32.82
CA GLY E 178 -60.00 -32.50 -32.53
C GLY E 178 -60.05 -31.52 -31.38
N HIS E 179 -60.99 -31.71 -30.43
CA HIS E 179 -61.15 -30.82 -29.29
CA HIS E 179 -61.16 -30.83 -29.28
C HIS E 179 -59.92 -30.78 -28.38
N GLY E 180 -59.18 -31.89 -28.31
CA GLY E 180 -57.99 -32.00 -27.49
C GLY E 180 -56.72 -31.42 -28.07
N ILE E 181 -56.72 -31.06 -29.37
CA ILE E 181 -55.53 -30.51 -30.03
C ILE E 181 -55.22 -29.09 -29.53
N LYS E 182 -53.94 -28.81 -29.21
CA LYS E 182 -53.55 -27.47 -28.74
C LYS E 182 -53.33 -26.55 -29.93
N ILE E 183 -53.81 -25.32 -29.84
CA ILE E 183 -53.63 -24.35 -30.91
C ILE E 183 -52.63 -23.31 -30.45
N ILE E 184 -51.47 -23.29 -31.09
CA ILE E 184 -50.41 -22.34 -30.81
C ILE E 184 -50.45 -21.33 -31.93
N SER E 185 -50.84 -20.09 -31.63
CA SER E 185 -50.97 -19.07 -32.66
C SER E 185 -49.62 -18.45 -33.04
N LYS E 186 -49.30 -18.46 -34.33
CA LYS E 186 -48.08 -17.86 -34.82
C LYS E 186 -48.31 -16.38 -35.07
N ILE E 187 -47.53 -15.51 -34.41
CA ILE E 187 -47.64 -14.07 -34.60
C ILE E 187 -46.58 -13.69 -35.60
N GLU E 188 -46.99 -13.29 -36.82
CA GLU E 188 -46.05 -13.05 -37.91
C GLU E 188 -46.15 -11.69 -38.57
N ASN E 189 -47.00 -10.79 -38.07
CA ASN E 189 -47.14 -9.46 -38.71
C ASN E 189 -47.55 -8.38 -37.71
N HIS E 190 -47.61 -7.11 -38.15
CA HIS E 190 -47.97 -6.00 -37.29
C HIS E 190 -49.34 -6.19 -36.61
N GLU E 191 -50.36 -6.65 -37.36
CA GLU E 191 -51.69 -6.85 -36.80
C GLU E 191 -51.70 -7.86 -35.66
N GLY E 192 -51.00 -8.98 -35.84
CA GLY E 192 -50.90 -10.00 -34.81
C GLY E 192 -50.26 -9.47 -33.54
N VAL E 193 -49.24 -8.62 -33.69
CA VAL E 193 -48.57 -8.02 -32.55
C VAL E 193 -49.50 -7.05 -31.84
N LYS E 194 -50.20 -6.21 -32.61
CA LYS E 194 -51.14 -5.23 -32.03
C LYS E 194 -52.36 -5.86 -31.35
N ARG E 195 -52.86 -6.95 -31.92
CA ARG E 195 -54.00 -7.65 -31.35
C ARG E 195 -53.57 -8.87 -30.51
N PHE E 196 -52.32 -8.89 -30.01
CA PHE E 196 -51.74 -9.99 -29.22
C PHE E 196 -52.61 -10.44 -28.04
N ASP E 197 -53.10 -9.50 -27.22
CA ASP E 197 -53.89 -9.85 -26.05
C ASP E 197 -55.14 -10.66 -26.37
N GLU E 198 -55.89 -10.24 -27.40
CA GLU E 198 -57.09 -10.96 -27.80
C GLU E 198 -56.76 -12.34 -28.39
N ILE E 199 -55.62 -12.47 -29.07
CA ILE E 199 -55.17 -13.72 -29.64
C ILE E 199 -54.73 -14.67 -28.53
N LEU E 200 -53.92 -14.17 -27.58
CA LEU E 200 -53.43 -15.00 -26.48
C LEU E 200 -54.57 -15.51 -25.61
N GLU E 201 -55.59 -14.67 -25.38
CA GLU E 201 -56.79 -14.98 -24.61
CA GLU E 201 -56.75 -15.03 -24.57
C GLU E 201 -57.47 -16.27 -25.08
N VAL E 202 -57.57 -16.44 -26.41
CA VAL E 202 -58.26 -17.62 -26.97
C VAL E 202 -57.33 -18.73 -27.48
N SER E 203 -56.00 -18.52 -27.42
CA SER E 203 -55.06 -19.54 -27.89
C SER E 203 -54.54 -20.35 -26.71
N ASP E 204 -54.01 -21.53 -26.98
CA ASP E 204 -53.36 -22.33 -25.96
C ASP E 204 -51.92 -21.84 -25.69
N GLY E 205 -51.33 -21.16 -26.67
CA GLY E 205 -49.99 -20.63 -26.61
C GLY E 205 -49.65 -19.83 -27.85
N ILE E 206 -48.40 -19.35 -27.92
CA ILE E 206 -47.96 -18.47 -28.99
C ILE E 206 -46.62 -18.91 -29.57
N MET E 207 -46.42 -18.64 -30.86
CA MET E 207 -45.14 -18.85 -31.48
C MET E 207 -44.72 -17.47 -32.01
N VAL E 208 -43.51 -17.03 -31.64
CA VAL E 208 -42.95 -15.79 -32.16
C VAL E 208 -42.30 -16.26 -33.48
N ALA E 209 -43.03 -16.10 -34.59
CA ALA E 209 -42.56 -16.53 -35.92
C ALA E 209 -41.74 -15.40 -36.53
N ARG E 210 -40.45 -15.34 -36.14
CA ARG E 210 -39.53 -14.26 -36.50
C ARG E 210 -39.22 -14.11 -37.97
N GLY E 211 -39.32 -15.18 -38.75
CA GLY E 211 -39.06 -15.11 -40.19
C GLY E 211 -39.97 -14.11 -40.91
N ASP E 212 -41.29 -14.36 -40.87
CA ASP E 212 -42.24 -13.44 -41.46
C ASP E 212 -42.29 -12.14 -40.70
N LEU E 213 -42.20 -12.18 -39.36
CA LEU E 213 -42.25 -10.97 -38.54
C LEU E 213 -41.14 -9.98 -38.93
N GLY E 214 -39.95 -10.48 -39.23
CA GLY E 214 -38.80 -9.69 -39.65
C GLY E 214 -38.90 -9.05 -41.02
N ILE E 215 -39.89 -9.48 -41.81
CA ILE E 215 -40.19 -8.94 -43.12
C ILE E 215 -41.40 -7.98 -43.00
N GLU E 216 -42.38 -8.33 -42.13
CA GLU E 216 -43.61 -7.57 -41.92
C GLU E 216 -43.39 -6.29 -41.12
N ILE E 217 -42.49 -6.34 -40.13
CA ILE E 217 -42.10 -5.17 -39.34
C ILE E 217 -40.59 -4.93 -39.52
N PRO E 218 -40.04 -3.75 -39.19
CA PRO E 218 -38.58 -3.55 -39.33
C PRO E 218 -37.80 -4.61 -38.56
N ALA E 219 -36.76 -5.17 -39.19
CA ALA E 219 -35.96 -6.24 -38.61
C ALA E 219 -35.42 -5.90 -37.21
N GLU E 220 -35.05 -4.63 -36.99
CA GLU E 220 -34.52 -4.16 -35.73
C GLU E 220 -35.56 -4.08 -34.60
N LYS E 221 -36.85 -4.29 -34.90
CA LYS E 221 -37.89 -4.25 -33.87
C LYS E 221 -38.33 -5.66 -33.45
N VAL E 222 -37.93 -6.73 -34.18
CA VAL E 222 -38.36 -8.09 -33.84
C VAL E 222 -38.03 -8.49 -32.39
N PHE E 223 -36.84 -8.14 -31.87
CA PHE E 223 -36.48 -8.46 -30.49
C PHE E 223 -37.48 -7.84 -29.48
N LEU E 224 -38.06 -6.67 -29.79
CA LEU E 224 -39.03 -6.05 -28.89
C LEU E 224 -40.32 -6.86 -28.88
N ALA E 225 -40.78 -7.28 -30.05
CA ALA E 225 -41.97 -8.12 -30.19
C ALA E 225 -41.73 -9.46 -29.49
N GLN E 226 -40.55 -10.07 -29.68
CA GLN E 226 -40.21 -11.33 -29.01
C GLN E 226 -40.26 -11.21 -27.48
N LYS E 227 -39.57 -10.21 -26.91
CA LYS E 227 -39.52 -10.03 -25.49
C LYS E 227 -40.87 -9.67 -24.87
N MET E 228 -41.68 -8.87 -25.58
CA MET E 228 -43.02 -8.50 -25.14
C MET E 228 -43.93 -9.75 -25.10
N MET E 229 -43.94 -10.53 -26.19
CA MET E 229 -44.78 -11.72 -26.28
C MET E 229 -44.36 -12.79 -25.29
N ILE E 230 -43.05 -12.99 -25.10
CA ILE E 230 -42.58 -13.96 -24.11
C ILE E 230 -43.00 -13.54 -22.69
N GLY E 231 -42.84 -12.27 -22.36
CA GLY E 231 -43.27 -11.75 -21.07
C GLY E 231 -44.75 -11.91 -20.82
N ARG E 232 -45.58 -11.56 -21.80
CA ARG E 232 -47.04 -11.69 -21.66
C ARG E 232 -47.50 -13.14 -21.55
N CYS E 233 -46.84 -14.07 -22.27
CA CYS E 233 -47.16 -15.49 -22.14
C CYS E 233 -46.75 -16.01 -20.79
N ASN E 234 -45.60 -15.57 -20.28
CA ASN E 234 -45.12 -15.94 -18.95
C ASN E 234 -46.12 -15.48 -17.88
N LEU E 235 -46.62 -14.26 -18.05
CA LEU E 235 -47.60 -13.67 -17.15
C LEU E 235 -48.91 -14.47 -17.19
N ALA E 236 -49.35 -14.86 -18.39
CA ALA E 236 -50.58 -15.65 -18.58
C ALA E 236 -50.43 -17.14 -18.22
N GLY E 237 -49.21 -17.62 -18.06
CA GLY E 237 -48.95 -19.03 -17.77
C GLY E 237 -49.24 -19.88 -19.00
N LYS E 238 -48.97 -19.35 -20.21
CA LYS E 238 -49.22 -20.08 -21.45
C LYS E 238 -47.94 -20.31 -22.23
N PRO E 239 -47.80 -21.47 -22.90
CA PRO E 239 -46.55 -21.72 -23.63
C PRO E 239 -46.20 -20.71 -24.71
N VAL E 240 -44.92 -20.39 -24.83
CA VAL E 240 -44.43 -19.50 -25.89
C VAL E 240 -43.22 -20.17 -26.57
N VAL E 241 -43.22 -20.21 -27.90
CA VAL E 241 -42.16 -20.81 -28.70
C VAL E 241 -41.35 -19.70 -29.36
N CYS E 242 -40.03 -19.79 -29.33
CA CYS E 242 -39.19 -18.86 -30.07
C CYS E 242 -38.78 -19.61 -31.31
N ALA E 243 -39.01 -19.02 -32.50
CA ALA E 243 -38.73 -19.73 -33.73
C ALA E 243 -37.99 -18.92 -34.77
N THR E 244 -37.31 -19.64 -35.71
CA THR E 244 -36.69 -19.22 -36.98
C THR E 244 -35.32 -18.59 -36.88
N GLN E 245 -34.38 -19.18 -37.65
CA GLN E 245 -32.98 -18.75 -37.82
C GLN E 245 -32.17 -18.75 -36.55
N MET E 246 -32.57 -19.55 -35.56
CA MET E 246 -31.85 -19.62 -34.31
C MET E 246 -30.44 -20.14 -34.50
N LEU E 247 -30.25 -21.16 -35.35
CA LEU E 247 -28.94 -21.71 -35.66
C LEU E 247 -28.79 -21.85 -37.20
N GLU E 248 -29.27 -20.84 -37.93
CA GLU E 248 -29.30 -20.82 -39.39
C GLU E 248 -28.02 -21.31 -40.09
N SER E 249 -26.86 -20.80 -39.71
CA SER E 249 -25.59 -21.18 -40.34
C SER E 249 -25.34 -22.70 -40.26
N MET E 250 -25.94 -23.40 -39.29
CA MET E 250 -25.77 -24.85 -39.17
C MET E 250 -26.46 -25.64 -40.30
N ILE E 251 -27.19 -24.97 -41.20
CA ILE E 251 -27.77 -25.62 -42.38
C ILE E 251 -26.58 -26.12 -43.27
N THR E 252 -25.48 -25.36 -43.35
CA THR E 252 -24.31 -25.75 -44.11
C THR E 252 -23.03 -25.96 -43.27
N LYS E 253 -22.92 -25.35 -42.08
CA LYS E 253 -21.72 -25.48 -41.26
C LYS E 253 -21.91 -26.33 -40.01
N PRO E 254 -20.88 -27.07 -39.57
CA PRO E 254 -21.06 -27.96 -38.40
C PRO E 254 -21.19 -27.27 -37.05
N ARG E 255 -20.78 -25.99 -36.96
CA ARG E 255 -20.83 -25.21 -35.72
C ARG E 255 -21.53 -23.90 -36.01
N PRO E 256 -22.29 -23.38 -35.02
CA PRO E 256 -22.99 -22.11 -35.24
C PRO E 256 -22.10 -20.89 -35.02
N THR E 257 -22.60 -19.70 -35.43
CA THR E 257 -21.89 -18.48 -35.19
C THR E 257 -22.10 -18.07 -33.70
N ARG E 258 -21.33 -17.07 -33.22
CA ARG E 258 -21.46 -16.53 -31.88
C ARG E 258 -22.82 -15.84 -31.68
N ALA E 259 -23.39 -15.27 -32.72
CA ALA E 259 -24.72 -14.64 -32.61
C ALA E 259 -25.81 -15.68 -32.43
N GLU E 260 -25.65 -16.84 -33.05
CA GLU E 260 -26.62 -17.92 -32.99
C GLU E 260 -26.69 -18.57 -31.64
N THR E 261 -25.53 -18.88 -31.01
CA THR E 261 -25.57 -19.44 -29.65
C THR E 261 -26.16 -18.43 -28.66
N SER E 262 -25.80 -17.15 -28.84
CA SER E 262 -26.30 -16.06 -28.03
C SER E 262 -27.82 -15.96 -28.16
N ASP E 263 -28.35 -16.02 -29.38
CA ASP E 263 -29.78 -15.98 -29.66
C ASP E 263 -30.54 -17.10 -28.95
N VAL E 264 -30.01 -18.35 -28.98
CA VAL E 264 -30.66 -19.46 -28.30
C VAL E 264 -30.67 -19.24 -26.81
N ALA E 265 -29.52 -18.84 -26.25
CA ALA E 265 -29.40 -18.60 -24.82
C ALA E 265 -30.33 -17.48 -24.37
N ASN E 266 -30.41 -16.41 -25.16
CA ASN E 266 -31.23 -15.28 -24.80
C ASN E 266 -32.72 -15.59 -24.91
N ALA E 267 -33.12 -16.52 -25.81
CA ALA E 267 -34.53 -16.91 -25.90
C ALA E 267 -34.94 -17.62 -24.61
N VAL E 268 -34.06 -18.50 -24.09
CA VAL E 268 -34.31 -19.20 -22.85
C VAL E 268 -34.32 -18.20 -21.69
N LEU E 269 -33.33 -17.29 -21.63
CA LEU E 269 -33.26 -16.29 -20.59
C LEU E 269 -34.46 -15.33 -20.65
N ASP E 270 -35.01 -15.03 -21.85
CA ASP E 270 -36.22 -14.21 -22.03
C ASP E 270 -37.44 -14.88 -21.37
N GLY E 271 -37.49 -16.21 -21.37
CA GLY E 271 -38.57 -16.98 -20.79
C GLY E 271 -39.29 -17.90 -21.74
N ALA E 272 -38.70 -18.22 -22.91
CA ALA E 272 -39.36 -19.09 -23.88
C ALA E 272 -39.53 -20.48 -23.33
N ASP E 273 -40.70 -21.09 -23.55
CA ASP E 273 -40.92 -22.47 -23.12
C ASP E 273 -40.28 -23.44 -24.09
N CYS E 274 -40.31 -23.13 -25.39
CA CYS E 274 -39.76 -23.96 -26.45
C CYS E 274 -38.86 -23.17 -27.37
N ILE E 275 -37.87 -23.84 -27.94
CA ILE E 275 -37.03 -23.28 -28.98
C ILE E 275 -37.20 -24.19 -30.22
N MET E 276 -37.13 -23.61 -31.41
CA MET E 276 -37.40 -24.34 -32.64
C MET E 276 -36.27 -24.32 -33.65
N LEU E 277 -36.20 -25.38 -34.46
CA LEU E 277 -35.28 -25.53 -35.58
C LEU E 277 -36.16 -25.75 -36.82
N SER E 278 -35.95 -24.96 -37.88
CA SER E 278 -36.69 -25.09 -39.12
C SER E 278 -35.78 -25.73 -40.19
N GLY E 279 -35.14 -24.91 -41.06
CA GLY E 279 -34.25 -25.40 -42.10
C GLY E 279 -33.09 -26.22 -41.57
N GLU E 280 -32.64 -25.89 -40.33
CA GLU E 280 -31.54 -26.58 -39.67
C GLU E 280 -31.80 -28.07 -39.57
N THR E 281 -33.06 -28.49 -39.42
CA THR E 281 -33.39 -29.94 -39.33
C THR E 281 -34.13 -30.42 -40.57
N ALA E 282 -34.95 -29.57 -41.18
CA ALA E 282 -35.75 -29.94 -42.32
C ALA E 282 -34.93 -30.17 -43.61
N LYS E 283 -33.92 -29.34 -43.88
CA LYS E 283 -33.16 -29.46 -45.09
C LYS E 283 -31.63 -29.32 -44.96
N GLY E 284 -31.11 -29.14 -43.75
CA GLY E 284 -29.69 -28.91 -43.55
C GLY E 284 -28.82 -30.13 -43.55
N ASN E 285 -27.51 -29.92 -43.54
CA ASN E 285 -26.52 -30.97 -43.53
C ASN E 285 -26.14 -31.45 -42.13
N PHE E 286 -26.62 -30.76 -41.06
CA PHE E 286 -26.28 -31.17 -39.70
C PHE E 286 -27.56 -31.18 -38.80
N PRO E 287 -28.65 -31.93 -39.15
CA PRO E 287 -29.87 -31.90 -38.31
C PRO E 287 -29.70 -32.35 -36.88
N VAL E 288 -28.97 -33.45 -36.66
CA VAL E 288 -28.73 -33.98 -35.33
C VAL E 288 -27.86 -33.01 -34.54
N GLU E 289 -26.82 -32.46 -35.18
CA GLU E 289 -25.91 -31.52 -34.52
C GLU E 289 -26.65 -30.24 -34.11
N ALA E 290 -27.63 -29.78 -34.90
CA ALA E 290 -28.39 -28.58 -34.56
C ALA E 290 -29.23 -28.84 -33.30
N VAL E 291 -29.81 -30.05 -33.16
CA VAL E 291 -30.58 -30.42 -31.97
C VAL E 291 -29.63 -30.50 -30.76
N LYS E 292 -28.45 -31.13 -30.94
CA LYS E 292 -27.46 -31.25 -29.88
C LYS E 292 -26.99 -29.87 -29.38
N MET E 293 -26.81 -28.93 -30.30
CA MET E 293 -26.35 -27.61 -29.96
C MET E 293 -27.42 -26.88 -29.16
N GLN E 294 -28.71 -26.96 -29.58
CA GLN E 294 -29.80 -26.34 -28.83
C GLN E 294 -29.92 -26.94 -27.46
N HIS E 295 -29.74 -28.25 -27.35
CA HIS E 295 -29.78 -28.94 -26.06
C HIS E 295 -28.68 -28.39 -25.13
N ALA E 296 -27.45 -28.31 -25.63
CA ALA E 296 -26.30 -27.87 -24.83
C ALA E 296 -26.46 -26.42 -24.36
N ILE E 297 -26.91 -25.53 -25.25
CA ILE E 297 -27.12 -24.13 -24.90
C ILE E 297 -28.25 -23.96 -23.91
N ALA E 298 -29.39 -24.64 -24.12
CA ALA E 298 -30.53 -24.49 -23.22
C ALA E 298 -30.20 -24.90 -21.81
N ARG E 299 -29.44 -25.99 -21.63
CA ARG E 299 -29.04 -26.43 -20.29
C ARG E 299 -28.20 -25.36 -19.59
N GLU E 300 -27.26 -24.73 -20.32
CA GLU E 300 -26.41 -23.69 -19.76
C GLU E 300 -27.24 -22.47 -19.41
N ALA E 301 -28.16 -22.06 -20.30
CA ALA E 301 -28.99 -20.88 -20.10
C ALA E 301 -29.99 -21.05 -18.99
N GLU E 302 -30.53 -22.25 -18.80
CA GLU E 302 -31.49 -22.49 -17.72
C GLU E 302 -30.86 -22.34 -16.34
N ALA E 303 -29.61 -22.79 -16.16
CA ALA E 303 -28.94 -22.61 -14.89
C ALA E 303 -28.59 -21.13 -14.63
N ALA E 304 -28.41 -20.32 -15.69
CA ALA E 304 -28.11 -18.89 -15.59
C ALA E 304 -29.35 -18.02 -15.36
N VAL E 305 -30.55 -18.60 -15.31
CA VAL E 305 -31.76 -17.83 -15.04
C VAL E 305 -31.67 -17.27 -13.59
N TYR E 306 -32.01 -16.00 -13.37
CA TYR E 306 -31.95 -15.41 -12.03
C TYR E 306 -33.28 -15.69 -11.31
N HIS E 307 -33.45 -16.91 -10.79
CA HIS E 307 -34.70 -17.34 -10.14
C HIS E 307 -35.16 -16.48 -8.99
N ARG E 308 -34.23 -15.87 -8.24
CA ARG E 308 -34.59 -15.04 -7.10
C ARG E 308 -35.53 -13.88 -7.51
N GLN E 309 -35.18 -13.18 -8.58
CA GLN E 309 -36.02 -12.11 -9.08
C GLN E 309 -37.21 -12.68 -9.86
N LEU E 310 -36.98 -13.70 -10.67
CA LEU E 310 -38.02 -14.31 -11.49
C LEU E 310 -39.20 -14.84 -10.67
N PHE E 311 -38.94 -15.64 -9.65
CA PHE E 311 -40.01 -16.19 -8.81
C PHE E 311 -40.75 -15.09 -8.11
N GLU E 312 -40.01 -14.09 -7.56
CA GLU E 312 -40.61 -12.96 -6.87
CA GLU E 312 -40.67 -12.99 -6.88
C GLU E 312 -41.56 -12.19 -7.80
N GLU E 313 -41.12 -11.94 -9.03
CA GLU E 313 -41.93 -11.20 -9.98
C GLU E 313 -43.12 -12.02 -10.49
N LEU E 314 -42.95 -13.33 -10.71
CA LEU E 314 -44.08 -14.17 -11.15
C LEU E 314 -45.12 -14.26 -10.02
N ARG E 315 -44.65 -14.49 -8.82
CA ARG E 315 -45.42 -14.56 -7.60
C ARG E 315 -46.22 -13.24 -7.41
N ARG E 316 -45.55 -12.08 -7.59
CA ARG E 316 -46.13 -10.75 -7.44
C ARG E 316 -47.17 -10.43 -8.50
N ALA E 317 -46.93 -10.84 -9.76
CA ALA E 317 -47.80 -10.54 -10.90
C ALA E 317 -48.98 -11.47 -11.03
N ALA E 318 -48.84 -12.77 -10.67
CA ALA E 318 -49.91 -13.78 -10.75
C ALA E 318 -51.01 -13.38 -9.80
N PRO E 319 -52.26 -13.34 -10.29
CA PRO E 319 -53.34 -12.85 -9.44
C PRO E 319 -53.68 -13.75 -8.29
N LEU E 320 -54.37 -13.21 -7.27
CA LEU E 320 -54.89 -14.01 -6.17
C LEU E 320 -55.91 -15.00 -6.74
N SER E 321 -56.00 -16.18 -6.16
CA SER E 321 -56.87 -17.20 -6.70
C SER E 321 -57.53 -18.02 -5.67
N ARG E 322 -58.77 -18.42 -5.94
CA ARG E 322 -59.50 -19.33 -5.08
CA ARG E 322 -59.45 -19.35 -5.05
C ARG E 322 -59.60 -20.73 -5.75
N ASP E 323 -58.75 -21.02 -6.76
CA ASP E 323 -58.72 -22.29 -7.44
C ASP E 323 -57.67 -23.12 -6.69
N PRO E 324 -58.09 -24.24 -6.08
CA PRO E 324 -57.14 -25.06 -5.31
C PRO E 324 -55.91 -25.56 -6.09
N THR E 325 -56.03 -25.80 -7.41
CA THR E 325 -54.88 -26.24 -8.20
C THR E 325 -53.85 -25.12 -8.25
N GLU E 326 -54.31 -23.88 -8.47
CA GLU E 326 -53.46 -22.71 -8.53
C GLU E 326 -52.79 -22.43 -7.15
N VAL E 327 -53.57 -22.54 -6.07
CA VAL E 327 -53.06 -22.36 -4.72
C VAL E 327 -52.04 -23.43 -4.33
N THR E 328 -52.29 -24.69 -4.69
CA THR E 328 -51.39 -25.79 -4.39
C THR E 328 -50.11 -25.64 -5.19
N ALA E 329 -50.20 -25.20 -6.47
CA ALA E 329 -49.03 -25.03 -7.33
C ALA E 329 -48.04 -24.01 -6.75
N ILE E 330 -48.51 -22.85 -6.28
CA ILE E 330 -47.59 -21.86 -5.73
C ILE E 330 -47.00 -22.32 -4.38
N GLY E 331 -47.78 -23.02 -3.57
CA GLY E 331 -47.29 -23.57 -2.32
C GLY E 331 -46.23 -24.63 -2.56
N ALA E 332 -46.42 -25.49 -3.61
CA ALA E 332 -45.47 -26.53 -3.97
C ALA E 332 -44.17 -25.94 -4.49
N VAL E 333 -44.24 -24.89 -5.33
CA VAL E 333 -43.04 -24.27 -5.88
C VAL E 333 -42.25 -23.54 -4.78
N GLU E 334 -42.96 -22.86 -3.86
CA GLU E 334 -42.36 -22.22 -2.70
C GLU E 334 -41.63 -23.27 -1.83
N ALA E 335 -42.29 -24.40 -1.56
CA ALA E 335 -41.72 -25.50 -0.79
C ALA E 335 -40.50 -26.10 -1.49
N ALA E 336 -40.55 -26.27 -2.82
CA ALA E 336 -39.45 -26.79 -3.60
C ALA E 336 -38.21 -25.89 -3.48
N PHE E 337 -38.39 -24.55 -3.57
CA PHE E 337 -37.29 -23.59 -3.44
C PHE E 337 -36.68 -23.62 -2.03
N LYS E 338 -37.51 -23.76 -1.01
CA LYS E 338 -37.08 -23.80 0.38
C LYS E 338 -36.13 -24.95 0.69
N CYS E 339 -36.36 -26.13 0.08
CA CYS E 339 -35.52 -27.29 0.35
C CYS E 339 -34.61 -27.70 -0.80
N CYS E 340 -34.56 -26.92 -1.90
CA CYS E 340 -33.78 -27.28 -3.10
C CYS E 340 -34.24 -28.65 -3.61
N ALA E 341 -35.57 -28.89 -3.62
CA ALA E 341 -36.14 -30.17 -4.06
C ALA E 341 -35.62 -30.57 -5.43
N ALA E 342 -35.27 -31.84 -5.61
CA ALA E 342 -34.78 -32.33 -6.88
C ALA E 342 -35.90 -32.33 -7.93
N ALA E 343 -37.16 -32.57 -7.49
CA ALA E 343 -38.28 -32.63 -8.41
C ALA E 343 -39.61 -32.33 -7.71
N ILE E 344 -40.64 -32.01 -8.51
CA ILE E 344 -42.01 -31.87 -8.06
C ILE E 344 -42.72 -32.94 -8.87
N ILE E 345 -43.22 -34.00 -8.20
CA ILE E 345 -43.93 -35.06 -8.92
C ILE E 345 -45.41 -34.73 -8.88
N VAL E 346 -46.05 -34.60 -10.04
CA VAL E 346 -47.46 -34.24 -10.08
C VAL E 346 -48.30 -35.23 -10.91
N LEU E 347 -49.49 -35.55 -10.41
CA LEU E 347 -50.41 -36.42 -11.14
C LEU E 347 -51.31 -35.50 -11.93
N THR E 348 -51.42 -35.73 -13.23
CA THR E 348 -52.26 -34.88 -14.08
C THR E 348 -53.01 -35.69 -15.16
N THR E 349 -54.25 -35.30 -15.45
CA THR E 349 -55.05 -35.96 -16.48
C THR E 349 -54.89 -35.21 -17.80
N THR E 350 -55.05 -33.87 -17.76
CA THR E 350 -54.97 -33.02 -18.94
C THR E 350 -53.63 -32.29 -19.08
N GLY E 351 -52.79 -32.30 -18.05
CA GLY E 351 -51.54 -31.57 -18.04
C GLY E 351 -51.67 -30.25 -17.29
N ARG E 352 -52.91 -29.80 -16.97
CA ARG E 352 -53.12 -28.51 -16.33
C ARG E 352 -52.38 -28.31 -14.98
N SER E 353 -52.38 -29.30 -14.09
CA SER E 353 -51.65 -29.16 -12.82
C SER E 353 -50.15 -28.99 -13.04
N ALA E 354 -49.60 -29.66 -14.06
CA ALA E 354 -48.17 -29.52 -14.37
C ALA E 354 -47.91 -28.13 -14.96
N GLN E 355 -48.82 -27.62 -15.80
CA GLN E 355 -48.71 -26.30 -16.40
C GLN E 355 -48.76 -25.19 -15.33
N LEU E 356 -49.63 -25.34 -14.30
CA LEU E 356 -49.70 -24.35 -13.22
C LEU E 356 -48.44 -24.36 -12.34
N LEU E 357 -47.74 -25.50 -12.25
CA LEU E 357 -46.49 -25.55 -11.53
C LEU E 357 -45.42 -24.85 -12.39
N SER E 358 -45.37 -25.18 -13.69
CA SER E 358 -44.43 -24.66 -14.67
CA SER E 358 -44.41 -24.65 -14.64
C SER E 358 -44.45 -23.12 -14.79
N ARG E 359 -45.63 -22.49 -14.61
CA ARG E 359 -45.74 -21.04 -14.74
C ARG E 359 -44.95 -20.31 -13.65
N TYR E 360 -44.65 -20.97 -12.51
CA TYR E 360 -43.84 -20.33 -11.46
C TYR E 360 -42.34 -20.55 -11.64
N ARG E 361 -41.94 -21.19 -12.74
CA ARG E 361 -40.56 -21.48 -13.09
C ARG E 361 -39.73 -22.04 -11.94
N PRO E 362 -40.14 -23.19 -11.35
CA PRO E 362 -39.30 -23.80 -10.32
C PRO E 362 -37.97 -24.27 -10.90
N ARG E 363 -36.95 -24.29 -10.07
CA ARG E 363 -35.67 -24.87 -10.46
C ARG E 363 -35.83 -26.42 -10.46
N ALA E 364 -36.73 -26.96 -9.60
CA ALA E 364 -37.03 -28.39 -9.53
C ALA E 364 -37.75 -28.85 -10.80
N ALA E 365 -37.37 -30.02 -11.33
CA ALA E 365 -38.03 -30.60 -12.51
C ALA E 365 -39.46 -30.96 -12.14
N VAL E 366 -40.42 -30.70 -13.04
CA VAL E 366 -41.80 -31.10 -12.77
C VAL E 366 -42.03 -32.44 -13.49
N ILE E 367 -42.02 -33.52 -12.76
CA ILE E 367 -42.24 -34.85 -13.33
C ILE E 367 -43.75 -35.11 -13.36
N ALA E 368 -44.36 -35.06 -14.54
CA ALA E 368 -45.81 -35.21 -14.66
C ALA E 368 -46.22 -36.63 -15.02
N VAL E 369 -46.88 -37.31 -14.09
CA VAL E 369 -47.34 -38.68 -14.30
C VAL E 369 -48.77 -38.67 -14.82
N THR E 370 -48.99 -39.20 -16.01
CA THR E 370 -50.31 -39.19 -16.63
C THR E 370 -50.64 -40.49 -17.33
N ARG E 371 -51.93 -40.83 -17.41
CA ARG E 371 -52.39 -41.98 -18.19
C ARG E 371 -52.70 -41.56 -19.64
N SER E 372 -52.90 -40.26 -19.90
CA SER E 372 -53.22 -39.73 -21.20
C SER E 372 -51.96 -39.59 -22.05
N ALA E 373 -51.85 -40.38 -23.13
CA ALA E 373 -50.71 -40.30 -24.05
C ALA E 373 -50.65 -38.95 -24.74
N GLN E 374 -51.81 -38.38 -25.07
CA GLN E 374 -51.84 -37.08 -25.73
C GLN E 374 -51.36 -35.97 -24.78
N ALA E 375 -51.79 -36.01 -23.48
CA ALA E 375 -51.34 -35.02 -22.49
C ALA E 375 -49.85 -35.16 -22.29
N ALA E 376 -49.31 -36.38 -22.26
CA ALA E 376 -47.87 -36.61 -22.10
C ALA E 376 -47.08 -35.95 -23.24
N ARG E 377 -47.59 -36.00 -24.47
CA ARG E 377 -46.92 -35.40 -25.61
C ARG E 377 -47.07 -33.87 -25.57
N GLN E 378 -48.27 -33.37 -25.25
CA GLN E 378 -48.53 -31.95 -25.22
C GLN E 378 -47.82 -31.15 -24.10
N VAL E 379 -47.58 -31.74 -22.93
CA VAL E 379 -46.91 -30.99 -21.86
C VAL E 379 -45.45 -30.65 -22.17
N HIS E 380 -44.92 -31.12 -23.33
CA HIS E 380 -43.62 -30.68 -23.78
C HIS E 380 -43.67 -29.18 -24.09
N LEU E 381 -44.87 -28.59 -24.32
CA LEU E 381 -45.02 -27.17 -24.56
C LEU E 381 -44.70 -26.33 -23.28
N CYS E 382 -44.74 -26.93 -22.09
CA CYS E 382 -44.51 -26.24 -20.82
C CYS E 382 -43.11 -26.46 -20.33
N ARG E 383 -42.35 -25.38 -20.13
CA ARG E 383 -40.98 -25.48 -19.65
C ARG E 383 -40.86 -26.21 -18.33
N GLY E 384 -39.91 -27.13 -18.25
CA GLY E 384 -39.62 -27.84 -17.02
C GLY E 384 -40.55 -29.00 -16.70
N VAL E 385 -41.40 -29.40 -17.65
CA VAL E 385 -42.30 -30.52 -17.41
C VAL E 385 -41.78 -31.77 -18.14
N PHE E 386 -41.53 -32.82 -17.39
CA PHE E 386 -41.01 -34.11 -17.87
C PHE E 386 -42.13 -35.15 -17.80
N PRO E 387 -42.78 -35.42 -18.95
CA PRO E 387 -43.93 -36.35 -18.92
C PRO E 387 -43.60 -37.82 -18.78
N LEU E 388 -44.35 -38.53 -17.94
CA LEU E 388 -44.21 -39.97 -17.80
C LEU E 388 -45.56 -40.57 -18.08
N LEU E 389 -45.64 -41.41 -19.11
CA LEU E 389 -46.88 -42.08 -19.44
C LEU E 389 -47.03 -43.36 -18.62
N TYR E 390 -48.06 -43.41 -17.79
CA TYR E 390 -48.37 -44.54 -16.94
C TYR E 390 -49.37 -45.45 -17.69
N ARG E 391 -49.03 -46.73 -17.85
CA ARG E 391 -49.89 -47.65 -18.60
C ARG E 391 -50.53 -48.76 -17.73
N GLU E 392 -50.15 -48.88 -16.46
CA GLU E 392 -50.68 -49.93 -15.59
CA GLU E 392 -50.68 -49.92 -15.59
C GLU E 392 -52.17 -49.77 -15.29
N PRO E 393 -52.89 -50.89 -15.13
CA PRO E 393 -54.33 -50.80 -14.87
C PRO E 393 -54.63 -50.28 -13.46
N PRO E 394 -55.75 -49.56 -13.30
CA PRO E 394 -56.09 -49.00 -11.99
C PRO E 394 -56.24 -50.00 -10.85
N GLU E 395 -55.80 -49.61 -9.65
CA GLU E 395 -55.96 -50.42 -8.45
C GLU E 395 -57.44 -50.37 -8.02
N ALA E 396 -57.87 -51.33 -7.18
CA ALA E 396 -59.24 -51.33 -6.68
C ALA E 396 -59.42 -50.12 -5.73
N ILE E 397 -58.43 -49.85 -4.88
CA ILE E 397 -58.48 -48.70 -3.98
C ILE E 397 -57.80 -47.50 -4.67
N TRP E 398 -58.57 -46.43 -4.92
CA TRP E 398 -58.07 -45.24 -5.61
C TRP E 398 -56.84 -44.63 -4.94
N ALA E 399 -56.81 -44.53 -3.60
CA ALA E 399 -55.66 -44.00 -2.89
C ALA E 399 -54.38 -44.82 -3.18
N ASP E 400 -54.52 -46.14 -3.34
CA ASP E 400 -53.39 -47.01 -3.67
C ASP E 400 -52.92 -46.78 -5.10
N ASP E 401 -53.87 -46.51 -6.01
CA ASP E 401 -53.56 -46.22 -7.41
C ASP E 401 -52.83 -44.88 -7.54
N VAL E 402 -53.16 -43.90 -6.67
CA VAL E 402 -52.47 -42.61 -6.66
C VAL E 402 -51.02 -42.85 -6.21
N ASP E 403 -50.86 -43.61 -5.11
CA ASP E 403 -49.55 -43.94 -4.56
CA ASP E 403 -49.54 -43.93 -4.57
C ASP E 403 -48.66 -44.70 -5.56
N ARG E 404 -49.26 -45.60 -6.35
CA ARG E 404 -48.49 -46.35 -7.32
C ARG E 404 -47.92 -45.45 -8.42
N ARG E 405 -48.72 -44.45 -8.82
CA ARG E 405 -48.33 -43.48 -9.83
C ARG E 405 -47.22 -42.55 -9.31
N VAL E 406 -47.24 -42.23 -8.01
CA VAL E 406 -46.21 -41.40 -7.37
C VAL E 406 -44.92 -42.21 -7.34
N GLN E 407 -45.01 -43.49 -6.94
CA GLN E 407 -43.84 -44.38 -6.90
C GLN E 407 -43.25 -44.62 -8.29
N PHE E 408 -44.09 -44.67 -9.32
CA PHE E 408 -43.64 -44.79 -10.71
C PHE E 408 -42.81 -43.55 -11.11
N GLY E 409 -43.24 -42.37 -10.64
CA GLY E 409 -42.55 -41.11 -10.88
C GLY E 409 -41.21 -41.10 -10.18
N ILE E 410 -41.17 -41.60 -8.94
CA ILE E 410 -39.93 -41.67 -8.19
C ILE E 410 -38.93 -42.66 -8.85
N GLU E 411 -39.41 -43.86 -9.23
CA GLU E 411 -38.55 -44.84 -9.86
CA GLU E 411 -38.60 -44.88 -9.87
C GLU E 411 -38.00 -44.36 -11.18
N SER E 412 -38.82 -43.70 -12.01
CA SER E 412 -38.32 -43.18 -13.29
C SER E 412 -37.32 -42.03 -13.09
N GLY E 413 -37.55 -41.24 -12.04
CA GLY E 413 -36.65 -40.14 -11.70
C GLY E 413 -35.30 -40.67 -11.27
N LYS E 414 -35.30 -41.73 -10.48
CA LYS E 414 -34.06 -42.36 -10.04
C LYS E 414 -33.32 -42.95 -11.23
N LEU E 415 -34.03 -43.67 -12.11
CA LEU E 415 -33.46 -44.30 -13.29
C LEU E 415 -32.88 -43.27 -14.25
N ARG E 416 -33.55 -42.14 -14.41
CA ARG E 416 -33.09 -41.10 -15.35
C ARG E 416 -32.07 -40.12 -14.78
N GLY E 417 -31.75 -40.22 -13.50
CA GLY E 417 -30.77 -39.33 -12.90
C GLY E 417 -31.32 -38.10 -12.23
N PHE E 418 -32.64 -37.87 -12.30
CA PHE E 418 -33.30 -36.72 -11.66
C PHE E 418 -33.21 -36.80 -10.14
N LEU E 419 -33.35 -38.00 -9.58
CA LEU E 419 -33.41 -38.19 -8.15
C LEU E 419 -32.39 -39.20 -7.65
N ARG E 420 -32.06 -39.08 -6.38
CA ARG E 420 -31.22 -40.05 -5.72
C ARG E 420 -31.74 -40.23 -4.28
N VAL E 421 -31.33 -41.32 -3.60
CA VAL E 421 -31.75 -41.58 -2.23
C VAL E 421 -31.25 -40.43 -1.34
N GLY E 422 -32.14 -39.90 -0.52
CA GLY E 422 -31.82 -38.76 0.33
C GLY E 422 -32.32 -37.43 -0.21
N ASP E 423 -32.71 -37.36 -1.49
CA ASP E 423 -33.23 -36.11 -2.06
C ASP E 423 -34.64 -35.83 -1.51
N LEU E 424 -35.05 -34.58 -1.54
CA LEU E 424 -36.41 -34.20 -1.13
C LEU E 424 -37.21 -33.94 -2.40
N VAL E 425 -38.45 -34.43 -2.44
CA VAL E 425 -39.34 -34.16 -3.55
C VAL E 425 -40.66 -33.59 -3.02
N ILE E 426 -41.32 -32.79 -3.84
CA ILE E 426 -42.64 -32.29 -3.52
C ILE E 426 -43.62 -33.10 -4.36
N VAL E 427 -44.65 -33.68 -3.74
CA VAL E 427 -45.62 -34.50 -4.46
C VAL E 427 -46.96 -33.78 -4.50
N VAL E 428 -47.51 -33.58 -5.71
CA VAL E 428 -48.76 -32.84 -5.88
C VAL E 428 -49.85 -33.76 -6.43
N THR E 429 -50.94 -33.94 -5.67
CA THR E 429 -52.05 -34.84 -6.01
C THR E 429 -53.42 -34.13 -5.69
N GLY E 430 -54.55 -34.82 -5.96
CA GLY E 430 -55.90 -34.32 -5.70
C GLY E 430 -56.64 -35.15 -4.67
N TRP E 431 -57.85 -34.69 -4.29
CA TRP E 431 -58.65 -35.37 -3.26
C TRP E 431 -59.64 -36.40 -3.81
N ARG E 432 -59.87 -36.40 -5.12
CA ARG E 432 -60.78 -37.36 -5.75
C ARG E 432 -60.37 -37.55 -7.24
N PRO E 433 -60.83 -38.64 -7.90
CA PRO E 433 -60.45 -38.86 -9.31
C PRO E 433 -60.99 -37.80 -10.27
N GLY E 434 -60.45 -37.75 -11.47
CA GLY E 434 -60.87 -36.79 -12.48
C GLY E 434 -60.07 -35.49 -12.43
N SER E 435 -60.05 -34.81 -13.56
CA SER E 435 -59.36 -33.53 -13.74
CA SER E 435 -59.32 -33.54 -13.68
C SER E 435 -59.99 -32.41 -12.89
N GLY E 436 -59.17 -31.47 -12.43
CA GLY E 436 -59.64 -30.30 -11.70
C GLY E 436 -59.64 -30.32 -10.20
N TYR E 437 -59.20 -31.42 -9.57
CA TYR E 437 -59.26 -31.54 -8.12
C TYR E 437 -57.92 -31.58 -7.39
N THR E 438 -56.81 -31.13 -8.02
CA THR E 438 -55.52 -31.07 -7.34
C THR E 438 -55.63 -30.10 -6.14
N ASN E 439 -55.21 -30.54 -4.96
CA ASN E 439 -55.31 -29.71 -3.76
C ASN E 439 -54.33 -30.13 -2.66
N ILE E 440 -53.41 -31.09 -2.91
CA ILE E 440 -52.53 -31.60 -1.88
C ILE E 440 -51.08 -31.49 -2.28
N MET E 441 -50.24 -31.04 -1.34
CA MET E 441 -48.80 -30.99 -1.54
CA MET E 441 -48.80 -30.90 -1.49
C MET E 441 -48.14 -31.72 -0.36
N ARG E 442 -47.19 -32.60 -0.66
CA ARG E 442 -46.51 -33.40 0.34
C ARG E 442 -45.02 -33.26 0.17
N VAL E 443 -44.28 -33.20 1.27
CA VAL E 443 -42.80 -33.18 1.19
C VAL E 443 -42.33 -34.58 1.53
N LEU E 444 -41.71 -35.24 0.57
CA LEU E 444 -41.30 -36.64 0.67
C LEU E 444 -39.79 -36.82 0.52
N SER E 445 -39.19 -37.64 1.39
CA SER E 445 -37.76 -37.93 1.31
CA SER E 445 -37.76 -37.93 1.32
C SER E 445 -37.59 -39.20 0.49
N ILE E 446 -36.71 -39.18 -0.50
CA ILE E 446 -36.48 -40.34 -1.36
C ILE E 446 -35.71 -41.43 -0.64
N SER E 447 -36.29 -42.62 -0.58
CA SER E 447 -35.67 -43.77 0.08
C SER E 447 -35.32 -44.88 -0.94
N ALA F 13 -55.38 -5.90 -11.55
CA ALA F 13 -55.37 -7.15 -12.32
C ALA F 13 -54.97 -8.35 -11.46
N ASP F 14 -54.06 -8.13 -10.49
CA ASP F 14 -53.63 -9.17 -9.56
C ASP F 14 -54.71 -9.50 -8.51
N VAL F 15 -55.73 -8.64 -8.34
CA VAL F 15 -56.83 -8.84 -7.41
C VAL F 15 -58.20 -8.75 -8.09
N ALA F 16 -58.27 -8.57 -9.43
CA ALA F 16 -59.51 -8.35 -10.16
C ALA F 16 -60.52 -9.51 -10.10
N GLN F 17 -60.14 -10.75 -10.45
CA GLN F 17 -61.09 -11.88 -10.35
C GLN F 17 -61.53 -12.10 -8.91
N LEU F 18 -60.61 -11.97 -7.94
CA LEU F 18 -60.97 -12.14 -6.55
C LEU F 18 -61.84 -11.01 -6.03
N THR F 19 -61.73 -9.80 -6.60
CA THR F 19 -62.59 -8.68 -6.20
C THR F 19 -64.01 -8.94 -6.75
N GLN F 20 -64.13 -9.53 -7.95
CA GLN F 20 -65.44 -9.86 -8.51
C GLN F 20 -66.11 -10.96 -7.67
N GLU F 21 -65.33 -11.96 -7.22
CA GLU F 21 -65.80 -13.07 -6.42
C GLU F 21 -66.12 -12.72 -4.97
N LEU F 22 -65.17 -12.04 -4.26
CA LEU F 22 -65.34 -11.69 -2.84
C LEU F 22 -66.03 -10.35 -2.63
N GLY F 23 -66.03 -9.50 -3.65
CA GLY F 23 -66.68 -8.20 -3.55
C GLY F 23 -65.75 -7.10 -3.12
N THR F 24 -66.14 -5.84 -3.44
CA THR F 24 -65.36 -4.69 -3.06
C THR F 24 -65.38 -4.46 -1.56
N ALA F 25 -66.47 -4.79 -0.85
CA ALA F 25 -66.51 -4.59 0.61
C ALA F 25 -65.44 -5.43 1.31
N PHE F 26 -65.18 -6.65 0.81
CA PHE F 26 -64.15 -7.51 1.39
C PHE F 26 -62.77 -6.82 1.29
N PHE F 27 -62.47 -6.24 0.12
CA PHE F 27 -61.19 -5.61 -0.12
C PHE F 27 -61.06 -4.20 0.48
N GLN F 28 -62.12 -3.67 1.13
CA GLN F 28 -62.02 -2.40 1.83
C GLN F 28 -61.74 -2.64 3.33
N GLN F 29 -62.10 -3.81 3.89
CA GLN F 29 -61.88 -4.14 5.30
C GLN F 29 -60.42 -4.59 5.53
N GLN F 30 -60.04 -4.77 6.82
CA GLN F 30 -58.75 -5.22 7.37
C GLN F 30 -57.53 -4.61 6.69
N GLN F 31 -57.59 -3.32 6.36
CA GLN F 31 -56.52 -2.58 5.70
C GLN F 31 -56.01 -3.27 4.46
N LEU F 32 -56.87 -3.98 3.72
CA LEU F 32 -56.46 -4.67 2.50
C LEU F 32 -55.98 -3.70 1.43
N PRO F 33 -56.54 -2.48 1.21
CA PRO F 33 -55.93 -1.57 0.24
C PRO F 33 -54.49 -1.23 0.65
N ALA F 34 -54.24 -0.98 1.94
CA ALA F 34 -52.88 -0.70 2.41
C ALA F 34 -51.96 -1.93 2.28
N ALA F 35 -52.51 -3.14 2.44
CA ALA F 35 -51.79 -4.41 2.34
C ALA F 35 -51.33 -4.71 0.92
N MET F 36 -52.09 -4.26 -0.09
CA MET F 36 -51.76 -4.49 -1.48
C MET F 36 -50.79 -3.45 -2.06
N ALA F 37 -50.39 -2.42 -1.27
CA ALA F 37 -49.51 -1.37 -1.77
C ALA F 37 -48.15 -1.86 -2.21
N ASP F 38 -47.56 -1.18 -3.19
CA ASP F 38 -46.26 -1.56 -3.75
C ASP F 38 -45.06 -1.07 -2.95
N THR F 39 -45.25 -0.05 -2.09
CA THR F 39 -44.17 0.45 -1.22
C THR F 39 -44.70 0.62 0.21
N PHE F 40 -43.79 0.68 1.17
CA PHE F 40 -44.15 0.90 2.57
C PHE F 40 -44.77 2.32 2.72
N LEU F 41 -44.26 3.31 1.97
CA LEU F 41 -44.77 4.67 2.02
C LEU F 41 -46.24 4.71 1.54
N GLU F 42 -46.53 4.04 0.40
CA GLU F 42 -47.88 3.92 -0.16
CA GLU F 42 -47.89 3.98 -0.11
C GLU F 42 -48.79 3.19 0.83
N HIS F 43 -48.24 2.16 1.53
CA HIS F 43 -48.95 1.37 2.52
C HIS F 43 -49.43 2.29 3.63
N LEU F 44 -48.53 3.15 4.17
CA LEU F 44 -48.93 4.09 5.23
C LEU F 44 -49.98 5.06 4.73
N CYS F 45 -49.83 5.57 3.49
CA CYS F 45 -50.79 6.51 2.89
C CYS F 45 -52.17 5.92 2.74
N LEU F 46 -52.27 4.59 2.59
CA LEU F 46 -53.53 3.91 2.39
C LEU F 46 -54.19 3.41 3.67
N LEU F 47 -53.58 3.59 4.85
CA LEU F 47 -54.21 3.18 6.12
C LEU F 47 -55.51 3.98 6.31
N ASP F 48 -56.58 3.31 6.71
CA ASP F 48 -57.90 3.92 6.77
C ASP F 48 -58.56 3.65 8.10
N ILE F 49 -58.97 4.71 8.81
CA ILE F 49 -59.69 4.56 10.07
C ILE F 49 -61.07 3.86 9.89
N ASP F 50 -61.63 3.89 8.66
CA ASP F 50 -62.89 3.24 8.36
C ASP F 50 -62.75 1.79 7.87
N SER F 51 -61.51 1.29 7.74
CA SER F 51 -61.28 -0.07 7.31
C SER F 51 -61.29 -0.92 8.57
N GLU F 52 -62.43 -1.58 8.85
CA GLU F 52 -62.57 -2.35 10.07
C GLU F 52 -61.79 -3.67 10.11
N PRO F 53 -61.16 -3.96 11.28
CA PRO F 53 -60.48 -5.25 11.43
C PRO F 53 -61.51 -6.39 11.42
N VAL F 54 -61.21 -7.49 10.73
CA VAL F 54 -62.13 -8.62 10.63
C VAL F 54 -61.56 -9.85 11.36
N ALA F 55 -60.26 -10.11 11.20
CA ALA F 55 -59.60 -11.27 11.79
C ALA F 55 -59.58 -11.24 13.31
N ALA F 56 -59.50 -12.42 13.94
CA ALA F 56 -59.42 -12.55 15.38
C ALA F 56 -58.05 -11.96 15.84
N ARG F 57 -58.00 -11.43 17.07
CA ARG F 57 -56.78 -10.86 17.60
C ARG F 57 -55.72 -11.92 17.74
N SER F 58 -54.57 -11.72 17.13
CA SER F 58 -53.51 -12.69 17.11
C SER F 58 -52.35 -12.46 18.12
N THR F 59 -52.14 -11.25 18.63
CA THR F 59 -51.09 -10.99 19.62
C THR F 59 -51.65 -11.32 20.98
N SER F 60 -51.02 -12.21 21.74
CA SER F 60 -51.52 -12.58 23.07
C SER F 60 -51.35 -11.50 24.09
N ILE F 61 -52.25 -11.49 25.05
CA ILE F 61 -52.22 -10.55 26.13
C ILE F 61 -51.82 -11.28 27.38
N ILE F 62 -50.77 -10.79 28.04
CA ILE F 62 -50.34 -11.34 29.32
C ILE F 62 -50.85 -10.37 30.36
N ALA F 63 -51.63 -10.86 31.33
CA ALA F 63 -52.14 -9.99 32.38
C ALA F 63 -51.58 -10.45 33.70
N THR F 64 -51.07 -9.51 34.50
CA THR F 64 -50.53 -9.84 35.79
C THR F 64 -51.69 -9.99 36.79
N ILE F 65 -51.71 -11.13 37.50
CA ILE F 65 -52.77 -11.40 38.46
C ILE F 65 -52.36 -10.99 39.87
N GLY F 66 -53.05 -10.02 40.44
CA GLY F 66 -52.75 -9.51 41.77
C GLY F 66 -54.00 -9.12 42.54
N PRO F 67 -53.86 -8.24 43.56
CA PRO F 67 -55.04 -7.84 44.35
C PRO F 67 -56.29 -7.40 43.58
N ALA F 68 -56.11 -6.67 42.46
CA ALA F 68 -57.22 -6.16 41.67
C ALA F 68 -57.83 -7.16 40.70
N SER F 69 -57.16 -8.28 40.47
CA SER F 69 -57.61 -9.23 39.45
C SER F 69 -57.63 -10.68 39.90
N ARG F 70 -57.66 -10.92 41.19
CA ARG F 70 -57.56 -12.24 41.81
C ARG F 70 -58.82 -13.09 41.94
N SER F 71 -59.99 -12.47 42.13
CA SER F 71 -61.23 -13.21 42.33
C SER F 71 -61.62 -14.01 41.11
N VAL F 72 -62.30 -15.16 41.31
CA VAL F 72 -62.74 -16.03 40.23
C VAL F 72 -63.68 -15.30 39.26
N GLU F 73 -64.60 -14.48 39.81
CA GLU F 73 -65.52 -13.72 38.99
C GLU F 73 -64.80 -12.69 38.12
N ARG F 74 -63.79 -12.02 38.69
CA ARG F 74 -63.01 -11.03 37.96
C ARG F 74 -62.15 -11.72 36.88
N LEU F 75 -61.56 -12.86 37.21
CA LEU F 75 -60.79 -13.65 36.27
C LEU F 75 -61.62 -14.16 35.10
N LYS F 76 -62.91 -14.48 35.32
CA LYS F 76 -63.78 -14.91 34.21
C LYS F 76 -63.98 -13.74 33.25
N GLU F 77 -64.13 -12.51 33.80
CA GLU F 77 -64.29 -11.27 33.04
CA GLU F 77 -64.30 -11.32 32.99
C GLU F 77 -63.02 -11.00 32.22
N MET F 78 -61.84 -11.22 32.83
CA MET F 78 -60.58 -10.99 32.14
CA MET F 78 -60.57 -10.99 32.15
C MET F 78 -60.34 -12.00 31.02
N ILE F 79 -60.79 -13.24 31.21
CA ILE F 79 -60.66 -14.26 30.18
C ILE F 79 -61.57 -13.87 29.00
N LYS F 80 -62.80 -13.41 29.29
CA LYS F 80 -63.72 -12.97 28.25
C LYS F 80 -63.20 -11.70 27.54
N ALA F 81 -62.53 -10.79 28.28
CA ALA F 81 -61.95 -9.58 27.69
C ALA F 81 -60.74 -9.88 26.76
N GLY F 82 -60.08 -11.03 26.96
CA GLY F 82 -59.00 -11.44 26.08
C GLY F 82 -57.71 -11.94 26.70
N MET F 83 -57.61 -12.05 28.02
CA MET F 83 -56.39 -12.51 28.66
C MET F 83 -56.02 -13.95 28.18
N ASN F 84 -54.76 -14.16 27.74
CA ASN F 84 -54.32 -15.46 27.26
C ASN F 84 -53.31 -16.10 28.20
N ILE F 85 -52.53 -15.27 28.93
CA ILE F 85 -51.51 -15.72 29.85
C ILE F 85 -51.64 -14.94 31.18
N ALA F 86 -51.71 -15.65 32.32
CA ALA F 86 -51.76 -15.04 33.65
C ALA F 86 -50.35 -15.02 34.15
N ARG F 87 -49.87 -13.85 34.52
CA ARG F 87 -48.53 -13.70 35.05
C ARG F 87 -48.60 -13.55 36.57
N LEU F 88 -47.71 -14.23 37.29
CA LEU F 88 -47.62 -14.12 38.75
C LEU F 88 -46.26 -13.57 39.09
N ASN F 89 -46.25 -12.36 39.65
CA ASN F 89 -44.99 -11.69 39.94
C ASN F 89 -44.45 -12.12 41.30
N PHE F 90 -43.42 -12.97 41.28
CA PHE F 90 -42.84 -13.46 42.52
C PHE F 90 -41.96 -12.43 43.24
N SER F 91 -41.93 -11.16 42.78
CA SER F 91 -41.30 -10.08 43.52
C SER F 91 -42.25 -9.60 44.66
N HIS F 92 -43.54 -9.97 44.60
CA HIS F 92 -44.56 -9.60 45.55
C HIS F 92 -45.29 -10.85 46.08
N GLY F 93 -46.09 -10.67 47.13
CA GLY F 93 -46.89 -11.73 47.72
C GLY F 93 -46.07 -12.80 48.37
N SER F 94 -46.58 -14.03 48.35
CA SER F 94 -45.94 -15.20 48.93
C SER F 94 -46.33 -16.44 48.13
N HIS F 95 -45.75 -17.61 48.46
CA HIS F 95 -46.13 -18.87 47.80
C HIS F 95 -47.61 -19.17 48.03
N GLU F 96 -48.12 -18.91 49.23
CA GLU F 96 -49.50 -19.16 49.56
C GLU F 96 -50.43 -18.22 48.77
N TYR F 97 -50.03 -16.95 48.64
CA TYR F 97 -50.80 -15.97 47.89
C TYR F 97 -50.90 -16.35 46.42
N HIS F 98 -49.75 -16.67 45.80
CA HIS F 98 -49.68 -17.05 44.40
C HIS F 98 -50.37 -18.37 44.13
N ALA F 99 -50.31 -19.35 45.07
CA ALA F 99 -51.00 -20.63 44.88
C ALA F 99 -52.51 -20.39 44.84
N GLU F 100 -53.02 -19.48 45.67
CA GLU F 100 -54.45 -19.19 45.67
C GLU F 100 -54.83 -18.49 44.36
N SER F 101 -53.97 -17.58 43.85
CA SER F 101 -54.20 -16.90 42.56
C SER F 101 -54.25 -17.93 41.43
N ILE F 102 -53.28 -18.89 41.38
CA ILE F 102 -53.23 -19.99 40.41
C ILE F 102 -54.52 -20.81 40.45
N ALA F 103 -54.98 -21.17 41.66
CA ALA F 103 -56.21 -21.95 41.84
C ALA F 103 -57.42 -21.17 41.30
N ASN F 104 -57.48 -19.86 41.55
CA ASN F 104 -58.58 -19.03 41.06
C ASN F 104 -58.56 -18.90 39.55
N VAL F 105 -57.36 -18.80 38.94
CA VAL F 105 -57.22 -18.75 37.48
C VAL F 105 -57.72 -20.05 36.90
N ARG F 106 -57.26 -21.18 37.45
CA ARG F 106 -57.71 -22.51 36.99
C ARG F 106 -59.20 -22.72 37.16
N GLU F 107 -59.78 -22.23 38.24
CA GLU F 107 -61.21 -22.35 38.45
C GLU F 107 -61.97 -21.54 37.40
N ALA F 108 -61.51 -20.30 37.14
CA ALA F 108 -62.14 -19.44 36.12
C ALA F 108 -62.00 -20.06 34.72
N VAL F 109 -60.82 -20.60 34.38
CA VAL F 109 -60.57 -21.26 33.09
C VAL F 109 -61.47 -22.46 32.91
N GLU F 110 -61.57 -23.32 33.95
CA GLU F 110 -62.38 -24.52 33.85
C GLU F 110 -63.88 -24.26 33.85
N SER F 111 -64.33 -23.05 34.24
CA SER F 111 -65.75 -22.74 34.16
C SER F 111 -66.26 -22.67 32.70
N PHE F 112 -65.37 -22.62 31.71
CA PHE F 112 -65.75 -22.61 30.30
C PHE F 112 -65.42 -23.96 29.60
N ALA F 113 -65.04 -25.00 30.38
CA ALA F 113 -64.66 -26.30 29.81
C ALA F 113 -65.78 -27.11 29.20
N GLY F 114 -67.02 -26.67 29.36
CA GLY F 114 -68.14 -27.37 28.75
C GLY F 114 -68.12 -27.48 27.23
N SER F 115 -67.47 -26.54 26.50
CA SER F 115 -67.50 -26.58 25.04
C SER F 115 -66.24 -26.02 24.36
N PRO F 116 -65.84 -26.54 23.19
CA PRO F 116 -64.73 -25.92 22.45
C PRO F 116 -65.05 -24.48 22.00
N LEU F 117 -66.33 -24.12 21.90
CA LEU F 117 -66.78 -22.76 21.52
C LEU F 117 -66.50 -21.73 22.60
N SER F 118 -66.36 -22.17 23.85
CA SER F 118 -66.14 -21.29 24.99
C SER F 118 -64.81 -21.52 25.68
N TYR F 119 -64.24 -22.74 25.61
CA TYR F 119 -63.01 -23.01 26.33
C TYR F 119 -61.86 -22.17 25.86
N ARG F 120 -61.17 -21.55 26.79
CA ARG F 120 -60.00 -20.74 26.46
C ARG F 120 -58.85 -21.24 27.35
N PRO F 121 -57.86 -21.97 26.80
CA PRO F 121 -56.70 -22.33 27.62
C PRO F 121 -55.96 -21.05 28.00
N VAL F 122 -55.62 -20.90 29.26
CA VAL F 122 -54.88 -19.73 29.72
C VAL F 122 -53.58 -20.26 30.30
N ALA F 123 -52.42 -19.81 29.77
CA ALA F 123 -51.16 -20.24 30.30
C ALA F 123 -50.88 -19.57 31.65
N ILE F 124 -50.09 -20.22 32.51
CA ILE F 124 -49.71 -19.64 33.79
C ILE F 124 -48.23 -19.41 33.77
N ALA F 125 -47.81 -18.17 33.97
CA ALA F 125 -46.42 -17.79 33.89
C ALA F 125 -45.93 -17.28 35.22
N LEU F 126 -44.75 -17.72 35.61
CA LEU F 126 -44.16 -17.32 36.87
C LEU F 126 -43.05 -16.34 36.56
N ASP F 127 -43.12 -15.12 37.08
CA ASP F 127 -42.09 -14.12 36.82
C ASP F 127 -41.21 -14.11 38.08
N THR F 128 -39.93 -14.48 37.95
CA THR F 128 -39.05 -14.54 39.11
C THR F 128 -38.67 -13.18 39.69
N LYS F 129 -38.29 -13.16 40.98
CA LYS F 129 -37.85 -11.95 41.68
C LYS F 129 -36.53 -11.44 41.11
N GLY F 130 -35.64 -12.36 40.75
CA GLY F 130 -34.35 -12.02 40.15
C GLY F 130 -33.15 -12.12 41.08
N PRO F 131 -31.94 -11.85 40.57
CA PRO F 131 -30.74 -11.90 41.42
C PRO F 131 -30.51 -10.60 42.21
N GLY F 132 -29.57 -10.62 43.15
CA GLY F 132 -29.26 -9.43 43.95
C GLY F 132 -28.41 -8.40 43.24
N PRO F 135 -25.70 -11.61 40.88
CA PRO F 135 -24.51 -12.47 40.94
C PRO F 135 -24.77 -13.94 40.58
N GLY F 136 -25.85 -14.18 39.82
CA GLY F 136 -26.30 -15.51 39.42
C GLY F 136 -27.65 -15.86 40.05
N LEU F 137 -28.10 -17.12 39.91
CA LEU F 137 -29.40 -17.55 40.44
C LEU F 137 -29.49 -17.46 41.96
N SER F 138 -30.45 -16.69 42.48
CA SER F 138 -30.61 -16.53 43.92
C SER F 138 -31.29 -17.74 44.59
N GLU F 139 -31.17 -17.85 45.93
CA GLU F 139 -31.79 -18.96 46.66
C GLU F 139 -33.30 -18.86 46.65
N GLN F 140 -33.85 -17.63 46.69
CA GLN F 140 -35.30 -17.44 46.63
C GLN F 140 -35.82 -17.85 45.25
N ASP F 141 -35.06 -17.58 44.18
CA ASP F 141 -35.45 -17.98 42.84
C ASP F 141 -35.49 -19.49 42.73
N VAL F 142 -34.56 -20.22 43.36
CA VAL F 142 -34.57 -21.69 43.34
C VAL F 142 -35.85 -22.21 44.01
N ARG F 143 -36.22 -21.63 45.14
CA ARG F 143 -37.44 -22.02 45.83
C ARG F 143 -38.70 -21.69 45.04
N ASP F 144 -38.75 -20.51 44.39
CA ASP F 144 -39.88 -20.09 43.58
C ASP F 144 -40.02 -20.92 42.30
N LEU F 145 -38.89 -21.25 41.66
CA LEU F 145 -38.90 -22.10 40.49
C LEU F 145 -39.42 -23.50 40.84
N ARG F 146 -39.01 -24.02 42.01
CA ARG F 146 -39.46 -25.32 42.50
C ARG F 146 -40.97 -25.27 42.75
N PHE F 147 -41.49 -24.15 43.28
CA PHE F 147 -42.91 -23.93 43.51
C PHE F 147 -43.66 -24.01 42.17
N GLY F 148 -43.11 -23.38 41.13
CA GLY F 148 -43.68 -23.38 39.80
C GLY F 148 -43.80 -24.77 39.20
N VAL F 149 -42.78 -25.59 39.35
CA VAL F 149 -42.81 -26.97 38.87
C VAL F 149 -43.90 -27.75 39.62
N GLU F 150 -43.94 -27.62 40.96
CA GLU F 150 -44.92 -28.30 41.80
C GLU F 150 -46.35 -27.85 41.50
N HIS F 151 -46.54 -26.59 41.09
CA HIS F 151 -47.86 -26.09 40.76
C HIS F 151 -48.21 -26.15 39.27
N GLY F 152 -47.37 -26.81 38.46
CA GLY F 152 -47.59 -27.01 37.03
C GLY F 152 -47.65 -25.77 36.15
N VAL F 153 -46.76 -24.77 36.41
CA VAL F 153 -46.75 -23.58 35.58
C VAL F 153 -46.27 -23.92 34.16
N ASP F 154 -46.69 -23.13 33.18
CA ASP F 154 -46.34 -23.39 31.79
C ASP F 154 -45.10 -22.64 31.34
N ILE F 155 -44.89 -21.44 31.89
CA ILE F 155 -43.82 -20.56 31.47
C ILE F 155 -43.12 -19.93 32.68
N VAL F 156 -41.84 -19.64 32.53
CA VAL F 156 -41.06 -18.89 33.49
C VAL F 156 -40.57 -17.62 32.78
N PHE F 157 -40.84 -16.44 33.35
CA PHE F 157 -40.30 -15.19 32.83
C PHE F 157 -39.10 -14.97 33.75
N ALA F 158 -37.90 -15.33 33.30
CA ALA F 158 -36.70 -15.24 34.12
C ALA F 158 -36.14 -13.81 34.18
N SER F 159 -36.21 -13.20 35.36
CA SER F 159 -35.71 -11.84 35.55
C SER F 159 -34.20 -11.69 35.43
N PHE F 160 -33.78 -10.54 34.92
CA PHE F 160 -32.40 -10.09 34.77
C PHE F 160 -31.46 -11.14 34.18
N VAL F 161 -31.80 -11.69 33.01
CA VAL F 161 -30.91 -12.66 32.35
C VAL F 161 -29.82 -11.85 31.69
N ARG F 162 -28.56 -12.14 32.03
CA ARG F 162 -27.39 -11.40 31.51
C ARG F 162 -26.49 -12.22 30.62
N LYS F 163 -26.63 -13.55 30.62
CA LYS F 163 -25.81 -14.46 29.85
C LYS F 163 -26.46 -15.83 29.71
N ALA F 164 -25.96 -16.66 28.80
CA ALA F 164 -26.51 -18.00 28.57
C ALA F 164 -26.47 -18.87 29.83
N SER F 165 -25.43 -18.72 30.68
CA SER F 165 -25.33 -19.52 31.90
C SER F 165 -26.47 -19.25 32.91
N ASP F 166 -27.08 -18.05 32.84
CA ASP F 166 -28.22 -17.71 33.69
C ASP F 166 -29.43 -18.55 33.28
N VAL F 167 -29.61 -18.79 31.98
CA VAL F 167 -30.72 -19.59 31.46
C VAL F 167 -30.50 -21.05 31.87
N ALA F 168 -29.24 -21.54 31.76
CA ALA F 168 -28.90 -22.91 32.16
C ALA F 168 -29.16 -23.11 33.64
N ALA F 169 -28.88 -22.10 34.48
CA ALA F 169 -29.16 -22.20 35.91
C ALA F 169 -30.65 -22.31 36.17
N VAL F 170 -31.49 -21.56 35.44
CA VAL F 170 -32.96 -21.64 35.60
C VAL F 170 -33.45 -23.04 35.16
N ARG F 171 -32.94 -23.53 34.03
CA ARG F 171 -33.29 -24.84 33.51
CA ARG F 171 -33.32 -24.85 33.53
C ARG F 171 -32.95 -25.95 34.54
N ALA F 172 -31.74 -25.86 35.15
CA ALA F 172 -31.30 -26.82 36.14
C ALA F 172 -32.20 -26.75 37.39
N ALA F 173 -32.55 -25.53 37.85
CA ALA F 173 -33.43 -25.35 39.00
C ALA F 173 -34.85 -25.86 38.78
N LEU F 174 -35.28 -26.02 37.53
CA LEU F 174 -36.62 -26.57 37.24
C LEU F 174 -36.63 -28.12 37.35
N GLY F 175 -35.46 -28.74 37.35
CA GLY F 175 -35.31 -30.17 37.52
C GLY F 175 -35.84 -31.02 36.39
N PRO F 176 -35.92 -32.34 36.63
CA PRO F 176 -36.41 -33.26 35.58
C PRO F 176 -37.90 -33.13 35.31
N GLU F 177 -38.70 -32.76 36.33
CA GLU F 177 -40.14 -32.62 36.14
C GLU F 177 -40.60 -31.32 35.46
N GLY F 178 -39.69 -30.37 35.28
CA GLY F 178 -40.00 -29.12 34.61
C GLY F 178 -39.37 -29.00 33.22
N HIS F 179 -39.12 -30.13 32.57
CA HIS F 179 -38.49 -30.13 31.25
C HIS F 179 -39.36 -29.44 30.17
N GLY F 180 -40.68 -29.51 30.33
CA GLY F 180 -41.61 -28.94 29.38
C GLY F 180 -41.89 -27.45 29.54
N ILE F 181 -41.47 -26.86 30.67
CA ILE F 181 -41.71 -25.44 30.95
C ILE F 181 -40.90 -24.53 30.01
N LYS F 182 -41.54 -23.51 29.41
CA LYS F 182 -40.85 -22.59 28.52
C LYS F 182 -40.13 -21.53 29.33
N ILE F 183 -38.90 -21.22 28.97
CA ILE F 183 -38.13 -20.19 29.66
C ILE F 183 -38.04 -18.96 28.76
N ILE F 184 -38.69 -17.87 29.16
CA ILE F 184 -38.66 -16.61 28.44
C ILE F 184 -37.71 -15.71 29.21
N SER F 185 -36.56 -15.39 28.62
CA SER F 185 -35.57 -14.57 29.29
C SER F 185 -35.90 -13.09 29.25
N LYS F 186 -35.95 -12.44 30.41
CA LYS F 186 -36.20 -11.02 30.50
C LYS F 186 -34.88 -10.26 30.34
N ILE F 187 -34.81 -9.37 29.31
CA ILE F 187 -33.62 -8.57 29.05
C ILE F 187 -33.87 -7.24 29.71
N GLU F 188 -33.12 -6.95 30.80
CA GLU F 188 -33.39 -5.75 31.59
C GLU F 188 -32.20 -4.84 31.81
N ASN F 189 -31.04 -5.12 31.21
CA ASN F 189 -29.86 -4.28 31.42
C ASN F 189 -28.91 -4.27 30.21
N HIS F 190 -27.85 -3.46 30.26
CA HIS F 190 -26.90 -3.36 29.16
C HIS F 190 -26.27 -4.71 28.80
N GLU F 191 -25.87 -5.50 29.81
CA GLU F 191 -25.27 -6.80 29.55
C GLU F 191 -26.18 -7.75 28.78
N GLY F 192 -27.44 -7.82 29.19
CA GLY F 192 -28.43 -8.66 28.51
C GLY F 192 -28.62 -8.26 27.07
N VAL F 193 -28.56 -6.92 26.79
CA VAL F 193 -28.71 -6.43 25.41
C VAL F 193 -27.49 -6.82 24.59
N LYS F 194 -26.30 -6.61 25.15
CA LYS F 194 -25.04 -6.96 24.47
C LYS F 194 -24.86 -8.48 24.24
N ARG F 195 -25.30 -9.30 25.20
CA ARG F 195 -25.19 -10.76 25.09
C ARG F 195 -26.49 -11.39 24.55
N PHE F 196 -27.35 -10.60 23.89
CA PHE F 196 -28.64 -11.03 23.40
C PHE F 196 -28.60 -12.33 22.58
N ASP F 197 -27.69 -12.44 21.60
CA ASP F 197 -27.64 -13.61 20.74
C ASP F 197 -27.44 -14.91 21.50
N GLU F 198 -26.50 -14.92 22.46
CA GLU F 198 -26.23 -16.12 23.25
C GLU F 198 -27.40 -16.46 24.17
N ILE F 199 -28.12 -15.43 24.66
CA ILE F 199 -29.28 -15.65 25.51
C ILE F 199 -30.44 -16.21 24.68
N LEU F 200 -30.72 -15.60 23.52
CA LEU F 200 -31.79 -16.06 22.64
C LEU F 200 -31.56 -17.51 22.17
N GLU F 201 -30.30 -17.87 21.87
CA GLU F 201 -29.97 -19.21 21.41
C GLU F 201 -30.40 -20.31 22.38
N VAL F 202 -30.27 -20.08 23.69
CA VAL F 202 -30.64 -21.07 24.69
C VAL F 202 -31.99 -20.84 25.36
N SER F 203 -32.69 -19.73 25.04
CA SER F 203 -33.99 -19.45 25.63
C SER F 203 -35.10 -19.89 24.67
N ASP F 204 -36.30 -20.05 25.21
CA ASP F 204 -37.46 -20.34 24.38
C ASP F 204 -38.05 -19.05 23.73
N GLY F 205 -37.75 -17.91 24.35
CA GLY F 205 -38.20 -16.60 23.92
C GLY F 205 -37.64 -15.50 24.79
N ILE F 206 -38.03 -14.26 24.53
CA ILE F 206 -37.50 -13.11 25.20
C ILE F 206 -38.61 -12.16 25.67
N MET F 207 -38.37 -11.45 26.76
CA MET F 207 -39.25 -10.40 27.19
C MET F 207 -38.40 -9.12 27.21
N VAL F 208 -38.87 -8.06 26.54
CA VAL F 208 -38.21 -6.76 26.57
C VAL F 208 -38.81 -6.12 27.84
N ALA F 209 -38.07 -6.21 28.94
CA ALA F 209 -38.51 -5.71 30.23
C ALA F 209 -38.10 -4.24 30.35
N ARG F 210 -38.92 -3.35 29.79
CA ARG F 210 -38.64 -1.93 29.65
C ARG F 210 -38.52 -1.13 30.95
N GLY F 211 -39.15 -1.59 32.03
CA GLY F 211 -39.06 -0.92 33.33
C GLY F 211 -37.63 -0.81 33.81
N ASP F 212 -37.00 -1.95 34.05
CA ASP F 212 -35.62 -1.99 34.47
C ASP F 212 -34.70 -1.51 33.37
N LEU F 213 -34.97 -1.90 32.11
CA LEU F 213 -34.13 -1.48 30.98
C LEU F 213 -34.00 0.04 30.87
N GLY F 214 -35.11 0.74 31.11
CA GLY F 214 -35.15 2.20 31.07
C GLY F 214 -34.42 2.91 32.19
N ILE F 215 -34.01 2.16 33.23
CA ILE F 215 -33.23 2.66 34.35
C ILE F 215 -31.76 2.24 34.13
N GLU F 216 -31.51 1.03 33.61
CA GLU F 216 -30.20 0.48 33.35
C GLU F 216 -29.47 1.14 32.19
N ILE F 217 -30.20 1.50 31.13
CA ILE F 217 -29.66 2.21 29.97
C ILE F 217 -30.41 3.54 29.83
N PRO F 218 -29.88 4.54 29.08
CA PRO F 218 -30.62 5.81 28.93
C PRO F 218 -32.04 5.56 28.39
N ALA F 219 -33.02 6.22 28.97
CA ALA F 219 -34.43 6.03 28.61
C ALA F 219 -34.69 6.23 27.13
N GLU F 220 -33.98 7.17 26.50
CA GLU F 220 -34.15 7.46 25.08
C GLU F 220 -33.59 6.38 24.15
N LYS F 221 -32.90 5.36 24.68
CA LYS F 221 -32.35 4.27 23.88
C LYS F 221 -33.19 2.99 23.98
N VAL F 222 -34.21 2.93 24.90
CA VAL F 222 -35.00 1.71 25.08
C VAL F 222 -35.69 1.26 23.80
N PHE F 223 -36.24 2.20 23.01
CA PHE F 223 -36.91 1.83 21.76
C PHE F 223 -35.98 1.10 20.80
N LEU F 224 -34.67 1.42 20.80
CA LEU F 224 -33.69 0.77 19.91
C LEU F 224 -33.50 -0.66 20.36
N ALA F 225 -33.40 -0.89 21.68
CA ALA F 225 -33.26 -2.23 22.24
C ALA F 225 -34.51 -3.04 21.94
N GLN F 226 -35.69 -2.44 22.14
CA GLN F 226 -36.97 -3.12 21.85
C GLN F 226 -37.06 -3.56 20.38
N LYS F 227 -36.83 -2.64 19.45
CA LYS F 227 -36.90 -2.94 18.02
C LYS F 227 -35.88 -3.97 17.56
N MET F 228 -34.65 -3.89 18.09
CA MET F 228 -33.58 -4.83 17.74
C MET F 228 -33.95 -6.25 18.23
N MET F 229 -34.40 -6.37 19.50
CA MET F 229 -34.76 -7.66 20.07
C MET F 229 -35.95 -8.27 19.39
N ILE F 230 -36.99 -7.45 19.09
CA ILE F 230 -38.15 -7.97 18.39
C ILE F 230 -37.76 -8.49 16.99
N GLY F 231 -36.95 -7.73 16.27
CA GLY F 231 -36.47 -8.13 14.94
C GLY F 231 -35.69 -9.43 14.98
N ARG F 232 -34.76 -9.57 15.94
CA ARG F 232 -33.96 -10.79 16.06
C ARG F 232 -34.77 -12.00 16.45
N CYS F 233 -35.79 -11.83 17.32
CA CYS F 233 -36.68 -12.92 17.70
C CYS F 233 -37.52 -13.33 16.53
N ASN F 234 -38.00 -12.36 15.73
CA ASN F 234 -38.77 -12.64 14.53
C ASN F 234 -37.93 -13.45 13.52
N LEU F 235 -36.67 -13.06 13.35
CA LEU F 235 -35.74 -13.75 12.49
C LEU F 235 -35.51 -15.19 12.98
N ALA F 236 -35.35 -15.37 14.31
CA ALA F 236 -35.14 -16.69 14.90
C ALA F 236 -36.40 -17.54 15.02
N GLY F 237 -37.58 -16.95 14.81
CA GLY F 237 -38.84 -17.65 14.93
C GLY F 237 -39.14 -17.99 16.38
N LYS F 238 -38.69 -17.12 17.34
CA LYS F 238 -38.94 -17.33 18.76
C LYS F 238 -39.82 -16.26 19.37
N PRO F 239 -40.71 -16.60 20.31
CA PRO F 239 -41.61 -15.58 20.90
C PRO F 239 -40.90 -14.39 21.56
N VAL F 240 -41.47 -13.20 21.40
CA VAL F 240 -40.96 -12.01 22.03
C VAL F 240 -42.13 -11.27 22.68
N VAL F 241 -41.96 -10.86 23.92
CA VAL F 241 -43.00 -10.15 24.69
C VAL F 241 -42.57 -8.70 24.84
N CYS F 242 -43.48 -7.76 24.61
CA CYS F 242 -43.20 -6.36 24.93
C CYS F 242 -43.88 -6.10 26.27
N ALA F 243 -43.14 -5.54 27.24
CA ALA F 243 -43.69 -5.36 28.56
C ALA F 243 -43.41 -4.00 29.18
N THR F 244 -44.26 -3.59 30.17
CA THR F 244 -44.14 -2.50 31.14
C THR F 244 -44.56 -1.11 30.65
N GLN F 245 -45.52 -0.52 31.39
CA GLN F 245 -46.07 0.81 31.20
C GLN F 245 -46.76 1.03 29.87
N MET F 246 -47.25 -0.05 29.25
CA MET F 246 -47.93 0.08 27.97
C MET F 246 -49.20 0.90 28.08
N LEU F 247 -49.98 0.70 29.14
CA LEU F 247 -51.22 1.46 29.39
C LEU F 247 -51.21 1.96 30.84
N GLU F 248 -50.04 2.38 31.34
CA GLU F 248 -49.82 2.83 32.70
C GLU F 248 -50.93 3.73 33.30
N SER F 249 -51.35 4.79 32.62
CA SER F 249 -52.38 5.70 33.13
C SER F 249 -53.70 4.99 33.42
N MET F 250 -53.96 3.82 32.77
CA MET F 250 -55.16 3.05 33.04
C MET F 250 -55.17 2.38 34.46
N ILE F 251 -54.09 2.54 35.24
CA ILE F 251 -54.08 2.08 36.63
C ILE F 251 -55.13 2.90 37.42
N THR F 252 -55.28 4.20 37.11
CA THR F 252 -56.26 5.06 37.78
C THR F 252 -57.36 5.58 36.84
N LYS F 253 -57.11 5.68 35.53
CA LYS F 253 -58.10 6.25 34.60
C LYS F 253 -58.74 5.21 33.67
N PRO F 254 -60.01 5.41 33.28
CA PRO F 254 -60.67 4.40 32.43
C PRO F 254 -60.21 4.39 30.96
N ARG F 255 -59.52 5.43 30.51
CA ARG F 255 -59.04 5.56 29.13
C ARG F 255 -57.55 5.89 29.15
N PRO F 256 -56.79 5.36 28.19
CA PRO F 256 -55.34 5.63 28.18
C PRO F 256 -55.00 6.97 27.49
N THR F 257 -53.72 7.37 27.60
CA THR F 257 -53.24 8.55 26.90
C THR F 257 -52.98 8.18 25.41
N ARG F 258 -52.76 9.19 24.55
CA ARG F 258 -52.47 8.98 23.14
C ARG F 258 -51.12 8.27 22.95
N ALA F 259 -50.14 8.52 23.83
CA ALA F 259 -48.85 7.86 23.77
C ALA F 259 -48.98 6.36 24.09
N GLU F 260 -49.90 6.00 25.01
CA GLU F 260 -50.11 4.62 25.40
C GLU F 260 -50.73 3.79 24.33
N THR F 261 -51.77 4.29 23.65
CA THR F 261 -52.37 3.51 22.54
C THR F 261 -51.36 3.32 21.41
N SER F 262 -50.60 4.38 21.15
CA SER F 262 -49.56 4.38 20.12
C SER F 262 -48.48 3.35 20.46
N ASP F 263 -48.04 3.30 21.73
CA ASP F 263 -47.04 2.34 22.21
C ASP F 263 -47.51 0.89 21.99
N VAL F 264 -48.78 0.58 22.32
CA VAL F 264 -49.31 -0.77 22.13
C VAL F 264 -49.32 -1.12 20.63
N ALA F 265 -49.80 -0.19 19.79
CA ALA F 265 -49.88 -0.42 18.36
C ALA F 265 -48.51 -0.62 17.76
N ASN F 266 -47.53 0.19 18.20
CA ASN F 266 -46.18 0.10 17.68
C ASN F 266 -45.46 -1.15 18.14
N ALA F 267 -45.79 -1.71 19.30
CA ALA F 267 -45.19 -2.97 19.75
C ALA F 267 -45.65 -4.11 18.83
N VAL F 268 -46.93 -4.12 18.46
CA VAL F 268 -47.50 -5.11 17.55
C VAL F 268 -46.91 -4.91 16.18
N LEU F 269 -46.83 -3.63 15.69
CA LEU F 269 -46.24 -3.36 14.38
C LEU F 269 -44.75 -3.73 14.35
N ASP F 270 -44.03 -3.59 15.48
CA ASP F 270 -42.62 -3.96 15.57
C ASP F 270 -42.45 -5.47 15.35
N GLY F 271 -43.44 -6.28 15.75
CA GLY F 271 -43.41 -7.72 15.61
C GLY F 271 -43.55 -8.50 16.90
N ALA F 272 -44.01 -7.86 17.98
CA ALA F 272 -44.14 -8.56 19.26
C ALA F 272 -45.18 -9.68 19.18
N ASP F 273 -44.89 -10.85 19.75
CA ASP F 273 -45.84 -11.96 19.76
C ASP F 273 -46.85 -11.71 20.88
N CYS F 274 -46.39 -11.15 22.02
CA CYS F 274 -47.22 -10.88 23.19
C CYS F 274 -47.07 -9.46 23.66
N ILE F 275 -48.12 -8.94 24.27
CA ILE F 275 -48.08 -7.64 24.92
C ILE F 275 -48.51 -7.87 26.37
N MET F 276 -47.95 -7.10 27.32
CA MET F 276 -48.19 -7.33 28.71
C MET F 276 -48.79 -6.17 29.46
N LEU F 277 -49.54 -6.48 30.52
CA LEU F 277 -50.12 -5.55 31.47
C LEU F 277 -49.57 -5.96 32.85
N SER F 278 -48.97 -5.01 33.57
CA SER F 278 -48.41 -5.25 34.90
C SER F 278 -49.35 -4.60 35.94
N GLY F 279 -49.02 -3.40 36.43
CA GLY F 279 -49.83 -2.67 37.40
C GLY F 279 -51.26 -2.46 36.96
N GLU F 280 -51.44 -2.29 35.63
CA GLU F 280 -52.76 -2.08 35.00
C GLU F 280 -53.75 -3.17 35.40
N THR F 281 -53.26 -4.42 35.57
CA THR F 281 -54.17 -5.52 35.96
C THR F 281 -53.91 -6.03 37.39
N ALA F 282 -52.67 -5.91 37.87
CA ALA F 282 -52.32 -6.40 39.19
C ALA F 282 -52.92 -5.54 40.29
N LYS F 283 -52.90 -4.22 40.15
CA LYS F 283 -53.36 -3.32 41.21
C LYS F 283 -54.28 -2.16 40.80
N GLY F 284 -54.59 -2.02 39.52
CA GLY F 284 -55.35 -0.89 39.04
C GLY F 284 -56.84 -0.99 39.19
N ASN F 285 -57.52 0.14 38.94
CA ASN F 285 -58.97 0.25 39.08
C ASN F 285 -59.75 -0.31 37.90
N PHE F 286 -59.10 -0.56 36.76
CA PHE F 286 -59.82 -1.06 35.58
C PHE F 286 -59.06 -2.22 34.92
N PRO F 287 -58.79 -3.31 35.66
CA PRO F 287 -58.05 -4.43 35.05
C PRO F 287 -58.70 -4.98 33.78
N VAL F 288 -60.01 -5.15 33.79
CA VAL F 288 -60.74 -5.68 32.67
C VAL F 288 -60.70 -4.69 31.49
N GLU F 289 -60.85 -3.39 31.79
CA GLU F 289 -60.81 -2.36 30.77
C GLU F 289 -59.42 -2.23 30.10
N ALA F 290 -58.35 -2.50 30.84
CA ALA F 290 -57.00 -2.49 30.29
C ALA F 290 -56.81 -3.65 29.30
N VAL F 291 -57.39 -4.83 29.62
CA VAL F 291 -57.33 -5.99 28.75
C VAL F 291 -58.14 -5.70 27.48
N LYS F 292 -59.34 -5.12 27.64
CA LYS F 292 -60.18 -4.78 26.49
C LYS F 292 -59.50 -3.77 25.56
N MET F 293 -58.78 -2.77 26.13
CA MET F 293 -58.08 -1.77 25.36
C MET F 293 -56.95 -2.40 24.57
N GLN F 294 -56.14 -3.26 25.21
CA GLN F 294 -55.07 -3.95 24.50
C GLN F 294 -55.60 -4.83 23.40
N HIS F 295 -56.73 -5.50 23.66
CA HIS F 295 -57.39 -6.33 22.66
C HIS F 295 -57.78 -5.47 21.42
N ALA F 296 -58.45 -4.32 21.66
CA ALA F 296 -58.89 -3.43 20.58
C ALA F 296 -57.73 -2.87 19.77
N ILE F 297 -56.65 -2.43 20.44
CA ILE F 297 -55.51 -1.87 19.73
C ILE F 297 -54.77 -2.93 18.92
N ALA F 298 -54.54 -4.12 19.52
CA ALA F 298 -53.83 -5.18 18.82
C ALA F 298 -54.54 -5.59 17.54
N ARG F 299 -55.88 -5.70 17.57
CA ARG F 299 -56.64 -6.06 16.35
C ARG F 299 -56.43 -5.00 15.24
N GLU F 300 -56.45 -3.71 15.59
CA GLU F 300 -56.24 -2.64 14.64
C GLU F 300 -54.81 -2.67 14.09
N ALA F 301 -53.81 -2.88 14.95
CA ALA F 301 -52.43 -2.90 14.56
C ALA F 301 -52.05 -4.09 13.73
N GLU F 302 -52.66 -5.26 13.99
CA GLU F 302 -52.39 -6.46 13.20
C GLU F 302 -52.80 -6.31 11.77
N ALA F 303 -53.97 -5.67 11.52
CA ALA F 303 -54.43 -5.46 10.15
C ALA F 303 -53.51 -4.48 9.41
N ALA F 304 -52.89 -3.53 10.14
CA ALA F 304 -52.00 -2.51 9.56
C ALA F 304 -50.58 -3.03 9.29
N VAL F 305 -50.26 -4.29 9.62
CA VAL F 305 -48.95 -4.85 9.33
C VAL F 305 -48.76 -4.91 7.80
N TYR F 306 -47.59 -4.52 7.28
CA TYR F 306 -47.34 -4.53 5.84
C TYR F 306 -46.80 -5.90 5.48
N HIS F 307 -47.71 -6.88 5.36
CA HIS F 307 -47.37 -8.29 5.09
C HIS F 307 -46.58 -8.52 3.84
N ARG F 308 -46.77 -7.70 2.79
CA ARG F 308 -46.06 -7.87 1.53
C ARG F 308 -44.56 -7.79 1.72
N GLN F 309 -44.07 -6.76 2.44
CA GLN F 309 -42.64 -6.64 2.68
C GLN F 309 -42.21 -7.64 3.76
N LEU F 310 -43.02 -7.78 4.82
CA LEU F 310 -42.70 -8.68 5.91
C LEU F 310 -42.47 -10.12 5.47
N PHE F 311 -43.40 -10.71 4.72
CA PHE F 311 -43.26 -12.09 4.25
C PHE F 311 -42.06 -12.23 3.33
N GLU F 312 -41.85 -11.27 2.43
CA GLU F 312 -40.70 -11.27 1.51
C GLU F 312 -39.39 -11.27 2.29
N GLU F 313 -39.28 -10.44 3.33
CA GLU F 313 -38.09 -10.34 4.14
C GLU F 313 -37.88 -11.55 5.01
N LEU F 314 -38.95 -12.13 5.59
CA LEU F 314 -38.84 -13.35 6.39
C LEU F 314 -38.39 -14.50 5.50
N ARG F 315 -38.94 -14.59 4.30
CA ARG F 315 -38.57 -15.59 3.33
C ARG F 315 -37.08 -15.47 2.90
N ARG F 316 -36.63 -14.26 2.54
CA ARG F 316 -35.25 -13.97 2.11
C ARG F 316 -34.24 -14.22 3.23
N ALA F 317 -34.59 -13.90 4.48
CA ALA F 317 -33.69 -14.06 5.61
C ALA F 317 -33.63 -15.47 6.17
N ALA F 318 -34.71 -16.24 6.02
CA ALA F 318 -34.74 -17.59 6.56
C ALA F 318 -33.84 -18.48 5.70
N PRO F 319 -32.99 -19.28 6.36
CA PRO F 319 -32.09 -20.16 5.59
C PRO F 319 -32.85 -21.30 4.93
N LEU F 320 -32.24 -21.91 3.91
CA LEU F 320 -32.84 -23.09 3.25
C LEU F 320 -32.96 -24.21 4.27
N SER F 321 -33.97 -25.06 4.11
CA SER F 321 -34.19 -26.11 5.10
C SER F 321 -34.54 -27.41 4.50
N ARG F 322 -34.02 -28.48 5.07
CA ARG F 322 -34.40 -29.82 4.67
C ARG F 322 -35.32 -30.49 5.71
N ASP F 323 -35.89 -29.70 6.65
CA ASP F 323 -36.85 -30.17 7.64
C ASP F 323 -38.24 -30.07 7.02
N PRO F 324 -38.93 -31.20 6.85
CA PRO F 324 -40.26 -31.17 6.22
C PRO F 324 -41.30 -30.28 6.92
N THR F 325 -41.22 -30.12 8.25
CA THR F 325 -42.15 -29.25 8.96
C THR F 325 -41.93 -27.80 8.53
N GLU F 326 -40.66 -27.39 8.42
CA GLU F 326 -40.27 -26.05 8.01
C GLU F 326 -40.69 -25.79 6.55
N VAL F 327 -40.44 -26.76 5.66
CA VAL F 327 -40.79 -26.68 4.26
C VAL F 327 -42.32 -26.62 4.05
N THR F 328 -43.07 -27.41 4.82
CA THR F 328 -44.52 -27.43 4.74
C THR F 328 -45.08 -26.11 5.23
N ALA F 329 -44.54 -25.58 6.34
CA ALA F 329 -44.96 -24.31 6.90
C ALA F 329 -44.87 -23.14 5.90
N ILE F 330 -43.75 -22.99 5.17
CA ILE F 330 -43.63 -21.90 4.21
C ILE F 330 -44.56 -22.11 3.01
N GLY F 331 -44.73 -23.35 2.56
CA GLY F 331 -45.67 -23.67 1.49
C GLY F 331 -47.10 -23.36 1.89
N ALA F 332 -47.47 -23.69 3.13
CA ALA F 332 -48.82 -23.42 3.64
C ALA F 332 -49.10 -21.93 3.79
N VAL F 333 -48.11 -21.14 4.25
CA VAL F 333 -48.27 -19.70 4.41
C VAL F 333 -48.37 -19.02 3.04
N GLU F 334 -47.56 -19.47 2.09
CA GLU F 334 -47.61 -18.96 0.71
CA GLU F 334 -47.60 -18.95 0.72
C GLU F 334 -48.98 -19.24 0.10
N ALA F 335 -49.51 -20.47 0.30
CA ALA F 335 -50.83 -20.88 -0.20
C ALA F 335 -51.93 -20.05 0.46
N ALA F 336 -51.81 -19.79 1.77
CA ALA F 336 -52.78 -18.98 2.50
C ALA F 336 -52.86 -17.55 1.93
N PHE F 337 -51.71 -16.91 1.65
CA PHE F 337 -51.66 -15.57 1.09
C PHE F 337 -52.25 -15.53 -0.32
N LYS F 338 -51.99 -16.57 -1.13
CA LYS F 338 -52.47 -16.67 -2.51
C LYS F 338 -54.00 -16.65 -2.63
N CYS F 339 -54.70 -17.27 -1.67
CA CYS F 339 -56.15 -17.34 -1.75
C CYS F 339 -56.87 -16.54 -0.68
N CYS F 340 -56.15 -15.73 0.12
CA CYS F 340 -56.73 -15.01 1.27
C CYS F 340 -57.44 -16.00 2.21
N ALA F 341 -56.79 -17.16 2.52
CA ALA F 341 -57.37 -18.21 3.37
C ALA F 341 -57.79 -17.63 4.71
N ALA F 342 -58.93 -18.07 5.19
CA ALA F 342 -59.44 -17.59 6.47
C ALA F 342 -58.60 -18.18 7.63
N ALA F 343 -58.13 -19.44 7.49
CA ALA F 343 -57.38 -20.09 8.54
C ALA F 343 -56.42 -21.16 8.01
N ILE F 344 -55.44 -21.54 8.83
CA ILE F 344 -54.53 -22.63 8.58
C ILE F 344 -54.77 -23.56 9.76
N ILE F 345 -55.34 -24.74 9.53
CA ILE F 345 -55.62 -25.69 10.61
C ILE F 345 -54.46 -26.63 10.68
N VAL F 346 -53.80 -26.73 11.83
CA VAL F 346 -52.64 -27.59 11.98
C VAL F 346 -52.78 -28.56 13.16
N LEU F 347 -52.36 -29.81 12.96
CA LEU F 347 -52.36 -30.79 14.05
C LEU F 347 -50.99 -30.73 14.68
N THR F 348 -50.92 -30.56 15.99
CA THR F 348 -49.63 -30.46 16.65
C THR F 348 -49.63 -31.17 18.00
N THR F 349 -48.50 -31.78 18.37
CA THR F 349 -48.38 -32.46 19.66
C THR F 349 -47.71 -31.49 20.65
N THR F 350 -46.61 -30.87 20.24
CA THR F 350 -45.81 -29.98 21.08
C THR F 350 -46.04 -28.50 20.81
N GLY F 351 -46.74 -28.17 19.72
CA GLY F 351 -46.94 -26.79 19.30
C GLY F 351 -45.95 -26.36 18.22
N ARG F 352 -44.90 -27.17 17.96
CA ARG F 352 -43.86 -26.80 17.01
C ARG F 352 -44.36 -26.51 15.58
N SER F 353 -45.24 -27.34 15.01
CA SER F 353 -45.75 -27.09 13.66
C SER F 353 -46.52 -25.75 13.62
N ALA F 354 -47.24 -25.40 14.68
CA ALA F 354 -47.97 -24.14 14.74
C ALA F 354 -46.95 -22.95 14.87
N GLN F 355 -45.86 -23.15 15.63
CA GLN F 355 -44.81 -22.15 15.79
C GLN F 355 -44.12 -21.85 14.47
N LEU F 356 -43.84 -22.90 13.66
CA LEU F 356 -43.19 -22.72 12.36
C LEU F 356 -44.11 -22.02 11.35
N LEU F 357 -45.44 -22.16 11.50
CA LEU F 357 -46.37 -21.45 10.63
C LEU F 357 -46.36 -19.96 11.07
N SER F 358 -46.45 -19.72 12.38
CA SER F 358 -46.45 -18.41 13.03
C SER F 358 -45.22 -17.54 12.67
N ARG F 359 -44.03 -18.15 12.50
CA ARG F 359 -42.83 -17.37 12.19
C ARG F 359 -42.91 -16.65 10.82
N TYR F 360 -43.74 -17.17 9.89
CA TYR F 360 -43.92 -16.50 8.59
C TYR F 360 -45.01 -15.44 8.61
N ARG F 361 -45.61 -15.17 9.79
CA ARG F 361 -46.61 -14.15 10.00
C ARG F 361 -47.74 -14.18 8.99
N PRO F 362 -48.46 -15.31 8.83
CA PRO F 362 -49.61 -15.30 7.92
C PRO F 362 -50.71 -14.36 8.41
N ARG F 363 -51.54 -13.84 7.50
CA ARG F 363 -52.73 -13.08 7.89
C ARG F 363 -53.79 -14.09 8.37
N ALA F 364 -53.79 -15.32 7.81
CA ALA F 364 -54.71 -16.38 8.24
C ALA F 364 -54.45 -16.82 9.69
N ALA F 365 -55.52 -17.05 10.46
CA ALA F 365 -55.41 -17.55 11.84
C ALA F 365 -54.86 -18.97 11.81
N VAL F 366 -53.94 -19.31 12.71
CA VAL F 366 -53.40 -20.65 12.78
C VAL F 366 -54.17 -21.38 13.89
N ILE F 367 -55.12 -22.23 13.50
CA ILE F 367 -55.91 -22.98 14.47
C ILE F 367 -55.15 -24.27 14.78
N ALA F 368 -54.56 -24.35 16.00
CA ALA F 368 -53.74 -25.51 16.36
C ALA F 368 -54.54 -26.54 17.17
N VAL F 369 -54.81 -27.72 16.58
CA VAL F 369 -55.56 -28.79 17.23
C VAL F 369 -54.60 -29.73 17.95
N THR F 370 -54.73 -29.82 19.26
CA THR F 370 -53.79 -30.60 20.07
C THR F 370 -54.49 -31.35 21.17
N ARG F 371 -53.93 -32.49 21.54
CA ARG F 371 -54.43 -33.24 22.69
C ARG F 371 -53.72 -32.80 23.98
N SER F 372 -52.55 -32.15 23.87
CA SER F 372 -51.76 -31.71 25.01
C SER F 372 -52.28 -30.41 25.60
N ALA F 373 -52.78 -30.43 26.82
CA ALA F 373 -53.27 -29.23 27.50
C ALA F 373 -52.12 -28.22 27.73
N GLN F 374 -50.90 -28.70 28.04
CA GLN F 374 -49.78 -27.80 28.25
C GLN F 374 -49.37 -27.10 26.95
N ALA F 375 -49.34 -27.84 25.82
CA ALA F 375 -49.02 -27.26 24.51
C ALA F 375 -50.07 -26.24 24.14
N ALA F 376 -51.36 -26.53 24.41
CA ALA F 376 -52.45 -25.60 24.12
C ALA F 376 -52.26 -24.26 24.88
N ARG F 377 -51.79 -24.31 26.13
CA ARG F 377 -51.53 -23.12 26.92
C ARG F 377 -50.28 -22.38 26.44
N GLN F 378 -49.20 -23.13 26.15
CA GLN F 378 -47.94 -22.52 25.72
C GLN F 378 -47.97 -21.90 24.32
N VAL F 379 -48.76 -22.42 23.36
CA VAL F 379 -48.81 -21.82 22.01
C VAL F 379 -49.33 -20.37 22.00
N HIS F 380 -49.89 -19.89 23.11
CA HIS F 380 -50.27 -18.49 23.23
C HIS F 380 -49.04 -17.58 23.10
N LEU F 381 -47.81 -18.11 23.29
CA LEU F 381 -46.61 -17.33 23.13
C LEU F 381 -46.36 -16.97 21.64
N CYS F 382 -46.95 -17.71 20.68
CA CYS F 382 -46.76 -17.53 19.25
C CYS F 382 -47.90 -16.76 18.64
N ARG F 383 -47.57 -15.60 18.02
CA ARG F 383 -48.57 -14.77 17.40
C ARG F 383 -49.42 -15.50 16.34
N GLY F 384 -50.74 -15.34 16.45
CA GLY F 384 -51.66 -15.90 15.50
C GLY F 384 -52.01 -17.34 15.69
N VAL F 385 -51.65 -17.94 16.83
CA VAL F 385 -51.98 -19.34 17.09
C VAL F 385 -53.17 -19.43 18.06
N PHE F 386 -54.24 -20.09 17.62
CA PHE F 386 -55.48 -20.26 18.37
C PHE F 386 -55.56 -21.74 18.76
N PRO F 387 -55.25 -22.06 20.03
CA PRO F 387 -55.23 -23.46 20.45
C PRO F 387 -56.61 -24.09 20.66
N LEU F 388 -56.83 -25.29 20.13
CA LEU F 388 -58.05 -26.03 20.38
C LEU F 388 -57.65 -27.33 21.06
N LEU F 389 -58.09 -27.51 22.31
CA LEU F 389 -57.77 -28.72 23.04
C LEU F 389 -58.77 -29.82 22.64
N TYR F 390 -58.29 -30.88 21.98
CA TYR F 390 -59.13 -32.00 21.53
C TYR F 390 -59.14 -33.02 22.64
N ARG F 391 -60.33 -33.43 23.13
CA ARG F 391 -60.37 -34.37 24.24
C ARG F 391 -60.89 -35.79 23.88
N GLU F 392 -61.42 -35.99 22.67
CA GLU F 392 -61.92 -37.31 22.25
C GLU F 392 -60.87 -38.41 22.22
N PRO F 393 -61.28 -39.65 22.58
CA PRO F 393 -60.33 -40.77 22.55
C PRO F 393 -59.97 -41.17 21.12
N PRO F 394 -58.74 -41.64 20.91
CA PRO F 394 -58.30 -41.99 19.55
C PRO F 394 -59.16 -43.01 18.83
N GLU F 395 -59.33 -42.81 17.52
CA GLU F 395 -60.02 -43.76 16.64
C GLU F 395 -59.09 -44.96 16.46
N ALA F 396 -59.65 -46.12 16.06
CA ALA F 396 -58.84 -47.32 15.81
C ALA F 396 -57.93 -47.07 14.60
N ILE F 397 -58.46 -46.44 13.55
CA ILE F 397 -57.68 -46.13 12.37
C ILE F 397 -57.11 -44.71 12.50
N TRP F 398 -55.78 -44.60 12.52
CA TRP F 398 -55.08 -43.34 12.67
C TRP F 398 -55.52 -42.27 11.66
N ALA F 399 -55.65 -42.61 10.36
CA ALA F 399 -56.09 -41.66 9.34
C ALA F 399 -57.49 -41.08 9.67
N ASP F 400 -58.37 -41.90 10.27
CA ASP F 400 -59.69 -41.45 10.66
C ASP F 400 -59.61 -40.51 11.85
N ASP F 401 -58.68 -40.77 12.79
CA ASP F 401 -58.50 -39.93 13.97
C ASP F 401 -57.99 -38.53 13.57
N VAL F 402 -57.14 -38.48 12.52
CA VAL F 402 -56.56 -37.29 11.93
C VAL F 402 -57.68 -36.51 11.29
N ASP F 403 -58.51 -37.17 10.45
CA ASP F 403 -59.66 -36.54 9.82
C ASP F 403 -60.62 -35.96 10.84
N ARG F 404 -60.88 -36.68 11.93
CA ARG F 404 -61.79 -36.21 12.97
C ARG F 404 -61.31 -34.92 13.61
N ARG F 405 -60.01 -34.83 13.87
CA ARG F 405 -59.43 -33.67 14.48
C ARG F 405 -59.46 -32.49 13.52
N VAL F 406 -59.23 -32.72 12.22
CA VAL F 406 -59.30 -31.66 11.22
C VAL F 406 -60.72 -31.13 11.15
N GLN F 407 -61.72 -32.05 11.12
CA GLN F 407 -63.12 -31.70 11.09
C GLN F 407 -63.55 -30.98 12.34
N PHE F 408 -62.98 -31.37 13.50
CA PHE F 408 -63.20 -30.71 14.78
C PHE F 408 -62.75 -29.24 14.66
N GLY F 409 -61.56 -29.03 14.05
CA GLY F 409 -61.00 -27.69 13.84
C GLY F 409 -61.88 -26.85 12.95
N ILE F 410 -62.42 -27.46 11.88
CA ILE F 410 -63.31 -26.79 10.94
C ILE F 410 -64.64 -26.43 11.58
N GLU F 411 -65.26 -27.37 12.30
CA GLU F 411 -66.55 -27.12 12.94
C GLU F 411 -66.41 -26.09 14.03
N SER F 412 -65.36 -26.19 14.84
CA SER F 412 -65.11 -25.22 15.88
C SER F 412 -64.88 -23.82 15.27
N GLY F 413 -64.11 -23.75 14.19
CA GLY F 413 -63.81 -22.52 13.48
C GLY F 413 -65.06 -21.87 12.91
N LYS F 414 -65.97 -22.70 12.33
CA LYS F 414 -67.24 -22.24 11.77
C LYS F 414 -68.14 -21.68 12.86
N LEU F 415 -68.25 -22.39 13.98
CA LEU F 415 -69.10 -21.97 15.08
C LEU F 415 -68.55 -20.75 15.86
N ARG F 416 -67.22 -20.46 15.75
CA ARG F 416 -66.55 -19.31 16.37
C ARG F 416 -66.44 -18.10 15.39
N GLY F 417 -66.82 -18.27 14.13
CA GLY F 417 -66.77 -17.20 13.15
C GLY F 417 -65.47 -17.09 12.37
N PHE F 418 -64.45 -17.91 12.70
CA PHE F 418 -63.18 -17.88 11.97
C PHE F 418 -63.37 -18.34 10.53
N LEU F 419 -64.16 -19.39 10.36
CA LEU F 419 -64.41 -19.96 9.06
C LEU F 419 -65.84 -19.71 8.70
N ARG F 420 -66.05 -19.64 7.41
CA ARG F 420 -67.33 -19.39 6.82
C ARG F 420 -67.46 -20.34 5.62
N VAL F 421 -68.70 -20.79 5.30
CA VAL F 421 -68.92 -21.67 4.13
C VAL F 421 -68.47 -20.90 2.87
N GLY F 422 -67.67 -21.53 2.03
CA GLY F 422 -67.11 -20.88 0.86
C GLY F 422 -65.67 -20.45 1.03
N ASP F 423 -65.20 -20.38 2.30
CA ASP F 423 -63.82 -20.01 2.60
C ASP F 423 -62.86 -21.10 2.17
N LEU F 424 -61.61 -20.72 1.94
CA LEU F 424 -60.55 -21.66 1.65
C LEU F 424 -59.73 -21.74 2.93
N VAL F 425 -59.43 -22.99 3.31
CA VAL F 425 -58.64 -23.27 4.50
C VAL F 425 -57.42 -24.11 4.10
N ILE F 426 -56.28 -23.87 4.75
CA ILE F 426 -55.08 -24.67 4.49
C ILE F 426 -54.98 -25.64 5.67
N VAL F 427 -54.84 -26.93 5.42
CA VAL F 427 -54.76 -27.94 6.49
C VAL F 427 -53.37 -28.55 6.51
N VAL F 428 -52.69 -28.50 7.65
CA VAL F 428 -51.33 -29.01 7.80
C VAL F 428 -51.30 -30.21 8.73
N THR F 429 -50.89 -31.36 8.20
CA THR F 429 -50.83 -32.64 8.92
C THR F 429 -49.47 -33.36 8.62
N GLY F 430 -49.26 -34.56 9.19
CA GLY F 430 -48.08 -35.38 9.00
C GLY F 430 -48.41 -36.78 8.51
N TRP F 431 -47.39 -37.53 8.09
CA TRP F 431 -47.58 -38.84 7.46
C TRP F 431 -47.63 -40.04 8.44
N ARG F 432 -47.28 -39.84 9.71
CA ARG F 432 -47.30 -40.89 10.73
C ARG F 432 -47.51 -40.25 12.12
N PRO F 433 -47.97 -41.01 13.15
CA PRO F 433 -48.18 -40.43 14.47
C PRO F 433 -46.91 -39.93 15.15
N GLY F 434 -47.05 -39.12 16.20
CA GLY F 434 -45.92 -38.60 16.94
C GLY F 434 -45.43 -37.27 16.39
N SER F 435 -44.75 -36.49 17.24
CA SER F 435 -44.17 -35.21 16.85
C SER F 435 -43.07 -35.33 15.83
N GLY F 436 -42.92 -34.33 15.00
CA GLY F 436 -41.79 -34.25 14.08
C GLY F 436 -42.02 -34.70 12.67
N TYR F 437 -43.24 -35.15 12.32
CA TYR F 437 -43.49 -35.70 11.00
C TYR F 437 -44.47 -34.92 10.12
N THR F 438 -44.74 -33.62 10.43
CA THR F 438 -45.59 -32.76 9.60
C THR F 438 -44.95 -32.64 8.22
N ASN F 439 -45.70 -32.94 7.15
CA ASN F 439 -45.17 -32.88 5.80
C ASN F 439 -46.28 -32.68 4.74
N ILE F 440 -47.53 -32.47 5.13
CA ILE F 440 -48.63 -32.36 4.19
C ILE F 440 -49.39 -31.05 4.32
N MET F 441 -49.70 -30.46 3.20
CA MET F 441 -50.51 -29.25 3.14
CA MET F 441 -50.46 -29.22 3.07
C MET F 441 -51.66 -29.51 2.17
N ARG F 442 -52.88 -29.25 2.62
CA ARG F 442 -54.06 -29.46 1.79
C ARG F 442 -54.86 -28.17 1.69
N VAL F 443 -55.42 -27.90 0.52
CA VAL F 443 -56.27 -26.74 0.28
C VAL F 443 -57.67 -27.29 0.29
N LEU F 444 -58.48 -26.83 1.24
CA LEU F 444 -59.86 -27.30 1.38
CA LEU F 444 -59.85 -27.32 1.39
C LEU F 444 -60.86 -26.18 1.26
N SER F 445 -61.97 -26.44 0.57
CA SER F 445 -63.03 -25.43 0.42
C SER F 445 -64.06 -25.78 1.48
N ILE F 446 -64.42 -24.82 2.35
CA ILE F 446 -65.38 -25.09 3.42
CA ILE F 446 -65.37 -25.07 3.43
C ILE F 446 -66.80 -25.19 2.89
N SER F 447 -67.45 -26.35 3.11
CA SER F 447 -68.81 -26.57 2.62
C SER F 447 -69.86 -26.60 3.75
N GLY G 23 -45.67 16.85 -24.26
CA GLY G 23 -47.10 16.63 -24.13
C GLY G 23 -47.50 15.17 -23.99
N THR G 24 -48.67 14.80 -24.55
CA THR G 24 -49.20 13.45 -24.47
C THR G 24 -48.44 12.44 -25.38
N ALA G 25 -47.75 12.93 -26.42
CA ALA G 25 -46.99 12.05 -27.31
C ALA G 25 -45.70 11.60 -26.64
N PHE G 26 -45.05 12.52 -25.89
CA PHE G 26 -43.81 12.32 -25.15
C PHE G 26 -43.85 11.03 -24.32
N PHE G 27 -44.96 10.78 -23.62
CA PHE G 27 -45.07 9.61 -22.76
C PHE G 27 -45.26 8.28 -23.49
N GLN G 28 -45.46 8.29 -24.83
CA GLN G 28 -45.63 7.05 -25.57
C GLN G 28 -44.37 6.64 -26.35
N GLN G 29 -43.46 7.60 -26.64
CA GLN G 29 -42.21 7.34 -27.37
C GLN G 29 -41.13 6.75 -26.44
N GLN G 30 -39.99 6.30 -27.04
CA GLN G 30 -38.80 5.76 -26.39
C GLN G 30 -39.08 4.77 -25.24
N GLN G 31 -40.09 3.90 -25.43
CA GLN G 31 -40.50 2.88 -24.47
C GLN G 31 -40.72 3.44 -23.07
N LEU G 32 -41.21 4.68 -22.96
CA LEU G 32 -41.45 5.29 -21.65
C LEU G 32 -42.49 4.53 -20.82
N PRO G 33 -43.60 3.97 -21.38
CA PRO G 33 -44.49 3.14 -20.56
C PRO G 33 -43.74 1.93 -19.97
N ALA G 34 -42.88 1.26 -20.77
CA ALA G 34 -42.10 0.13 -20.28
C ALA G 34 -41.06 0.56 -19.23
N ALA G 35 -40.52 1.79 -19.39
CA ALA G 35 -39.52 2.37 -18.49
C ALA G 35 -40.09 2.67 -17.10
N MET G 36 -41.38 3.03 -17.03
CA MET G 36 -42.06 3.33 -15.78
C MET G 36 -42.58 2.11 -15.02
N ALA G 37 -42.44 0.90 -15.58
CA ALA G 37 -42.94 -0.32 -14.95
C ALA G 37 -42.31 -0.62 -13.60
N ASP G 38 -43.08 -1.28 -12.70
CA ASP G 38 -42.64 -1.60 -11.34
C ASP G 38 -41.81 -2.87 -11.25
N THR G 39 -41.88 -3.75 -12.26
CA THR G 39 -41.06 -4.97 -12.28
C THR G 39 -40.44 -5.13 -13.68
N PHE G 40 -39.40 -5.96 -13.78
CA PHE G 40 -38.76 -6.26 -15.04
C PHE G 40 -39.73 -7.03 -15.94
N LEU G 41 -40.57 -7.91 -15.37
CA LEU G 41 -41.55 -8.68 -16.13
C LEU G 41 -42.58 -7.75 -16.75
N GLU G 42 -43.09 -6.78 -15.97
CA GLU G 42 -44.06 -5.76 -16.46
CA GLU G 42 -44.06 -5.81 -16.51
C GLU G 42 -43.40 -4.90 -17.54
N HIS G 43 -42.09 -4.61 -17.37
CA HIS G 43 -41.31 -3.82 -18.30
C HIS G 43 -41.29 -4.51 -19.65
N LEU G 44 -41.00 -5.83 -19.68
CA LEU G 44 -41.00 -6.59 -20.93
C LEU G 44 -42.39 -6.61 -21.56
N CYS G 45 -43.44 -6.79 -20.75
CA CYS G 45 -44.82 -6.83 -21.22
C CYS G 45 -45.25 -5.53 -21.86
N LEU G 46 -44.66 -4.41 -21.45
CA LEU G 46 -45.01 -3.08 -21.96
C LEU G 46 -44.18 -2.61 -23.15
N LEU G 47 -43.20 -3.40 -23.62
CA LEU G 47 -42.41 -3.03 -24.79
C LEU G 47 -43.33 -2.94 -26.01
N ASP G 48 -43.19 -1.88 -26.79
CA ASP G 48 -44.07 -1.61 -27.90
C ASP G 48 -43.28 -1.38 -29.18
N ILE G 49 -43.56 -2.16 -30.24
CA ILE G 49 -42.91 -1.95 -31.53
C ILE G 49 -43.28 -0.59 -32.16
N ASP G 50 -44.39 0.02 -31.75
CA ASP G 50 -44.81 1.32 -32.26
C ASP G 50 -44.29 2.51 -31.41
N SER G 51 -43.54 2.23 -30.35
CA SER G 51 -42.95 3.28 -29.52
C SER G 51 -41.61 3.62 -30.17
N GLU G 52 -41.56 4.70 -30.94
CA GLU G 52 -40.36 5.06 -31.67
C GLU G 52 -39.22 5.61 -30.82
N PRO G 53 -37.97 5.19 -31.13
CA PRO G 53 -36.83 5.75 -30.40
C PRO G 53 -36.65 7.22 -30.79
N VAL G 54 -36.38 8.07 -29.80
CA VAL G 54 -36.18 9.50 -30.06
C VAL G 54 -34.74 9.91 -29.74
N ALA G 55 -34.18 9.34 -28.69
CA ALA G 55 -32.81 9.62 -28.27
C ALA G 55 -31.77 9.19 -29.31
N ALA G 56 -30.64 9.89 -29.33
CA ALA G 56 -29.55 9.53 -30.24
C ALA G 56 -28.97 8.19 -29.79
N ARG G 57 -28.44 7.43 -30.75
CA ARG G 57 -27.85 6.12 -30.46
C ARG G 57 -26.64 6.30 -29.58
N SER G 58 -26.59 5.60 -28.46
CA SER G 58 -25.54 5.78 -27.47
C SER G 58 -24.47 4.69 -27.43
N THR G 59 -24.71 3.52 -27.99
CA THR G 59 -23.72 2.44 -28.03
C THR G 59 -22.85 2.68 -29.25
N SER G 60 -21.53 2.86 -29.08
CA SER G 60 -20.66 3.14 -30.22
C SER G 60 -20.47 1.97 -31.10
N ILE G 61 -20.27 2.23 -32.39
CA ILE G 61 -20.04 1.20 -33.35
C ILE G 61 -18.56 1.22 -33.72
N ILE G 62 -17.87 0.09 -33.56
CA ILE G 62 -16.51 -0.05 -34.01
C ILE G 62 -16.58 -0.77 -35.36
N ALA G 63 -16.02 -0.19 -36.41
CA ALA G 63 -16.00 -0.86 -37.71
C ALA G 63 -14.58 -1.15 -38.10
N THR G 64 -14.30 -2.36 -38.55
CA THR G 64 -12.95 -2.73 -38.98
C THR G 64 -12.73 -2.22 -40.40
N ILE G 65 -11.65 -1.45 -40.61
CA ILE G 65 -11.31 -0.86 -41.89
C ILE G 65 -10.35 -1.78 -42.66
N GLY G 66 -10.80 -2.30 -43.78
CA GLY G 66 -10.01 -3.19 -44.60
C GLY G 66 -10.29 -2.99 -46.09
N PRO G 67 -10.00 -3.99 -46.93
CA PRO G 67 -10.23 -3.86 -48.38
C PRO G 67 -11.61 -3.33 -48.78
N ALA G 68 -12.68 -3.80 -48.12
CA ALA G 68 -14.05 -3.38 -48.44
C ALA G 68 -14.44 -1.99 -47.95
N SER G 69 -13.66 -1.38 -47.06
CA SER G 69 -14.07 -0.12 -46.44
C SER G 69 -12.99 0.95 -46.36
N ARG G 70 -11.99 0.85 -47.19
CA ARG G 70 -10.81 1.69 -47.16
C ARG G 70 -10.84 3.04 -47.87
N SER G 71 -11.62 3.17 -48.95
CA SER G 71 -11.60 4.40 -49.74
C SER G 71 -12.18 5.57 -48.97
N VAL G 72 -11.71 6.80 -49.26
CA VAL G 72 -12.19 8.01 -48.60
C VAL G 72 -13.69 8.19 -48.80
N GLU G 73 -14.18 7.90 -50.02
CA GLU G 73 -15.62 8.03 -50.32
C GLU G 73 -16.46 7.04 -49.52
N ARG G 74 -15.96 5.80 -49.39
CA ARG G 74 -16.65 4.76 -48.64
C ARG G 74 -16.64 5.10 -47.15
N LEU G 75 -15.50 5.58 -46.65
CA LEU G 75 -15.34 5.99 -45.27
C LEU G 75 -16.25 7.14 -44.89
N LYS G 76 -16.53 8.07 -45.82
CA LYS G 76 -17.47 9.17 -45.55
C LYS G 76 -18.87 8.60 -45.34
N GLU G 77 -19.25 7.58 -46.14
CA GLU G 77 -20.54 6.93 -46.03
C GLU G 77 -20.64 6.15 -44.73
N MET G 78 -19.53 5.51 -44.28
CA MET G 78 -19.55 4.77 -43.02
CA MET G 78 -19.54 4.76 -43.03
C MET G 78 -19.63 5.71 -41.82
N ILE G 79 -19.05 6.90 -41.91
CA ILE G 79 -19.12 7.90 -40.85
C ILE G 79 -20.59 8.38 -40.76
N LYS G 80 -21.22 8.63 -41.93
CA LYS G 80 -22.62 9.05 -41.96
C LYS G 80 -23.55 7.95 -41.45
N ALA G 81 -23.22 6.68 -41.72
CA ALA G 81 -24.01 5.54 -41.25
C ALA G 81 -23.93 5.36 -39.72
N GLY G 82 -22.85 5.85 -39.09
CA GLY G 82 -22.71 5.80 -37.65
C GLY G 82 -21.42 5.27 -37.06
N MET G 83 -20.41 4.94 -37.89
CA MET G 83 -19.13 4.45 -37.37
C MET G 83 -18.49 5.48 -36.41
N ASN G 84 -18.11 5.05 -35.20
CA ASN G 84 -17.48 5.94 -34.24
C ASN G 84 -16.00 5.62 -34.02
N ILE G 85 -15.60 4.36 -34.21
CA ILE G 85 -14.25 3.92 -34.02
C ILE G 85 -13.85 3.07 -35.22
N ALA G 86 -12.70 3.36 -35.82
CA ALA G 86 -12.17 2.61 -36.95
C ALA G 86 -11.15 1.63 -36.39
N ARG G 87 -11.36 0.33 -36.58
CA ARG G 87 -10.44 -0.68 -36.07
C ARG G 87 -9.48 -1.15 -37.20
N LEU G 88 -8.20 -1.28 -36.89
CA LEU G 88 -7.21 -1.75 -37.85
C LEU G 88 -6.66 -3.07 -37.32
N ASN G 89 -6.95 -4.16 -38.03
CA ASN G 89 -6.56 -5.49 -37.57
C ASN G 89 -5.15 -5.78 -38.04
N PHE G 90 -4.21 -5.74 -37.09
CA PHE G 90 -2.81 -5.99 -37.40
C PHE G 90 -2.49 -7.47 -37.58
N SER G 91 -3.49 -8.36 -37.57
CA SER G 91 -3.28 -9.75 -37.95
C SER G 91 -3.18 -9.85 -39.51
N HIS G 92 -3.63 -8.80 -40.25
CA HIS G 92 -3.62 -8.75 -41.70
C HIS G 92 -2.92 -7.47 -42.19
N GLY G 93 -2.59 -7.43 -43.48
CA GLY G 93 -1.98 -6.28 -44.09
C GLY G 93 -0.57 -6.02 -43.62
N SER G 94 -0.16 -4.78 -43.70
CA SER G 94 1.18 -4.34 -43.33
C SER G 94 1.12 -2.95 -42.71
N HIS G 95 2.26 -2.44 -42.21
CA HIS G 95 2.34 -1.10 -41.66
C HIS G 95 1.99 -0.06 -42.72
N GLU G 96 2.46 -0.27 -43.95
CA GLU G 96 2.18 0.65 -45.06
C GLU G 96 0.69 0.65 -45.40
N TYR G 97 0.06 -0.53 -45.39
CA TYR G 97 -1.34 -0.69 -45.71
C TYR G 97 -2.20 0.03 -44.66
N HIS G 98 -1.93 -0.23 -43.37
CA HIS G 98 -2.67 0.36 -42.28
C HIS G 98 -2.44 1.86 -42.19
N ALA G 99 -1.22 2.35 -42.49
CA ALA G 99 -0.96 3.79 -42.47
C ALA G 99 -1.81 4.49 -43.52
N GLU G 100 -2.00 3.85 -44.70
CA GLU G 100 -2.84 4.40 -45.76
CA GLU G 100 -2.84 4.45 -45.73
C GLU G 100 -4.30 4.44 -45.29
N SER G 101 -4.75 3.38 -44.62
CA SER G 101 -6.11 3.30 -44.11
C SER G 101 -6.35 4.44 -43.07
N ILE G 102 -5.41 4.64 -42.13
CA ILE G 102 -5.46 5.71 -41.13
C ILE G 102 -5.58 7.08 -41.80
N ALA G 103 -4.74 7.32 -42.82
CA ALA G 103 -4.77 8.58 -43.57
C ALA G 103 -6.12 8.81 -44.25
N ASN G 104 -6.72 7.74 -44.82
CA ASN G 104 -8.02 7.83 -45.47
C ASN G 104 -9.13 8.10 -44.47
N VAL G 105 -9.07 7.47 -43.27
CA VAL G 105 -10.06 7.74 -42.23
C VAL G 105 -9.97 9.21 -41.83
N ARG G 106 -8.75 9.71 -41.55
CA ARG G 106 -8.57 11.10 -41.15
C ARG G 106 -9.03 12.07 -42.23
N GLU G 107 -8.79 11.72 -43.51
CA GLU G 107 -9.24 12.57 -44.61
C GLU G 107 -10.77 12.61 -44.66
N ALA G 108 -11.42 11.44 -44.53
CA ALA G 108 -12.89 11.38 -44.52
C ALA G 108 -13.49 12.13 -43.30
N VAL G 109 -12.88 11.99 -42.12
CA VAL G 109 -13.34 12.68 -40.91
C VAL G 109 -13.23 14.21 -41.09
N GLU G 110 -12.09 14.68 -41.60
CA GLU G 110 -11.88 16.11 -41.78
C GLU G 110 -12.70 16.72 -42.90
N SER G 111 -13.27 15.92 -43.81
CA SER G 111 -14.12 16.46 -44.85
C SER G 111 -15.43 17.07 -44.28
N PHE G 112 -15.77 16.81 -43.01
CA PHE G 112 -16.95 17.36 -42.37
C PHE G 112 -16.60 18.49 -41.37
N ALA G 113 -15.29 18.86 -41.22
CA ALA G 113 -14.84 19.85 -40.25
C ALA G 113 -15.34 21.29 -40.51
N GLY G 114 -15.82 21.55 -41.72
CA GLY G 114 -16.36 22.85 -42.11
C GLY G 114 -17.59 23.24 -41.32
N SER G 115 -18.27 22.26 -40.71
CA SER G 115 -19.45 22.46 -39.87
C SER G 115 -19.06 22.03 -38.43
N PRO G 116 -18.44 22.95 -37.65
CA PRO G 116 -18.00 22.58 -36.28
C PRO G 116 -19.09 22.14 -35.30
N LEU G 117 -20.32 22.68 -35.43
CA LEU G 117 -21.45 22.29 -34.57
C LEU G 117 -21.96 20.86 -34.90
N SER G 118 -21.61 20.27 -36.07
CA SER G 118 -22.05 18.92 -36.45
C SER G 118 -20.90 17.89 -36.71
N TYR G 119 -19.63 18.34 -36.62
CA TYR G 119 -18.46 17.47 -36.88
C TYR G 119 -18.42 16.24 -35.97
N ARG G 120 -18.11 15.08 -36.54
CA ARG G 120 -18.03 13.84 -35.74
C ARG G 120 -16.63 13.26 -35.63
N PRO G 121 -16.01 13.31 -34.45
CA PRO G 121 -14.68 12.68 -34.28
C PRO G 121 -14.77 11.16 -34.41
N VAL G 122 -13.73 10.51 -34.92
CA VAL G 122 -13.71 9.05 -35.09
C VAL G 122 -12.40 8.56 -34.49
N ALA G 123 -12.46 7.66 -33.49
CA ALA G 123 -11.26 7.13 -32.87
C ALA G 123 -10.59 6.13 -33.79
N ILE G 124 -9.28 5.94 -33.61
CA ILE G 124 -8.55 4.93 -34.37
C ILE G 124 -8.02 3.92 -33.40
N ALA G 125 -8.41 2.66 -33.59
CA ALA G 125 -8.02 1.58 -32.70
C ALA G 125 -7.14 0.57 -33.43
N LEU G 126 -6.09 0.13 -32.75
CA LEU G 126 -5.17 -0.84 -33.33
C LEU G 126 -5.41 -2.16 -32.63
N ASP G 127 -5.78 -3.21 -33.38
CA ASP G 127 -6.01 -4.51 -32.81
C ASP G 127 -4.74 -5.35 -33.08
N THR G 128 -4.03 -5.76 -32.03
CA THR G 128 -2.78 -6.49 -32.20
C THR G 128 -2.96 -7.92 -32.73
N LYS G 129 -1.91 -8.46 -33.36
CA LYS G 129 -1.91 -9.83 -33.88
C LYS G 129 -2.00 -10.85 -32.74
N GLY G 130 -1.35 -10.57 -31.63
CA GLY G 130 -1.37 -11.48 -30.48
C GLY G 130 -0.11 -12.29 -30.28
N PRO G 131 -0.08 -13.03 -29.16
CA PRO G 131 1.13 -13.78 -28.80
C PRO G 131 1.49 -15.00 -29.62
N GLY G 132 0.51 -15.61 -30.26
CA GLY G 132 0.76 -16.83 -31.02
C GLY G 132 0.77 -18.05 -30.11
N PRO G 135 2.97 -17.14 -25.32
CA PRO G 135 3.73 -16.96 -24.05
C PRO G 135 3.48 -15.61 -23.35
N GLY G 136 3.76 -14.51 -24.07
CA GLY G 136 3.56 -13.14 -23.60
C GLY G 136 3.52 -12.17 -24.76
N LEU G 137 3.93 -10.91 -24.56
CA LEU G 137 3.94 -9.94 -25.66
C LEU G 137 4.91 -10.36 -26.82
N SER G 138 4.38 -10.60 -28.02
CA SER G 138 5.19 -11.01 -29.15
C SER G 138 6.03 -9.84 -29.72
N GLU G 139 7.09 -10.17 -30.48
CA GLU G 139 8.00 -9.19 -31.06
C GLU G 139 7.29 -8.32 -32.11
N GLN G 140 6.39 -8.93 -32.89
CA GLN G 140 5.61 -8.22 -33.89
C GLN G 140 4.65 -7.25 -33.19
N ASP G 141 4.08 -7.64 -32.05
CA ASP G 141 3.22 -6.76 -31.27
C ASP G 141 3.95 -5.53 -30.79
N VAL G 142 5.23 -5.67 -30.38
CA VAL G 142 6.01 -4.52 -29.94
C VAL G 142 6.20 -3.54 -31.09
N ARG G 143 6.48 -4.07 -32.28
CA ARG G 143 6.66 -3.23 -33.46
C ARG G 143 5.35 -2.56 -33.89
N ASP G 144 4.24 -3.27 -33.82
CA ASP G 144 2.93 -2.74 -34.18
C ASP G 144 2.45 -1.69 -33.17
N LEU G 145 2.68 -1.92 -31.88
CA LEU G 145 2.33 -0.95 -30.84
C LEU G 145 3.15 0.33 -31.05
N ARG G 146 4.43 0.21 -31.46
CA ARG G 146 5.31 1.36 -31.73
C ARG G 146 4.76 2.16 -32.92
N PHE G 147 4.27 1.43 -33.95
CA PHE G 147 3.64 2.02 -35.12
C PHE G 147 2.41 2.84 -34.69
N GLY G 148 1.61 2.29 -33.79
CA GLY G 148 0.41 2.94 -33.27
C GLY G 148 0.71 4.24 -32.58
N VAL G 149 1.74 4.25 -31.73
CA VAL G 149 2.19 5.47 -31.05
C VAL G 149 2.62 6.51 -32.07
N GLU G 150 3.43 6.10 -33.06
CA GLU G 150 3.91 7.01 -34.10
C GLU G 150 2.81 7.56 -34.97
N HIS G 151 1.75 6.79 -35.18
CA HIS G 151 0.63 7.24 -36.00
C HIS G 151 -0.53 7.85 -35.21
N GLY G 152 -0.33 8.06 -33.90
CA GLY G 152 -1.29 8.70 -33.02
C GLY G 152 -2.60 7.96 -32.82
N VAL G 153 -2.56 6.62 -32.68
CA VAL G 153 -3.78 5.86 -32.45
C VAL G 153 -4.34 6.22 -31.06
N ASP G 154 -5.65 6.07 -30.89
CA ASP G 154 -6.31 6.41 -29.63
C ASP G 154 -6.46 5.20 -28.73
N ILE G 155 -6.65 4.00 -29.30
CA ILE G 155 -6.92 2.80 -28.54
C ILE G 155 -6.12 1.61 -29.04
N VAL G 156 -5.81 0.68 -28.14
CA VAL G 156 -5.19 -0.57 -28.48
C VAL G 156 -6.14 -1.69 -28.02
N PHE G 157 -6.53 -2.59 -28.93
CA PHE G 157 -7.33 -3.76 -28.56
C PHE G 157 -6.25 -4.85 -28.45
N ALA G 158 -5.82 -5.17 -27.23
CA ALA G 158 -4.73 -6.12 -27.02
C ALA G 158 -5.21 -7.55 -27.09
N SER G 159 -4.78 -8.29 -28.12
CA SER G 159 -5.21 -9.67 -28.30
C SER G 159 -4.67 -10.62 -27.24
N PHE G 160 -5.47 -11.66 -26.93
CA PHE G 160 -5.17 -12.75 -26.02
C PHE G 160 -4.54 -12.33 -24.70
N VAL G 161 -5.19 -11.41 -23.97
CA VAL G 161 -4.67 -11.02 -22.65
C VAL G 161 -5.07 -12.12 -21.69
N ARG G 162 -4.09 -12.73 -21.03
CA ARG G 162 -4.36 -13.85 -20.10
C ARG G 162 -4.15 -13.51 -18.65
N LYS G 163 -3.37 -12.45 -18.35
CA LYS G 163 -3.05 -12.04 -16.97
C LYS G 163 -2.67 -10.57 -16.91
N ALA G 164 -2.58 -10.00 -15.70
CA ALA G 164 -2.25 -8.59 -15.51
C ALA G 164 -0.90 -8.23 -16.09
N SER G 165 0.08 -9.15 -16.03
CA SER G 165 1.42 -8.86 -16.56
C SER G 165 1.43 -8.64 -18.08
N ASP G 166 0.44 -9.20 -18.81
CA ASP G 166 0.29 -8.98 -20.25
C ASP G 166 -0.08 -7.52 -20.50
N VAL G 167 -0.93 -6.94 -19.65
CA VAL G 167 -1.36 -5.55 -19.81
C VAL G 167 -0.20 -4.62 -19.47
N ALA G 168 0.59 -4.96 -18.44
CA ALA G 168 1.77 -4.20 -18.05
C ALA G 168 2.79 -4.20 -19.17
N ALA G 169 2.93 -5.32 -19.88
CA ALA G 169 3.84 -5.39 -21.02
C ALA G 169 3.40 -4.46 -22.14
N VAL G 170 2.09 -4.42 -22.42
CA VAL G 170 1.54 -3.52 -23.45
C VAL G 170 1.72 -2.05 -23.05
N ARG G 171 1.44 -1.71 -21.77
CA ARG G 171 1.59 -0.36 -21.22
C ARG G 171 3.01 0.13 -21.37
N ALA G 172 3.98 -0.74 -21.02
CA ALA G 172 5.40 -0.41 -21.13
C ALA G 172 5.77 -0.20 -22.59
N ALA G 173 5.22 -1.05 -23.49
CA ALA G 173 5.48 -0.92 -24.92
C ALA G 173 4.86 0.36 -25.54
N LEU G 174 3.87 1.00 -24.85
CA LEU G 174 3.33 2.26 -25.39
C LEU G 174 4.29 3.44 -25.11
N GLY G 175 5.54 3.11 -24.77
CA GLY G 175 6.69 3.98 -24.75
C GLY G 175 6.48 5.31 -24.13
N PRO G 176 7.38 6.25 -24.37
CA PRO G 176 7.28 7.53 -23.66
C PRO G 176 6.13 8.39 -24.13
N GLU G 177 5.75 8.29 -25.41
CA GLU G 177 4.74 9.18 -25.91
C GLU G 177 3.34 8.55 -26.02
N GLY G 178 3.14 7.32 -25.55
CA GLY G 178 1.83 6.69 -25.73
C GLY G 178 1.05 6.36 -24.50
N HIS G 179 1.38 7.01 -23.39
CA HIS G 179 0.74 6.73 -22.12
C HIS G 179 -0.75 7.07 -22.09
N GLY G 180 -1.19 8.02 -22.92
CA GLY G 180 -2.60 8.37 -22.97
C GLY G 180 -3.45 7.44 -23.80
N ILE G 181 -2.86 6.50 -24.53
CA ILE G 181 -3.60 5.53 -25.34
C ILE G 181 -4.37 4.55 -24.44
N LYS G 182 -5.64 4.29 -24.75
CA LYS G 182 -6.45 3.40 -23.94
C LYS G 182 -6.15 1.95 -24.30
N ILE G 183 -6.01 1.09 -23.30
CA ILE G 183 -5.76 -0.32 -23.53
C ILE G 183 -6.99 -1.10 -23.22
N ILE G 184 -7.60 -1.68 -24.23
CA ILE G 184 -8.78 -2.50 -24.08
C ILE G 184 -8.29 -3.95 -24.21
N SER G 185 -8.33 -4.72 -23.10
CA SER G 185 -7.85 -6.09 -23.13
C SER G 185 -8.86 -7.06 -23.74
N LYS G 186 -8.46 -7.82 -24.75
CA LYS G 186 -9.33 -8.81 -25.36
C LYS G 186 -9.25 -10.09 -24.59
N ILE G 187 -10.40 -10.58 -24.08
CA ILE G 187 -10.46 -11.83 -23.33
C ILE G 187 -10.88 -12.90 -24.34
N GLU G 188 -9.96 -13.82 -24.67
CA GLU G 188 -10.22 -14.79 -25.72
C GLU G 188 -10.02 -16.24 -25.33
N ASN G 189 -9.75 -16.55 -24.06
CA ASN G 189 -9.54 -17.94 -23.65
C ASN G 189 -9.95 -18.18 -22.19
N HIS G 190 -9.88 -19.45 -21.73
CA HIS G 190 -10.24 -19.81 -20.38
C HIS G 190 -9.43 -19.06 -19.33
N GLU G 191 -8.11 -18.92 -19.53
CA GLU G 191 -7.27 -18.21 -18.55
C GLU G 191 -7.66 -16.73 -18.39
N GLY G 192 -7.94 -16.05 -19.50
CA GLY G 192 -8.37 -14.66 -19.46
C GLY G 192 -9.68 -14.51 -18.71
N VAL G 193 -10.59 -15.46 -18.86
CA VAL G 193 -11.88 -15.42 -18.15
C VAL G 193 -11.65 -15.64 -16.68
N LYS G 194 -10.83 -16.64 -16.33
CA LYS G 194 -10.55 -16.94 -14.92
C LYS G 194 -9.78 -15.83 -14.21
N ARG G 195 -8.86 -15.17 -14.92
CA ARG G 195 -8.09 -14.09 -14.34
C ARG G 195 -8.67 -12.71 -14.68
N PHE G 196 -9.98 -12.65 -15.02
CA PHE G 196 -10.66 -11.43 -15.43
C PHE G 196 -10.48 -10.25 -14.46
N ASP G 197 -10.68 -10.45 -13.16
CA ASP G 197 -10.57 -9.37 -12.20
C ASP G 197 -9.23 -8.68 -12.20
N GLU G 198 -8.13 -9.46 -12.21
CA GLU G 198 -6.79 -8.89 -12.23
C GLU G 198 -6.50 -8.16 -13.55
N ILE G 199 -7.08 -8.65 -14.66
CA ILE G 199 -6.91 -8.01 -15.95
C ILE G 199 -7.70 -6.70 -15.98
N LEU G 200 -8.96 -6.72 -15.52
CA LEU G 200 -9.81 -5.53 -15.55
C LEU G 200 -9.23 -4.41 -14.69
N GLU G 201 -8.66 -4.78 -13.53
CA GLU G 201 -8.06 -3.82 -12.61
C GLU G 201 -6.98 -2.97 -13.26
N VAL G 202 -6.16 -3.55 -14.17
CA VAL G 202 -5.09 -2.80 -14.82
C VAL G 202 -5.40 -2.36 -16.25
N SER G 203 -6.56 -2.76 -16.81
CA SER G 203 -6.92 -2.34 -18.17
C SER G 203 -7.84 -1.13 -18.14
N ASP G 204 -7.92 -0.41 -19.27
CA ASP G 204 -8.87 0.68 -19.40
C ASP G 204 -10.28 0.16 -19.71
N GLY G 205 -10.37 -1.03 -20.28
CA GLY G 205 -11.61 -1.66 -20.66
C GLY G 205 -11.38 -3.06 -21.19
N ILE G 206 -12.44 -3.72 -21.63
CA ILE G 206 -12.37 -5.11 -22.05
C ILE G 206 -13.09 -5.31 -23.36
N MET G 207 -12.64 -6.28 -24.14
CA MET G 207 -13.35 -6.69 -25.33
C MET G 207 -13.65 -8.17 -25.13
N VAL G 208 -14.92 -8.54 -25.30
CA VAL G 208 -15.34 -9.94 -25.25
C VAL G 208 -15.09 -10.42 -26.68
N ALA G 209 -13.93 -11.05 -26.93
CA ALA G 209 -13.52 -11.49 -28.26
C ALA G 209 -14.08 -12.92 -28.47
N ARG G 210 -15.36 -12.98 -28.85
CA ARG G 210 -16.13 -14.21 -28.97
C ARG G 210 -15.64 -15.22 -29.99
N GLY G 211 -14.95 -14.79 -31.03
CA GLY G 211 -14.41 -15.71 -32.04
C GLY G 211 -13.45 -16.72 -31.45
N ASP G 212 -12.35 -16.26 -30.88
CA ASP G 212 -11.40 -17.15 -30.22
C ASP G 212 -11.99 -17.77 -28.97
N LEU G 213 -12.77 -17.01 -28.19
CA LEU G 213 -13.38 -17.53 -26.98
C LEU G 213 -14.26 -18.75 -27.25
N GLY G 214 -15.01 -18.72 -28.34
CA GLY G 214 -15.88 -19.82 -28.74
C GLY G 214 -15.16 -21.07 -29.24
N ILE G 215 -13.85 -20.98 -29.46
CA ILE G 215 -12.97 -22.08 -29.85
C ILE G 215 -12.21 -22.57 -28.60
N GLU G 216 -11.78 -21.63 -27.73
CA GLU G 216 -11.04 -21.91 -26.51
C GLU G 216 -11.86 -22.54 -25.40
N ILE G 217 -13.14 -22.14 -25.28
CA ILE G 217 -14.09 -22.71 -24.32
C ILE G 217 -15.27 -23.28 -25.11
N PRO G 218 -16.10 -24.17 -24.54
CA PRO G 218 -17.27 -24.68 -25.29
C PRO G 218 -18.14 -23.53 -25.78
N ALA G 219 -18.58 -23.59 -27.04
CA ALA G 219 -19.37 -22.54 -27.68
C ALA G 219 -20.60 -22.17 -26.87
N GLU G 220 -21.23 -23.16 -26.24
CA GLU G 220 -22.44 -22.94 -25.44
C GLU G 220 -22.20 -22.20 -24.14
N LYS G 221 -20.94 -21.94 -23.76
CA LYS G 221 -20.64 -21.20 -22.54
C LYS G 221 -20.25 -19.74 -22.83
N VAL G 222 -20.05 -19.34 -24.13
CA VAL G 222 -19.62 -17.98 -24.45
C VAL G 222 -20.57 -16.92 -23.90
N PHE G 223 -21.88 -17.14 -24.02
CA PHE G 223 -22.86 -16.16 -23.51
C PHE G 223 -22.67 -15.89 -22.00
N LEU G 224 -22.23 -16.91 -21.21
CA LEU G 224 -22.02 -16.73 -19.78
C LEU G 224 -20.81 -15.83 -19.55
N ALA G 225 -19.73 -16.05 -20.34
CA ALA G 225 -18.54 -15.24 -20.23
C ALA G 225 -18.85 -13.79 -20.65
N GLN G 226 -19.63 -13.62 -21.73
CA GLN G 226 -20.01 -12.30 -22.19
C GLN G 226 -20.80 -11.54 -21.11
N LYS G 227 -21.85 -12.18 -20.56
CA LYS G 227 -22.69 -11.55 -19.55
C LYS G 227 -21.93 -11.24 -18.26
N MET G 228 -21.04 -12.14 -17.84
CA MET G 228 -20.24 -11.92 -16.64
C MET G 228 -19.27 -10.71 -16.82
N MET G 229 -18.56 -10.67 -17.94
CA MET G 229 -17.62 -9.60 -18.23
C MET G 229 -18.30 -8.24 -18.41
N ILE G 230 -19.46 -8.22 -19.07
CA ILE G 230 -20.20 -6.98 -19.24
C ILE G 230 -20.67 -6.46 -17.89
N GLY G 231 -21.23 -7.34 -17.06
CA GLY G 231 -21.64 -6.98 -15.71
C GLY G 231 -20.51 -6.40 -14.87
N ARG G 232 -19.35 -7.07 -14.87
CA ARG G 232 -18.21 -6.62 -14.09
C ARG G 232 -17.64 -5.31 -14.55
N CYS G 233 -17.61 -5.08 -15.88
CA CYS G 233 -17.15 -3.80 -16.44
C CYS G 233 -18.11 -2.69 -16.08
N ASN G 234 -19.42 -2.98 -16.13
CA ASN G 234 -20.44 -2.01 -15.74
C ASN G 234 -20.26 -1.61 -14.24
N LEU G 235 -19.98 -2.60 -13.41
CA LEU G 235 -19.77 -2.41 -11.98
C LEU G 235 -18.50 -1.55 -11.76
N ALA G 236 -17.44 -1.82 -12.53
CA ALA G 236 -16.18 -1.08 -12.42
C ALA G 236 -16.20 0.29 -13.12
N GLY G 237 -17.23 0.58 -13.91
CA GLY G 237 -17.31 1.83 -14.66
C GLY G 237 -16.26 1.90 -15.76
N LYS G 238 -15.96 0.74 -16.38
CA LYS G 238 -14.98 0.68 -17.46
C LYS G 238 -15.61 0.18 -18.76
N PRO G 239 -15.19 0.72 -19.91
CA PRO G 239 -15.80 0.29 -21.19
C PRO G 239 -15.69 -1.20 -21.50
N VAL G 240 -16.74 -1.75 -22.11
CA VAL G 240 -16.76 -3.14 -22.52
C VAL G 240 -17.30 -3.20 -23.95
N VAL G 241 -16.57 -3.90 -24.82
CA VAL G 241 -16.93 -4.06 -26.22
C VAL G 241 -17.45 -5.48 -26.43
N CYS G 242 -18.59 -5.63 -27.14
CA CYS G 242 -19.01 -6.96 -27.55
C CYS G 242 -18.55 -7.10 -29.00
N ALA G 243 -17.84 -8.21 -29.31
CA ALA G 243 -17.27 -8.36 -30.64
C ALA G 243 -17.48 -9.73 -31.27
N THR G 244 -17.39 -9.78 -32.62
CA THR G 244 -17.30 -10.94 -33.52
C THR G 244 -18.59 -11.66 -33.85
N GLN G 245 -18.86 -11.76 -35.16
CA GLN G 245 -20.00 -12.46 -35.78
C GLN G 245 -21.35 -11.90 -35.39
N MET G 246 -21.40 -10.63 -34.98
CA MET G 246 -22.67 -10.01 -34.60
C MET G 246 -23.65 -9.97 -35.76
N LEU G 247 -23.17 -9.65 -36.97
CA LEU G 247 -23.97 -9.61 -38.18
C LEU G 247 -23.24 -10.38 -39.30
N GLU G 248 -22.63 -11.51 -38.97
CA GLU G 248 -21.82 -12.33 -39.86
C GLU G 248 -22.40 -12.57 -41.25
N SER G 249 -23.67 -12.98 -41.35
CA SER G 249 -24.30 -13.23 -42.63
C SER G 249 -24.27 -12.01 -43.56
N MET G 250 -24.16 -10.79 -43.01
CA MET G 250 -24.07 -9.57 -43.81
C MET G 250 -22.74 -9.43 -44.57
N ILE G 251 -21.79 -10.37 -44.38
CA ILE G 251 -20.57 -10.39 -45.17
C ILE G 251 -20.96 -10.67 -46.65
N THR G 252 -21.97 -11.54 -46.88
CA THR G 252 -22.42 -11.84 -48.23
C THR G 252 -23.86 -11.40 -48.51
N LYS G 253 -24.72 -11.23 -47.49
CA LYS G 253 -26.13 -10.89 -47.71
C LYS G 253 -26.49 -9.48 -47.26
N PRO G 254 -27.41 -8.79 -47.96
CA PRO G 254 -27.75 -7.41 -47.58
C PRO G 254 -28.57 -7.24 -46.31
N ARG G 255 -29.12 -8.33 -45.77
CA ARG G 255 -29.93 -8.29 -44.56
C ARG G 255 -29.44 -9.37 -43.60
N PRO G 256 -29.46 -9.10 -42.28
CA PRO G 256 -29.00 -10.13 -41.33
C PRO G 256 -30.10 -11.15 -40.98
N THR G 257 -29.68 -12.23 -40.31
CA THR G 257 -30.62 -13.23 -39.84
C THR G 257 -31.33 -12.72 -38.56
N ARG G 258 -32.37 -13.43 -38.11
CA ARG G 258 -33.09 -13.09 -36.90
C ARG G 258 -32.22 -13.25 -35.65
N ALA G 259 -31.30 -14.21 -35.67
CA ALA G 259 -30.38 -14.42 -34.55
C ALA G 259 -29.37 -13.26 -34.42
N GLU G 260 -28.95 -12.72 -35.54
CA GLU G 260 -28.01 -11.62 -35.59
C GLU G 260 -28.58 -10.33 -35.05
N THR G 261 -29.81 -9.97 -35.42
CA THR G 261 -30.40 -8.74 -34.87
C THR G 261 -30.63 -8.91 -33.35
N SER G 262 -31.06 -10.09 -32.94
CA SER G 262 -31.28 -10.44 -31.55
C SER G 262 -29.96 -10.33 -30.76
N ASP G 263 -28.85 -10.83 -31.32
CA ASP G 263 -27.54 -10.77 -30.71
C ASP G 263 -27.09 -9.31 -30.47
N VAL G 264 -27.29 -8.43 -31.45
CA VAL G 264 -26.91 -7.04 -31.31
C VAL G 264 -27.74 -6.39 -30.23
N ALA G 265 -29.06 -6.63 -30.25
CA ALA G 265 -29.95 -6.03 -29.26
C ALA G 265 -29.61 -6.52 -27.85
N ASN G 266 -29.32 -7.83 -27.71
CA ASN G 266 -28.99 -8.39 -26.43
C ASN G 266 -27.65 -7.94 -25.90
N ALA G 267 -26.68 -7.65 -26.77
CA ALA G 267 -25.39 -7.12 -26.30
C ALA G 267 -25.61 -5.72 -25.67
N VAL G 268 -26.46 -4.88 -26.29
CA VAL G 268 -26.80 -3.55 -25.76
C VAL G 268 -27.58 -3.71 -24.45
N LEU G 269 -28.57 -4.61 -24.44
CA LEU G 269 -29.36 -4.86 -23.23
C LEU G 269 -28.50 -5.44 -22.11
N ASP G 270 -27.45 -6.22 -22.44
CA ASP G 270 -26.51 -6.77 -21.44
C ASP G 270 -25.73 -5.66 -20.74
N GLY G 271 -25.48 -4.56 -21.46
CA GLY G 271 -24.75 -3.43 -20.93
C GLY G 271 -23.49 -3.08 -21.68
N ALA G 272 -23.32 -3.58 -22.92
CA ALA G 272 -22.10 -3.28 -23.68
C ALA G 272 -22.01 -1.81 -24.02
N ASP G 273 -20.83 -1.21 -23.89
CA ASP G 273 -20.63 0.19 -24.25
C ASP G 273 -20.48 0.32 -25.77
N CYS G 274 -19.81 -0.68 -26.39
CA CYS G 274 -19.54 -0.69 -27.84
C CYS G 274 -19.94 -2.00 -28.45
N ILE G 275 -20.28 -1.96 -29.72
CA ILE G 275 -20.54 -3.15 -30.52
C ILE G 275 -19.61 -3.07 -31.71
N MET G 276 -19.14 -4.22 -32.19
CA MET G 276 -18.14 -4.24 -33.24
C MET G 276 -18.55 -5.01 -34.47
N LEU G 277 -17.96 -4.62 -35.61
CA LEU G 277 -18.09 -5.28 -36.91
C LEU G 277 -16.67 -5.60 -37.34
N SER G 278 -16.42 -6.86 -37.70
CA SER G 278 -15.12 -7.31 -38.14
CA SER G 278 -15.11 -7.30 -38.15
C SER G 278 -15.16 -7.58 -39.66
N GLY G 279 -15.37 -8.84 -40.09
CA GLY G 279 -15.46 -9.20 -41.50
C GLY G 279 -16.55 -8.46 -42.21
N GLU G 280 -17.65 -8.12 -41.50
CA GLU G 280 -18.78 -7.39 -42.04
C GLU G 280 -18.38 -6.08 -42.68
N THR G 281 -17.36 -5.39 -42.14
CA THR G 281 -16.91 -4.13 -42.72
C THR G 281 -15.52 -4.23 -43.36
N ALA G 282 -14.66 -5.14 -42.86
CA ALA G 282 -13.31 -5.27 -43.40
C ALA G 282 -13.26 -5.90 -44.78
N LYS G 283 -14.08 -6.93 -45.00
CA LYS G 283 -14.05 -7.67 -46.24
C LYS G 283 -15.43 -8.01 -46.80
N GLY G 284 -16.50 -7.44 -46.25
CA GLY G 284 -17.85 -7.76 -46.68
C GLY G 284 -18.32 -7.05 -47.93
N ASN G 285 -19.43 -7.53 -48.50
CA ASN G 285 -20.03 -6.89 -49.66
C ASN G 285 -20.94 -5.73 -49.25
N PHE G 286 -21.31 -5.60 -47.95
CA PHE G 286 -22.20 -4.54 -47.51
C PHE G 286 -21.67 -3.84 -46.24
N PRO G 287 -20.49 -3.22 -46.28
CA PRO G 287 -19.95 -2.57 -45.08
C PRO G 287 -20.82 -1.45 -44.52
N VAL G 288 -21.35 -0.57 -45.39
CA VAL G 288 -22.19 0.54 -44.97
C VAL G 288 -23.51 0.05 -44.37
N GLU G 289 -24.11 -0.94 -45.02
CA GLU G 289 -25.36 -1.52 -44.57
C GLU G 289 -25.22 -2.20 -43.21
N ALA G 290 -24.05 -2.83 -42.92
CA ALA G 290 -23.78 -3.47 -41.63
C ALA G 290 -23.74 -2.40 -40.51
N VAL G 291 -23.13 -1.24 -40.79
CA VAL G 291 -23.06 -0.14 -39.84
C VAL G 291 -24.49 0.39 -39.60
N LYS G 292 -25.26 0.59 -40.69
CA LYS G 292 -26.62 1.10 -40.57
C LYS G 292 -27.49 0.15 -39.74
N MET G 293 -27.33 -1.15 -39.93
CA MET G 293 -28.10 -2.14 -39.19
C MET G 293 -27.78 -2.11 -37.69
N GLN G 294 -26.49 -2.03 -37.34
CA GLN G 294 -26.10 -1.90 -35.94
C GLN G 294 -26.62 -0.63 -35.32
N HIS G 295 -26.61 0.45 -36.09
CA HIS G 295 -27.15 1.73 -35.65
C HIS G 295 -28.65 1.59 -35.31
N ALA G 296 -29.43 1.01 -36.24
CA ALA G 296 -30.86 0.85 -36.08
C ALA G 296 -31.25 0.00 -34.90
N ILE G 297 -30.55 -1.14 -34.72
CA ILE G 297 -30.84 -2.05 -33.61
C ILE G 297 -30.47 -1.42 -32.28
N ALA G 298 -29.26 -0.79 -32.19
CA ALA G 298 -28.82 -0.20 -30.94
C ALA G 298 -29.77 0.86 -30.45
N ARG G 299 -30.30 1.72 -31.34
CA ARG G 299 -31.27 2.76 -30.94
C ARG G 299 -32.52 2.14 -30.32
N GLU G 300 -33.04 1.06 -30.93
CA GLU G 300 -34.21 0.36 -30.42
C GLU G 300 -33.91 -0.28 -29.07
N ALA G 301 -32.75 -0.94 -28.94
CA ALA G 301 -32.38 -1.64 -27.73
C ALA G 301 -32.09 -0.71 -26.59
N GLU G 302 -31.53 0.47 -26.86
CA GLU G 302 -31.26 1.43 -25.78
C GLU G 302 -32.52 1.94 -25.12
N ALA G 303 -33.60 2.16 -25.91
CA ALA G 303 -34.85 2.62 -25.33
C ALA G 303 -35.51 1.52 -24.50
N ALA G 304 -35.25 0.25 -24.84
CA ALA G 304 -35.78 -0.90 -24.13
C ALA G 304 -35.02 -1.27 -22.85
N VAL G 305 -33.93 -0.57 -22.51
CA VAL G 305 -33.18 -0.84 -21.28
C VAL G 305 -34.08 -0.48 -20.09
N TYR G 306 -34.11 -1.32 -19.05
CA TYR G 306 -34.95 -1.06 -17.87
C TYR G 306 -34.14 -0.22 -16.86
N HIS G 307 -34.03 1.07 -17.14
CA HIS G 307 -33.27 1.99 -16.31
C HIS G 307 -33.66 2.02 -14.84
N ARG G 308 -34.94 1.83 -14.50
CA ARG G 308 -35.37 1.85 -13.10
C ARG G 308 -34.58 0.87 -12.24
N GLN G 309 -34.44 -0.38 -12.70
CA GLN G 309 -33.68 -1.37 -11.97
C GLN G 309 -32.16 -1.12 -12.13
N LEU G 310 -31.73 -0.83 -13.37
CA LEU G 310 -30.34 -0.58 -13.68
C LEU G 310 -29.70 0.52 -12.82
N PHE G 311 -30.31 1.71 -12.76
CA PHE G 311 -29.79 2.82 -11.95
C PHE G 311 -29.75 2.45 -10.49
N GLU G 312 -30.81 1.82 -9.99
CA GLU G 312 -30.91 1.38 -8.57
C GLU G 312 -29.76 0.44 -8.24
N GLU G 313 -29.49 -0.53 -9.11
CA GLU G 313 -28.43 -1.50 -8.90
C GLU G 313 -27.04 -0.91 -9.02
N LEU G 314 -26.82 0.01 -9.98
CA LEU G 314 -25.53 0.68 -10.13
C LEU G 314 -25.26 1.56 -8.89
N ARG G 315 -26.30 2.25 -8.42
CA ARG G 315 -26.24 3.10 -7.22
C ARG G 315 -25.89 2.23 -5.98
N ARG G 316 -26.59 1.11 -5.77
CA ARG G 316 -26.39 0.22 -4.62
C ARG G 316 -25.01 -0.41 -4.62
N ALA G 317 -24.50 -0.76 -5.80
CA ALA G 317 -23.20 -1.44 -5.92
C ALA G 317 -22.02 -0.50 -5.84
N ALA G 318 -22.19 0.75 -6.29
CA ALA G 318 -21.12 1.73 -6.27
C ALA G 318 -20.78 2.11 -4.84
N PRO G 319 -19.48 2.14 -4.51
CA PRO G 319 -19.09 2.50 -3.14
C PRO G 319 -19.24 4.00 -2.87
N LEU G 320 -19.22 4.38 -1.59
CA LEU G 320 -19.23 5.77 -1.20
C LEU G 320 -17.96 6.43 -1.71
N SER G 321 -18.03 7.73 -2.01
CA SER G 321 -16.87 8.40 -2.56
C SER G 321 -16.71 9.77 -2.04
N ARG G 322 -15.46 10.17 -1.83
CA ARG G 322 -15.13 11.53 -1.45
C ARG G 322 -14.52 12.30 -2.65
N ASP G 323 -14.63 11.76 -3.88
CA ASP G 323 -14.13 12.40 -5.07
C ASP G 323 -15.27 13.27 -5.62
N PRO G 324 -15.06 14.59 -5.68
CA PRO G 324 -16.12 15.49 -6.16
C PRO G 324 -16.63 15.19 -7.56
N THR G 325 -15.80 14.68 -8.47
CA THR G 325 -16.26 14.33 -9.82
C THR G 325 -17.25 13.20 -9.74
N GLU G 326 -16.94 12.15 -8.91
CA GLU G 326 -17.83 11.00 -8.74
CA GLU G 326 -17.84 11.01 -8.78
C GLU G 326 -19.15 11.43 -8.08
N VAL G 327 -19.06 12.28 -7.05
CA VAL G 327 -20.24 12.77 -6.34
C VAL G 327 -21.14 13.61 -7.25
N THR G 328 -20.53 14.49 -8.06
CA THR G 328 -21.26 15.35 -8.98
C THR G 328 -21.94 14.52 -10.04
N ALA G 329 -21.25 13.49 -10.58
CA ALA G 329 -21.77 12.60 -11.61
C ALA G 329 -23.07 11.90 -11.15
N ILE G 330 -23.10 11.31 -9.94
CA ILE G 330 -24.31 10.63 -9.51
C ILE G 330 -25.45 11.61 -9.23
N GLY G 331 -25.13 12.79 -8.68
CA GLY G 331 -26.13 13.83 -8.47
C GLY G 331 -26.71 14.33 -9.79
N ALA G 332 -25.87 14.47 -10.83
CA ALA G 332 -26.31 14.91 -12.16
C ALA G 332 -27.18 13.88 -12.85
N VAL G 333 -26.86 12.59 -12.71
CA VAL G 333 -27.64 11.53 -13.33
C VAL G 333 -29.00 11.41 -12.62
N GLU G 334 -29.02 11.54 -11.28
CA GLU G 334 -30.26 11.53 -10.51
CA GLU G 334 -30.25 11.53 -10.50
C GLU G 334 -31.15 12.71 -10.93
N ALA G 335 -30.57 13.91 -11.09
CA ALA G 335 -31.28 15.11 -11.54
C ALA G 335 -31.81 14.92 -12.96
N ALA G 336 -31.01 14.31 -13.85
CA ALA G 336 -31.44 14.07 -15.22
C ALA G 336 -32.66 13.13 -15.27
N PHE G 337 -32.70 12.07 -14.44
CA PHE G 337 -33.83 11.15 -14.39
C PHE G 337 -35.09 11.86 -13.86
N LYS G 338 -34.92 12.74 -12.86
CA LYS G 338 -36.01 13.45 -12.24
C LYS G 338 -36.79 14.30 -13.22
N CYS G 339 -36.11 14.95 -14.17
CA CYS G 339 -36.78 15.84 -15.12
C CYS G 339 -36.82 15.32 -16.54
N CYS G 340 -36.38 14.07 -16.79
CA CYS G 340 -36.27 13.54 -18.16
C CYS G 340 -35.44 14.46 -19.02
N ALA G 341 -34.29 14.94 -18.49
CA ALA G 341 -33.41 15.87 -19.18
C ALA G 341 -33.04 15.34 -20.56
N ALA G 342 -33.07 16.21 -21.56
CA ALA G 342 -32.72 15.81 -22.92
C ALA G 342 -31.21 15.44 -23.01
N ALA G 343 -30.38 16.13 -22.21
CA ALA G 343 -28.94 15.91 -22.22
C ALA G 343 -28.27 16.35 -20.92
N ILE G 344 -27.06 15.83 -20.67
CA ILE G 344 -26.16 16.24 -19.61
C ILE G 344 -24.97 16.80 -20.37
N ILE G 345 -24.72 18.11 -20.30
CA ILE G 345 -23.62 18.71 -20.99
C ILE G 345 -22.46 18.80 -20.01
N VAL G 346 -21.32 18.19 -20.33
CA VAL G 346 -20.18 18.16 -19.42
C VAL G 346 -18.93 18.68 -20.08
N LEU G 347 -18.16 19.53 -19.37
CA LEU G 347 -16.90 20.02 -19.87
C LEU G 347 -15.85 19.05 -19.35
N THR G 348 -14.97 18.59 -20.24
CA THR G 348 -13.96 17.61 -19.88
C THR G 348 -12.69 17.80 -20.70
N THR G 349 -11.51 17.60 -20.11
CA THR G 349 -10.27 17.67 -20.88
C THR G 349 -9.76 16.29 -21.20
N THR G 350 -9.84 15.38 -20.24
CA THR G 350 -9.35 14.02 -20.41
C THR G 350 -10.48 13.02 -20.73
N GLY G 351 -11.75 13.42 -20.61
CA GLY G 351 -12.91 12.54 -20.79
C GLY G 351 -13.39 11.90 -19.50
N ARG G 352 -12.64 12.03 -18.40
CA ARG G 352 -12.99 11.39 -17.14
C ARG G 352 -14.37 11.77 -16.57
N SER G 353 -14.72 13.05 -16.58
CA SER G 353 -16.02 13.50 -16.07
C SER G 353 -17.17 12.89 -16.88
N ALA G 354 -16.98 12.75 -18.19
CA ALA G 354 -18.00 12.13 -19.05
C ALA G 354 -18.09 10.63 -18.75
N GLN G 355 -16.96 9.97 -18.48
CA GLN G 355 -16.93 8.55 -18.17
C GLN G 355 -17.68 8.26 -16.86
N LEU G 356 -17.44 9.10 -15.84
CA LEU G 356 -18.13 8.92 -14.53
C LEU G 356 -19.63 9.17 -14.65
N LEU G 357 -20.09 10.00 -15.60
CA LEU G 357 -21.52 10.17 -15.83
C LEU G 357 -22.06 8.89 -16.52
N SER G 358 -21.35 8.42 -17.52
CA SER G 358 -21.68 7.26 -18.32
C SER G 358 -21.85 5.97 -17.48
N ARG G 359 -21.05 5.79 -16.43
CA ARG G 359 -21.14 4.58 -15.61
C ARG G 359 -22.50 4.43 -14.89
N TYR G 360 -23.24 5.55 -14.69
CA TYR G 360 -24.57 5.47 -14.07
C TYR G 360 -25.68 5.25 -15.09
N ARG G 361 -25.35 5.08 -16.37
CA ARG G 361 -26.28 4.83 -17.44
C ARG G 361 -27.49 5.76 -17.49
N PRO G 362 -27.27 7.08 -17.59
CA PRO G 362 -28.41 7.97 -17.74
C PRO G 362 -29.12 7.73 -19.05
N ARG G 363 -30.41 8.01 -19.08
CA ARG G 363 -31.17 7.98 -20.33
C ARG G 363 -30.80 9.23 -21.15
N ALA G 364 -30.44 10.35 -20.49
CA ALA G 364 -30.04 11.59 -21.15
C ALA G 364 -28.69 11.40 -21.83
N ALA G 365 -28.54 11.97 -23.05
CA ALA G 365 -27.28 11.92 -23.77
C ALA G 365 -26.23 12.73 -23.01
N VAL G 366 -24.99 12.21 -22.90
CA VAL G 366 -23.93 12.95 -22.25
C VAL G 366 -23.15 13.67 -23.34
N ILE G 367 -23.36 14.96 -23.50
CA ILE G 367 -22.67 15.74 -24.51
C ILE G 367 -21.38 16.24 -23.90
N ALA G 368 -20.24 15.70 -24.32
CA ALA G 368 -18.94 16.05 -23.72
C ALA G 368 -18.24 17.10 -24.56
N VAL G 369 -18.06 18.29 -24.02
CA VAL G 369 -17.41 19.39 -24.75
C VAL G 369 -15.97 19.43 -24.34
N THR G 370 -15.06 19.28 -25.30
CA THR G 370 -13.64 19.27 -24.99
C THR G 370 -12.80 19.99 -26.02
N ARG G 371 -11.65 20.49 -25.61
CA ARG G 371 -10.65 21.07 -26.52
C ARG G 371 -9.63 19.99 -26.99
N SER G 372 -9.55 18.85 -26.28
CA SER G 372 -8.65 17.76 -26.61
C SER G 372 -9.23 16.87 -27.70
N ALA G 373 -8.58 16.84 -28.87
CA ALA G 373 -9.02 16.00 -29.98
C ALA G 373 -8.91 14.52 -29.62
N GLN G 374 -7.88 14.13 -28.84
CA GLN G 374 -7.73 12.72 -28.44
C GLN G 374 -8.84 12.31 -27.50
N ALA G 375 -9.18 13.16 -26.51
CA ALA G 375 -10.27 12.86 -25.57
C ALA G 375 -11.60 12.75 -26.31
N ALA G 376 -11.84 13.63 -27.29
CA ALA G 376 -13.06 13.59 -28.10
C ALA G 376 -13.18 12.22 -28.83
N ARG G 377 -12.07 11.68 -29.33
CA ARG G 377 -12.11 10.39 -30.00
C ARG G 377 -12.27 9.23 -28.98
N GLN G 378 -11.53 9.30 -27.86
CA GLN G 378 -11.51 8.23 -26.86
C GLN G 378 -12.79 8.10 -26.04
N VAL G 379 -13.55 9.18 -25.96
CA VAL G 379 -14.78 9.17 -25.18
C VAL G 379 -15.89 8.30 -25.86
N HIS G 380 -15.71 7.89 -27.14
CA HIS G 380 -16.63 6.97 -27.85
C HIS G 380 -16.67 5.56 -27.18
N LEU G 381 -15.67 5.22 -26.36
CA LEU G 381 -15.64 3.96 -25.63
C LEU G 381 -16.72 3.91 -24.54
N CYS G 382 -17.21 5.06 -24.08
CA CYS G 382 -18.20 5.13 -23.00
C CYS G 382 -19.57 5.33 -23.54
N ARG G 383 -20.49 4.42 -23.21
CA ARG G 383 -21.87 4.50 -23.71
C ARG G 383 -22.56 5.82 -23.36
N GLY G 384 -23.22 6.38 -24.35
CA GLY G 384 -23.98 7.59 -24.20
C GLY G 384 -23.18 8.86 -24.20
N VAL G 385 -21.90 8.81 -24.60
CA VAL G 385 -21.09 10.02 -24.62
C VAL G 385 -20.95 10.51 -26.06
N PHE G 386 -21.38 11.75 -26.31
CA PHE G 386 -21.36 12.41 -27.63
C PHE G 386 -20.32 13.50 -27.58
N PRO G 387 -19.14 13.24 -28.11
CA PRO G 387 -18.07 14.24 -28.03
C PRO G 387 -18.21 15.41 -28.99
N LEU G 388 -17.94 16.62 -28.50
CA LEU G 388 -17.94 17.82 -29.32
C LEU G 388 -16.58 18.44 -29.15
N LEU G 389 -15.81 18.55 -30.24
CA LEU G 389 -14.50 19.18 -30.20
C LEU G 389 -14.65 20.68 -30.37
N TYR G 390 -14.19 21.44 -29.40
CA TYR G 390 -14.27 22.88 -29.38
C TYR G 390 -12.92 23.49 -29.77
N ARG G 391 -12.91 24.26 -30.85
CA ARG G 391 -11.69 24.85 -31.42
C ARG G 391 -11.67 26.40 -31.38
N GLU G 392 -12.66 27.03 -30.76
CA GLU G 392 -12.74 28.47 -30.67
C GLU G 392 -11.57 29.09 -29.90
N PRO G 393 -11.20 30.35 -30.24
CA PRO G 393 -10.16 31.03 -29.49
C PRO G 393 -10.59 31.37 -28.06
N PRO G 394 -9.63 31.45 -27.13
CA PRO G 394 -9.97 31.69 -25.73
C PRO G 394 -10.61 33.03 -25.39
N GLU G 395 -11.37 33.02 -24.30
CA GLU G 395 -11.97 34.19 -23.74
C GLU G 395 -11.04 34.63 -22.61
N ALA G 396 -10.96 35.93 -22.37
CA ALA G 396 -10.08 36.47 -21.32
C ALA G 396 -10.53 36.01 -19.94
N ILE G 397 -11.84 36.05 -19.69
CA ILE G 397 -12.46 35.60 -18.43
C ILE G 397 -12.84 34.11 -18.50
N TRP G 398 -12.34 33.33 -17.57
CA TRP G 398 -12.55 31.90 -17.54
C TRP G 398 -14.02 31.50 -17.49
N ALA G 399 -14.81 32.16 -16.69
CA ALA G 399 -16.24 31.89 -16.55
C ALA G 399 -16.96 32.11 -17.85
N ASP G 400 -16.51 33.08 -18.68
CA ASP G 400 -17.09 33.34 -20.00
C ASP G 400 -16.70 32.25 -21.00
N ASP G 401 -15.47 31.77 -20.92
CA ASP G 401 -14.98 30.68 -21.73
C ASP G 401 -15.77 29.36 -21.42
N VAL G 402 -16.05 29.11 -20.13
CA VAL G 402 -16.89 28.00 -19.71
C VAL G 402 -18.35 28.16 -20.27
N ASP G 403 -18.98 29.36 -20.12
CA ASP G 403 -20.32 29.58 -20.67
C ASP G 403 -20.37 29.39 -22.18
N ARG G 404 -19.31 29.82 -22.91
CA ARG G 404 -19.24 29.64 -24.36
C ARG G 404 -19.24 28.15 -24.75
N ARG G 405 -18.55 27.33 -23.94
CA ARG G 405 -18.46 25.91 -24.22
C ARG G 405 -19.76 25.19 -23.93
N VAL G 406 -20.48 25.61 -22.88
CA VAL G 406 -21.78 25.07 -22.56
C VAL G 406 -22.77 25.46 -23.65
N GLN G 407 -22.77 26.73 -24.09
CA GLN G 407 -23.63 27.17 -25.19
C GLN G 407 -23.30 26.47 -26.49
N PHE G 408 -22.02 26.13 -26.73
CA PHE G 408 -21.65 25.36 -27.90
C PHE G 408 -22.29 23.97 -27.87
N GLY G 409 -22.35 23.38 -26.69
CA GLY G 409 -22.96 22.09 -26.52
C GLY G 409 -24.46 22.17 -26.76
N ILE G 410 -25.10 23.25 -26.28
CA ILE G 410 -26.53 23.44 -26.49
C ILE G 410 -26.85 23.68 -27.98
N GLU G 411 -26.07 24.53 -28.65
CA GLU G 411 -26.25 24.84 -30.07
C GLU G 411 -26.05 23.61 -30.92
N SER G 412 -25.03 22.79 -30.62
CA SER G 412 -24.81 21.56 -31.40
C SER G 412 -25.98 20.56 -31.18
N GLY G 413 -26.48 20.47 -29.96
CA GLY G 413 -27.60 19.59 -29.63
C GLY G 413 -28.86 20.04 -30.31
N LYS G 414 -29.07 21.36 -30.42
CA LYS G 414 -30.24 21.87 -31.13
C LYS G 414 -30.12 21.56 -32.63
N LEU G 415 -28.96 21.79 -33.22
CA LEU G 415 -28.71 21.51 -34.63
C LEU G 415 -28.85 20.02 -34.94
N ARG G 416 -28.36 19.15 -34.05
CA ARG G 416 -28.40 17.70 -34.29
C ARG G 416 -29.70 17.01 -33.88
N GLY G 417 -30.65 17.75 -33.30
CA GLY G 417 -31.92 17.17 -32.91
C GLY G 417 -32.02 16.68 -31.47
N PHE G 418 -30.91 16.69 -30.70
CA PHE G 418 -30.92 16.27 -29.30
C PHE G 418 -31.82 17.19 -28.42
N LEU G 419 -31.82 18.50 -28.70
CA LEU G 419 -32.48 19.48 -27.87
C LEU G 419 -33.43 20.37 -28.63
N ARG G 420 -34.38 20.96 -27.88
CA ARG G 420 -35.37 21.91 -28.33
C ARG G 420 -35.51 22.98 -27.24
N VAL G 421 -36.02 24.14 -27.61
CA VAL G 421 -36.31 25.22 -26.66
C VAL G 421 -37.38 24.71 -25.68
N GLY G 422 -37.19 24.94 -24.40
CA GLY G 422 -38.09 24.41 -23.38
C GLY G 422 -37.56 23.15 -22.72
N ASP G 423 -36.55 22.48 -23.33
CA ASP G 423 -35.95 21.29 -22.71
C ASP G 423 -35.15 21.65 -21.46
N LEU G 424 -34.99 20.67 -20.55
CA LEU G 424 -34.13 20.87 -19.41
C LEU G 424 -32.85 20.08 -19.69
N VAL G 425 -31.71 20.70 -19.40
CA VAL G 425 -30.43 20.01 -19.50
C VAL G 425 -29.75 20.14 -18.13
N ILE G 426 -28.85 19.21 -17.85
CA ILE G 426 -28.02 19.24 -16.66
C ILE G 426 -26.63 19.63 -17.17
N VAL G 427 -25.98 20.62 -16.55
CA VAL G 427 -24.67 21.06 -16.98
C VAL G 427 -23.65 20.72 -15.89
N VAL G 428 -22.59 20.01 -16.23
CA VAL G 428 -21.57 19.60 -15.28
C VAL G 428 -20.26 20.29 -15.61
N THR G 429 -19.74 21.03 -14.64
CA THR G 429 -18.49 21.78 -14.76
C THR G 429 -17.68 21.67 -13.43
N GLY G 430 -16.55 22.34 -13.36
CA GLY G 430 -15.75 22.41 -12.16
C GLY G 430 -15.58 23.85 -11.73
N TRP G 431 -14.94 24.05 -10.57
CA TRP G 431 -14.80 25.39 -9.98
C TRP G 431 -13.60 26.19 -10.44
N ARG G 432 -12.67 25.57 -11.13
CA ARG G 432 -11.47 26.22 -11.61
C ARG G 432 -10.97 25.51 -12.86
N PRO G 433 -10.17 26.20 -13.72
CA PRO G 433 -9.64 25.52 -14.93
C PRO G 433 -8.73 24.35 -14.56
N GLY G 434 -8.50 23.48 -15.52
CA GLY G 434 -7.67 22.31 -15.33
C GLY G 434 -8.49 21.09 -15.00
N SER G 435 -8.08 19.95 -15.55
CA SER G 435 -8.68 18.66 -15.35
C SER G 435 -8.61 18.27 -13.87
N GLY G 436 -9.58 17.47 -13.41
CA GLY G 436 -9.64 16.94 -12.05
C GLY G 436 -10.46 17.72 -11.04
N TYR G 437 -11.14 18.80 -11.46
CA TYR G 437 -11.89 19.64 -10.51
C TYR G 437 -13.37 19.71 -10.72
N THR G 438 -13.99 18.79 -11.51
CA THR G 438 -15.45 18.84 -11.70
C THR G 438 -16.16 18.76 -10.35
N ASN G 439 -17.08 19.65 -10.06
CA ASN G 439 -17.78 19.64 -8.76
C ASN G 439 -19.09 20.39 -8.79
N ILE G 440 -19.54 20.86 -9.97
CA ILE G 440 -20.75 21.65 -10.11
C ILE G 440 -21.74 20.98 -11.05
N MET G 441 -23.01 20.98 -10.67
CA MET G 441 -24.12 20.47 -11.46
C MET G 441 -25.15 21.62 -11.49
N ARG G 442 -25.63 21.99 -12.67
CA ARG G 442 -26.61 23.07 -12.83
C ARG G 442 -27.78 22.57 -13.64
N VAL G 443 -28.99 23.05 -13.35
CA VAL G 443 -30.19 22.71 -14.10
C VAL G 443 -30.48 23.91 -14.97
N LEU G 444 -30.47 23.72 -16.28
CA LEU G 444 -30.60 24.82 -17.22
C LEU G 444 -31.78 24.59 -18.17
N SER G 445 -32.60 25.62 -18.37
CA SER G 445 -33.73 25.51 -19.28
CA SER G 445 -33.74 25.52 -19.28
C SER G 445 -33.28 26.02 -20.64
N ILE G 446 -33.50 25.25 -21.69
CA ILE G 446 -33.08 25.65 -23.04
C ILE G 446 -33.93 26.81 -23.57
N SER G 447 -33.27 27.88 -23.95
CA SER G 447 -33.93 29.05 -24.50
C SER G 447 -33.45 29.33 -25.93
N GLY H 23 -12.34 6.26 8.86
CA GLY H 23 -12.09 5.47 10.07
C GLY H 23 -13.20 4.50 10.40
N THR H 24 -12.87 3.43 11.13
CA THR H 24 -13.85 2.43 11.53
C THR H 24 -14.85 2.96 12.57
N ALA H 25 -14.39 3.88 13.44
CA ALA H 25 -15.25 4.49 14.45
C ALA H 25 -16.37 5.28 13.81
N PHE H 26 -16.11 5.95 12.68
CA PHE H 26 -17.13 6.71 11.95
C PHE H 26 -18.27 5.78 11.52
N PHE H 27 -17.92 4.61 10.99
CA PHE H 27 -18.92 3.66 10.50
C PHE H 27 -19.63 2.84 11.60
N GLN H 28 -19.24 3.02 12.87
CA GLN H 28 -19.93 2.35 13.97
C GLN H 28 -20.96 3.30 14.64
N GLN H 29 -20.78 4.63 14.52
CA GLN H 29 -21.70 5.64 15.05
C GLN H 29 -22.93 5.81 14.15
N GLN H 30 -23.94 6.60 14.62
CA GLN H 30 -25.20 6.99 13.97
C GLN H 30 -25.92 5.85 13.23
N GLN H 31 -25.90 4.64 13.84
CA GLN H 31 -26.54 3.43 13.31
C GLN H 31 -26.15 3.15 11.87
N LEU H 32 -24.90 3.48 11.47
CA LEU H 32 -24.45 3.23 10.11
C LEU H 32 -24.46 1.73 9.73
N PRO H 33 -24.10 0.78 10.62
CA PRO H 33 -24.27 -0.66 10.25
C PRO H 33 -25.73 -0.98 9.93
N ALA H 34 -26.70 -0.47 10.73
CA ALA H 34 -28.12 -0.69 10.46
C ALA H 34 -28.58 0.02 9.18
N ALA H 35 -27.96 1.17 8.86
CA ALA H 35 -28.28 1.96 7.69
C ALA H 35 -27.86 1.26 6.39
N MET H 36 -26.79 0.48 6.43
CA MET H 36 -26.28 -0.25 5.27
C MET H 36 -26.99 -1.59 5.01
N ALA H 37 -27.94 -1.99 5.86
CA ALA H 37 -28.63 -3.27 5.70
C ALA H 37 -29.45 -3.38 4.41
N ASP H 38 -29.59 -4.61 3.88
CA ASP H 38 -30.31 -4.87 2.62
C ASP H 38 -31.81 -5.01 2.78
N THR H 39 -32.30 -5.25 3.99
CA THR H 39 -33.73 -5.34 4.27
C THR H 39 -34.05 -4.52 5.54
N PHE H 40 -35.32 -4.17 5.70
CA PHE H 40 -35.81 -3.48 6.88
C PHE H 40 -35.67 -4.37 8.11
N LEU H 41 -35.89 -5.68 7.97
CA LEU H 41 -35.75 -6.64 9.05
C LEU H 41 -34.29 -6.68 9.53
N GLU H 42 -33.32 -6.77 8.61
CA GLU H 42 -31.90 -6.80 8.97
C GLU H 42 -31.48 -5.44 9.57
N HIS H 43 -32.09 -4.34 9.12
CA HIS H 43 -31.87 -2.99 9.63
C HIS H 43 -32.24 -2.96 11.11
N LEU H 44 -33.42 -3.49 11.46
CA LEU H 44 -33.84 -3.53 12.86
C LEU H 44 -32.91 -4.39 13.69
N CYS H 45 -32.51 -5.56 13.16
CA CYS H 45 -31.59 -6.48 13.86
C CYS H 45 -30.23 -5.86 14.15
N LEU H 46 -29.81 -4.89 13.34
CA LEU H 46 -28.51 -4.24 13.49
C LEU H 46 -28.53 -2.97 14.34
N LEU H 47 -29.69 -2.54 14.87
CA LEU H 47 -29.76 -1.35 15.71
C LEU H 47 -28.95 -1.59 16.97
N ASP H 48 -28.14 -0.60 17.37
CA ASP H 48 -27.23 -0.76 18.48
C ASP H 48 -27.39 0.36 19.48
N ILE H 49 -27.68 0.05 20.75
CA ILE H 49 -27.80 1.07 21.78
C ILE H 49 -26.45 1.80 22.05
N ASP H 50 -25.31 1.18 21.68
CA ASP H 50 -24.00 1.79 21.85
C ASP H 50 -23.54 2.60 20.62
N SER H 51 -24.37 2.66 19.55
CA SER H 51 -24.04 3.44 18.38
C SER H 51 -24.56 4.85 18.66
N GLU H 52 -23.66 5.77 19.04
CA GLU H 52 -24.06 7.11 19.40
C GLU H 52 -24.49 8.02 18.23
N PRO H 53 -25.55 8.81 18.43
CA PRO H 53 -25.95 9.75 17.38
C PRO H 53 -24.90 10.86 17.23
N VAL H 54 -24.59 11.25 15.99
CA VAL H 54 -23.58 12.26 15.69
C VAL H 54 -24.24 13.49 15.08
N ALA H 55 -25.19 13.27 14.17
CA ALA H 55 -25.89 14.35 13.48
C ALA H 55 -26.70 15.23 14.43
N ALA H 56 -26.89 16.49 14.05
CA ALA H 56 -27.71 17.39 14.84
C ALA H 56 -29.18 16.92 14.76
N ARG H 57 -29.95 17.13 15.84
CA ARG H 57 -31.34 16.70 15.91
C ARG H 57 -32.13 17.49 14.92
N SER H 58 -32.82 16.80 14.04
CA SER H 58 -33.50 17.42 12.92
C SER H 58 -35.04 17.60 13.03
N THR H 59 -35.72 16.93 13.98
CA THR H 59 -37.18 17.08 14.18
C THR H 59 -37.39 18.26 15.07
N SER H 60 -38.12 19.26 14.63
CA SER H 60 -38.36 20.47 15.40
CA SER H 60 -38.36 20.48 15.40
C SER H 60 -39.25 20.22 16.60
N ILE H 61 -39.02 20.95 17.67
CA ILE H 61 -39.81 20.82 18.87
C ILE H 61 -40.66 22.07 19.01
N ILE H 62 -41.97 21.87 19.08
CA ILE H 62 -42.90 22.97 19.32
C ILE H 62 -43.25 22.92 20.80
N ALA H 63 -43.00 24.02 21.53
CA ALA H 63 -43.31 24.08 22.95
C ALA H 63 -44.43 25.11 23.16
N THR H 64 -45.50 24.71 23.85
CA THR H 64 -46.60 25.63 24.14
C THR H 64 -46.23 26.53 25.27
N ILE H 65 -46.47 27.80 25.08
CA ILE H 65 -46.10 28.81 26.04
C ILE H 65 -47.24 29.00 27.02
N GLY H 66 -46.90 29.04 28.30
CA GLY H 66 -47.88 29.27 29.34
C GLY H 66 -47.24 29.69 30.64
N PRO H 67 -48.00 29.60 31.75
CA PRO H 67 -47.45 29.98 33.08
C PRO H 67 -46.10 29.39 33.47
N ALA H 68 -45.84 28.15 33.09
CA ALA H 68 -44.58 27.48 33.41
C ALA H 68 -43.40 27.87 32.48
N SER H 69 -43.67 28.58 31.38
CA SER H 69 -42.63 28.90 30.40
C SER H 69 -42.72 30.32 29.83
N ARG H 70 -43.13 31.29 30.64
CA ARG H 70 -43.27 32.66 30.17
C ARG H 70 -42.12 33.55 30.52
N SER H 71 -41.34 33.23 31.55
CA SER H 71 -40.27 34.15 31.90
C SER H 71 -39.20 34.15 30.85
N VAL H 72 -38.60 35.31 30.62
CA VAL H 72 -37.52 35.48 29.67
C VAL H 72 -36.34 34.53 29.98
N GLU H 73 -35.99 34.39 31.26
CA GLU H 73 -34.89 33.51 31.65
CA GLU H 73 -34.89 33.51 31.68
C GLU H 73 -35.22 32.04 31.45
N ARG H 74 -36.47 31.65 31.66
CA ARG H 74 -36.88 30.26 31.44
C ARG H 74 -36.92 29.99 29.91
N LEU H 75 -37.39 30.96 29.12
CA LEU H 75 -37.41 30.88 27.67
C LEU H 75 -36.01 30.75 27.07
N LYS H 76 -35.00 31.39 27.67
CA LYS H 76 -33.61 31.26 27.21
C LYS H 76 -33.15 29.83 27.41
N GLU H 77 -33.50 29.22 28.58
CA GLU H 77 -33.15 27.85 28.87
C GLU H 77 -33.87 26.86 27.93
N MET H 78 -35.12 27.16 27.56
CA MET H 78 -35.87 26.31 26.63
CA MET H 78 -35.87 26.31 26.63
C MET H 78 -35.28 26.40 25.21
N ILE H 79 -34.77 27.57 24.82
CA ILE H 79 -34.14 27.75 23.51
C ILE H 79 -32.85 26.92 23.51
N LYS H 80 -32.08 26.97 24.59
CA LYS H 80 -30.84 26.19 24.69
C LYS H 80 -31.12 24.68 24.72
N ALA H 81 -32.25 24.26 25.33
CA ALA H 81 -32.65 22.84 25.40
C ALA H 81 -33.08 22.29 24.03
N GLY H 82 -33.50 23.18 23.11
CA GLY H 82 -33.88 22.79 21.76
C GLY H 82 -35.22 23.27 21.23
N MET H 83 -35.98 24.14 21.95
CA MET H 83 -37.27 24.63 21.45
C MET H 83 -37.07 25.39 20.13
N ASN H 84 -37.85 25.08 19.10
CA ASN H 84 -37.76 25.74 17.82
C ASN H 84 -38.98 26.62 17.50
N ILE H 85 -40.14 26.24 18.00
CA ILE H 85 -41.39 26.97 17.75
C ILE H 85 -42.12 27.15 19.06
N ALA H 86 -42.54 28.38 19.36
CA ALA H 86 -43.28 28.71 20.56
C ALA H 86 -44.77 28.75 20.15
N ARG H 87 -45.60 27.87 20.71
CA ARG H 87 -47.00 27.82 20.39
C ARG H 87 -47.82 28.63 21.41
N LEU H 88 -48.64 29.54 20.90
CA LEU H 88 -49.58 30.36 21.67
C LEU H 88 -50.96 29.73 21.51
N ASN H 89 -51.49 29.14 22.59
CA ASN H 89 -52.79 28.50 22.53
C ASN H 89 -53.89 29.50 22.85
N PHE H 90 -54.54 30.02 21.80
CA PHE H 90 -55.60 31.03 21.92
C PHE H 90 -56.93 30.47 22.50
N SER H 91 -56.95 29.17 22.86
CA SER H 91 -58.04 28.61 23.63
C SER H 91 -57.98 29.16 25.07
N HIS H 92 -56.82 29.59 25.56
CA HIS H 92 -56.60 30.14 26.89
C HIS H 92 -56.11 31.59 26.76
N GLY H 93 -56.28 32.38 27.79
CA GLY H 93 -55.73 33.72 27.85
C GLY H 93 -56.36 34.75 26.95
N SER H 94 -56.07 36.00 27.23
CA SER H 94 -56.58 37.10 26.43
C SER H 94 -55.51 37.54 25.40
N HIS H 95 -55.86 38.49 24.53
CA HIS H 95 -54.94 39.11 23.60
C HIS H 95 -53.79 39.75 24.34
N GLU H 96 -54.04 40.37 25.49
CA GLU H 96 -53.00 40.96 26.32
C GLU H 96 -52.03 39.90 26.80
N TYR H 97 -52.55 38.74 27.21
CA TYR H 97 -51.71 37.66 27.70
C TYR H 97 -50.79 37.19 26.55
N HIS H 98 -51.35 36.93 25.38
CA HIS H 98 -50.58 36.44 24.24
C HIS H 98 -49.56 37.47 23.72
N ALA H 99 -49.87 38.76 23.83
CA ALA H 99 -48.91 39.81 23.44
C ALA H 99 -47.71 39.82 24.38
N GLU H 100 -47.93 39.60 25.69
CA GLU H 100 -46.84 39.51 26.66
C GLU H 100 -45.96 38.25 26.39
N SER H 101 -46.58 37.10 26.05
CA SER H 101 -45.85 35.84 25.72
C SER H 101 -44.92 36.10 24.50
N ILE H 102 -45.47 36.75 23.47
CA ILE H 102 -44.74 37.07 22.25
C ILE H 102 -43.55 37.94 22.56
N ALA H 103 -43.77 39.02 23.37
CA ALA H 103 -42.69 39.91 23.76
C ALA H 103 -41.59 39.16 24.51
N ASN H 104 -41.95 38.25 25.45
CA ASN H 104 -40.95 37.52 26.23
C ASN H 104 -40.17 36.55 25.35
N VAL H 105 -40.85 35.87 24.42
CA VAL H 105 -40.17 34.96 23.49
C VAL H 105 -39.16 35.76 22.65
N ARG H 106 -39.63 36.87 22.03
CA ARG H 106 -38.75 37.70 21.25
C ARG H 106 -37.58 38.24 22.04
N GLU H 107 -37.79 38.65 23.29
CA GLU H 107 -36.72 39.15 24.12
C GLU H 107 -35.69 38.05 24.40
N ALA H 108 -36.16 36.82 24.70
CA ALA H 108 -35.26 35.69 24.93
C ALA H 108 -34.47 35.31 23.67
N VAL H 109 -35.13 35.28 22.52
CA VAL H 109 -34.49 34.96 21.26
C VAL H 109 -33.43 35.99 20.89
N GLU H 110 -33.78 37.29 21.04
CA GLU H 110 -32.84 38.36 20.70
C GLU H 110 -31.70 38.52 21.68
N SER H 111 -31.77 37.91 22.87
CA SER H 111 -30.65 37.96 23.81
C SER H 111 -29.42 37.21 23.28
N PHE H 112 -29.57 36.37 22.24
CA PHE H 112 -28.47 35.66 21.63
C PHE H 112 -28.03 36.30 20.29
N ALA H 113 -28.65 37.40 19.86
CA ALA H 113 -28.33 38.08 18.59
C ALA H 113 -26.93 38.71 18.55
N GLY H 114 -26.34 38.99 19.72
CA GLY H 114 -25.00 39.52 19.84
C GLY H 114 -23.93 38.57 19.31
N SER H 115 -24.26 37.27 19.22
CA SER H 115 -23.39 36.24 18.65
C SER H 115 -24.12 35.67 17.42
N PRO H 116 -23.93 36.30 16.25
CA PRO H 116 -24.68 35.89 15.05
C PRO H 116 -24.44 34.47 14.53
N LEU H 117 -23.23 33.93 14.77
CA LEU H 117 -22.91 32.57 14.33
C LEU H 117 -23.65 31.49 15.13
N SER H 118 -24.17 31.81 16.33
CA SER H 118 -24.86 30.80 17.13
C SER H 118 -26.35 31.10 17.42
N TYR H 119 -26.84 32.28 16.99
CA TYR H 119 -28.21 32.77 17.16
C TYR H 119 -29.23 31.75 16.63
N ARG H 120 -30.25 31.43 17.42
CA ARG H 120 -31.29 30.49 17.01
C ARG H 120 -32.65 31.17 16.85
N PRO H 121 -33.15 31.27 15.62
CA PRO H 121 -34.51 31.82 15.43
C PRO H 121 -35.56 30.87 16.01
N VAL H 122 -36.66 31.43 16.50
CA VAL H 122 -37.76 30.67 17.09
C VAL H 122 -39.04 31.19 16.47
N ALA H 123 -39.80 30.31 15.82
CA ALA H 123 -41.04 30.74 15.21
C ALA H 123 -42.11 30.94 16.27
N ILE H 124 -43.12 31.76 15.96
CA ILE H 124 -44.23 31.99 16.86
C ILE H 124 -45.46 31.49 16.13
N ALA H 125 -46.13 30.52 16.74
CA ALA H 125 -47.31 29.93 16.14
C ALA H 125 -48.52 30.23 16.97
N LEU H 126 -49.60 30.60 16.30
CA LEU H 126 -50.85 30.93 16.96
C LEU H 126 -51.78 29.74 16.74
N ASP H 127 -52.22 29.09 17.80
CA ASP H 127 -53.13 27.97 17.71
C ASP H 127 -54.52 28.55 18.01
N THR H 128 -55.43 28.50 17.03
CA THR H 128 -56.76 29.08 17.21
C THR H 128 -57.66 28.29 18.18
N LYS H 129 -58.68 28.98 18.73
CA LYS H 129 -59.69 28.44 19.63
C LYS H 129 -60.57 27.41 18.89
N GLY H 130 -60.89 27.68 17.64
CA GLY H 130 -61.69 26.77 16.85
C GLY H 130 -63.14 27.19 16.65
N PRO H 131 -63.86 26.41 15.81
CA PRO H 131 -65.24 26.74 15.49
C PRO H 131 -66.28 26.53 16.58
N GLY H 132 -66.03 25.61 17.50
CA GLY H 132 -67.00 25.28 18.54
C GLY H 132 -68.23 24.64 17.92
N SER H 133 -69.42 25.12 18.30
CA SER H 133 -70.69 24.64 17.76
C SER H 133 -70.98 25.11 16.32
N GLY H 134 -70.29 26.16 15.87
CA GLY H 134 -70.50 26.72 14.54
C GLY H 134 -69.96 25.86 13.41
N PRO H 135 -70.44 26.11 12.17
CA PRO H 135 -70.01 25.28 11.05
C PRO H 135 -68.66 25.65 10.39
N GLY H 136 -68.15 26.83 10.70
CA GLY H 136 -66.90 27.30 10.10
C GLY H 136 -66.16 28.32 10.94
N LEU H 137 -65.58 29.35 10.28
CA LEU H 137 -64.79 30.34 11.01
C LEU H 137 -65.59 31.24 11.98
N SER H 138 -65.28 31.15 13.27
CA SER H 138 -65.93 31.91 14.33
C SER H 138 -65.52 33.39 14.34
N GLU H 139 -66.28 34.23 15.03
CA GLU H 139 -65.94 35.65 15.15
C GLU H 139 -64.71 35.86 16.03
N GLN H 140 -64.53 35.03 17.06
CA GLN H 140 -63.35 35.12 17.91
C GLN H 140 -62.10 34.70 17.11
N ASP H 141 -62.19 33.66 16.27
CA ASP H 141 -61.05 33.26 15.43
C ASP H 141 -60.67 34.40 14.47
N VAL H 142 -61.64 35.14 13.92
CA VAL H 142 -61.33 36.29 13.05
C VAL H 142 -60.55 37.36 13.81
N ARG H 143 -60.96 37.66 15.04
CA ARG H 143 -60.25 38.65 15.86
C ARG H 143 -58.88 38.17 16.25
N ASP H 144 -58.75 36.89 16.61
CA ASP H 144 -57.47 36.29 17.00
C ASP H 144 -56.50 36.24 15.83
N LEU H 145 -56.98 35.87 14.64
CA LEU H 145 -56.15 35.84 13.44
C LEU H 145 -55.66 37.22 13.10
N ARG H 146 -56.53 38.28 13.24
CA ARG H 146 -56.05 39.62 12.93
CA ARG H 146 -56.12 39.66 12.98
C ARG H 146 -55.05 40.08 13.99
N PHE H 147 -55.16 39.61 15.26
CA PHE H 147 -54.17 39.90 16.29
C PHE H 147 -52.81 39.30 15.85
N GLY H 148 -52.83 38.08 15.33
CA GLY H 148 -51.64 37.38 14.87
C GLY H 148 -50.93 38.13 13.76
N VAL H 149 -51.69 38.63 12.79
CA VAL H 149 -51.12 39.44 11.70
C VAL H 149 -50.47 40.72 12.27
N GLU H 150 -51.19 41.43 13.15
CA GLU H 150 -50.70 42.66 13.76
C GLU H 150 -49.48 42.43 14.61
N HIS H 151 -49.34 41.25 15.25
CA HIS H 151 -48.18 40.94 16.06
C HIS H 151 -47.09 40.14 15.36
N GLY H 152 -47.23 39.96 14.05
CA GLY H 152 -46.24 39.29 13.21
C GLY H 152 -45.99 37.82 13.49
N VAL H 153 -47.05 37.04 13.78
CA VAL H 153 -46.85 35.59 14.00
C VAL H 153 -46.42 34.93 12.69
N ASP H 154 -45.72 33.82 12.79
CA ASP H 154 -45.17 33.15 11.60
C ASP H 154 -46.10 32.07 11.08
N ILE H 155 -46.79 31.38 11.99
CA ILE H 155 -47.61 30.22 11.66
C ILE H 155 -48.94 30.29 12.36
N VAL H 156 -49.96 29.71 11.75
CA VAL H 156 -51.26 29.56 12.35
C VAL H 156 -51.54 28.03 12.40
N PHE H 157 -51.85 27.49 13.58
CA PHE H 157 -52.26 26.10 13.71
C PHE H 157 -53.78 26.24 13.77
N ALA H 158 -54.46 25.99 12.65
CA ALA H 158 -55.90 26.20 12.56
C ALA H 158 -56.68 25.01 13.13
N SER H 159 -57.39 25.24 14.25
CA SER H 159 -58.14 24.19 14.91
C SER H 159 -59.35 23.68 14.13
N PHE H 160 -59.64 22.39 14.30
CA PHE H 160 -60.76 21.68 13.73
C PHE H 160 -61.04 21.95 12.25
N VAL H 161 -60.02 21.80 11.39
CA VAL H 161 -60.20 22.00 9.94
C VAL H 161 -60.90 20.76 9.42
N ARG H 162 -62.07 20.95 8.78
CA ARG H 162 -62.90 19.85 8.27
C ARG H 162 -63.01 19.78 6.74
N LYS H 163 -62.61 20.87 6.07
CA LYS H 163 -62.71 20.94 4.62
C LYS H 163 -61.83 22.06 4.07
N ALA H 164 -61.60 22.07 2.77
CA ALA H 164 -60.76 23.08 2.14
C ALA H 164 -61.29 24.50 2.37
N SER H 165 -62.62 24.69 2.41
CA SER H 165 -63.19 26.02 2.61
C SER H 165 -62.88 26.62 3.98
N ASP H 166 -62.56 25.77 4.99
CA ASP H 166 -62.13 26.22 6.32
C ASP H 166 -60.77 26.90 6.22
N VAL H 167 -59.86 26.36 5.37
CA VAL H 167 -58.53 26.91 5.18
C VAL H 167 -58.65 28.23 4.43
N ALA H 168 -59.52 28.29 3.42
CA ALA H 168 -59.77 29.53 2.66
C ALA H 168 -60.32 30.61 3.58
N ALA H 169 -61.21 30.26 4.54
CA ALA H 169 -61.73 31.24 5.50
C ALA H 169 -60.61 31.80 6.40
N VAL H 170 -59.65 30.94 6.84
CA VAL H 170 -58.52 31.38 7.66
C VAL H 170 -57.63 32.29 6.83
N ARG H 171 -57.35 31.89 5.57
N ARG H 171 -57.35 31.89 5.57
CA ARG H 171 -56.52 32.68 4.66
CA ARG H 171 -56.51 32.71 4.70
C ARG H 171 -57.13 34.09 4.42
C ARG H 171 -57.14 34.11 4.46
N ALA H 172 -58.45 34.17 4.23
CA ALA H 172 -59.17 35.43 4.02
C ALA H 172 -59.09 36.28 5.30
N ALA H 173 -59.25 35.66 6.49
CA ALA H 173 -59.17 36.37 7.75
C ALA H 173 -57.77 36.92 8.07
N LEU H 174 -56.72 36.37 7.46
CA LEU H 174 -55.37 36.89 7.64
C LEU H 174 -55.12 38.16 6.80
N GLY H 175 -55.93 38.38 5.76
CA GLY H 175 -55.87 39.57 4.91
C GLY H 175 -54.63 39.68 4.06
N PRO H 176 -54.45 40.85 3.42
CA PRO H 176 -53.28 41.03 2.55
C PRO H 176 -51.96 41.12 3.30
N GLU H 177 -51.97 41.64 4.54
CA GLU H 177 -50.72 41.75 5.29
C GLU H 177 -50.22 40.40 5.90
N GLY H 178 -51.05 39.36 5.87
CA GLY H 178 -50.67 38.05 6.38
C GLY H 178 -50.47 37.01 5.31
N HIS H 179 -50.12 37.43 4.07
CA HIS H 179 -49.90 36.52 2.94
CA HIS H 179 -49.89 36.53 2.93
C HIS H 179 -48.74 35.55 3.17
N GLY H 180 -47.74 35.97 3.91
CA GLY H 180 -46.59 35.12 4.21
C GLY H 180 -46.76 34.17 5.38
N ILE H 181 -47.86 34.26 6.16
CA ILE H 181 -48.07 33.37 7.31
C ILE H 181 -48.42 31.95 6.84
N LYS H 182 -47.78 30.92 7.44
CA LYS H 182 -48.04 29.54 7.07
C LYS H 182 -49.27 29.03 7.78
N ILE H 183 -50.14 28.31 7.10
CA ILE H 183 -51.34 27.75 7.73
C ILE H 183 -51.18 26.26 7.84
N ILE H 184 -51.11 25.76 9.07
CA ILE H 184 -50.98 24.32 9.36
C ILE H 184 -52.34 23.88 9.84
N SER H 185 -53.03 23.05 9.07
CA SER H 185 -54.37 22.62 9.43
C SER H 185 -54.36 21.50 10.45
N LYS H 186 -55.07 21.70 11.58
CA LYS H 186 -55.19 20.66 12.60
C LYS H 186 -56.32 19.71 12.23
N ILE H 187 -56.01 18.41 12.11
CA ILE H 187 -57.00 17.40 11.80
C ILE H 187 -57.41 16.80 13.13
N GLU H 188 -58.66 17.07 13.57
CA GLU H 188 -59.09 16.64 14.89
C GLU H 188 -60.34 15.81 14.94
N ASN H 189 -60.92 15.46 13.79
CA ASN H 189 -62.17 14.68 13.80
C ASN H 189 -62.30 13.79 12.57
N HIS H 190 -63.37 12.96 12.51
CA HIS H 190 -63.58 12.06 11.41
C HIS H 190 -63.64 12.79 10.06
N GLU H 191 -64.38 13.90 9.98
CA GLU H 191 -64.50 14.66 8.71
C GLU H 191 -63.16 15.13 8.18
N GLY H 192 -62.32 15.69 9.05
CA GLY H 192 -60.97 16.13 8.67
C GLY H 192 -60.13 15.00 8.12
N VAL H 193 -60.24 13.80 8.71
CA VAL H 193 -59.51 12.62 8.23
C VAL H 193 -60.03 12.19 6.87
N LYS H 194 -61.35 12.15 6.70
CA LYS H 194 -61.94 11.78 5.41
C LYS H 194 -61.71 12.78 4.29
N ARG H 195 -61.68 14.05 4.60
CA ARG H 195 -61.41 15.09 3.61
C ARG H 195 -59.97 15.57 3.63
N PHE H 196 -59.03 14.71 4.13
CA PHE H 196 -57.61 15.01 4.27
C PHE H 196 -56.96 15.52 2.98
N ASP H 197 -57.16 14.83 1.86
CA ASP H 197 -56.50 15.24 0.61
C ASP H 197 -56.83 16.64 0.16
N GLU H 198 -58.13 17.03 0.21
CA GLU H 198 -58.54 18.38 -0.16
C GLU H 198 -57.99 19.43 0.82
N ILE H 199 -57.88 19.07 2.11
CA ILE H 199 -57.34 19.99 3.12
C ILE H 199 -55.82 20.16 2.90
N LEU H 200 -55.09 19.05 2.71
CA LEU H 200 -53.64 19.10 2.51
C LEU H 200 -53.28 19.91 1.25
N GLU H 201 -54.07 19.75 0.18
CA GLU H 201 -53.85 20.48 -1.06
C GLU H 201 -53.80 22.00 -0.88
N VAL H 202 -54.64 22.56 -0.03
CA VAL H 202 -54.69 24.02 0.20
C VAL H 202 -53.96 24.50 1.46
N SER H 203 -53.44 23.59 2.28
CA SER H 203 -52.74 23.97 3.51
C SER H 203 -51.24 23.96 3.26
N ASP H 204 -50.51 24.65 4.13
CA ASP H 204 -49.05 24.62 4.08
C ASP H 204 -48.49 23.35 4.76
N GLY H 205 -49.28 22.75 5.65
CA GLY H 205 -48.95 21.56 6.40
C GLY H 205 -50.10 21.09 7.26
N ILE H 206 -49.85 20.03 8.06
CA ILE H 206 -50.88 19.44 8.87
C ILE H 206 -50.41 19.21 10.31
N MET H 207 -51.33 19.24 11.25
CA MET H 207 -51.05 18.84 12.62
C MET H 207 -51.98 17.69 12.93
N VAL H 208 -51.44 16.56 13.39
CA VAL H 208 -52.24 15.41 13.84
C VAL H 208 -52.58 15.76 15.29
N ALA H 209 -53.76 16.34 15.52
CA ALA H 209 -54.18 16.81 16.84
C ALA H 209 -54.86 15.65 17.57
N ARG H 210 -54.04 14.77 18.18
CA ARG H 210 -54.47 13.51 18.78
C ARG H 210 -55.41 13.63 19.98
N GLY H 211 -55.38 14.76 20.69
CA GLY H 211 -56.27 14.98 21.82
C GLY H 211 -57.74 14.89 21.43
N ASP H 212 -58.17 15.81 20.55
CA ASP H 212 -59.51 15.79 20.05
C ASP H 212 -59.77 14.60 19.16
N LEU H 213 -58.81 14.21 18.33
CA LEU H 213 -58.97 13.06 17.45
C LEU H 213 -59.30 11.77 18.23
N GLY H 214 -58.65 11.58 19.37
CA GLY H 214 -58.87 10.42 20.23
C GLY H 214 -60.21 10.41 20.96
N ILE H 215 -60.95 11.53 20.95
CA ILE H 215 -62.30 11.53 21.50
C ILE H 215 -63.34 11.64 20.36
N GLU H 216 -62.96 12.07 19.13
CA GLU H 216 -63.84 12.14 17.97
C GLU H 216 -63.94 10.78 17.26
N ILE H 217 -62.84 10.03 17.23
CA ILE H 217 -62.79 8.70 16.66
C ILE H 217 -62.36 7.71 17.78
N PRO H 218 -62.57 6.39 17.62
CA PRO H 218 -62.12 5.44 18.67
C PRO H 218 -60.64 5.62 18.95
N ALA H 219 -60.25 5.64 20.22
CA ALA H 219 -58.87 5.85 20.65
C ALA H 219 -57.88 4.90 19.96
N GLU H 220 -58.29 3.66 19.75
CA GLU H 220 -57.46 2.63 19.14
C GLU H 220 -57.24 2.83 17.65
N LYS H 221 -57.90 3.80 17.00
CA LYS H 221 -57.70 4.07 15.59
C LYS H 221 -56.83 5.31 15.34
N VAL H 222 -56.48 6.09 16.38
CA VAL H 222 -55.68 7.31 16.21
C VAL H 222 -54.34 7.02 15.53
N PHE H 223 -53.65 5.92 15.91
CA PHE H 223 -52.37 5.60 15.29
C PHE H 223 -52.47 5.43 13.77
N LEU H 224 -53.62 4.92 13.28
CA LEU H 224 -53.81 4.72 11.85
C LEU H 224 -53.92 6.08 11.17
N ALA H 225 -54.68 7.03 11.78
CA ALA H 225 -54.84 8.37 11.24
C ALA H 225 -53.48 9.09 11.25
N GLN H 226 -52.72 8.97 12.34
CA GLN H 226 -51.40 9.57 12.46
C GLN H 226 -50.47 9.06 11.35
N LYS H 227 -50.34 7.74 11.19
CA LYS H 227 -49.45 7.15 10.20
C LYS H 227 -49.86 7.48 8.78
N MET H 228 -51.17 7.51 8.50
CA MET H 228 -51.70 7.86 7.18
C MET H 228 -51.37 9.34 6.84
N MET H 229 -51.64 10.25 7.76
CA MET H 229 -51.39 11.66 7.55
C MET H 229 -49.91 11.98 7.43
N ILE H 230 -49.06 11.35 8.25
CA ILE H 230 -47.63 11.56 8.13
C ILE H 230 -47.11 11.07 6.78
N GLY H 231 -47.53 9.88 6.35
CA GLY H 231 -47.13 9.33 5.06
C GLY H 231 -47.55 10.23 3.90
N ARG H 232 -48.81 10.70 3.90
CA ARG H 232 -49.30 11.58 2.85
C ARG H 232 -48.60 12.91 2.82
N CYS H 233 -48.28 13.48 3.98
CA CYS H 233 -47.54 14.75 4.03
C CYS H 233 -46.14 14.55 3.51
N ASN H 234 -45.50 13.42 3.86
CA ASN H 234 -44.17 13.08 3.37
C ASN H 234 -44.17 12.97 1.85
N LEU H 235 -45.19 12.32 1.31
CA LEU H 235 -45.37 12.15 -0.13
C LEU H 235 -45.55 13.54 -0.81
N ALA H 236 -46.35 14.43 -0.19
CA ALA H 236 -46.60 15.78 -0.70
C ALA H 236 -45.47 16.76 -0.45
N GLY H 237 -44.48 16.40 0.36
CA GLY H 237 -43.41 17.32 0.70
C GLY H 237 -43.88 18.49 1.56
N LYS H 238 -44.87 18.24 2.45
CA LYS H 238 -45.42 19.30 3.31
C LYS H 238 -45.24 18.97 4.76
N PRO H 239 -44.97 19.98 5.62
CA PRO H 239 -44.75 19.68 7.04
C PRO H 239 -45.89 18.99 7.77
N VAL H 240 -45.55 18.04 8.67
CA VAL H 240 -46.55 17.37 9.49
C VAL H 240 -46.06 17.40 10.92
N VAL H 241 -46.97 17.83 11.84
CA VAL H 241 -46.67 17.92 13.27
C VAL H 241 -47.38 16.80 14.00
N CYS H 242 -46.67 16.06 14.89
CA CYS H 242 -47.34 15.07 15.73
C CYS H 242 -47.55 15.77 17.07
N ALA H 243 -48.79 15.79 17.54
CA ALA H 243 -49.10 16.52 18.77
C ALA H 243 -49.90 15.74 19.80
N THR H 244 -49.79 16.16 21.09
CA THR H 244 -50.61 15.87 22.28
C THR H 244 -50.27 14.58 23.02
N GLN H 245 -50.01 14.75 24.34
CA GLN H 245 -49.71 13.71 25.32
C GLN H 245 -48.50 12.88 25.00
N MET H 246 -47.55 13.44 24.24
CA MET H 246 -46.33 12.73 23.89
C MET H 246 -45.52 12.40 25.11
N LEU H 247 -45.38 13.34 26.05
CA LEU H 247 -44.64 13.14 27.31
C LEU H 247 -45.52 13.61 28.48
N GLU H 248 -46.82 13.32 28.43
CA GLU H 248 -47.81 13.76 29.41
C GLU H 248 -47.40 13.64 30.89
N SER H 249 -46.85 12.48 31.28
CA SER H 249 -46.47 12.24 32.66
C SER H 249 -45.42 13.22 33.15
N MET H 250 -44.61 13.83 32.23
CA MET H 250 -43.61 14.86 32.58
C MET H 250 -44.23 16.20 33.02
N ILE H 251 -45.56 16.31 33.01
CA ILE H 251 -46.21 17.50 33.59
C ILE H 251 -45.94 17.50 35.14
N THR H 252 -45.97 16.30 35.76
CA THR H 252 -45.76 16.18 37.20
C THR H 252 -44.51 15.38 37.58
N LYS H 253 -44.00 14.49 36.71
CA LYS H 253 -42.85 13.66 37.04
C LYS H 253 -41.59 14.02 36.28
N PRO H 254 -40.40 13.83 36.88
CA PRO H 254 -39.15 14.23 36.18
C PRO H 254 -38.72 13.36 34.99
N ARG H 255 -39.27 12.15 34.89
CA ARG H 255 -38.94 11.21 33.82
C ARG H 255 -40.23 10.67 33.19
N PRO H 256 -40.24 10.45 31.88
CA PRO H 256 -41.45 9.93 31.22
C PRO H 256 -41.60 8.41 31.36
N THR H 257 -42.78 7.89 30.99
CA THR H 257 -43.04 6.46 30.99
C THR H 257 -42.39 5.83 29.75
N ARG H 258 -42.32 4.51 29.71
CA ARG H 258 -41.76 3.79 28.57
C ARG H 258 -42.62 3.96 27.33
N ALA H 259 -43.94 4.10 27.49
CA ALA H 259 -44.84 4.34 26.37
C ALA H 259 -44.61 5.73 25.75
N GLU H 260 -44.28 6.71 26.56
CA GLU H 260 -44.05 8.07 26.13
C GLU H 260 -42.79 8.22 25.31
N THR H 261 -41.66 7.62 25.76
CA THR H 261 -40.44 7.70 24.95
C THR H 261 -40.63 6.96 23.62
N SER H 262 -41.32 5.84 23.66
CA SER H 262 -41.62 5.04 22.51
C SER H 262 -42.48 5.84 21.52
N ASP H 263 -43.51 6.55 22.00
CA ASP H 263 -44.38 7.38 21.20
C ASP H 263 -43.59 8.47 20.47
N VAL H 264 -42.66 9.17 21.17
CA VAL H 264 -41.86 10.21 20.55
C VAL H 264 -40.97 9.58 19.45
N ALA H 265 -40.31 8.46 19.74
CA ALA H 265 -39.44 7.81 18.81
C ALA H 265 -40.19 7.33 17.57
N ASN H 266 -41.39 6.77 17.78
CA ASN H 266 -42.21 6.28 16.69
C ASN H 266 -42.76 7.41 15.85
N ALA H 267 -43.04 8.59 16.41
CA ALA H 267 -43.52 9.74 15.61
C ALA H 267 -42.39 10.18 14.65
N VAL H 268 -41.14 10.21 15.12
CA VAL H 268 -40.00 10.55 14.29
C VAL H 268 -39.77 9.47 13.23
N LEU H 269 -39.83 8.19 13.62
CA LEU H 269 -39.68 7.09 12.68
C LEU H 269 -40.81 7.08 11.66
N ASP H 270 -42.03 7.48 12.04
CA ASP H 270 -43.18 7.58 11.12
C ASP H 270 -42.91 8.60 10.02
N GLY H 271 -42.16 9.67 10.33
CA GLY H 271 -41.82 10.71 9.38
C GLY H 271 -42.28 12.11 9.77
N ALA H 272 -42.63 12.33 11.07
CA ALA H 272 -43.08 13.64 11.50
C ALA H 272 -41.98 14.67 11.36
N ASP H 273 -42.29 15.88 10.87
CA ASP H 273 -41.31 16.94 10.77
C ASP H 273 -41.13 17.59 12.13
N CYS H 274 -42.25 17.75 12.89
CA CYS H 274 -42.27 18.38 14.20
C CYS H 274 -42.91 17.50 15.23
N ILE H 275 -42.49 17.67 16.48
CA ILE H 275 -43.11 17.02 17.62
C ILE H 275 -43.50 18.16 18.59
N MET H 276 -44.60 17.98 19.31
CA MET H 276 -45.13 19.03 20.14
C MET H 276 -45.26 18.67 21.61
N LEU H 277 -45.14 19.69 22.46
CA LEU H 277 -45.34 19.65 23.90
C LEU H 277 -46.46 20.68 24.18
N SER H 278 -47.50 20.25 24.90
CA SER H 278 -48.64 21.09 25.24
C SER H 278 -48.55 21.38 26.74
N GLY H 279 -49.22 20.59 27.58
CA GLY H 279 -49.19 20.80 29.02
C GLY H 279 -47.81 20.68 29.61
N GLU H 280 -46.98 19.82 29.02
CA GLU H 280 -45.59 19.57 29.44
C GLU H 280 -44.78 20.85 29.53
N THR H 281 -45.01 21.84 28.59
CA THR H 281 -44.28 23.11 28.66
C THR H 281 -45.18 24.28 29.11
N ALA H 282 -46.50 24.20 28.86
CA ALA H 282 -47.40 25.30 29.24
C ALA H 282 -47.64 25.39 30.75
N LYS H 283 -47.80 24.25 31.45
CA LYS H 283 -48.15 24.32 32.86
C LYS H 283 -47.45 23.34 33.80
N GLY H 284 -46.58 22.47 33.29
CA GLY H 284 -45.94 21.47 34.13
C GLY H 284 -44.76 21.97 34.92
N ASN H 285 -44.21 21.12 35.77
CA ASN H 285 -43.03 21.48 36.57
C ASN H 285 -41.69 21.13 35.87
N PHE H 286 -41.72 20.56 34.68
CA PHE H 286 -40.48 20.20 34.00
C PHE H 286 -40.46 20.70 32.54
N PRO H 287 -40.77 22.00 32.26
CA PRO H 287 -40.77 22.43 30.86
C PRO H 287 -39.45 22.24 30.13
N VAL H 288 -38.33 22.60 30.77
CA VAL H 288 -37.02 22.48 30.16
C VAL H 288 -36.64 21.02 29.95
N GLU H 289 -36.93 20.18 30.95
CA GLU H 289 -36.59 18.76 30.86
C GLU H 289 -37.43 18.09 29.79
N ALA H 290 -38.70 18.53 29.59
CA ALA H 290 -39.57 17.92 28.59
C ALA H 290 -39.00 18.20 27.18
N VAL H 291 -38.42 19.40 26.96
CA VAL H 291 -37.79 19.79 25.71
C VAL H 291 -36.52 18.95 25.54
N LYS H 292 -35.71 18.84 26.60
CA LYS H 292 -34.48 18.04 26.56
C LYS H 292 -34.77 16.58 26.25
N MET H 293 -35.83 16.02 26.79
CA MET H 293 -36.22 14.62 26.56
C MET H 293 -36.60 14.43 25.10
N GLN H 294 -37.43 15.33 24.56
CA GLN H 294 -37.80 15.25 23.14
C GLN H 294 -36.59 15.38 22.23
N HIS H 295 -35.66 16.26 22.58
CA HIS H 295 -34.42 16.43 21.85
C HIS H 295 -33.61 15.12 21.84
N ALA H 296 -33.43 14.50 23.01
CA ALA H 296 -32.65 13.28 23.14
C ALA H 296 -33.24 12.12 22.37
N ILE H 297 -34.56 11.91 22.47
CA ILE H 297 -35.23 10.84 21.75
C ILE H 297 -35.19 11.07 20.24
N ALA H 298 -35.49 12.29 19.78
CA ALA H 298 -35.48 12.59 18.34
C ALA H 298 -34.11 12.32 17.70
N ARG H 299 -33.00 12.69 18.36
CA ARG H 299 -31.67 12.41 17.84
C ARG H 299 -31.44 10.91 17.68
N GLU H 300 -31.88 10.09 18.67
CA GLU H 300 -31.73 8.65 18.59
C GLU H 300 -32.57 8.08 17.47
N ALA H 301 -33.82 8.53 17.36
CA ALA H 301 -34.76 8.02 16.38
C ALA H 301 -34.38 8.39 14.97
N GLU H 302 -33.81 9.58 14.75
CA GLU H 302 -33.38 10.01 13.41
C GLU H 302 -32.24 9.16 12.88
N ALA H 303 -31.29 8.73 13.75
CA ALA H 303 -30.21 7.86 13.28
C ALA H 303 -30.75 6.47 12.92
N ALA H 304 -31.86 6.04 13.57
CA ALA H 304 -32.47 4.74 13.33
C ALA H 304 -33.38 4.70 12.10
N VAL H 305 -33.59 5.83 11.41
CA VAL H 305 -34.41 5.86 10.21
C VAL H 305 -33.70 5.01 9.12
N TYR H 306 -34.46 4.16 8.42
CA TYR H 306 -33.87 3.30 7.38
C TYR H 306 -33.85 4.06 6.06
N HIS H 307 -32.90 5.00 5.91
CA HIS H 307 -32.80 5.88 4.73
C HIS H 307 -32.74 5.14 3.40
N ARG H 308 -32.12 3.96 3.35
CA ARG H 308 -32.01 3.20 2.10
C ARG H 308 -33.38 2.95 1.48
N GLN H 309 -34.35 2.47 2.27
CA GLN H 309 -35.70 2.25 1.75
C GLN H 309 -36.44 3.58 1.61
N LEU H 310 -36.31 4.47 2.60
CA LEU H 310 -36.98 5.77 2.58
C LEU H 310 -36.67 6.61 1.35
N PHE H 311 -35.39 6.82 1.02
CA PHE H 311 -34.99 7.61 -0.15
C PHE H 311 -35.47 6.95 -1.44
N GLU H 312 -35.36 5.62 -1.53
CA GLU H 312 -35.82 4.84 -2.68
C GLU H 312 -37.32 5.04 -2.89
N GLU H 313 -38.11 4.95 -1.83
CA GLU H 313 -39.54 5.13 -1.89
C GLU H 313 -39.96 6.56 -2.16
N LEU H 314 -39.27 7.56 -1.59
CA LEU H 314 -39.58 8.96 -1.88
C LEU H 314 -39.34 9.26 -3.36
N ARG H 315 -38.24 8.73 -3.96
CA ARG H 315 -38.00 9.02 -5.37
C ARG H 315 -38.96 8.22 -6.26
N ARG H 316 -39.28 6.96 -5.92
CA ARG H 316 -40.24 6.17 -6.70
C ARG H 316 -41.63 6.79 -6.67
N ALA H 317 -42.06 7.35 -5.53
CA ALA H 317 -43.39 7.93 -5.40
C ALA H 317 -43.52 9.32 -5.96
N ALA H 318 -42.45 10.12 -5.87
CA ALA H 318 -42.48 11.49 -6.38
C ALA H 318 -42.56 11.47 -7.90
N PRO H 319 -43.48 12.25 -8.46
CA PRO H 319 -43.58 12.31 -9.94
C PRO H 319 -42.40 13.10 -10.53
N LEU H 320 -42.16 12.92 -11.84
CA LEU H 320 -41.14 13.68 -12.55
C LEU H 320 -41.45 15.17 -12.45
N SER H 321 -40.42 16.00 -12.46
CA SER H 321 -40.61 17.42 -12.29
C SER H 321 -39.80 18.21 -13.25
N ARG H 322 -40.37 19.29 -13.72
CA ARG H 322 -39.64 20.23 -14.59
C ARG H 322 -39.27 21.53 -13.82
N ASP H 323 -39.36 21.52 -12.48
CA ASP H 323 -39.01 22.67 -11.68
C ASP H 323 -37.55 22.55 -11.30
N PRO H 324 -36.70 23.52 -11.70
CA PRO H 324 -35.26 23.41 -11.39
C PRO H 324 -34.91 23.29 -9.93
N THR H 325 -35.69 23.92 -9.03
CA THR H 325 -35.43 23.83 -7.60
C THR H 325 -35.62 22.38 -7.14
N GLU H 326 -36.70 21.73 -7.62
CA GLU H 326 -37.01 20.34 -7.30
C GLU H 326 -35.93 19.40 -7.87
N VAL H 327 -35.50 19.63 -9.12
CA VAL H 327 -34.47 18.84 -9.77
C VAL H 327 -33.12 18.98 -9.09
N THR H 328 -32.75 20.20 -8.68
CA THR H 328 -31.50 20.44 -7.97
C THR H 328 -31.54 19.81 -6.60
N ALA H 329 -32.68 19.88 -5.89
CA ALA H 329 -32.83 19.29 -4.56
C ALA H 329 -32.57 17.78 -4.56
N ILE H 330 -33.17 17.01 -5.51
CA ILE H 330 -32.92 15.57 -5.53
C ILE H 330 -31.46 15.24 -5.91
N GLY H 331 -30.87 16.02 -6.81
CA GLY H 331 -29.46 15.84 -7.17
C GLY H 331 -28.56 16.13 -5.98
N ALA H 332 -28.88 17.18 -5.19
CA ALA H 332 -28.08 17.53 -4.02
C ALA H 332 -28.19 16.48 -2.92
N VAL H 333 -29.37 15.90 -2.71
CA VAL H 333 -29.56 14.89 -1.67
C VAL H 333 -28.84 13.60 -2.09
N GLU H 334 -28.91 13.23 -3.38
CA GLU H 334 -28.20 12.07 -3.90
CA GLU H 334 -28.20 12.07 -3.90
C GLU H 334 -26.69 12.27 -3.72
N ALA H 335 -26.18 13.46 -4.02
CA ALA H 335 -24.77 13.78 -3.88
C ALA H 335 -24.35 13.73 -2.40
N ALA H 336 -25.19 14.26 -1.51
CA ALA H 336 -24.92 14.22 -0.06
C ALA H 336 -24.79 12.79 0.45
N PHE H 337 -25.70 11.87 0.03
CA PHE H 337 -25.64 10.47 0.44
C PHE H 337 -24.37 9.80 -0.10
N LYS H 338 -23.97 10.12 -1.33
CA LYS H 338 -22.80 9.52 -1.98
C LYS H 338 -21.51 9.75 -1.22
N CYS H 339 -21.34 10.95 -0.66
CA CYS H 339 -20.09 11.30 0.03
C CYS H 339 -20.22 11.44 1.52
N CYS H 340 -21.40 11.08 2.11
CA CYS H 340 -21.66 11.27 3.56
C CYS H 340 -21.39 12.71 3.94
N ALA H 341 -21.92 13.65 3.12
CA ALA H 341 -21.73 15.09 3.37
C ALA H 341 -22.19 15.45 4.79
N ALA H 342 -21.41 16.31 5.49
CA ALA H 342 -21.77 16.76 6.82
C ALA H 342 -23.03 17.67 6.76
N ALA H 343 -23.17 18.44 5.67
CA ALA H 343 -24.29 19.37 5.54
C ALA H 343 -24.58 19.70 4.07
N ILE H 344 -25.77 20.24 3.81
CA ILE H 344 -26.17 20.80 2.56
C ILE H 344 -26.43 22.28 2.92
N ILE H 345 -25.60 23.21 2.47
CA ILE H 345 -25.80 24.63 2.76
C ILE H 345 -26.61 25.20 1.62
N VAL H 346 -27.77 25.80 1.91
CA VAL H 346 -28.66 26.32 0.87
C VAL H 346 -29.03 27.78 1.13
N LEU H 347 -29.04 28.59 0.07
CA LEU H 347 -29.45 29.97 0.18
C LEU H 347 -30.93 30.00 -0.15
N THR H 348 -31.72 30.64 0.69
CA THR H 348 -33.17 30.68 0.47
C THR H 348 -33.77 32.02 0.90
N THR H 349 -34.76 32.52 0.13
CA THR H 349 -35.42 33.78 0.46
C THR H 349 -36.72 33.48 1.22
N THR H 350 -37.51 32.50 0.73
CA THR H 350 -38.79 32.13 1.32
C THR H 350 -38.73 30.82 2.13
N GLY H 351 -37.61 30.07 2.03
CA GLY H 351 -37.50 28.77 2.67
C GLY H 351 -37.80 27.61 1.75
N ARG H 352 -38.37 27.88 0.56
CA ARG H 352 -38.77 26.84 -0.37
C ARG H 352 -37.66 25.90 -0.81
N SER H 353 -36.45 26.41 -1.13
CA SER H 353 -35.34 25.54 -1.53
C SER H 353 -34.92 24.59 -0.42
N ALA H 354 -34.99 25.05 0.84
CA ALA H 354 -34.65 24.23 1.96
C ALA H 354 -35.75 23.14 2.14
N GLN H 355 -37.04 23.51 1.95
CA GLN H 355 -38.15 22.58 2.05
C GLN H 355 -38.03 21.46 1.02
N LEU H 356 -37.65 21.80 -0.24
CA LEU H 356 -37.52 20.79 -1.26
C LEU H 356 -36.34 19.84 -1.01
N LEU H 357 -35.32 20.29 -0.29
CA LEU H 357 -34.22 19.42 0.10
C LEU H 357 -34.74 18.46 1.19
N SER H 358 -35.42 19.04 2.19
CA SER H 358 -35.99 18.35 3.34
C SER H 358 -36.96 17.20 2.95
N ARG H 359 -37.75 17.36 1.87
CA ARG H 359 -38.71 16.32 1.46
C ARG H 359 -38.03 14.99 1.07
N TYR H 360 -36.73 15.03 0.70
CA TYR H 360 -36.01 13.79 0.36
C TYR H 360 -35.31 13.15 1.55
N ARG H 361 -35.49 13.73 2.74
CA ARG H 361 -34.97 13.23 3.99
C ARG H 361 -33.47 12.90 3.94
N PRO H 362 -32.61 13.88 3.63
CA PRO H 362 -31.16 13.61 3.67
C PRO H 362 -30.73 13.36 5.11
N ARG H 363 -29.67 12.57 5.24
CA ARG H 363 -29.04 12.37 6.52
C ARG H 363 -28.21 13.67 6.85
N ALA H 364 -27.67 14.37 5.84
CA ALA H 364 -26.91 15.62 6.01
C ALA H 364 -27.85 16.74 6.49
N ALA H 365 -27.37 17.58 7.42
CA ALA H 365 -28.15 18.69 7.93
C ALA H 365 -28.34 19.72 6.80
N VAL H 366 -29.53 20.33 6.67
CA VAL H 366 -29.75 21.35 5.66
C VAL H 366 -29.59 22.69 6.35
N ILE H 367 -28.45 23.34 6.19
CA ILE H 367 -28.20 24.65 6.80
C ILE H 367 -28.74 25.71 5.85
N ALA H 368 -29.86 26.35 6.22
CA ALA H 368 -30.50 27.33 5.34
C ALA H 368 -30.11 28.76 5.69
N VAL H 369 -29.38 29.43 4.80
CA VAL H 369 -28.95 30.81 5.02
C VAL H 369 -29.92 31.76 4.39
N THR H 370 -30.48 32.65 5.20
CA THR H 370 -31.49 33.59 4.68
C THR H 370 -31.38 34.94 5.33
N ARG H 371 -31.80 35.98 4.61
CA ARG H 371 -31.89 37.33 5.15
C ARG H 371 -33.29 37.60 5.72
N SER H 372 -34.29 36.76 5.37
CA SER H 372 -35.64 36.94 5.83
C SER H 372 -35.80 36.33 7.23
N ALA H 373 -36.06 37.18 8.24
CA ALA H 373 -36.26 36.72 9.61
C ALA H 373 -37.48 35.79 9.67
N GLN H 374 -38.55 36.11 8.92
CA GLN H 374 -39.74 35.26 8.92
C GLN H 374 -39.47 33.88 8.31
N ALA H 375 -38.75 33.84 7.18
CA ALA H 375 -38.39 32.55 6.57
C ALA H 375 -37.52 31.72 7.49
N ALA H 376 -36.58 32.35 8.18
CA ALA H 376 -35.70 31.66 9.12
C ALA H 376 -36.55 30.97 10.23
N ARG H 377 -37.60 31.64 10.70
CA ARG H 377 -38.46 31.08 11.71
C ARG H 377 -39.35 29.97 11.14
N GLN H 378 -39.92 30.19 9.96
CA GLN H 378 -40.81 29.23 9.35
C GLN H 378 -40.16 27.92 8.89
N VAL H 379 -38.87 27.94 8.46
CA VAL H 379 -38.26 26.68 7.99
C VAL H 379 -38.11 25.63 9.08
N HIS H 380 -38.37 26.00 10.37
CA HIS H 380 -38.37 25.04 11.45
C HIS H 380 -39.46 24.00 11.23
N LEU H 381 -40.49 24.30 10.43
CA LEU H 381 -41.54 23.33 10.12
C LEU H 381 -41.01 22.13 9.32
N CYS H 382 -39.86 22.27 8.64
CA CYS H 382 -39.29 21.24 7.78
C CYS H 382 -38.19 20.51 8.45
N ARG H 383 -38.32 19.19 8.57
CA ARG H 383 -37.31 18.37 9.22
C ARG H 383 -35.92 18.52 8.60
N GLY H 384 -34.94 18.69 9.48
CA GLY H 384 -33.56 18.74 9.06
C GLY H 384 -33.11 20.07 8.54
N VAL H 385 -33.92 21.14 8.73
CA VAL H 385 -33.50 22.45 8.26
C VAL H 385 -33.05 23.30 9.45
N PHE H 386 -31.81 23.78 9.43
CA PHE H 386 -31.20 24.59 10.48
C PHE H 386 -31.04 26.01 9.93
N PRO H 387 -31.97 26.91 10.30
CA PRO H 387 -31.94 28.26 9.72
C PRO H 387 -30.88 29.18 10.33
N LEU H 388 -30.20 29.94 9.46
CA LEU H 388 -29.23 30.91 9.89
C LEU H 388 -29.68 32.23 9.33
N LEU H 389 -29.94 33.19 10.19
CA LEU H 389 -30.34 34.51 9.75
C LEU H 389 -29.08 35.35 9.46
N TYR H 390 -28.92 35.79 8.23
CA TYR H 390 -27.80 36.60 7.81
C TYR H 390 -28.22 38.07 7.90
N ARG H 391 -27.45 38.88 8.60
CA ARG H 391 -27.82 40.27 8.84
C ARG H 391 -26.97 41.30 8.11
N GLU H 392 -25.85 40.89 7.52
CA GLU H 392 -24.98 41.80 6.78
C GLU H 392 -25.65 42.43 5.55
N PRO H 393 -25.35 43.71 5.28
CA PRO H 393 -25.93 44.35 4.10
C PRO H 393 -25.33 43.77 2.80
N PRO H 394 -26.13 43.73 1.72
CA PRO H 394 -25.63 43.16 0.46
C PRO H 394 -24.33 43.73 -0.09
N GLU H 395 -23.48 42.85 -0.65
CA GLU H 395 -22.29 43.25 -1.36
C GLU H 395 -22.75 43.85 -2.72
N ALA H 396 -21.93 44.72 -3.31
CA ALA H 396 -22.25 45.31 -4.62
C ALA H 396 -22.17 44.21 -5.71
N ILE H 397 -21.22 43.27 -5.58
CA ILE H 397 -21.12 42.16 -6.52
C ILE H 397 -21.93 40.96 -5.98
N TRP H 398 -22.97 40.58 -6.70
CA TRP H 398 -23.88 39.53 -6.28
C TRP H 398 -23.20 38.21 -6.02
N ALA H 399 -22.25 37.80 -6.87
CA ALA H 399 -21.52 36.55 -6.63
C ALA H 399 -20.75 36.57 -5.31
N ASP H 400 -20.22 37.75 -4.89
CA ASP H 400 -19.52 37.90 -3.63
C ASP H 400 -20.49 37.83 -2.45
N ASP H 401 -21.70 38.41 -2.61
CA ASP H 401 -22.73 38.37 -1.57
C ASP H 401 -23.17 36.92 -1.34
N VAL H 402 -23.29 36.14 -2.44
CA VAL H 402 -23.61 34.73 -2.37
C VAL H 402 -22.48 33.98 -1.64
N ASP H 403 -21.20 34.20 -2.02
CA ASP H 403 -20.06 33.56 -1.35
C ASP H 403 -19.99 33.90 0.14
N ARG H 404 -20.28 35.14 0.53
CA ARG H 404 -20.23 35.53 1.92
C ARG H 404 -21.27 34.79 2.74
N ARG H 405 -22.48 34.58 2.18
CA ARG H 405 -23.53 33.85 2.91
C ARG H 405 -23.17 32.39 3.06
N VAL H 406 -22.54 31.79 2.03
CA VAL H 406 -22.09 30.39 2.07
C VAL H 406 -21.01 30.27 3.15
N GLN H 407 -20.07 31.22 3.20
CA GLN H 407 -19.02 31.23 4.22
C GLN H 407 -19.58 31.45 5.61
N PHE H 408 -20.64 32.23 5.75
CA PHE H 408 -21.33 32.42 7.00
C PHE H 408 -21.95 31.09 7.46
N GLY H 409 -22.51 30.32 6.53
CA GLY H 409 -23.08 29.01 6.81
C GLY H 409 -22.02 28.03 7.24
N ILE H 410 -20.83 28.07 6.62
CA ILE H 410 -19.71 27.23 6.99
C ILE H 410 -19.17 27.60 8.38
N GLU H 411 -18.98 28.89 8.64
CA GLU H 411 -18.47 29.33 9.93
C GLU H 411 -19.43 29.00 11.06
N SER H 412 -20.76 29.15 10.83
CA SER H 412 -21.76 28.79 11.85
C SER H 412 -21.71 27.27 12.08
N GLY H 413 -21.60 26.50 11.00
CA GLY H 413 -21.54 25.05 11.11
C GLY H 413 -20.35 24.59 11.89
N LYS H 414 -19.18 25.23 11.66
CA LYS H 414 -17.95 24.89 12.38
C LYS H 414 -18.10 25.22 13.87
N LEU H 415 -18.61 26.41 14.19
CA LEU H 415 -18.82 26.84 15.57
C LEU H 415 -19.80 25.93 16.31
N ARG H 416 -20.87 25.50 15.63
CA ARG H 416 -21.89 24.68 16.26
C ARG H 416 -21.62 23.18 16.25
N GLY H 417 -20.52 22.74 15.66
CA GLY H 417 -20.19 21.33 15.66
C GLY H 417 -20.71 20.53 14.47
N PHE H 418 -21.43 21.18 13.53
CA PHE H 418 -21.91 20.49 12.33
C PHE H 418 -20.76 20.09 11.41
N LEU H 419 -19.76 20.96 11.29
CA LEU H 419 -18.68 20.80 10.34
C LEU H 419 -17.34 20.86 10.97
N ARG H 420 -16.39 20.27 10.28
CA ARG H 420 -14.97 20.25 10.63
C ARG H 420 -14.20 20.38 9.31
N VAL H 421 -12.94 20.85 9.37
CA VAL H 421 -12.03 20.93 8.24
C VAL H 421 -11.84 19.52 7.66
N GLY H 422 -11.96 19.39 6.35
CA GLY H 422 -11.89 18.10 5.68
C GLY H 422 -13.25 17.51 5.33
N ASP H 423 -14.33 18.06 5.91
CA ASP H 423 -15.68 17.59 5.61
C ASP H 423 -16.08 18.01 4.19
N LEU H 424 -17.00 17.26 3.59
CA LEU H 424 -17.55 17.62 2.29
C LEU H 424 -18.94 18.16 2.56
N VAL H 425 -19.31 19.26 1.91
CA VAL H 425 -20.67 19.80 2.00
C VAL H 425 -21.17 20.02 0.58
N ILE H 426 -22.47 20.01 0.44
CA ILE H 426 -23.14 20.29 -0.82
C ILE H 426 -23.66 21.72 -0.67
N VAL H 427 -23.37 22.60 -1.62
CA VAL H 427 -23.85 23.98 -1.55
C VAL H 427 -24.90 24.19 -2.64
N VAL H 428 -26.10 24.66 -2.28
CA VAL H 428 -27.21 24.83 -3.21
C VAL H 428 -27.54 26.30 -3.36
N THR H 429 -27.42 26.82 -4.58
CA THR H 429 -27.64 28.24 -4.86
C THR H 429 -28.45 28.40 -6.19
N GLY H 430 -28.72 29.65 -6.61
CA GLY H 430 -29.43 29.92 -7.86
C GLY H 430 -28.61 30.73 -8.84
N TRP H 431 -29.17 31.00 -10.02
CA TRP H 431 -28.43 31.71 -11.07
C TRP H 431 -28.66 33.25 -11.10
N ARG H 432 -29.63 33.75 -10.35
CA ARG H 432 -29.90 35.18 -10.26
C ARG H 432 -30.52 35.51 -8.89
N PRO H 433 -30.48 36.80 -8.45
CA PRO H 433 -31.15 37.14 -7.18
C PRO H 433 -32.68 36.92 -7.26
N GLY H 434 -33.31 36.90 -6.10
CA GLY H 434 -34.74 36.69 -5.98
C GLY H 434 -35.09 35.22 -5.82
N SER H 435 -36.24 34.98 -5.22
CA SER H 435 -36.81 33.67 -4.95
CA SER H 435 -36.75 33.63 -4.96
C SER H 435 -37.17 32.94 -6.24
N GLY H 436 -37.11 31.61 -6.24
CA GLY H 436 -37.54 30.79 -7.36
C GLY H 436 -36.53 30.37 -8.38
N TYR H 437 -35.25 30.75 -8.20
CA TYR H 437 -34.23 30.45 -9.21
C TYR H 437 -33.11 29.53 -8.78
N THR H 438 -33.32 28.68 -7.73
CA THR H 438 -32.32 27.69 -7.34
C THR H 438 -32.14 26.70 -8.50
N ASN H 439 -30.88 26.45 -8.88
CA ASN H 439 -30.61 25.53 -9.96
C ASN H 439 -29.18 25.00 -9.93
N ILE H 440 -28.37 25.32 -8.90
CA ILE H 440 -26.98 24.88 -8.86
C ILE H 440 -26.69 24.08 -7.60
N MET H 441 -25.92 23.01 -7.73
CA MET H 441 -25.43 22.28 -6.59
C MET H 441 -23.89 22.10 -6.78
N ARG H 442 -23.09 22.43 -5.75
CA ARG H 442 -21.63 22.31 -5.77
CA ARG H 442 -21.66 22.23 -5.83
C ARG H 442 -21.14 21.39 -4.65
N VAL H 443 -20.07 20.63 -4.91
CA VAL H 443 -19.44 19.77 -3.91
C VAL H 443 -18.23 20.54 -3.42
N LEU H 444 -18.22 20.86 -2.13
CA LEU H 444 -17.21 21.75 -1.53
C LEU H 444 -16.47 21.07 -0.39
N SER H 445 -15.16 21.20 -0.34
CA SER H 445 -14.35 20.64 0.73
C SER H 445 -14.13 21.73 1.76
N ILE H 446 -14.43 21.47 3.04
CA ILE H 446 -14.27 22.45 4.10
C ILE H 446 -12.81 22.65 4.44
N SER H 447 -12.36 23.90 4.38
CA SER H 447 -10.97 24.27 4.68
C SER H 447 -10.91 25.22 5.90
P1 FBP I . 55.69 32.82 27.65
O1P FBP I . 57.03 33.17 27.16
O2P FBP I . 54.59 33.68 27.06
O3P FBP I . 55.48 32.80 29.17
O1 FBP I . 55.42 31.32 27.13
C1 FBP I . 54.20 30.62 27.35
C2 FBP I . 54.19 29.49 26.28
O2 FBP I . 53.05 28.70 26.53
C3 FBP I . 55.51 28.68 26.26
O3 FBP I . 55.54 27.73 27.30
C4 FBP I . 55.46 28.09 24.87
O4 FBP I . 56.73 27.64 24.42
C5 FBP I . 55.02 29.31 24.09
O5 FBP I . 54.13 30.03 24.96
C6 FBP I . 54.35 29.01 22.77
O6 FBP I . 54.79 29.98 21.80
P2 FBP I . 54.83 29.57 20.28
O4P FBP I . 55.85 28.46 20.11
O5P FBP I . 55.32 30.77 19.53
O6P FBP I . 53.46 29.19 19.88
C1 OXL J . 44.70 39.45 -8.79
C2 OXL J . 45.26 40.18 -7.52
O1 OXL J . 45.31 39.56 -9.83
O2 OXL J . 46.36 40.86 -7.74
O3 OXL J . 43.61 38.78 -8.68
O4 OXL J . 44.70 40.11 -6.42
C2 AZN K . 42.30 51.18 -6.18
C2 AZN K . 41.54 51.70 -6.68
C3 AZN K . 43.18 53.28 -5.02
C3 AZN K . 42.26 54.05 -5.98
C4 AZN K . 41.87 51.98 -7.26
C4 AZN K . 42.21 51.18 -5.55
C5 AZN K . 42.17 49.76 -6.29
C5 AZN K . 40.94 50.81 -7.59
C8 AZN K . 42.05 53.44 -7.26
C8 AZN K . 42.92 52.06 -4.61
C9 AZN K . 41.36 51.38 -8.41
C9 AZN K . 42.23 49.80 -5.34
C10 AZN K . 41.68 49.19 -7.48
C10 AZN K . 40.97 49.42 -7.34
C11 AZN K . 43.02 55.43 -6.12
C11 AZN K . 43.72 54.36 -4.08
C12 AZN K . 44.21 55.22 -4.05
C12 AZN K . 43.12 56.24 -5.45
C14 AZN K . 43.76 55.99 -5.10
C14 AZN K . 43.81 55.71 -4.38
C13 AZN K . 41.30 50.00 -8.57
C13 AZN K . 41.61 48.91 -6.21
C1 AZN K . 42.96 51.81 -5.00
C1 AZN K . 41.52 53.17 -6.92
C6 AZN K . 42.74 54.06 -6.10
C6 AZN K . 42.95 53.52 -4.88
C7 AZN K . 43.92 53.87 -4.00
C7 AZN K . 42.35 55.41 -6.25
O6 AZN K . 41.47 50.39 -11.13
O6 AZN K . 42.15 47.05 -4.46
O4 AZN K . 41.44 48.11 -10.35
O4 AZN K . 40.23 46.76 -5.89
O3 AZN K . 41.56 47.83 -7.58
O3 AZN K . 40.36 48.56 -8.22
O1 AZN K . 42.49 48.95 -5.24
O1 AZN K . 40.43 51.24 -8.79
O5 AZN K . 39.42 49.45 -10.28
O5 AZN K . 42.44 46.51 -6.80
O AZN K . 43.31 51.14 -4.03
O AZN K . 40.86 53.65 -7.85
O2 AZN K . 41.64 54.14 -8.18
O2 AZN K . 43.47 51.61 -3.60
S1 AZN K . 40.87 49.44 -10.21
S1 AZN K . 41.61 47.16 -5.81
H9 AZN K . 40.96 52.00 -9.21
H9 AZN K . 42.77 49.40 -4.48
H11 AZN K . 42.66 56.06 -6.93
H11 AZN K . 44.27 53.97 -3.22
H12 AZN K . 44.80 55.68 -3.26
H12 AZN K . 43.18 57.30 -5.66
H14 AZN K . 43.98 57.06 -5.13
H14 AZN K . 44.42 56.36 -3.75
H7 AZN K . 44.27 53.30 -3.15
H7 AZN K . 41.81 55.86 -7.09
H3 AZN K . 41.20 47.56 -8.47
H3 AZN K . 40.47 47.62 -7.92
H1 AZN K . 41.86 49.18 -4.50
H1 AZN K . 41.20 51.33 -9.41
MG MG L . 47.37 40.97 -9.84
K K M . 48.81 45.00 -6.50
P1 FBP N . 47.67 10.91 43.88
O1P FBP N . 48.38 9.55 43.79
O2P FBP N . 46.45 10.75 44.80
O3P FBP N . 48.59 12.06 44.21
O1 FBP N . 47.04 11.22 42.46
C1 FBP N . 47.83 11.44 41.29
C2 FBP N . 46.85 11.21 40.12
O2 FBP N . 47.57 11.44 38.94
C3 FBP N . 45.62 12.13 40.26
O3 FBP N . 45.89 13.45 39.88
C4 FBP N . 44.62 11.40 39.37
O4 FBP N . 43.27 11.74 39.65
C5 FBP N . 44.88 9.96 39.80
O5 FBP N . 46.29 9.90 40.10
C6 FBP N . 44.49 8.92 38.77
O6 FBP N . 43.96 7.78 39.47
P2 FBP N . 42.86 6.85 38.77
O4P FBP N . 43.54 6.33 37.48
O5P FBP N . 42.53 5.76 39.70
O6P FBP N . 41.64 7.71 38.38
C1 OXL O . 36.25 -23.83 30.60
C2 OXL O . 36.60 -23.18 32.00
O1 OXL O . 36.96 -23.65 29.64
O2 OXL O . 37.71 -22.46 32.16
O3 OXL O . 35.19 -24.57 30.54
O4 OXL O . 35.79 -23.35 32.90
C2 AZN P . 44.24 -30.23 38.22
C3 AZN P . 44.89 -30.79 40.62
C4 AZN P . 44.12 -28.87 38.58
C5 AZN P . 43.89 -30.63 36.91
C8 AZN P . 44.40 -28.41 39.97
C9 AZN P . 43.70 -27.94 37.64
C10 AZN P . 43.44 -29.67 35.99
C11 AZN P . 44.86 -29.06 42.32
C12 AZN P . 45.30 -31.33 42.92
C14 AZN P . 45.12 -30.02 43.28
C13 AZN P . 43.36 -28.31 36.35
C1 AZN P . 44.67 -31.23 39.22
C6 AZN P . 44.74 -29.43 40.98
C7 AZN P . 45.19 -31.72 41.60
O6 AZN P . 42.59 -25.86 35.98
O4 AZN P . 44.07 -26.85 34.36
O3 AZN P . 42.99 -30.07 34.74
O1 AZN P . 44.00 -31.92 36.52
O5 AZN P . 41.75 -27.54 34.47
O AZN P . 44.85 -32.40 38.92
O2 AZN P . 44.35 -27.21 40.26
S1 AZN P . 42.91 -27.04 35.19
H9 AZN P . 43.64 -26.88 37.90
H11 AZN P . 44.74 -28.02 42.62
H12 AZN P . 45.52 -32.08 43.69
H14 AZN P . 45.20 -29.73 44.32
H7 AZN P . 45.33 -32.77 41.35
H3 AZN P . 42.67 -29.29 34.22
H1 AZN P . 44.98 -32.08 36.40
MG MG Q . 34.16 -24.41 32.83
K K R . 36.46 -24.01 37.86
P1 FBP S . 13.31 -2.96 -28.53
O1P FBP S . 13.89 -3.90 -29.57
O2P FBP S . 13.68 -1.54 -28.88
O3P FBP S . 11.91 -3.18 -28.35
O1 FBP S . 14.02 -3.28 -27.13
C1 FBP S . 15.44 -3.37 -26.90
C2 FBP S . 15.63 -3.20 -25.39
O2 FBP S . 16.99 -3.41 -25.06
C3 FBP S . 14.65 -4.11 -24.62
O3 FBP S . 15.10 -5.45 -24.63
C4 FBP S . 14.64 -3.40 -23.29
O4 FBP S . 13.54 -3.79 -22.52
C5 FBP S . 14.45 -1.97 -23.78
O5 FBP S . 15.22 -1.89 -24.98
C6 FBP S . 14.91 -0.92 -22.82
O6 FBP S . 14.04 0.22 -22.92
P2 FBP S . 13.78 1.13 -21.62
O4P FBP S . 15.04 1.88 -21.26
O5P FBP S . 12.66 2.10 -21.96
O6P FBP S . 13.30 0.20 -20.60
C1 OXL T . 14.36 31.51 -10.62
C2 OXL T . 13.81 30.81 -11.87
O1 OXL T . 15.64 31.51 -10.44
O2 OXL T . 14.54 30.17 -12.63
O3 OXL T . 13.57 32.06 -9.86
O4 OXL T . 12.51 30.92 -12.04
C2 AZN U . 12.79 38.10 -21.26
C2 AZN U . 12.69 37.35 -21.19
C3 AZN U . 11.15 38.52 -23.17
C3 AZN U . 11.33 37.60 -23.34
C4 AZN U . 12.68 36.71 -21.49
C4 AZN U . 12.65 38.76 -21.02
C5 AZN U . 13.58 38.55 -20.18
C5 AZN U . 13.27 36.57 -20.16
C8 AZN U . 11.86 36.18 -22.61
C8 AZN U . 12.01 39.64 -22.03
C9 AZN U . 13.31 35.82 -20.62
C9 AZN U . 13.12 39.34 -19.85
C10 AZN U . 14.24 37.63 -19.35
C10 AZN U . 13.72 37.18 -18.97
C11 AZN U . 10.22 36.67 -24.41
C11 AZN U . 10.61 39.79 -24.08
C12 AZN U . 9.52 38.91 -24.89
C12 AZN U . 9.84 37.83 -25.21
C14 AZN U . 9.46 37.56 -25.14
C14 AZN U . 9.86 39.20 -25.08
C13 AZN U . 14.08 36.25 -19.55
C13 AZN U . 13.60 38.57 -18.79
C1 AZN U . 12.03 39.06 -22.11
C1 AZN U . 12.05 36.72 -22.37
C6 AZN U . 11.08 37.14 -23.41
C6 AZN U . 11.33 39.00 -23.18
C7 AZN U . 10.36 39.40 -23.91
C7 AZN U . 10.56 37.03 -24.36
O6 AZN U . 14.33 35.42 -17.10
O6 AZN U . 15.31 39.44 -17.03
O4 AZN U . 14.22 33.76 -18.84
O4 AZN U . 13.32 40.77 -17.40
O3 AZN U . 15.15 38.06 -18.41
O3 AZN U . 14.31 36.42 -18.00
O1 AZN U . 13.63 39.89 -19.85
O1 AZN U . 13.42 35.21 -20.32
O5 AZN U . 16.19 35.12 -18.59
O5 AZN U . 13.17 38.66 -16.22
O AZN U . 12.15 40.27 -21.94
O AZN U . 12.11 35.53 -22.58
O2 AZN U . 11.88 34.98 -22.88
O2 AZN U . 12.08 40.86 -21.93
S1 AZN U . 14.76 35.04 -18.43
S1 AZN U . 13.87 39.43 -17.24
H9 AZN U . 13.21 34.75 -20.79
H9 AZN U . 13.16 40.41 -19.75
H11 AZN U . 10.15 35.60 -24.61
H11 AZN U . 10.62 40.88 -23.99
H12 AZN U . 8.91 39.60 -25.48
H12 AZN U . 9.23 37.38 -25.99
H14 AZN U . 8.80 37.18 -25.93
H14 AZN U . 9.29 39.83 -25.76
H7 AZN U . 10.40 40.47 -23.74
H7 AZN U . 10.53 35.95 -24.49
H3 AZN U . 15.60 37.29 -17.98
H3 AZN U . 14.62 36.98 -17.25
H1 AZN U . 14.25 40.30 -20.51
H1 AZN U . 12.51 34.82 -20.22
MG MG V . 11.32 32.08 -10.44
K K W . 9.12 31.57 -15.48
P1 FBP X . 31.43 -23.77 -25.50
O1P FBP X . 32.64 -24.07 -26.32
O2P FBP X . 31.30 -24.66 -24.29
O3P FBP X . 30.08 -23.85 -26.27
O1 FBP X . 31.61 -22.31 -24.95
C1 FBP X . 30.65 -21.63 -24.14
C2 FBP X . 31.43 -20.53 -23.41
O2 FBP X . 30.49 -19.83 -22.66
C3 FBP X . 32.22 -19.67 -24.42
O3 FBP X . 31.39 -18.69 -25.03
C4 FBP X . 33.25 -19.05 -23.53
O4 FBP X . 34.37 -18.53 -24.23
C5 FBP X . 33.67 -20.25 -22.71
O5 FBP X . 32.47 -21.04 -22.55
C6 FBP X . 34.27 -19.90 -21.37
O6 FBP X . 35.36 -20.81 -21.11
P2 FBP X . 36.62 -20.36 -20.21
O4P FBP X . 37.50 -21.58 -20.19
O5P FBP X . 37.33 -19.20 -20.79
O6P FBP X . 36.13 -20.04 -18.81
C1 OXL Y . 53.11 -30.69 3.98
C2 OXL Y . 53.59 -29.94 5.27
O1 OXL Y . 54.00 -31.20 3.33
O2 OXL Y . 54.88 -29.88 5.52
O3 OXL Y . 51.82 -30.74 3.64
O4 OXL Y . 52.76 -29.43 5.99
MG MG Z . 56.08 -31.17 4.00
K K AA . 54.72 -35.25 0.00
P1 FBP BA . -57.10 -39.78 -11.63
O1P FBP BA . -56.07 -39.98 -12.69
O2P FBP BA . -58.40 -39.51 -12.39
O3P FBP BA . -57.13 -40.82 -10.56
O1 FBP BA . -56.78 -38.43 -10.81
C1 FBP BA . -55.60 -38.23 -10.01
C2 FBP BA . -55.47 -36.70 -9.88
O2 FBP BA . -54.37 -36.46 -9.02
C3 FBP BA . -56.78 -36.06 -9.39
O3 FBP BA . -56.90 -36.20 -7.98
C4 FBP BA . -56.61 -34.63 -9.85
O4 FBP BA . -57.82 -33.92 -9.92
C5 FBP BA . -56.06 -34.87 -11.25
O5 FBP BA . -55.25 -36.06 -11.14
C6 FBP BA . -55.27 -33.73 -11.83
O6 FBP BA . -55.57 -33.63 -13.23
P2 FBP BA . -55.45 -32.21 -13.95
O4P FBP BA . -54.08 -31.73 -13.81
O5P FBP BA . -55.81 -32.42 -15.39
O6P FBP BA . -56.47 -31.30 -13.29
C1 OXL CA . -42.47 -19.25 -39.32
C2 OXL CA . -41.79 -17.86 -39.54
O1 OXL CA . -41.98 -20.07 -38.39
O2 OXL CA . -40.86 -17.53 -38.82
O3 OXL CA . -43.44 -19.54 -40.03
O4 OXL CA . -42.27 -17.08 -40.46
C2 AZN DA . -38.46 -27.64 -46.99
C3 AZN DA . -39.22 -29.67 -48.34
C4 AZN DA . -39.28 -28.06 -45.92
C5 AZN DA . -37.76 -26.42 -46.87
C8 AZN DA . -40.10 -29.30 -46.02
C9 AZN DA . -39.35 -27.31 -44.75
C10 AZN DA . -37.82 -25.68 -45.68
C11 AZN DA . -40.93 -31.13 -47.46
C12 AZN DA . -40.13 -31.43 -49.70
C14 AZN DA . -40.97 -31.79 -48.68
C13 AZN DA . -38.63 -26.13 -44.61
C1 AZN DA . -38.38 -28.46 -48.22
C6 AZN DA . -40.06 -30.07 -47.29
C7 AZN DA . -39.24 -30.38 -49.54
O6 AZN DA . -38.99 -23.85 -43.44
O4 AZN DA . -37.58 -25.48 -42.33
O3 AZN DA . -37.06 -24.54 -45.56
O1 AZN DA . -37.13 -25.85 -47.95
O5 AZN DA . -39.97 -25.82 -42.41
O AZN DA . -37.60 -28.15 -49.13
O2 AZN DA . -40.80 -29.67 -45.08
S1 AZN DA . -38.81 -25.25 -43.07
H9 AZN DA . -39.95 -27.65 -43.92
H11 AZN DA . -41.60 -31.46 -46.67
H12 AZN DA . -40.15 -31.97 -50.64
H14 AZN DA . -41.68 -32.61 -48.82
H7 AZN DA . -38.57 -30.12 -50.35
H3 AZN DA . -37.18 -24.13 -44.67
H1 AZN DA . -36.22 -26.24 -47.97
MG MG EA . -44.34 -17.83 -41.27
K K FA . -46.22 -23.29 -42.63
P1 FBP GA . -50.73 -37.65 16.35
O1P FBP GA . -49.65 -38.30 17.15
O2P FBP GA . -51.50 -36.61 17.17
O3P FBP GA . -51.78 -38.57 15.69
O1 FBP GA . -49.97 -36.91 15.18
C1 FBP GA . -50.64 -36.10 14.21
C2 FBP GA . -49.56 -35.17 13.63
O2 FBP GA . -50.16 -34.44 12.59
C3 FBP GA . -48.32 -35.95 13.18
O3 FBP GA . -48.50 -36.56 11.91
C4 FBP GA . -47.27 -34.86 13.20
O4 FBP GA . -45.94 -35.35 13.21
C5 FBP GA . -47.61 -34.17 14.52
O5 FBP GA . -49.05 -34.26 14.62
C6 FBP GA . -47.16 -32.74 14.61
O6 FBP GA . -46.70 -32.51 15.95
P2 FBP GA . -45.56 -31.39 16.23
O4P FBP GA . -44.34 -31.83 15.39
O5P FBP GA . -45.29 -31.39 17.72
O6P FBP GA . -46.12 -30.08 15.78
C1 OXL HA . -39.52 -4.81 33.91
C2 OXL HA . -40.15 -6.21 34.23
O1 OXL HA . -38.45 -4.45 34.56
O2 OXL HA . -39.53 -6.87 35.17
O3 OXL HA . -40.03 -4.11 33.06
O4 OXL HA . -41.13 -6.63 33.63
C2 AZN IA . -48.28 -5.79 43.12
C3 AZN IA . -49.06 -7.12 45.14
C4 AZN IA . -48.15 -6.99 42.40
C5 AZN IA . -47.93 -4.58 42.49
C8 AZN IA . -48.47 -8.30 43.02
C9 AZN IA . -47.70 -6.96 41.08
C10 AZN IA . -47.43 -4.57 41.18
C11 AZN IA . -49.16 -9.54 45.06
C12 AZN IA . -49.68 -8.38 47.09
C14 AZN IA . -49.52 -9.55 46.39
C13 AZN IA . -47.32 -5.78 40.47
C1 AZN IA . -48.73 -5.81 44.52
C6 AZN IA . -48.93 -8.32 44.42
C7 AZN IA . -49.47 -7.16 46.48
O6 AZN IA . -46.29 -7.22 38.56
O4 AZN IA . -47.72 -5.37 37.96
O3 AZN IA . -46.94 -3.40 40.66
O1 AZN IA . -48.14 -3.38 43.10
O5 AZN IA . -45.51 -4.94 38.83
O AZN IA . -48.80 -4.78 45.18
O2 AZN IA . -48.33 -9.35 42.39
S1 AZN IA . -46.65 -5.83 38.82
H9 AZN IA . -47.65 -7.88 40.49
H11 AZN IA . -49.07 -10.48 44.52
H12 AZN IA . -49.99 -8.40 48.14
H14 AZN IA . -49.68 -10.51 46.90
H7 AZN IA . -49.61 -6.24 47.05
H3 AZN IA . -46.54 -3.55 39.76
H1 AZN IA . -47.40 -3.28 43.75
MG MG JA . -37.60 -5.93 36.00
K K KA . -40.60 -10.26 39.03
P1 FBP LA . -11.03 24.07 -18.48
O1P FBP LA . -9.59 23.96 -18.14
O2P FBP LA . -11.34 23.27 -19.76
O3P FBP LA . -11.59 25.50 -18.50
O1 FBP LA . -11.82 23.36 -17.30
C1 FBP LA . -13.24 23.15 -17.36
C2 FBP LA . -13.58 22.02 -16.41
O2 FBP LA . -14.98 22.07 -16.22
C3 FBP LA . -12.79 22.11 -15.09
O3 FBP LA . -13.37 22.96 -14.11
C4 FBP LA . -12.83 20.66 -14.68
O4 FBP LA . -11.84 20.37 -13.71
C5 FBP LA . -12.48 20.00 -16.01
O5 FBP LA . -13.18 20.77 -16.99
C6 FBP LA . -12.91 18.55 -16.06
O6 FBP LA . -12.02 17.84 -16.95
P2 FBP LA . -11.76 16.30 -16.62
O4P FBP LA . -10.64 15.83 -17.55
O5P FBP LA . -13.03 15.48 -17.00
O6P FBP LA . -11.42 16.21 -15.23
C1 OXL MA . -11.91 -12.59 -31.61
C2 OXL MA . -11.16 -11.25 -31.88
O1 OXL MA . -11.15 -13.65 -31.49
O2 OXL MA . -9.94 -11.34 -31.98
O3 OXL MA . -13.13 -12.64 -31.50
O4 OXL MA . -11.86 -10.10 -31.98
C2 AZN NA . -8.78 -9.03 -43.48
C3 AZN NA . -6.99 -7.77 -44.77
C4 AZN NA . -8.83 -7.97 -42.55
C5 AZN NA . -9.59 -10.19 -43.25
C8 AZN NA . -8.00 -6.76 -42.72
C9 AZN NA . -9.65 -8.07 -41.43
C10 AZN NA . -10.41 -10.26 -42.10
C11 AZN NA . -6.19 -5.63 -43.98
C12 AZN NA . -5.21 -6.61 -45.93
C14 AZN NA . -5.27 -5.60 -45.01
C13 AZN NA . -10.42 -9.20 -41.18
C1 AZN NA . -7.85 -8.97 -44.64
C6 AZN NA . -7.05 -6.71 -43.85
C7 AZN NA . -6.06 -7.70 -45.82
O6 AZN NA . -10.89 -10.27 -38.86
O4 AZN NA . -11.27 -7.89 -39.10
O3 AZN NA . -11.19 -11.35 -41.84
O1 AZN NA . -9.58 -11.24 -44.13
O5 AZN NA . -12.77 -9.48 -40.14
O AZN NA . -7.78 -9.86 -45.45
O2 AZN NA . -8.11 -5.82 -41.95
S1 AZN NA . -11.41 -9.21 -39.71
H9 AZN NA . -9.66 -7.26 -40.70
H11 AZN NA . -6.23 -4.81 -43.26
H12 AZN NA . -4.49 -6.57 -46.74
H14 AZN NA . -4.61 -4.74 -45.10
H7 AZN NA . -5.99 -8.50 -46.56
H3 AZN NA . -11.69 -11.23 -40.99
H1 AZN NA . -10.18 -11.94 -43.76
MG MG OA . -8.90 -13.29 -31.73
K K PA . -5.97 -9.10 -34.40
P1 FBP QA . -30.67 36.44 -3.17
O1P FBP QA . -29.33 37.03 -3.54
O2P FBP QA . -30.79 36.23 -1.70
O3P FBP QA . -31.76 37.30 -3.74
O1 FBP QA . -30.81 35.06 -3.89
C1 FBP QA . -29.90 33.97 -3.66
C2 FBP QA . -30.66 32.70 -4.07
O2 FBP QA . -29.74 31.64 -3.96
C3 FBP QA . -31.29 32.85 -5.47
O3 FBP QA . -30.34 32.62 -6.50
C4 FBP QA . -32.35 31.79 -5.43
O4 FBP QA . -33.36 31.98 -6.39
C5 FBP QA . -32.92 32.04 -4.04
O5 FBP QA . -31.79 32.44 -3.24
C6 FBP QA . -33.62 30.86 -3.43
O6 FBP QA . -34.79 31.34 -2.73
P2 FBP QA . -36.08 30.42 -2.57
O4P FBP QA . -35.65 29.18 -1.79
O5P FBP QA . -36.64 30.01 -3.84
O6P FBP QA . -37.00 31.27 -1.75
C1 OXL RA . -54.84 19.91 19.94
C2 OXL RA . -55.42 18.47 20.13
O1 OXL RA . -53.61 20.15 19.90
O2 OXL RA . -54.58 17.49 20.13
O3 OXL RA . -55.77 20.81 19.73
O4 OXL RA . -56.62 18.30 20.27
MG MG SA . -57.79 20.06 20.01
K K TA . -56.31 25.86 20.43
#